data_8J6N
#
_entry.id   8J6N
#
_cell.length_a   176.214
_cell.length_b   184.121
_cell.length_c   175.944
_cell.angle_alpha   90.00
_cell.angle_beta   99.46
_cell.angle_gamma   90.00
#
_symmetry.space_group_name_H-M   'C 1 2 1'
#
loop_
_entity.id
_entity.type
_entity.pdbx_description
1 polymer 'Cystathionine gamma-lyase'
2 non-polymer '[6-methyl-4-[(~{E})-(oxamoylhydrazinylidene)methyl]-5-oxidanyl-pyridin-3-yl]methyl dihydrogen phosphate'
3 non-polymer GLYCEROL
4 non-polymer 1,2-ETHANEDIOL
5 water water
#
_entity_poly.entity_id   1
_entity_poly.type   'polypeptide(L)'
_entity_poly.pdbx_seq_one_letter_code
;GPGFLPSFQHFATQAIHVGQEPEQWSSRAVVLPISLATTFKQDSPGQSSGFVYSRSGNPTRNCLEKAVAALDGAKHCLTF
ASGLAATTTITHLLKAGDEVICMDEVYGGTNRYFRRVASEFGLKISFVDCSKTKLLEAAITPQTKLVWIETPTNPTLKLA
DIKACAQIVHKHKDIILVVDNTFMSAYFQRPLALGADICMCSATKYMNGHSDVVMGLVSVNSDDLNERLRFLQNSLGAVP
SPFDCYLCCRGLKTLQIRMEKHFRNGMAVARFLESNPRVEKVIYPGLPSHPQHELAKRQCTGCPGMVSFYIKGTLQHAQV
FLKNIKLFALAESLGGYESLAELPAIMTHASVPEKDRATLGISDTLIRLSVGLEDEKDLLEDLGQALKAAHP
;
_entity_poly.pdbx_strand_id   A,B,C,D,E,H,J,K,F,G,I,L
#
loop_
_chem_comp.id
_chem_comp.type
_chem_comp.name
_chem_comp.formula
EDO non-polymer 1,2-ETHANEDIOL 'C2 H6 O2'
GOL non-polymer GLYCEROL 'C3 H8 O3'
TVJ non-polymer '[6-methyl-4-[(~{E})-(oxamoylhydrazinylidene)methyl]-5-oxidanyl-pyridin-3-yl]methyl dihydrogen phosphate' 'C10 H13 N4 O7 P'
#
# COMPACT_ATOMS: atom_id res chain seq x y z
N GLY A 3 11.73 -7.79 -4.91
CA GLY A 3 13.22 -7.74 -4.96
C GLY A 3 13.79 -8.10 -6.33
N PHE A 4 12.96 -8.23 -7.36
CA PHE A 4 13.46 -8.49 -8.76
C PHE A 4 14.08 -7.21 -9.33
N LEU A 5 14.83 -7.33 -10.42
CA LEU A 5 15.33 -6.18 -11.20
C LEU A 5 14.16 -5.23 -11.51
N PRO A 6 14.40 -3.92 -11.60
CA PRO A 6 13.32 -2.99 -11.94
C PRO A 6 12.78 -3.26 -13.37
N SER A 7 11.47 -3.13 -13.54
CA SER A 7 10.73 -3.37 -14.81
C SER A 7 11.30 -2.54 -15.95
N PHE A 8 11.27 -3.04 -17.17
CA PHE A 8 11.57 -2.25 -18.39
C PHE A 8 10.53 -1.13 -18.45
N GLN A 9 10.96 0.12 -18.65
CA GLN A 9 10.13 1.33 -18.38
C GLN A 9 9.32 1.84 -19.60
N HIS A 10 9.76 1.53 -20.81
CA HIS A 10 9.12 1.95 -22.09
C HIS A 10 8.60 0.72 -22.84
N PHE A 11 8.49 -0.43 -22.17
CA PHE A 11 8.18 -1.70 -22.83
C PHE A 11 6.81 -1.62 -23.53
N ALA A 12 5.78 -1.16 -22.81
CA ALA A 12 4.40 -1.16 -23.33
C ALA A 12 4.32 -0.17 -24.51
N THR A 13 4.97 0.99 -24.40
CA THR A 13 5.01 2.00 -25.47
C THR A 13 5.65 1.38 -26.71
N GLN A 14 6.79 0.72 -26.55
CA GLN A 14 7.51 0.11 -27.68
C GLN A 14 6.69 -1.04 -28.30
N ALA A 15 6.05 -1.86 -27.49
CA ALA A 15 5.27 -3.01 -27.96
C ALA A 15 4.13 -2.52 -28.86
N ILE A 16 3.64 -1.31 -28.61
CA ILE A 16 2.48 -0.74 -29.34
C ILE A 16 2.95 0.06 -30.55
N HIS A 17 4.08 0.75 -30.50
CA HIS A 17 4.44 1.80 -31.51
C HIS A 17 5.62 1.42 -32.40
N VAL A 18 6.58 0.61 -31.94
CA VAL A 18 7.83 0.46 -32.74
C VAL A 18 7.47 -0.30 -34.02
N GLY A 19 7.86 0.27 -35.16
CA GLY A 19 7.59 -0.33 -36.48
C GLY A 19 6.16 -0.14 -36.95
N GLN A 20 5.29 0.54 -36.18
CA GLN A 20 3.83 0.57 -36.45
C GLN A 20 3.39 1.99 -36.91
N GLU A 21 4.31 2.82 -37.39
CA GLU A 21 4.00 4.18 -37.90
C GLU A 21 2.93 4.10 -38.99
N PRO A 22 1.78 4.78 -38.83
CA PRO A 22 0.77 4.80 -39.90
C PRO A 22 1.26 5.36 -41.22
N GLU A 23 2.26 6.25 -41.18
CA GLU A 23 2.82 6.94 -42.38
C GLU A 23 3.41 5.93 -43.36
N GLN A 24 3.77 4.72 -42.94
CA GLN A 24 4.36 3.75 -43.90
C GLN A 24 3.28 3.13 -44.81
N TRP A 25 2.00 3.26 -44.51
CA TRP A 25 0.91 2.64 -45.32
C TRP A 25 0.25 3.71 -46.16
N SER A 26 -0.10 3.41 -47.40
CA SER A 26 -0.83 4.35 -48.29
C SER A 26 -2.12 4.83 -47.63
N SER A 27 -2.81 3.96 -46.93
CA SER A 27 -4.10 4.25 -46.25
C SER A 27 -3.92 5.04 -44.95
N ARG A 28 -2.72 5.07 -44.38
CA ARG A 28 -2.44 5.60 -43.02
C ARG A 28 -3.21 4.80 -41.95
N ALA A 29 -3.49 3.52 -42.21
CA ALA A 29 -4.07 2.57 -41.23
C ALA A 29 -3.30 2.67 -39.92
N VAL A 30 -3.99 2.69 -38.79
CA VAL A 30 -3.34 2.76 -37.45
CA VAL A 30 -3.34 2.77 -37.45
C VAL A 30 -2.88 1.36 -37.03
N VAL A 31 -3.39 0.32 -37.69
CA VAL A 31 -3.03 -1.09 -37.41
C VAL A 31 -2.42 -1.67 -38.69
N LEU A 32 -1.35 -2.44 -38.57
CA LEU A 32 -0.63 -2.98 -39.75
C LEU A 32 -1.56 -3.88 -40.56
N PRO A 33 -1.53 -3.71 -41.89
CA PRO A 33 -2.26 -4.59 -42.80
C PRO A 33 -1.62 -5.98 -42.83
N ILE A 34 -2.46 -6.96 -43.15
CA ILE A 34 -2.02 -8.33 -43.48
C ILE A 34 -1.76 -8.38 -44.98
N SER A 35 -0.52 -8.41 -45.39
CA SER A 35 -0.18 -8.48 -46.82
C SER A 35 0.15 -9.94 -47.15
N LEU A 36 -0.77 -10.63 -47.85
CA LEU A 36 -0.55 -12.04 -48.21
C LEU A 36 0.26 -12.19 -49.49
N ALA A 37 0.37 -11.14 -50.31
CA ALA A 37 0.99 -11.24 -51.66
C ALA A 37 2.33 -11.97 -51.57
N THR A 38 2.54 -12.94 -52.45
CA THR A 38 3.84 -13.66 -52.55
C THR A 38 4.85 -12.80 -53.28
N THR A 39 4.38 -11.86 -54.11
CA THR A 39 5.29 -11.07 -54.95
C THR A 39 4.83 -9.62 -55.06
N PHE A 40 5.72 -8.81 -55.61
CA PHE A 40 5.68 -7.33 -55.56
C PHE A 40 6.21 -6.83 -56.91
N LYS A 41 5.50 -5.88 -57.49
CA LYS A 41 5.87 -5.30 -58.78
C LYS A 41 7.15 -4.47 -58.62
N GLN A 42 8.14 -4.72 -59.46
CA GLN A 42 9.44 -4.01 -59.48
C GLN A 42 9.37 -2.88 -60.53
N ASP A 43 10.01 -1.76 -60.23
CA ASP A 43 10.16 -0.61 -61.18
C ASP A 43 11.17 -0.97 -62.28
N SER A 44 12.17 -1.78 -61.96
CA SER A 44 13.10 -2.31 -62.99
C SER A 44 13.71 -3.59 -62.46
N PRO A 45 14.25 -4.44 -63.34
CA PRO A 45 14.67 -5.78 -62.93
C PRO A 45 15.76 -5.71 -61.86
N GLY A 46 15.56 -6.46 -60.77
CA GLY A 46 16.53 -6.60 -59.68
C GLY A 46 16.79 -5.29 -58.97
N GLN A 47 15.80 -4.39 -58.91
CA GLN A 47 15.94 -3.17 -58.08
C GLN A 47 16.33 -3.64 -56.66
N SER A 48 17.24 -2.93 -56.00
CA SER A 48 17.84 -3.36 -54.69
C SER A 48 16.95 -2.94 -53.51
N SER A 49 16.00 -2.03 -53.72
CA SER A 49 15.09 -1.53 -52.66
C SER A 49 13.68 -2.09 -52.89
N GLY A 50 12.85 -2.04 -51.85
CA GLY A 50 11.46 -2.52 -51.84
C GLY A 50 11.41 -4.02 -51.61
N PHE A 51 10.21 -4.57 -51.66
CA PHE A 51 9.94 -6.00 -51.46
C PHE A 51 10.10 -6.71 -52.79
N VAL A 52 10.47 -7.98 -52.76
CA VAL A 52 10.72 -8.79 -53.97
C VAL A 52 9.88 -10.06 -53.94
N TYR A 53 9.96 -10.82 -52.86
CA TYR A 53 9.36 -12.16 -52.76
C TYR A 53 9.10 -12.47 -51.30
N SER A 54 7.90 -12.91 -50.98
CA SER A 54 7.39 -13.00 -49.59
C SER A 54 8.36 -13.77 -48.70
N ARG A 55 8.91 -14.89 -49.16
CA ARG A 55 9.83 -15.69 -48.33
C ARG A 55 11.03 -14.83 -47.88
N SER A 56 11.52 -13.93 -48.74
CA SER A 56 12.73 -13.11 -48.50
C SER A 56 12.38 -11.95 -47.57
N GLY A 57 11.11 -11.54 -47.51
CA GLY A 57 10.69 -10.39 -46.71
C GLY A 57 9.35 -9.90 -47.19
N ASN A 58 8.54 -9.40 -46.27
CA ASN A 58 7.19 -8.96 -46.63
C ASN A 58 6.76 -7.96 -45.57
N PRO A 59 5.84 -7.05 -45.89
CA PRO A 59 5.52 -5.94 -45.00
C PRO A 59 5.10 -6.37 -43.58
N THR A 60 4.19 -7.35 -43.46
CA THR A 60 3.66 -7.75 -42.15
C THR A 60 4.79 -8.39 -41.32
N ARG A 61 5.56 -9.31 -41.87
CA ARG A 61 6.65 -9.96 -41.13
C ARG A 61 7.68 -8.90 -40.72
N ASN A 62 8.06 -8.00 -41.64
CA ASN A 62 9.14 -7.02 -41.36
C ASN A 62 8.71 -6.10 -40.22
N CYS A 63 7.42 -5.77 -40.16
CA CYS A 63 6.84 -4.93 -39.08
CA CYS A 63 6.84 -4.93 -39.08
C CYS A 63 6.90 -5.67 -37.73
N LEU A 64 6.49 -6.93 -37.69
CA LEU A 64 6.62 -7.74 -36.46
C LEU A 64 8.08 -7.77 -36.01
N GLU A 65 9.02 -8.04 -36.92
CA GLU A 65 10.45 -8.20 -36.57
C GLU A 65 10.98 -6.89 -35.94
N LYS A 66 10.54 -5.72 -36.41
CA LYS A 66 10.97 -4.44 -35.81
C LYS A 66 10.45 -4.33 -34.37
N ALA A 67 9.21 -4.71 -34.11
CA ALA A 67 8.60 -4.65 -32.76
C ALA A 67 9.35 -5.60 -31.82
N VAL A 68 9.56 -6.85 -32.24
CA VAL A 68 10.19 -7.86 -31.36
C VAL A 68 11.63 -7.43 -31.05
N ALA A 69 12.36 -6.93 -32.04
CA ALA A 69 13.75 -6.44 -31.83
C ALA A 69 13.75 -5.44 -30.67
N ALA A 70 12.83 -4.46 -30.67
CA ALA A 70 12.79 -3.45 -29.60
C ALA A 70 12.51 -4.13 -28.25
N LEU A 71 11.57 -5.08 -28.18
CA LEU A 71 11.20 -5.73 -26.90
C LEU A 71 12.35 -6.60 -26.39
N ASP A 72 13.18 -7.14 -27.28
CA ASP A 72 14.34 -8.00 -26.86
C ASP A 72 15.59 -7.13 -26.61
N GLY A 73 15.51 -5.81 -26.76
CA GLY A 73 16.69 -4.93 -26.66
C GLY A 73 17.71 -5.22 -27.75
N ALA A 74 17.26 -5.57 -28.94
CA ALA A 74 18.10 -6.05 -30.04
C ALA A 74 18.10 -5.06 -31.21
N LYS A 75 19.12 -5.09 -32.03
CA LYS A 75 19.16 -4.34 -33.31
C LYS A 75 18.40 -5.10 -34.39
N HIS A 76 18.32 -6.43 -34.31
CA HIS A 76 17.81 -7.27 -35.41
C HIS A 76 16.94 -8.41 -34.88
N CYS A 77 15.86 -8.73 -35.58
CA CYS A 77 15.01 -9.88 -35.23
C CYS A 77 14.60 -10.62 -36.49
N LEU A 78 14.57 -11.94 -36.41
CA LEU A 78 14.13 -12.84 -37.49
C LEU A 78 13.01 -13.74 -36.98
N THR A 79 11.94 -13.89 -37.75
CA THR A 79 10.80 -14.77 -37.40
C THR A 79 10.84 -16.05 -38.23
N PHE A 80 10.37 -17.15 -37.63
CA PHE A 80 10.39 -18.51 -38.18
C PHE A 80 9.04 -19.19 -37.96
N ALA A 81 8.86 -20.28 -38.69
CA ALA A 81 7.60 -21.07 -38.71
C ALA A 81 7.30 -21.69 -37.34
N SER A 82 8.28 -21.85 -36.47
CA SER A 82 8.12 -22.46 -35.13
C SER A 82 9.39 -22.20 -34.30
N GLY A 83 9.31 -22.39 -32.99
CA GLY A 83 10.54 -22.44 -32.15
C GLY A 83 11.54 -23.47 -32.64
N LEU A 84 11.08 -24.68 -33.00
CA LEU A 84 12.02 -25.70 -33.50
C LEU A 84 12.63 -25.24 -34.83
N ALA A 85 11.87 -24.56 -35.71
CA ALA A 85 12.46 -24.05 -36.98
C ALA A 85 13.53 -22.99 -36.66
N ALA A 86 13.32 -22.16 -35.65
CA ALA A 86 14.33 -21.18 -35.19
C ALA A 86 15.59 -21.93 -34.73
N THR A 87 15.40 -23.02 -33.99
CA THR A 87 16.51 -23.86 -33.45
C THR A 87 17.30 -24.46 -34.62
N THR A 88 16.60 -25.06 -35.58
CA THR A 88 17.20 -25.65 -36.81
C THR A 88 18.01 -24.57 -37.55
N THR A 89 17.41 -23.39 -37.74
CA THR A 89 18.07 -22.30 -38.50
C THR A 89 19.35 -21.86 -37.78
N ILE A 90 19.31 -21.66 -36.48
CA ILE A 90 20.49 -21.27 -35.68
C ILE A 90 21.58 -22.33 -35.82
N THR A 91 21.22 -23.61 -35.78
CA THR A 91 22.19 -24.72 -35.86
C THR A 91 22.88 -24.68 -37.22
N HIS A 92 22.20 -24.23 -38.27
CA HIS A 92 22.77 -24.12 -39.63
C HIS A 92 23.78 -22.98 -39.72
N LEU A 93 23.98 -22.17 -38.67
CA LEU A 93 25.12 -21.22 -38.60
C LEU A 93 26.44 -21.99 -38.58
N LEU A 94 26.43 -23.26 -38.22
CA LEU A 94 27.66 -24.04 -37.96
C LEU A 94 28.07 -24.79 -39.23
N LYS A 95 28.96 -25.74 -39.10
CA LYS A 95 29.34 -26.65 -40.21
C LYS A 95 29.88 -27.95 -39.65
N ALA A 96 29.99 -28.98 -40.49
CA ALA A 96 30.56 -30.30 -40.14
C ALA A 96 31.86 -30.09 -39.38
N GLY A 97 32.05 -30.79 -38.26
CA GLY A 97 33.26 -30.70 -37.40
C GLY A 97 33.06 -29.83 -36.18
N ASP A 98 31.98 -29.03 -36.14
CA ASP A 98 31.72 -28.12 -34.99
C ASP A 98 31.06 -28.90 -33.85
N GLU A 99 31.15 -28.37 -32.65
CA GLU A 99 30.53 -28.96 -31.44
C GLU A 99 29.53 -27.95 -30.86
N VAL A 100 28.44 -28.49 -30.35
CA VAL A 100 27.39 -27.78 -29.59
C VAL A 100 27.41 -28.31 -28.15
N ILE A 101 27.33 -27.40 -27.19
CA ILE A 101 27.01 -27.73 -25.79
C ILE A 101 25.59 -27.26 -25.55
N CYS A 102 24.74 -28.17 -25.10
CA CYS A 102 23.32 -27.89 -24.80
C CYS A 102 23.09 -28.09 -23.31
N MET A 103 22.36 -27.19 -22.69
CA MET A 103 21.80 -27.37 -21.33
CA MET A 103 21.79 -27.37 -21.33
C MET A 103 21.20 -28.79 -21.24
N ASP A 104 21.48 -29.49 -20.15
CA ASP A 104 21.13 -30.92 -20.03
C ASP A 104 19.60 -31.07 -20.03
N GLU A 105 18.89 -30.14 -19.41
CA GLU A 105 17.42 -30.18 -19.39
C GLU A 105 16.85 -29.13 -20.35
N VAL A 106 16.29 -29.58 -21.44
CA VAL A 106 15.63 -28.68 -22.44
C VAL A 106 14.29 -29.30 -22.81
N TYR A 107 13.48 -28.54 -23.51
CA TYR A 107 12.26 -29.07 -24.16
C TYR A 107 12.63 -30.38 -24.84
N GLY A 108 11.78 -31.41 -24.70
CA GLY A 108 12.00 -32.73 -25.32
C GLY A 108 12.28 -32.63 -26.80
N GLY A 109 11.58 -31.74 -27.54
CA GLY A 109 11.81 -31.57 -28.98
C GLY A 109 13.18 -31.00 -29.30
N THR A 110 13.70 -30.12 -28.46
CA THR A 110 15.06 -29.56 -28.63
C THR A 110 16.09 -30.71 -28.46
N ASN A 111 15.89 -31.50 -27.42
CA ASN A 111 16.73 -32.69 -27.12
C ASN A 111 16.70 -33.61 -28.34
N ARG A 112 15.51 -33.95 -28.84
CA ARG A 112 15.34 -34.85 -30.01
C ARG A 112 16.06 -34.27 -31.22
N TYR A 113 15.92 -32.97 -31.51
CA TYR A 113 16.56 -32.34 -32.68
C TYR A 113 18.08 -32.50 -32.57
N PHE A 114 18.68 -32.08 -31.46
CA PHE A 114 20.16 -32.12 -31.31
C PHE A 114 20.64 -33.58 -31.35
N ARG A 115 20.00 -34.44 -30.58
CA ARG A 115 20.47 -35.82 -30.32
C ARG A 115 20.27 -36.68 -31.57
N ARG A 116 19.14 -36.57 -32.26
CA ARG A 116 18.78 -37.52 -33.34
C ARG A 116 18.95 -36.93 -34.74
N VAL A 117 18.93 -35.60 -34.90
CA VAL A 117 19.01 -35.00 -36.26
C VAL A 117 20.35 -34.27 -36.47
N ALA A 118 20.62 -33.20 -35.73
CA ALA A 118 21.84 -32.37 -35.94
C ALA A 118 23.10 -33.23 -35.86
N SER A 119 23.11 -34.20 -34.94
CA SER A 119 24.26 -35.08 -34.67
C SER A 119 24.59 -35.94 -35.89
N GLU A 120 23.68 -36.12 -36.84
CA GLU A 120 23.88 -36.96 -38.04
C GLU A 120 24.55 -36.16 -39.17
N PHE A 121 24.70 -34.85 -39.02
CA PHE A 121 25.27 -33.96 -40.07
C PHE A 121 26.62 -33.38 -39.61
N GLY A 122 27.42 -34.18 -38.89
CA GLY A 122 28.81 -33.82 -38.57
C GLY A 122 28.92 -32.90 -37.38
N LEU A 123 27.85 -32.72 -36.62
CA LEU A 123 27.88 -31.90 -35.38
C LEU A 123 27.98 -32.84 -34.19
N LYS A 124 28.87 -32.53 -33.26
CA LYS A 124 28.98 -33.26 -31.98
C LYS A 124 28.15 -32.48 -30.96
N ILE A 125 27.21 -33.15 -30.29
CA ILE A 125 26.35 -32.53 -29.24
C ILE A 125 26.72 -33.09 -27.87
N SER A 126 26.96 -32.25 -26.88
CA SER A 126 27.17 -32.63 -25.46
C SER A 126 26.10 -31.94 -24.63
N PHE A 127 25.43 -32.68 -23.77
CA PHE A 127 24.45 -32.13 -22.81
C PHE A 127 25.17 -31.90 -21.48
N VAL A 128 25.13 -30.69 -20.94
CA VAL A 128 25.91 -30.29 -19.74
C VAL A 128 24.98 -29.51 -18.81
N ASP A 129 25.09 -29.74 -17.51
CA ASP A 129 24.33 -28.99 -16.51
C ASP A 129 24.96 -27.60 -16.37
N CYS A 130 24.44 -26.62 -17.12
CA CYS A 130 25.01 -25.26 -17.16
C CYS A 130 24.57 -24.42 -15.96
N SER A 131 23.75 -24.97 -15.04
CA SER A 131 23.51 -24.35 -13.71
C SER A 131 24.79 -24.41 -12.88
N LYS A 132 25.77 -25.22 -13.27
CA LYS A 132 27.10 -25.31 -12.60
C LYS A 132 28.15 -24.84 -13.59
N THR A 133 28.61 -23.60 -13.42
CA THR A 133 29.48 -22.94 -14.43
C THR A 133 30.79 -23.72 -14.61
N LYS A 134 31.28 -24.45 -13.59
CA LYS A 134 32.54 -25.23 -13.73
C LYS A 134 32.35 -26.38 -14.72
N LEU A 135 31.14 -26.94 -14.80
CA LEU A 135 30.85 -28.04 -15.77
C LEU A 135 30.84 -27.46 -17.20
N LEU A 136 30.34 -26.25 -17.38
CA LEU A 136 30.33 -25.59 -18.73
C LEU A 136 31.79 -25.33 -19.14
N GLU A 137 32.56 -24.71 -18.26
CA GLU A 137 34.00 -24.39 -18.44
C GLU A 137 34.73 -25.66 -18.91
N ALA A 138 34.51 -26.80 -18.24
CA ALA A 138 35.25 -28.06 -18.53
C ALA A 138 34.80 -28.69 -19.86
N ALA A 139 33.58 -28.44 -20.34
CA ALA A 139 33.06 -29.08 -21.57
C ALA A 139 33.53 -28.35 -22.82
N ILE A 140 34.00 -27.10 -22.70
CA ILE A 140 34.39 -26.30 -23.90
C ILE A 140 35.68 -26.88 -24.49
N THR A 141 35.72 -27.10 -25.80
CA THR A 141 36.91 -27.55 -26.56
C THR A 141 37.18 -26.54 -27.66
N PRO A 142 38.32 -26.61 -28.36
CA PRO A 142 38.56 -25.73 -29.51
C PRO A 142 37.50 -25.88 -30.62
N GLN A 143 36.77 -26.99 -30.66
CA GLN A 143 35.74 -27.24 -31.71
C GLN A 143 34.36 -26.71 -31.27
N THR A 144 34.19 -26.30 -30.01
CA THR A 144 32.90 -25.73 -29.54
C THR A 144 32.60 -24.44 -30.32
N LYS A 145 31.43 -24.35 -30.94
CA LYS A 145 31.03 -23.13 -31.70
C LYS A 145 29.69 -22.57 -31.20
N LEU A 146 28.94 -23.33 -30.41
CA LEU A 146 27.59 -22.91 -29.96
C LEU A 146 27.35 -23.51 -28.57
N VAL A 147 26.84 -22.67 -27.68
CA VAL A 147 26.32 -23.07 -26.34
C VAL A 147 24.86 -22.66 -26.30
N TRP A 148 23.98 -23.63 -26.07
CA TRP A 148 22.51 -23.49 -26.11
C TRP A 148 21.99 -23.63 -24.69
N ILE A 149 21.48 -22.57 -24.09
CA ILE A 149 20.94 -22.63 -22.70
CA ILE A 149 20.93 -22.63 -22.71
C ILE A 149 19.47 -22.18 -22.69
N GLU A 150 18.62 -22.95 -22.03
CA GLU A 150 17.25 -22.57 -21.64
C GLU A 150 17.35 -22.16 -20.19
N THR A 151 16.72 -21.06 -19.81
CA THR A 151 16.61 -20.71 -18.38
C THR A 151 15.37 -19.85 -18.22
N PRO A 152 14.42 -20.24 -17.35
CA PRO A 152 14.43 -21.52 -16.64
C PRO A 152 14.17 -22.71 -17.58
N THR A 153 14.55 -23.92 -17.18
CA THR A 153 14.48 -25.11 -18.05
C THR A 153 13.05 -25.66 -18.11
N ASN A 154 12.74 -26.25 -19.25
CA ASN A 154 11.45 -26.95 -19.46
C ASN A 154 11.70 -28.43 -19.19
N PRO A 155 11.09 -29.08 -18.16
CA PRO A 155 10.03 -28.54 -17.32
C PRO A 155 10.29 -28.34 -15.82
N THR A 156 11.55 -28.49 -15.35
CA THR A 156 11.83 -28.45 -13.90
C THR A 156 12.29 -27.05 -13.45
N LEU A 157 12.36 -26.06 -14.34
CA LEU A 157 12.55 -24.63 -13.95
C LEU A 157 13.86 -24.45 -13.19
N LYS A 158 14.91 -25.14 -13.63
CA LYS A 158 16.31 -24.90 -13.20
C LYS A 158 16.81 -23.65 -13.94
N LEU A 159 17.60 -22.82 -13.25
CA LEU A 159 18.16 -21.59 -13.85
C LEU A 159 19.63 -21.79 -14.21
N ALA A 160 20.09 -21.05 -15.21
CA ALA A 160 21.51 -20.80 -15.46
C ALA A 160 21.76 -19.31 -15.27
N ASP A 161 22.93 -18.98 -14.75
CA ASP A 161 23.42 -17.59 -14.58
C ASP A 161 23.90 -17.13 -15.95
N ILE A 162 23.10 -16.35 -16.66
CA ILE A 162 23.41 -16.01 -18.07
C ILE A 162 24.70 -15.19 -18.13
N LYS A 163 24.86 -14.16 -17.31
CA LYS A 163 26.08 -13.32 -17.32
C LYS A 163 27.32 -14.18 -17.02
N ALA A 164 27.26 -15.08 -16.04
CA ALA A 164 28.38 -15.96 -15.68
C ALA A 164 28.69 -16.92 -16.83
N CYS A 165 27.67 -17.51 -17.49
CA CYS A 165 27.89 -18.39 -18.67
C CYS A 165 28.49 -17.57 -19.81
N ALA A 166 28.00 -16.35 -20.05
CA ALA A 166 28.51 -15.49 -21.14
C ALA A 166 30.01 -15.21 -20.92
N GLN A 167 30.40 -14.89 -19.68
CA GLN A 167 31.82 -14.59 -19.34
C GLN A 167 32.69 -15.80 -19.67
N ILE A 168 32.24 -17.00 -19.30
CA ILE A 168 32.97 -18.25 -19.60
C ILE A 168 33.08 -18.44 -21.11
N VAL A 169 32.00 -18.35 -21.87
CA VAL A 169 32.06 -18.73 -23.31
C VAL A 169 32.86 -17.64 -24.06
N HIS A 170 32.78 -16.38 -23.66
CA HIS A 170 33.42 -15.26 -24.38
C HIS A 170 34.92 -15.15 -24.04
N LYS A 171 35.45 -15.95 -23.11
CA LYS A 171 36.93 -16.09 -22.93
C LYS A 171 37.51 -16.82 -24.14
N HIS A 172 36.71 -17.63 -24.84
CA HIS A 172 37.16 -18.42 -26.02
C HIS A 172 36.82 -17.65 -27.29
N LYS A 173 37.46 -17.98 -28.39
CA LYS A 173 37.24 -17.30 -29.69
C LYS A 173 36.01 -17.92 -30.34
N ASP A 174 35.07 -17.12 -30.81
CA ASP A 174 34.12 -17.57 -31.86
C ASP A 174 33.14 -18.61 -31.29
N ILE A 175 32.70 -18.48 -30.04
CA ILE A 175 31.59 -19.31 -29.50
C ILE A 175 30.36 -18.41 -29.40
N ILE A 176 29.26 -18.88 -30.00
CA ILE A 176 27.93 -18.19 -29.90
C ILE A 176 27.22 -18.73 -28.65
N LEU A 177 26.78 -17.85 -27.77
CA LEU A 177 25.85 -18.22 -26.67
C LEU A 177 24.41 -17.88 -27.08
N VAL A 178 23.57 -18.90 -27.15
CA VAL A 178 22.10 -18.77 -27.39
C VAL A 178 21.40 -18.94 -26.04
N VAL A 179 20.51 -18.03 -25.70
CA VAL A 179 19.57 -18.26 -24.59
C VAL A 179 18.17 -18.41 -25.18
N ASP A 180 17.54 -19.53 -24.89
CA ASP A 180 16.09 -19.76 -25.17
C ASP A 180 15.29 -19.13 -24.02
N ASN A 181 14.66 -18.00 -24.32
CA ASN A 181 13.94 -17.11 -23.39
C ASN A 181 12.42 -17.42 -23.36
N THR A 182 12.00 -18.56 -23.88
CA THR A 182 10.57 -18.92 -24.05
C THR A 182 9.83 -18.82 -22.70
N PHE A 183 10.39 -19.38 -21.63
CA PHE A 183 9.66 -19.52 -20.35
C PHE A 183 9.54 -18.16 -19.64
N MET A 184 10.41 -17.20 -19.88
CA MET A 184 10.35 -15.89 -19.13
C MET A 184 9.56 -14.85 -19.91
N SER A 185 9.67 -14.85 -21.23
CA SER A 185 9.23 -13.77 -22.15
C SER A 185 10.19 -12.60 -22.06
N ALA A 186 10.18 -11.76 -23.11
CA ALA A 186 10.97 -10.52 -23.21
C ALA A 186 10.64 -9.58 -22.07
N TYR A 187 9.45 -9.70 -21.47
CA TYR A 187 9.05 -8.75 -20.42
C TYR A 187 9.83 -9.02 -19.11
N PHE A 188 10.21 -10.25 -18.84
CA PHE A 188 10.81 -10.61 -17.52
C PHE A 188 12.30 -10.91 -17.62
N GLN A 189 12.83 -11.18 -18.80
CA GLN A 189 14.26 -11.53 -18.93
C GLN A 189 14.77 -11.00 -20.27
N ARG A 190 15.97 -10.43 -20.28
CA ARG A 190 16.58 -9.84 -21.49
C ARG A 190 17.99 -10.40 -21.65
N PRO A 191 18.13 -11.62 -22.22
CA PRO A 191 19.45 -12.23 -22.35
C PRO A 191 20.49 -11.42 -23.13
N LEU A 192 20.09 -10.63 -24.13
CA LEU A 192 21.08 -9.81 -24.88
C LEU A 192 21.70 -8.75 -23.94
N ALA A 193 20.99 -8.29 -22.91
CA ALA A 193 21.55 -7.31 -21.94
C ALA A 193 22.46 -8.04 -20.92
N LEU A 194 22.47 -9.37 -20.89
CA LEU A 194 23.25 -10.15 -19.89
C LEU A 194 24.42 -10.86 -20.57
N GLY A 195 24.67 -10.62 -21.86
CA GLY A 195 25.83 -11.17 -22.59
C GLY A 195 25.53 -12.26 -23.59
N ALA A 196 24.28 -12.74 -23.72
CA ALA A 196 23.95 -13.70 -24.79
C ALA A 196 24.23 -13.05 -26.16
N ASP A 197 24.63 -13.86 -27.15
CA ASP A 197 24.79 -13.42 -28.55
C ASP A 197 23.45 -13.53 -29.30
N ILE A 198 22.62 -14.51 -28.93
CA ILE A 198 21.30 -14.75 -29.59
C ILE A 198 20.25 -14.96 -28.50
N CYS A 199 19.14 -14.27 -28.60
CA CYS A 199 17.93 -14.45 -27.76
C CYS A 199 16.89 -15.12 -28.65
N MET A 200 16.56 -16.37 -28.36
CA MET A 200 15.63 -17.16 -29.18
C MET A 200 14.38 -17.43 -28.32
N CYS A 201 13.21 -17.50 -28.93
CA CYS A 201 12.07 -18.05 -28.20
C CYS A 201 11.04 -18.69 -29.12
N SER A 202 10.27 -19.59 -28.54
CA SER A 202 9.01 -20.08 -29.13
C SER A 202 7.96 -19.00 -28.82
N ALA A 203 7.63 -18.19 -29.81
CA ALA A 203 6.57 -17.18 -29.73
C ALA A 203 5.21 -17.87 -29.61
N THR A 204 5.14 -19.17 -29.90
CA THR A 204 3.97 -20.04 -29.69
C THR A 204 3.44 -19.84 -28.25
N LYS A 205 4.32 -19.51 -27.31
CA LYS A 205 3.96 -19.47 -25.87
C LYS A 205 3.56 -18.03 -25.51
N TYR A 206 4.27 -17.39 -24.59
CA TYR A 206 3.83 -16.09 -24.01
C TYR A 206 3.83 -14.96 -25.02
N MET A 207 4.76 -14.91 -25.97
CA MET A 207 4.91 -13.70 -26.82
C MET A 207 3.61 -13.49 -27.59
N ASN A 208 3.10 -14.53 -28.23
CA ASN A 208 1.76 -14.45 -28.87
C ASN A 208 0.68 -14.49 -27.78
N GLY A 209 0.76 -15.46 -26.88
CA GLY A 209 -0.06 -15.49 -25.66
C GLY A 209 -1.50 -15.96 -25.84
N HIS A 210 -1.92 -16.31 -27.06
CA HIS A 210 -3.35 -16.66 -27.32
C HIS A 210 -3.52 -18.08 -27.90
N SER A 211 -2.50 -18.91 -27.83
CA SER A 211 -2.55 -20.35 -28.18
C SER A 211 -3.11 -20.57 -29.60
N ASP A 212 -2.79 -19.66 -30.52
CA ASP A 212 -3.36 -19.73 -31.89
C ASP A 212 -2.31 -19.43 -32.95
N VAL A 213 -1.04 -19.43 -32.60
CA VAL A 213 0.10 -19.19 -33.52
C VAL A 213 1.25 -20.09 -33.09
N VAL A 214 1.82 -20.79 -34.06
CA VAL A 214 3.11 -21.51 -33.91
C VAL A 214 4.15 -20.63 -34.59
N MET A 215 5.18 -20.22 -33.88
CA MET A 215 6.17 -19.26 -34.42
C MET A 215 7.44 -19.26 -33.55
N GLY A 216 8.58 -19.03 -34.19
CA GLY A 216 9.89 -18.83 -33.53
C GLY A 216 10.41 -17.41 -33.79
N LEU A 217 11.13 -16.86 -32.83
CA LEU A 217 11.72 -15.50 -32.88
C LEU A 217 13.18 -15.65 -32.50
N VAL A 218 14.05 -14.95 -33.23
CA VAL A 218 15.51 -14.90 -32.96
C VAL A 218 15.93 -13.43 -33.03
N SER A 219 16.52 -12.93 -31.96
CA SER A 219 16.98 -11.53 -31.84
C SER A 219 18.49 -11.52 -31.59
N VAL A 220 19.19 -10.63 -32.27
CA VAL A 220 20.68 -10.47 -32.21
C VAL A 220 21.04 -8.97 -32.25
N ASN A 221 22.24 -8.66 -31.75
CA ASN A 221 22.86 -7.33 -31.91
C ASN A 221 23.93 -7.37 -33.00
N SER A 222 24.63 -8.49 -33.18
CA SER A 222 25.76 -8.64 -34.12
C SER A 222 25.27 -8.49 -35.57
N ASP A 223 25.90 -7.62 -36.35
CA ASP A 223 25.61 -7.46 -37.80
C ASP A 223 26.05 -8.73 -38.54
N ASP A 224 27.16 -9.37 -38.13
CA ASP A 224 27.64 -10.67 -38.70
C ASP A 224 26.57 -11.75 -38.50
N LEU A 225 26.06 -11.94 -37.27
CA LEU A 225 25.04 -12.98 -36.98
C LEU A 225 23.76 -12.66 -37.75
N ASN A 226 23.36 -11.38 -37.77
CA ASN A 226 22.16 -10.97 -38.54
C ASN A 226 22.32 -11.41 -40.01
N GLU A 227 23.44 -11.09 -40.65
CA GLU A 227 23.67 -11.42 -42.07
C GLU A 227 23.60 -12.93 -42.28
N ARG A 228 24.25 -13.71 -41.42
CA ARG A 228 24.28 -15.19 -41.53
C ARG A 228 22.87 -15.77 -41.31
N LEU A 229 22.13 -15.26 -40.33
CA LEU A 229 20.78 -15.77 -40.03
C LEU A 229 19.79 -15.35 -41.12
N ARG A 230 19.93 -14.15 -41.66
CA ARG A 230 19.03 -13.64 -42.73
C ARG A 230 19.18 -14.54 -43.97
N PHE A 231 20.42 -14.87 -44.29
CA PHE A 231 20.75 -15.80 -45.39
C PHE A 231 20.00 -17.11 -45.20
N LEU A 232 19.99 -17.65 -43.97
CA LEU A 232 19.34 -18.95 -43.69
C LEU A 232 17.82 -18.82 -43.59
N GLN A 233 17.28 -17.71 -43.10
CA GLN A 233 15.81 -17.50 -43.10
C GLN A 233 15.32 -17.62 -44.55
N ASN A 234 16.04 -16.99 -45.48
CA ASN A 234 15.66 -16.96 -46.91
C ASN A 234 15.95 -18.33 -47.56
N SER A 235 17.07 -18.98 -47.22
CA SER A 235 17.59 -20.15 -47.98
C SER A 235 17.02 -21.47 -47.46
N LEU A 236 16.73 -21.62 -46.16
CA LEU A 236 16.01 -22.81 -45.63
C LEU A 236 14.50 -22.59 -45.77
N GLY A 237 14.02 -21.36 -45.73
CA GLY A 237 12.62 -21.00 -46.00
C GLY A 237 11.68 -21.45 -44.90
N ALA A 238 12.15 -21.61 -43.66
CA ALA A 238 11.27 -21.98 -42.54
C ALA A 238 10.61 -20.70 -42.01
N VAL A 239 9.78 -20.07 -42.85
CA VAL A 239 9.23 -18.72 -42.60
C VAL A 239 7.78 -18.83 -42.13
N PRO A 240 7.32 -17.83 -41.35
CA PRO A 240 5.95 -17.78 -40.86
C PRO A 240 5.01 -17.18 -41.91
N SER A 241 3.74 -17.55 -41.85
CA SER A 241 2.64 -16.89 -42.60
C SER A 241 2.53 -15.43 -42.17
N PRO A 242 2.28 -14.48 -43.09
CA PRO A 242 1.99 -13.09 -42.71
C PRO A 242 0.77 -12.98 -41.78
N PHE A 243 -0.21 -13.88 -41.95
CA PHE A 243 -1.38 -13.92 -41.07
C PHE A 243 -0.95 -14.24 -39.63
N ASP A 244 -0.07 -15.21 -39.46
CA ASP A 244 0.51 -15.56 -38.13
C ASP A 244 1.32 -14.37 -37.59
N CYS A 245 2.05 -13.68 -38.44
CA CYS A 245 2.83 -12.49 -38.00
C CYS A 245 1.85 -11.43 -37.46
N TYR A 246 0.71 -11.25 -38.12
CA TYR A 246 -0.31 -10.28 -37.68
C TYR A 246 -0.83 -10.68 -36.29
N LEU A 247 -1.22 -11.94 -36.11
CA LEU A 247 -1.78 -12.40 -34.81
C LEU A 247 -0.72 -12.28 -33.71
N CYS A 248 0.53 -12.59 -34.01
CA CYS A 248 1.62 -12.46 -33.00
C CYS A 248 1.83 -10.97 -32.65
N CYS A 249 1.82 -10.09 -33.65
CA CYS A 249 1.90 -8.65 -33.42
C CYS A 249 0.73 -8.20 -32.54
N ARG A 250 -0.47 -8.69 -32.80
CA ARG A 250 -1.67 -8.37 -32.00
C ARG A 250 -1.45 -8.82 -30.54
N GLY A 251 -0.90 -10.02 -30.35
CA GLY A 251 -0.56 -10.55 -29.02
C GLY A 251 0.43 -9.67 -28.27
N LEU A 252 1.45 -9.13 -28.93
CA LEU A 252 2.49 -8.30 -28.28
C LEU A 252 1.87 -7.06 -27.65
N LYS A 253 0.74 -6.56 -28.17
CA LYS A 253 0.15 -5.29 -27.71
C LYS A 253 -0.28 -5.43 -26.25
N THR A 254 -0.60 -6.65 -25.80
CA THR A 254 -1.04 -6.92 -24.40
C THR A 254 0.05 -7.65 -23.59
N LEU A 255 1.25 -7.84 -24.13
CA LEU A 255 2.29 -8.68 -23.46
C LEU A 255 2.57 -8.16 -22.05
N GLN A 256 2.80 -6.87 -21.87
CA GLN A 256 3.14 -6.36 -20.52
C GLN A 256 2.03 -6.72 -19.52
N ILE A 257 0.77 -6.42 -19.84
CA ILE A 257 -0.32 -6.64 -18.85
C ILE A 257 -0.60 -8.13 -18.68
N ARG A 258 -0.42 -8.95 -19.71
CA ARG A 258 -0.61 -10.42 -19.59
C ARG A 258 0.46 -10.96 -18.63
N MET A 259 1.71 -10.60 -18.85
CA MET A 259 2.83 -11.17 -18.06
C MET A 259 2.66 -10.75 -16.58
N GLU A 260 2.24 -9.53 -16.29
CA GLU A 260 2.01 -9.10 -14.89
C GLU A 260 0.93 -9.97 -14.24
N LYS A 261 -0.13 -10.30 -14.98
CA LYS A 261 -1.22 -11.16 -14.46
C LYS A 261 -0.72 -12.61 -14.31
N HIS A 262 0.07 -13.13 -15.26
CA HIS A 262 0.64 -14.49 -15.12
C HIS A 262 1.50 -14.54 -13.83
N PHE A 263 2.25 -13.49 -13.53
CA PHE A 263 3.11 -13.40 -12.31
C PHE A 263 2.22 -13.42 -11.06
N ARG A 264 1.18 -12.59 -10.99
CA ARG A 264 0.27 -12.58 -9.82
C ARG A 264 -0.38 -13.96 -9.64
N ASN A 265 -0.93 -14.54 -10.69
CA ASN A 265 -1.60 -15.86 -10.62
C ASN A 265 -0.59 -16.97 -10.33
N GLY A 266 0.57 -16.95 -10.98
CA GLY A 266 1.62 -17.95 -10.80
C GLY A 266 2.09 -18.00 -9.36
N MET A 267 2.35 -16.83 -8.78
CA MET A 267 2.83 -16.73 -7.37
C MET A 267 1.73 -17.26 -6.44
N ALA A 268 0.46 -16.94 -6.68
CA ALA A 268 -0.66 -17.41 -5.83
C ALA A 268 -0.78 -18.95 -5.90
N VAL A 269 -0.67 -19.53 -7.10
CA VAL A 269 -0.72 -20.99 -7.31
C VAL A 269 0.47 -21.64 -6.59
N ALA A 270 1.67 -21.10 -6.77
CA ALA A 270 2.89 -21.68 -6.16
C ALA A 270 2.77 -21.69 -4.62
N ARG A 271 2.29 -20.59 -4.02
CA ARG A 271 2.11 -20.49 -2.56
C ARG A 271 1.06 -21.50 -2.09
N PHE A 272 -0.03 -21.64 -2.84
CA PHE A 272 -1.10 -22.59 -2.53
C PHE A 272 -0.56 -24.02 -2.54
N LEU A 273 0.22 -24.39 -3.56
CA LEU A 273 0.75 -25.77 -3.66
C LEU A 273 1.78 -26.02 -2.54
N GLU A 274 2.58 -25.00 -2.21
CA GLU A 274 3.65 -25.14 -1.19
C GLU A 274 3.04 -25.43 0.18
N SER A 275 1.83 -24.97 0.48
CA SER A 275 1.18 -25.19 1.79
C SER A 275 0.19 -26.37 1.74
N ASN A 276 0.04 -27.07 0.62
CA ASN A 276 -0.93 -28.18 0.47
C ASN A 276 -0.23 -29.50 0.84
N PRO A 277 -0.77 -30.29 1.81
CA PRO A 277 -0.13 -31.55 2.21
C PRO A 277 -0.18 -32.69 1.18
N ARG A 278 -0.86 -32.50 0.05
CA ARG A 278 -0.94 -33.52 -1.04
C ARG A 278 0.18 -33.29 -2.07
N VAL A 279 1.01 -32.27 -1.84
CA VAL A 279 2.12 -31.89 -2.76
C VAL A 279 3.45 -32.22 -2.08
N GLU A 280 4.30 -32.98 -2.74
CA GLU A 280 5.65 -33.36 -2.23
C GLU A 280 6.59 -32.15 -2.28
N LYS A 281 6.62 -31.42 -3.40
CA LYS A 281 7.58 -30.32 -3.61
C LYS A 281 7.06 -29.41 -4.74
N VAL A 282 7.12 -28.10 -4.53
CA VAL A 282 6.77 -27.09 -5.58
C VAL A 282 8.05 -26.47 -6.12
N ILE A 283 8.06 -26.18 -7.41
CA ILE A 283 9.17 -25.45 -8.07
C ILE A 283 8.59 -24.20 -8.72
N TYR A 284 9.00 -23.03 -8.23
CA TYR A 284 8.63 -21.73 -8.82
C TYR A 284 9.76 -20.76 -8.51
N PRO A 285 10.44 -20.18 -9.52
CA PRO A 285 11.58 -19.28 -9.24
C PRO A 285 11.23 -18.08 -8.36
N GLY A 286 9.95 -17.67 -8.31
CA GLY A 286 9.50 -16.56 -7.45
C GLY A 286 9.35 -16.95 -5.98
N LEU A 287 9.38 -18.22 -5.62
CA LEU A 287 9.29 -18.66 -4.21
C LEU A 287 10.69 -18.62 -3.61
N PRO A 288 10.85 -18.11 -2.37
CA PRO A 288 12.11 -18.27 -1.62
C PRO A 288 12.62 -19.72 -1.53
N SER A 289 11.75 -20.72 -1.56
CA SER A 289 12.12 -22.15 -1.48
C SER A 289 12.84 -22.62 -2.76
N HIS A 290 12.71 -21.91 -3.88
CA HIS A 290 13.42 -22.33 -5.10
C HIS A 290 14.91 -22.25 -4.80
N PRO A 291 15.72 -23.28 -5.11
CA PRO A 291 17.15 -23.24 -4.82
C PRO A 291 17.89 -22.07 -5.49
N GLN A 292 17.37 -21.52 -6.60
CA GLN A 292 18.05 -20.42 -7.30
C GLN A 292 17.19 -19.15 -7.26
N HIS A 293 16.40 -18.97 -6.22
CA HIS A 293 15.55 -17.77 -6.04
C HIS A 293 16.41 -16.51 -6.10
N GLU A 294 17.58 -16.50 -5.45
CA GLU A 294 18.41 -15.26 -5.39
C GLU A 294 18.93 -14.94 -6.80
N LEU A 295 19.33 -15.95 -7.58
CA LEU A 295 19.77 -15.73 -8.97
C LEU A 295 18.60 -15.17 -9.80
N ALA A 296 17.39 -15.71 -9.63
CA ALA A 296 16.19 -15.25 -10.38
C ALA A 296 16.04 -13.74 -10.15
N LYS A 297 16.19 -13.26 -8.91
CA LYS A 297 16.02 -11.82 -8.58
C LYS A 297 17.14 -10.99 -9.20
N ARG A 298 18.33 -11.55 -9.40
CA ARG A 298 19.50 -10.82 -9.97
C ARG A 298 19.39 -10.75 -11.50
N GLN A 299 18.65 -11.63 -12.19
CA GLN A 299 18.72 -11.63 -13.66
C GLN A 299 17.34 -11.46 -14.34
N CYS A 300 16.27 -11.35 -13.57
CA CYS A 300 14.88 -11.23 -14.10
C CYS A 300 14.17 -10.05 -13.42
N THR A 301 13.13 -9.54 -14.07
CA THR A 301 12.29 -8.43 -13.55
C THR A 301 11.01 -8.99 -12.94
N GLY A 302 10.87 -10.30 -12.92
CA GLY A 302 9.69 -10.98 -12.35
C GLY A 302 9.70 -12.42 -12.78
N CYS A 303 8.57 -13.09 -12.64
CA CYS A 303 8.42 -14.54 -12.92
CA CYS A 303 8.42 -14.54 -12.92
C CYS A 303 7.08 -14.76 -13.58
N PRO A 304 6.98 -15.65 -14.59
CA PRO A 304 5.69 -15.87 -15.25
C PRO A 304 4.81 -16.91 -14.54
N GLY A 305 3.94 -17.58 -15.30
CA GLY A 305 2.92 -18.47 -14.72
C GLY A 305 3.32 -19.93 -14.75
N MET A 306 4.57 -20.26 -15.03
CA MET A 306 5.01 -21.69 -15.09
C MET A 306 5.33 -22.14 -13.66
N VAL A 307 4.57 -23.12 -13.20
CA VAL A 307 4.74 -23.71 -11.84
C VAL A 307 4.81 -25.22 -12.02
N SER A 308 5.86 -25.84 -11.54
CA SER A 308 5.96 -27.32 -11.59
C SER A 308 5.88 -27.87 -10.16
N PHE A 309 5.30 -29.03 -10.00
CA PHE A 309 5.25 -29.67 -8.66
C PHE A 309 5.26 -31.17 -8.80
N TYR A 310 5.75 -31.81 -7.75
CA TYR A 310 5.71 -33.28 -7.57
C TYR A 310 4.53 -33.57 -6.66
N ILE A 311 3.56 -34.32 -7.17
CA ILE A 311 2.41 -34.74 -6.34
C ILE A 311 2.91 -35.86 -5.41
N LYS A 312 2.35 -35.96 -4.22
CA LYS A 312 2.66 -37.11 -3.33
C LYS A 312 2.17 -38.40 -3.98
N GLY A 313 2.92 -39.48 -3.78
CA GLY A 313 2.47 -40.82 -4.19
C GLY A 313 3.15 -41.23 -5.48
N THR A 314 2.38 -41.69 -6.45
CA THR A 314 2.88 -42.38 -7.65
C THR A 314 2.22 -41.78 -8.90
N LEU A 315 2.58 -42.33 -10.05
CA LEU A 315 1.96 -41.99 -11.34
C LEU A 315 0.44 -42.04 -11.21
N GLN A 316 -0.11 -43.02 -10.49
CA GLN A 316 -1.57 -43.20 -10.36
C GLN A 316 -2.18 -41.91 -9.81
N HIS A 317 -1.56 -41.30 -8.80
CA HIS A 317 -2.07 -40.05 -8.18
C HIS A 317 -1.99 -38.89 -9.16
N ALA A 318 -0.90 -38.79 -9.91
CA ALA A 318 -0.73 -37.76 -10.97
C ALA A 318 -1.85 -37.93 -12.01
N GLN A 319 -2.13 -39.16 -12.43
CA GLN A 319 -3.21 -39.43 -13.42
C GLN A 319 -4.57 -39.01 -12.85
N VAL A 320 -4.85 -39.31 -11.59
CA VAL A 320 -6.17 -38.94 -11.01
C VAL A 320 -6.27 -37.41 -10.91
N PHE A 321 -5.22 -36.73 -10.48
CA PHE A 321 -5.18 -35.25 -10.44
C PHE A 321 -5.53 -34.71 -11.85
N LEU A 322 -4.85 -35.20 -12.89
CA LEU A 322 -4.99 -34.63 -14.26
C LEU A 322 -6.35 -35.00 -14.87
N LYS A 323 -7.01 -36.04 -14.38
CA LYS A 323 -8.39 -36.41 -14.81
C LYS A 323 -9.44 -35.56 -14.09
N ASN A 324 -9.14 -34.97 -12.94
CA ASN A 324 -10.15 -34.27 -12.10
C ASN A 324 -10.08 -32.74 -12.23
N ILE A 325 -9.00 -32.18 -12.77
CA ILE A 325 -8.94 -30.70 -13.04
C ILE A 325 -10.10 -30.33 -13.98
N LYS A 326 -10.80 -29.24 -13.70
CA LYS A 326 -12.00 -28.81 -14.48
C LYS A 326 -11.81 -27.41 -15.06
N LEU A 327 -10.81 -26.65 -14.62
CA LEU A 327 -10.52 -25.31 -15.14
C LEU A 327 -9.19 -25.37 -15.91
N PHE A 328 -8.12 -25.84 -15.25
CA PHE A 328 -6.90 -26.30 -15.95
C PHE A 328 -7.33 -27.40 -16.92
N ALA A 329 -6.79 -27.40 -18.14
CA ALA A 329 -7.04 -28.42 -19.17
C ALA A 329 -5.79 -29.28 -19.33
N LEU A 330 -5.98 -30.59 -19.42
CA LEU A 330 -4.87 -31.53 -19.71
C LEU A 330 -4.54 -31.38 -21.18
N ALA A 331 -3.40 -30.78 -21.47
CA ALA A 331 -3.03 -30.40 -22.83
C ALA A 331 -1.56 -29.99 -22.81
N GLU A 332 -0.90 -30.16 -23.93
CA GLU A 332 0.44 -29.61 -24.13
C GLU A 332 0.36 -28.08 -24.30
N SER A 333 1.52 -27.48 -24.34
CA SER A 333 1.79 -26.04 -24.53
C SER A 333 1.63 -25.27 -23.22
N LEU A 334 1.92 -23.98 -23.31
CA LEU A 334 2.04 -23.08 -22.17
C LEU A 334 1.98 -21.65 -22.69
N GLY A 335 1.80 -20.70 -21.77
CA GLY A 335 1.97 -19.28 -22.08
C GLY A 335 0.74 -18.68 -22.70
N GLY A 336 -0.37 -19.43 -22.73
CA GLY A 336 -1.68 -18.91 -23.17
C GLY A 336 -2.46 -18.28 -22.04
N TYR A 337 -3.57 -17.62 -22.39
CA TYR A 337 -4.50 -17.01 -21.42
C TYR A 337 -5.21 -18.10 -20.62
N GLU A 338 -5.31 -19.32 -21.15
CA GLU A 338 -6.04 -20.45 -20.52
C GLU A 338 -5.03 -21.31 -19.74
N SER A 339 -5.43 -21.75 -18.56
CA SER A 339 -4.57 -22.59 -17.66
C SER A 339 -4.48 -24.00 -18.23
N LEU A 340 -3.26 -24.52 -18.31
CA LEU A 340 -2.95 -25.87 -18.86
C LEU A 340 -2.13 -26.67 -17.86
N ALA A 341 -2.24 -27.98 -17.92
CA ALA A 341 -1.46 -28.92 -17.09
C ALA A 341 -1.00 -30.08 -17.93
N GLU A 342 0.20 -30.57 -17.68
CA GLU A 342 0.69 -31.77 -18.37
C GLU A 342 1.58 -32.60 -17.44
N LEU A 343 1.85 -33.82 -17.86
CA LEU A 343 2.76 -34.80 -17.20
C LEU A 343 3.95 -34.99 -18.14
N PRO A 344 5.03 -34.20 -17.98
CA PRO A 344 6.11 -34.19 -18.97
C PRO A 344 6.72 -35.56 -19.29
N ALA A 345 6.83 -36.44 -18.31
CA ALA A 345 7.48 -37.75 -18.49
C ALA A 345 6.74 -38.57 -19.57
N ILE A 346 5.43 -38.37 -19.69
CA ILE A 346 4.55 -39.15 -20.62
C ILE A 346 4.15 -38.30 -21.83
N MET A 347 4.33 -36.99 -21.79
CA MET A 347 3.81 -36.07 -22.85
C MET A 347 4.99 -35.35 -23.49
N THR A 348 5.34 -34.12 -23.09
CA THR A 348 6.37 -33.30 -23.80
C THR A 348 7.76 -33.96 -23.81
N HIS A 349 8.11 -34.76 -22.79
CA HIS A 349 9.48 -35.30 -22.61
C HIS A 349 9.49 -36.82 -22.79
N ALA A 350 8.43 -37.40 -23.39
CA ALA A 350 8.36 -38.86 -23.61
C ALA A 350 9.53 -39.32 -24.51
N SER A 351 10.01 -38.48 -25.42
CA SER A 351 11.10 -38.86 -26.38
C SER A 351 12.46 -38.90 -25.66
N VAL A 352 12.59 -38.25 -24.50
CA VAL A 352 13.87 -38.25 -23.73
C VAL A 352 14.03 -39.62 -23.10
N PRO A 353 15.19 -40.29 -23.24
CA PRO A 353 15.37 -41.63 -22.67
C PRO A 353 15.03 -41.66 -21.17
N GLU A 354 14.41 -42.74 -20.71
CA GLU A 354 13.88 -42.91 -19.34
C GLU A 354 15.00 -42.64 -18.33
N LYS A 355 16.22 -43.09 -18.60
CA LYS A 355 17.36 -42.92 -17.64
C LYS A 355 17.77 -41.44 -17.58
N ASP A 356 17.69 -40.73 -18.70
CA ASP A 356 17.98 -39.26 -18.75
C ASP A 356 16.88 -38.52 -17.97
N ARG A 357 15.61 -38.88 -18.14
CA ARG A 357 14.51 -38.26 -17.37
C ARG A 357 14.78 -38.42 -15.87
N ALA A 358 15.19 -39.61 -15.45
CA ALA A 358 15.48 -39.90 -14.03
C ALA A 358 16.58 -38.98 -13.51
N THR A 359 17.70 -38.87 -14.22
CA THR A 359 18.83 -37.97 -13.84
C THR A 359 18.33 -36.52 -13.72
N LEU A 360 17.43 -36.08 -14.60
CA LEU A 360 17.00 -34.66 -14.64
C LEU A 360 15.89 -34.37 -13.65
N GLY A 361 15.27 -35.37 -13.03
CA GLY A 361 14.15 -35.15 -12.12
C GLY A 361 12.81 -35.08 -12.85
N ILE A 362 12.74 -35.53 -14.11
CA ILE A 362 11.47 -35.59 -14.89
C ILE A 362 10.81 -36.94 -14.61
N SER A 363 10.28 -37.07 -13.40
CA SER A 363 9.73 -38.31 -12.81
C SER A 363 8.25 -38.43 -13.19
N ASP A 364 7.69 -39.60 -12.90
CA ASP A 364 6.27 -39.91 -13.21
C ASP A 364 5.34 -39.13 -12.26
N THR A 365 5.84 -38.39 -11.26
CA THR A 365 4.96 -37.56 -10.39
C THR A 365 5.16 -36.06 -10.64
N LEU A 366 5.99 -35.67 -11.62
CA LEU A 366 6.21 -34.24 -11.95
CA LEU A 366 6.21 -34.24 -11.95
C LEU A 366 5.05 -33.76 -12.84
N ILE A 367 4.34 -32.76 -12.36
CA ILE A 367 3.27 -32.08 -13.13
C ILE A 367 3.75 -30.66 -13.46
N ARG A 368 3.62 -30.25 -14.72
CA ARG A 368 3.93 -28.89 -15.16
C ARG A 368 2.61 -28.15 -15.35
N LEU A 369 2.45 -27.02 -14.66
CA LEU A 369 1.29 -26.11 -14.84
C LEU A 369 1.72 -24.87 -15.62
N SER A 370 0.87 -24.44 -16.53
CA SER A 370 0.93 -23.12 -17.16
C SER A 370 -0.28 -22.35 -16.63
N VAL A 371 -0.03 -21.45 -15.70
CA VAL A 371 -1.12 -20.69 -15.04
C VAL A 371 -1.50 -19.54 -15.97
N GLY A 372 -2.77 -19.49 -16.34
CA GLY A 372 -3.36 -18.50 -17.25
C GLY A 372 -3.84 -17.25 -16.53
N LEU A 373 -4.83 -16.57 -17.11
CA LEU A 373 -5.26 -15.22 -16.73
C LEU A 373 -6.61 -15.29 -16.01
N GLU A 374 -7.07 -16.47 -15.61
CA GLU A 374 -8.37 -16.61 -14.91
C GLU A 374 -8.30 -15.93 -13.52
N ASP A 375 -9.43 -15.81 -12.87
CA ASP A 375 -9.50 -15.34 -11.46
C ASP A 375 -8.77 -16.31 -10.53
N GLU A 376 -7.90 -15.76 -9.70
CA GLU A 376 -7.02 -16.51 -8.76
C GLU A 376 -7.85 -17.50 -7.94
N LYS A 377 -8.96 -17.08 -7.35
CA LYS A 377 -9.75 -17.96 -6.45
C LYS A 377 -10.25 -19.19 -7.22
N ASP A 378 -10.68 -19.03 -8.47
CA ASP A 378 -11.17 -20.14 -9.33
C ASP A 378 -10.03 -21.13 -9.58
N LEU A 379 -8.81 -20.63 -9.80
CA LEU A 379 -7.64 -21.51 -10.07
C LEU A 379 -7.30 -22.32 -8.80
N LEU A 380 -7.30 -21.68 -7.63
CA LEU A 380 -6.93 -22.36 -6.37
C LEU A 380 -7.99 -23.39 -5.98
N GLU A 381 -9.27 -23.10 -6.18
CA GLU A 381 -10.36 -24.07 -5.92
C GLU A 381 -10.21 -25.28 -6.86
N ASP A 382 -9.86 -25.07 -8.13
CA ASP A 382 -9.71 -26.18 -9.10
C ASP A 382 -8.56 -27.10 -8.67
N LEU A 383 -7.40 -26.52 -8.32
CA LEU A 383 -6.23 -27.32 -7.90
C LEU A 383 -6.57 -28.07 -6.62
N GLY A 384 -7.22 -27.40 -5.67
CA GLY A 384 -7.59 -27.98 -4.37
C GLY A 384 -8.45 -29.22 -4.54
N GLN A 385 -9.53 -29.13 -5.33
CA GLN A 385 -10.48 -30.26 -5.49
C GLN A 385 -9.80 -31.38 -6.28
N ALA A 386 -8.93 -31.06 -7.25
CA ALA A 386 -8.25 -32.13 -8.04
C ALA A 386 -7.24 -32.88 -7.14
N LEU A 387 -6.49 -32.16 -6.31
CA LEU A 387 -5.53 -32.78 -5.36
C LEU A 387 -6.31 -33.65 -4.35
N LYS A 388 -7.47 -33.19 -3.88
CA LYS A 388 -8.32 -33.98 -2.94
C LYS A 388 -8.83 -35.24 -3.63
N ALA A 389 -9.17 -35.21 -4.91
CA ALA A 389 -9.59 -36.41 -5.66
C ALA A 389 -8.43 -37.40 -5.70
N ALA A 390 -7.18 -36.94 -5.82
CA ALA A 390 -5.99 -37.83 -5.88
C ALA A 390 -5.66 -38.40 -4.50
N HIS A 391 -5.80 -37.60 -3.44
CA HIS A 391 -5.48 -37.96 -2.03
C HIS A 391 -6.62 -37.53 -1.13
N PRO A 392 -7.69 -38.36 -1.02
CA PRO A 392 -8.85 -38.01 -0.19
C PRO A 392 -8.41 -37.73 1.27
N GLY B 3 -26.83 -20.76 -78.70
CA GLY B 3 -27.67 -19.62 -79.20
C GLY B 3 -27.85 -18.52 -78.17
N PHE B 4 -27.08 -18.50 -77.07
CA PHE B 4 -27.14 -17.39 -76.07
C PHE B 4 -26.47 -16.13 -76.62
N LEU B 5 -26.69 -14.99 -75.98
CA LEU B 5 -25.97 -13.72 -76.27
C LEU B 5 -24.48 -14.00 -76.25
N PRO B 6 -23.66 -13.30 -77.07
CA PRO B 6 -22.21 -13.52 -77.05
C PRO B 6 -21.59 -13.15 -75.67
N SER B 7 -20.61 -13.92 -75.23
CA SER B 7 -19.91 -13.78 -73.92
C SER B 7 -19.32 -12.38 -73.78
N PHE B 8 -19.27 -11.85 -72.57
CA PHE B 8 -18.51 -10.61 -72.25
C PHE B 8 -17.03 -10.90 -72.56
N GLN B 9 -16.37 -10.01 -73.30
CA GLN B 9 -15.08 -10.31 -73.98
C GLN B 9 -13.83 -9.97 -73.14
N HIS B 10 -13.92 -9.02 -72.21
CA HIS B 10 -12.79 -8.60 -71.34
C HIS B 10 -13.06 -8.95 -69.86
N PHE B 11 -14.01 -9.85 -69.62
CA PHE B 11 -14.53 -10.11 -68.27
C PHE B 11 -13.40 -10.64 -67.39
N ALA B 12 -12.64 -11.63 -67.86
CA ALA B 12 -11.60 -12.28 -67.05
C ALA B 12 -10.48 -11.28 -66.76
N THR B 13 -10.11 -10.46 -67.75
CA THR B 13 -9.07 -9.43 -67.59
C THR B 13 -9.53 -8.45 -66.51
N GLN B 14 -10.77 -7.96 -66.61
CA GLN B 14 -11.31 -7.00 -65.61
C GLN B 14 -11.40 -7.63 -64.21
N ALA B 15 -11.83 -8.88 -64.11
CA ALA B 15 -12.01 -9.54 -62.81
C ALA B 15 -10.64 -9.64 -62.11
N ILE B 16 -9.57 -9.70 -62.88
CA ILE B 16 -8.20 -9.87 -62.31
C ILE B 16 -7.54 -8.50 -62.05
N HIS B 17 -7.80 -7.47 -62.87
CA HIS B 17 -6.98 -6.24 -62.88
C HIS B 17 -7.71 -5.00 -62.36
N VAL B 18 -9.04 -4.90 -62.53
CA VAL B 18 -9.68 -3.59 -62.24
C VAL B 18 -9.59 -3.33 -60.74
N GLY B 19 -9.06 -2.15 -60.38
CA GLY B 19 -8.90 -1.75 -58.98
C GLY B 19 -7.72 -2.42 -58.28
N GLN B 20 -6.93 -3.25 -58.97
CA GLN B 20 -5.89 -4.11 -58.33
C GLN B 20 -4.48 -3.61 -58.70
N GLU B 21 -4.33 -2.36 -59.17
CA GLU B 21 -3.02 -1.77 -59.54
C GLU B 21 -2.04 -1.90 -58.35
N PRO B 22 -0.88 -2.55 -58.53
CA PRO B 22 0.11 -2.62 -57.44
C PRO B 22 0.62 -1.27 -56.96
N GLU B 23 0.58 -0.25 -57.82
CA GLU B 23 1.10 1.11 -57.53
C GLU B 23 0.32 1.75 -56.39
N GLN B 24 -0.89 1.30 -56.07
CA GLN B 24 -1.66 1.93 -54.96
C GLN B 24 -1.13 1.50 -53.58
N TRP B 25 -0.31 0.45 -53.50
CA TRP B 25 0.20 -0.06 -52.21
C TRP B 25 1.64 0.38 -52.04
N SER B 26 2.05 0.76 -50.82
CA SER B 26 3.45 1.16 -50.54
C SER B 26 4.40 0.02 -50.92
N SER B 27 4.02 -1.20 -50.70
CA SER B 27 4.83 -2.42 -50.98
C SER B 27 4.88 -2.79 -52.47
N ARG B 28 3.95 -2.28 -53.28
CA ARG B 28 3.72 -2.71 -54.69
C ARG B 28 3.28 -4.19 -54.74
N ALA B 29 2.66 -4.69 -53.69
CA ALA B 29 2.06 -6.06 -53.63
C ALA B 29 1.22 -6.28 -54.89
N VAL B 30 1.33 -7.45 -55.51
CA VAL B 30 0.54 -7.79 -56.72
CA VAL B 30 0.55 -7.79 -56.73
C VAL B 30 -0.86 -8.26 -56.31
N VAL B 31 -1.06 -8.56 -55.06
CA VAL B 31 -2.39 -8.99 -54.49
C VAL B 31 -2.78 -7.98 -53.41
N LEU B 32 -4.05 -7.59 -53.38
CA LEU B 32 -4.52 -6.57 -52.40
C LEU B 32 -4.31 -7.07 -50.97
N PRO B 33 -3.79 -6.19 -50.11
CA PRO B 33 -3.67 -6.45 -48.68
C PRO B 33 -5.04 -6.52 -48.00
N ILE B 34 -5.09 -7.27 -46.92
CA ILE B 34 -6.24 -7.26 -45.99
C ILE B 34 -5.96 -6.19 -44.94
N SER B 35 -6.67 -5.07 -45.03
CA SER B 35 -6.48 -4.01 -44.02
C SER B 35 -7.61 -4.09 -43.01
N LEU B 36 -7.33 -4.59 -41.81
CA LEU B 36 -8.37 -4.73 -40.78
C LEU B 36 -8.56 -3.46 -39.97
N ALA B 37 -7.63 -2.49 -40.05
CA ALA B 37 -7.66 -1.27 -39.22
C ALA B 37 -9.06 -0.66 -39.22
N THR B 38 -9.58 -0.31 -38.05
CA THR B 38 -10.87 0.38 -37.93
C THR B 38 -10.70 1.86 -38.25
N THR B 39 -9.49 2.38 -38.10
CA THR B 39 -9.24 3.83 -38.23
C THR B 39 -7.89 4.10 -38.88
N PHE B 40 -7.72 5.36 -39.27
CA PHE B 40 -6.67 5.85 -40.17
C PHE B 40 -6.21 7.20 -39.65
N LYS B 41 -4.91 7.41 -39.57
CA LYS B 41 -4.33 8.69 -39.10
C LYS B 41 -4.62 9.79 -40.13
N GLN B 42 -5.18 10.90 -39.68
CA GLN B 42 -5.51 12.08 -40.53
C GLN B 42 -4.36 13.09 -40.39
N ASP B 43 -4.02 13.79 -41.47
CA ASP B 43 -3.03 14.90 -41.48
C ASP B 43 -3.60 16.14 -40.81
N SER B 44 -4.90 16.35 -40.88
CA SER B 44 -5.55 17.41 -40.06
C SER B 44 -7.01 17.05 -39.88
N PRO B 45 -7.69 17.62 -38.87
CA PRO B 45 -9.02 17.17 -38.51
C PRO B 45 -10.01 17.33 -39.68
N GLY B 46 -10.73 16.26 -39.99
CA GLY B 46 -11.78 16.24 -41.01
C GLY B 46 -11.23 16.50 -42.40
N GLN B 47 -9.98 16.10 -42.67
CA GLN B 47 -9.46 16.18 -44.06
C GLN B 47 -10.46 15.41 -44.95
N SER B 48 -10.73 15.92 -46.16
CA SER B 48 -11.79 15.41 -47.07
C SER B 48 -11.29 14.19 -47.89
N SER B 49 -9.98 13.97 -47.96
CA SER B 49 -9.38 12.85 -48.74
C SER B 49 -8.83 11.79 -47.77
N GLY B 50 -8.55 10.60 -48.30
CA GLY B 50 -8.03 9.44 -47.56
C GLY B 50 -9.15 8.70 -46.84
N PHE B 51 -8.79 7.67 -46.09
CA PHE B 51 -9.72 6.86 -45.29
C PHE B 51 -9.90 7.52 -43.93
N VAL B 52 -11.04 7.30 -43.30
CA VAL B 52 -11.40 7.91 -42.02
C VAL B 52 -11.78 6.83 -41.01
N TYR B 53 -12.71 5.95 -41.37
CA TYR B 53 -13.29 4.98 -40.44
C TYR B 53 -13.81 3.78 -41.24
N SER B 54 -13.46 2.59 -40.81
CA SER B 54 -13.63 1.34 -41.62
C SER B 54 -15.08 1.21 -42.10
N ARG B 55 -16.07 1.47 -41.25
CA ARG B 55 -17.48 1.32 -41.68
C ARG B 55 -17.77 2.22 -42.88
N SER B 56 -17.18 3.42 -42.95
CA SER B 56 -17.44 4.43 -44.01
C SER B 56 -16.70 4.06 -45.28
N GLY B 57 -15.63 3.28 -45.17
CA GLY B 57 -14.79 2.94 -46.33
C GLY B 57 -13.45 2.44 -45.87
N ASN B 58 -12.88 1.49 -46.59
CA ASN B 58 -11.59 0.90 -46.18
C ASN B 58 -10.95 0.32 -47.42
N PRO B 59 -9.62 0.21 -47.46
CA PRO B 59 -8.91 -0.15 -48.68
C PRO B 59 -9.39 -1.47 -49.33
N THR B 60 -9.55 -2.54 -48.54
CA THR B 60 -9.90 -3.87 -49.08
C THR B 60 -11.32 -3.81 -49.66
N ARG B 61 -12.28 -3.26 -48.92
CA ARG B 61 -13.67 -3.19 -49.43
C ARG B 61 -13.70 -2.32 -50.69
N ASN B 62 -13.03 -1.17 -50.68
CA ASN B 62 -13.10 -0.21 -51.81
C ASN B 62 -12.54 -0.86 -53.07
N CYS B 63 -11.50 -1.68 -52.91
CA CYS B 63 -10.88 -2.44 -54.03
CA CYS B 63 -10.88 -2.44 -54.03
C CYS B 63 -11.85 -3.48 -54.59
N LEU B 64 -12.50 -4.26 -53.72
CA LEU B 64 -13.54 -5.22 -54.17
C LEU B 64 -14.63 -4.47 -54.94
N GLU B 65 -15.13 -3.35 -54.41
CA GLU B 65 -16.25 -2.60 -55.02
C GLU B 65 -15.87 -2.15 -56.43
N LYS B 66 -14.63 -1.75 -56.66
CA LYS B 66 -14.16 -1.33 -57.99
C LYS B 66 -14.23 -2.53 -58.96
N ALA B 67 -13.78 -3.71 -58.53
CA ALA B 67 -13.76 -4.92 -59.38
C ALA B 67 -15.21 -5.32 -59.72
N VAL B 68 -16.08 -5.38 -58.72
CA VAL B 68 -17.48 -5.85 -58.95
C VAL B 68 -18.19 -4.87 -59.88
N ALA B 69 -18.00 -3.57 -59.68
CA ALA B 69 -18.60 -2.54 -60.55
C ALA B 69 -18.26 -2.85 -62.01
N ALA B 70 -16.99 -3.12 -62.32
CA ALA B 70 -16.56 -3.43 -63.70
C ALA B 70 -17.31 -4.69 -64.19
N LEU B 71 -17.40 -5.74 -63.38
CA LEU B 71 -18.03 -7.01 -63.81
C LEU B 71 -19.54 -6.84 -64.00
N ASP B 72 -20.18 -5.92 -63.28
CA ASP B 72 -21.63 -5.65 -63.41
C ASP B 72 -21.90 -4.60 -64.51
N GLY B 73 -20.86 -4.08 -65.17
CA GLY B 73 -21.03 -2.99 -66.15
C GLY B 73 -21.54 -1.72 -65.50
N ALA B 74 -21.13 -1.45 -64.26
CA ALA B 74 -21.66 -0.38 -63.43
C ALA B 74 -20.59 0.69 -63.16
N LYS B 75 -21.01 1.90 -62.88
CA LYS B 75 -20.11 2.98 -62.40
C LYS B 75 -19.82 2.81 -60.92
N HIS B 76 -20.73 2.21 -60.14
CA HIS B 76 -20.66 2.20 -58.67
C HIS B 76 -21.07 0.84 -58.11
N CYS B 77 -20.39 0.38 -57.08
CA CYS B 77 -20.78 -0.86 -56.37
C CYS B 77 -20.65 -0.65 -54.86
N LEU B 78 -21.59 -1.20 -54.12
CA LEU B 78 -21.60 -1.18 -52.64
C LEU B 78 -21.69 -2.61 -52.13
N THR B 79 -20.87 -2.95 -51.15
CA THR B 79 -20.87 -4.29 -50.52
C THR B 79 -21.54 -4.22 -49.15
N PHE B 80 -22.19 -5.31 -48.77
CA PHE B 80 -23.00 -5.47 -47.54
C PHE B 80 -22.68 -6.81 -46.88
N ALA B 81 -23.09 -6.92 -45.63
CA ALA B 81 -22.82 -8.07 -44.74
C ALA B 81 -23.51 -9.33 -45.27
N SER B 82 -24.54 -9.22 -46.12
CA SER B 82 -25.29 -10.36 -46.68
C SER B 82 -26.18 -9.88 -47.83
N GLY B 83 -26.66 -10.80 -48.63
CA GLY B 83 -27.74 -10.48 -49.60
C GLY B 83 -28.95 -9.86 -48.94
N LEU B 84 -29.40 -10.40 -47.78
CA LEU B 84 -30.57 -9.80 -47.08
C LEU B 84 -30.20 -8.39 -46.59
N ALA B 85 -28.97 -8.13 -46.13
CA ALA B 85 -28.59 -6.76 -45.70
C ALA B 85 -28.62 -5.82 -46.90
N ALA B 86 -28.23 -6.27 -48.10
CA ALA B 86 -28.33 -5.48 -49.32
C ALA B 86 -29.80 -5.16 -49.60
N THR B 87 -30.68 -6.15 -49.43
CA THR B 87 -32.14 -6.00 -49.66
C THR B 87 -32.71 -4.96 -48.67
N THR B 88 -32.38 -5.09 -47.40
CA THR B 88 -32.79 -4.13 -46.33
C THR B 88 -32.31 -2.71 -46.68
N THR B 89 -31.05 -2.57 -47.09
CA THR B 89 -30.47 -1.24 -47.38
C THR B 89 -31.20 -0.62 -48.57
N ILE B 90 -31.43 -1.38 -49.64
CA ILE B 90 -32.15 -0.88 -50.84
C ILE B 90 -33.55 -0.41 -50.41
N THR B 91 -34.24 -1.16 -49.56
CA THR B 91 -35.61 -0.85 -49.13
C THR B 91 -35.61 0.48 -48.36
N HIS B 92 -34.52 0.81 -47.66
CA HIS B 92 -34.37 2.07 -46.91
C HIS B 92 -34.20 3.26 -47.86
N LEU B 93 -34.08 3.07 -49.18
CA LEU B 93 -34.16 4.18 -50.15
C LEU B 93 -35.56 4.81 -50.13
N LEU B 94 -36.56 4.10 -49.62
CA LEU B 94 -37.98 4.53 -49.70
C LEU B 94 -38.37 5.30 -48.43
N LYS B 95 -39.65 5.48 -48.22
CA LYS B 95 -40.19 6.12 -46.99
C LYS B 95 -41.63 5.68 -46.77
N ALA B 96 -42.15 5.90 -45.57
CA ALA B 96 -43.54 5.57 -45.19
C ALA B 96 -44.48 6.12 -46.28
N GLY B 97 -45.43 5.30 -46.73
CA GLY B 97 -46.41 5.67 -47.78
C GLY B 97 -46.03 5.13 -49.16
N ASP B 98 -44.80 4.63 -49.33
CA ASP B 98 -44.35 4.08 -50.63
C ASP B 98 -44.83 2.64 -50.78
N GLU B 99 -44.89 2.17 -52.02
CA GLU B 99 -45.30 0.79 -52.34
C GLU B 99 -44.15 0.10 -53.08
N VAL B 100 -43.99 -1.18 -52.78
CA VAL B 100 -43.06 -2.12 -53.43
C VAL B 100 -43.89 -3.19 -54.17
N ILE B 101 -43.50 -3.47 -55.40
CA ILE B 101 -43.96 -4.67 -56.13
C ILE B 101 -42.80 -5.66 -56.13
N CYS B 102 -43.04 -6.86 -55.63
CA CYS B 102 -42.03 -7.94 -55.59
C CYS B 102 -42.51 -9.09 -56.49
N MET B 103 -41.59 -9.65 -57.26
CA MET B 103 -41.79 -10.93 -57.97
CA MET B 103 -41.78 -10.94 -57.98
C MET B 103 -42.44 -11.93 -57.00
N ASP B 104 -43.47 -12.66 -57.44
CA ASP B 104 -44.28 -13.51 -56.54
C ASP B 104 -43.41 -14.65 -55.99
N GLU B 105 -42.50 -15.18 -56.80
CA GLU B 105 -41.59 -16.24 -56.32
C GLU B 105 -40.19 -15.67 -56.11
N VAL B 106 -39.77 -15.58 -54.87
CA VAL B 106 -38.43 -15.10 -54.47
C VAL B 106 -37.90 -16.04 -53.41
N TYR B 107 -36.61 -15.91 -53.12
CA TYR B 107 -36.01 -16.58 -51.95
C TYR B 107 -36.95 -16.38 -50.77
N GLY B 108 -37.16 -17.44 -49.96
CA GLY B 108 -38.02 -17.39 -48.77
C GLY B 108 -37.68 -16.22 -47.85
N GLY B 109 -36.38 -15.94 -47.62
CA GLY B 109 -35.96 -14.85 -46.74
C GLY B 109 -36.32 -13.48 -47.30
N THR B 110 -36.30 -13.30 -48.62
CA THR B 110 -36.72 -12.04 -49.25
C THR B 110 -38.23 -11.84 -48.99
N ASN B 111 -39.00 -12.89 -49.21
CA ASN B 111 -40.46 -12.91 -48.96
C ASN B 111 -40.70 -12.52 -47.50
N ARG B 112 -40.02 -13.19 -46.55
CA ARG B 112 -40.16 -12.94 -45.11
C ARG B 112 -39.85 -11.47 -44.80
N TYR B 113 -38.75 -10.92 -45.34
CA TYR B 113 -38.35 -9.53 -45.05
C TYR B 113 -39.48 -8.58 -45.50
N PHE B 114 -39.91 -8.67 -46.75
CA PHE B 114 -40.93 -7.73 -47.31
C PHE B 114 -42.25 -7.91 -46.54
N ARG B 115 -42.69 -9.15 -46.39
CA ARG B 115 -44.04 -9.49 -45.89
C ARG B 115 -44.13 -9.19 -44.39
N ARG B 116 -43.11 -9.51 -43.59
CA ARG B 116 -43.22 -9.50 -42.11
C ARG B 116 -42.47 -8.30 -41.50
N VAL B 117 -41.49 -7.70 -42.19
CA VAL B 117 -40.69 -6.61 -41.58
C VAL B 117 -40.98 -5.28 -42.29
N ALA B 118 -40.63 -5.12 -43.55
CA ALA B 118 -40.75 -3.85 -44.29
C ALA B 118 -42.19 -3.34 -44.22
N SER B 119 -43.16 -4.24 -44.31
CA SER B 119 -44.61 -3.91 -44.33
C SER B 119 -45.05 -3.27 -43.00
N GLU B 120 -44.28 -3.40 -41.92
CA GLU B 120 -44.62 -2.83 -40.60
C GLU B 120 -44.13 -1.38 -40.48
N PHE B 121 -43.35 -0.89 -41.45
CA PHE B 121 -42.75 0.47 -41.41
C PHE B 121 -43.35 1.36 -42.51
N GLY B 122 -44.64 1.20 -42.78
CA GLY B 122 -45.39 2.13 -43.66
C GLY B 122 -45.20 1.81 -45.12
N LEU B 123 -44.63 0.65 -45.46
CA LEU B 123 -44.46 0.22 -46.87
C LEU B 123 -45.56 -0.79 -47.20
N LYS B 124 -46.18 -0.61 -48.35
CA LYS B 124 -47.19 -1.56 -48.87
C LYS B 124 -46.42 -2.49 -49.82
N ILE B 125 -46.50 -3.79 -49.62
CA ILE B 125 -45.84 -4.81 -50.49
C ILE B 125 -46.91 -5.59 -51.26
N SER B 126 -46.78 -5.71 -52.57
CA SER B 126 -47.63 -6.56 -53.43
CA SER B 126 -47.63 -6.56 -53.43
C SER B 126 -46.72 -7.57 -54.12
N PHE B 127 -47.09 -8.84 -54.09
CA PHE B 127 -46.38 -9.92 -54.83
C PHE B 127 -47.10 -10.12 -56.16
N VAL B 128 -46.38 -10.04 -57.27
CA VAL B 128 -46.95 -10.06 -58.64
C VAL B 128 -46.13 -11.01 -59.49
N ASP B 129 -46.77 -11.80 -60.33
CA ASP B 129 -46.07 -12.68 -61.29
C ASP B 129 -45.54 -11.79 -62.43
N CYS B 130 -44.28 -11.31 -62.31
CA CYS B 130 -43.70 -10.36 -63.27
C CYS B 130 -43.19 -11.09 -64.53
N SER B 131 -43.33 -12.42 -64.62
CA SER B 131 -43.14 -13.17 -65.89
C SER B 131 -44.26 -12.78 -66.87
N LYS B 132 -45.34 -12.16 -66.38
CA LYS B 132 -46.46 -11.64 -67.22
C LYS B 132 -46.48 -10.13 -67.10
N THR B 133 -45.97 -9.44 -68.12
CA THR B 133 -45.73 -7.98 -68.05
C THR B 133 -47.06 -7.23 -67.84
N LYS B 134 -48.20 -7.77 -68.30
CA LYS B 134 -49.50 -7.06 -68.10
C LYS B 134 -49.88 -7.05 -66.62
N LEU B 135 -49.48 -8.07 -65.86
CA LEU B 135 -49.77 -8.08 -64.40
C LEU B 135 -48.91 -7.03 -63.68
N LEU B 136 -47.67 -6.82 -64.12
CA LEU B 136 -46.80 -5.77 -63.55
C LEU B 136 -47.42 -4.40 -63.84
N GLU B 137 -47.73 -4.15 -65.10
CA GLU B 137 -48.37 -2.89 -65.60
C GLU B 137 -49.59 -2.57 -64.72
N ALA B 138 -50.46 -3.55 -64.46
CA ALA B 138 -51.72 -3.33 -63.70
C ALA B 138 -51.47 -3.08 -62.21
N ALA B 139 -50.36 -3.55 -61.64
CA ALA B 139 -50.09 -3.42 -60.18
C ALA B 139 -49.47 -2.05 -59.87
N ILE B 140 -48.94 -1.34 -60.86
CA ILE B 140 -48.25 -0.04 -60.59
C ILE B 140 -49.31 1.01 -60.25
N THR B 141 -49.07 1.76 -59.16
CA THR B 141 -49.90 2.90 -58.72
C THR B 141 -49.00 4.12 -58.63
N PRO B 142 -49.55 5.33 -58.44
CA PRO B 142 -48.71 6.51 -58.22
C PRO B 142 -47.81 6.39 -56.99
N GLN B 143 -48.10 5.49 -56.05
CA GLN B 143 -47.30 5.31 -54.82
C GLN B 143 -46.19 4.26 -55.02
N THR B 144 -46.18 3.52 -56.13
CA THR B 144 -45.12 2.53 -56.42
C THR B 144 -43.77 3.25 -56.55
N LYS B 145 -42.77 2.82 -55.79
CA LYS B 145 -41.42 3.43 -55.85
C LYS B 145 -40.33 2.39 -56.14
N LEU B 146 -40.64 1.11 -56.03
CA LEU B 146 -39.63 0.04 -56.18
C LEU B 146 -40.33 -1.19 -56.76
N VAL B 147 -39.71 -1.79 -57.77
CA VAL B 147 -40.08 -3.10 -58.33
C VAL B 147 -38.87 -4.02 -58.15
N TRP B 148 -39.07 -5.13 -57.46
CA TRP B 148 -38.02 -6.09 -57.08
C TRP B 148 -38.24 -7.38 -57.88
N ILE B 149 -37.34 -7.70 -58.80
CA ILE B 149 -37.47 -8.94 -59.61
CA ILE B 149 -37.47 -8.94 -59.62
C ILE B 149 -36.22 -9.82 -59.42
N GLU B 150 -36.43 -11.10 -59.17
CA GLU B 150 -35.42 -12.16 -59.27
C GLU B 150 -35.65 -12.82 -60.61
N THR B 151 -34.60 -13.08 -61.37
CA THR B 151 -34.73 -13.91 -62.58
C THR B 151 -33.39 -14.56 -62.84
N PRO B 152 -33.32 -15.91 -62.94
CA PRO B 152 -34.45 -16.79 -62.68
C PRO B 152 -34.83 -16.84 -61.20
N THR B 153 -36.05 -17.27 -60.87
CA THR B 153 -36.58 -17.23 -59.48
C THR B 153 -36.03 -18.41 -58.67
N ASN B 154 -35.88 -18.17 -57.38
CA ASN B 154 -35.47 -19.21 -56.40
C ASN B 154 -36.75 -19.74 -55.78
N PRO B 155 -37.14 -21.04 -55.93
CA PRO B 155 -36.35 -22.09 -56.55
C PRO B 155 -36.85 -22.73 -57.84
N THR B 156 -37.91 -22.20 -58.48
CA THR B 156 -38.52 -22.86 -59.67
C THR B 156 -37.98 -22.30 -60.98
N LEU B 157 -37.05 -21.34 -60.95
CA LEU B 157 -36.29 -20.91 -62.16
C LEU B 157 -37.23 -20.37 -63.25
N LYS B 158 -38.25 -19.62 -62.83
CA LYS B 158 -39.10 -18.79 -63.71
C LYS B 158 -38.31 -17.53 -64.09
N LEU B 159 -38.44 -17.08 -65.33
CA LEU B 159 -37.72 -15.88 -65.82
C LEU B 159 -38.68 -14.69 -65.89
N ALA B 160 -38.14 -13.49 -65.78
CA ALA B 160 -38.80 -12.23 -66.15
C ALA B 160 -38.00 -11.62 -67.28
N ASP B 161 -38.69 -10.96 -68.21
CA ASP B 161 -38.08 -10.22 -69.33
C ASP B 161 -37.64 -8.88 -68.76
N ILE B 162 -36.34 -8.73 -68.47
CA ILE B 162 -35.85 -7.53 -67.75
C ILE B 162 -36.09 -6.28 -68.60
N LYS B 163 -35.72 -6.30 -69.87
CA LYS B 163 -35.89 -5.13 -70.76
C LYS B 163 -37.38 -4.74 -70.85
N ALA B 164 -38.28 -5.70 -70.99
CA ALA B 164 -39.74 -5.45 -71.07
C ALA B 164 -40.23 -4.87 -69.73
N CYS B 165 -39.80 -5.40 -68.59
CA CYS B 165 -40.19 -4.85 -67.26
C CYS B 165 -39.62 -3.44 -67.10
N ALA B 166 -38.39 -3.19 -67.53
CA ALA B 166 -37.76 -1.85 -67.42
C ALA B 166 -38.58 -0.83 -68.22
N GLN B 167 -39.00 -1.19 -69.44
CA GLN B 167 -39.80 -0.28 -70.31
C GLN B 167 -41.10 0.07 -69.61
N ILE B 168 -41.77 -0.90 -69.00
CA ILE B 168 -43.04 -0.66 -68.27
C ILE B 168 -42.77 0.27 -67.09
N VAL B 169 -41.78 0.00 -66.25
CA VAL B 169 -41.66 0.80 -64.99
C VAL B 169 -41.14 2.20 -65.34
N HIS B 170 -40.32 2.36 -66.37
CA HIS B 170 -39.72 3.68 -66.70
C HIS B 170 -40.71 4.56 -67.48
N LYS B 171 -41.91 4.09 -67.85
CA LYS B 171 -43.00 4.96 -68.35
C LYS B 171 -43.52 5.83 -67.20
N HIS B 172 -43.34 5.39 -65.95
CA HIS B 172 -43.82 6.13 -64.75
C HIS B 172 -42.66 6.95 -64.19
N LYS B 173 -42.97 7.92 -63.35
CA LYS B 173 -41.94 8.80 -62.73
C LYS B 173 -41.38 8.06 -61.50
N ASP B 174 -40.07 7.98 -61.37
CA ASP B 174 -39.43 7.75 -60.05
C ASP B 174 -39.73 6.33 -59.54
N ILE B 175 -39.73 5.31 -60.40
CA ILE B 175 -39.78 3.89 -59.94
C ILE B 175 -38.40 3.29 -60.17
N ILE B 176 -37.83 2.71 -59.13
CA ILE B 176 -36.54 1.98 -59.19
C ILE B 176 -36.85 0.52 -59.54
N LEU B 177 -36.23 0.00 -60.60
CA LEU B 177 -36.26 -1.45 -60.89
C LEU B 177 -34.96 -2.09 -60.36
N VAL B 178 -35.12 -3.03 -59.44
CA VAL B 178 -34.02 -3.87 -58.89
C VAL B 178 -34.11 -5.24 -59.53
N VAL B 179 -33.02 -5.74 -60.06
CA VAL B 179 -32.92 -7.16 -60.47
C VAL B 179 -31.94 -7.84 -59.51
N ASP B 180 -32.42 -8.88 -58.84
CA ASP B 180 -31.58 -9.81 -58.05
C ASP B 180 -30.99 -10.84 -59.02
N ASN B 181 -29.70 -10.70 -59.29
CA ASN B 181 -28.92 -11.43 -60.29
C ASN B 181 -28.18 -12.63 -59.66
N THR B 182 -28.53 -13.03 -58.45
CA THR B 182 -27.82 -14.08 -57.68
C THR B 182 -27.71 -15.37 -58.50
N PHE B 183 -28.80 -15.84 -59.10
CA PHE B 183 -28.83 -17.18 -59.74
C PHE B 183 -28.03 -17.20 -61.03
N MET B 184 -27.83 -16.08 -61.73
CA MET B 184 -27.10 -16.08 -63.05
C MET B 184 -25.61 -15.77 -62.87
N SER B 185 -25.27 -14.91 -61.92
CA SER B 185 -23.95 -14.25 -61.76
C SER B 185 -23.76 -13.19 -62.85
N ALA B 186 -22.85 -12.26 -62.59
CA ALA B 186 -22.45 -11.18 -63.51
C ALA B 186 -21.92 -11.76 -64.81
N TYR B 187 -21.42 -12.99 -64.80
CA TYR B 187 -20.84 -13.58 -66.03
C TYR B 187 -21.94 -13.91 -67.07
N PHE B 188 -23.14 -14.25 -66.63
CA PHE B 188 -24.18 -14.77 -67.56
C PHE B 188 -25.32 -13.76 -67.78
N GLN B 189 -25.48 -12.77 -66.93
CA GLN B 189 -26.62 -11.82 -67.04
C GLN B 189 -26.14 -10.46 -66.53
N ARG B 190 -26.49 -9.40 -67.26
CA ARG B 190 -26.06 -8.02 -66.91
C ARG B 190 -27.29 -7.12 -66.88
N PRO B 191 -28.07 -7.11 -65.77
CA PRO B 191 -29.31 -6.35 -65.71
C PRO B 191 -29.16 -4.85 -65.95
N LEU B 192 -28.03 -4.23 -65.57
CA LEU B 192 -27.85 -2.77 -65.83
C LEU B 192 -27.81 -2.50 -67.35
N ALA B 193 -27.36 -3.44 -68.18
CA ALA B 193 -27.33 -3.26 -69.64
C ALA B 193 -28.73 -3.54 -70.23
N LEU B 194 -29.69 -4.04 -69.46
CA LEU B 194 -31.06 -4.38 -69.95
C LEU B 194 -32.09 -3.41 -69.39
N GLY B 195 -31.68 -2.38 -68.65
CA GLY B 195 -32.55 -1.30 -68.16
C GLY B 195 -32.82 -1.31 -66.67
N ALA B 196 -32.31 -2.28 -65.90
CA ALA B 196 -32.44 -2.22 -64.43
C ALA B 196 -31.74 -0.95 -63.90
N ASP B 197 -32.25 -0.38 -62.82
CA ASP B 197 -31.61 0.75 -62.09
C ASP B 197 -30.59 0.19 -61.08
N ILE B 198 -30.88 -0.97 -60.50
CA ILE B 198 -30.00 -1.61 -59.47
C ILE B 198 -29.84 -3.08 -59.82
N CYS B 199 -28.60 -3.55 -59.83
CA CYS B 199 -28.23 -4.98 -59.95
C CYS B 199 -27.75 -5.42 -58.57
N MET B 200 -28.51 -6.29 -57.93
CA MET B 200 -28.21 -6.76 -56.56
C MET B 200 -27.86 -8.24 -56.64
N CYS B 201 -26.97 -8.72 -55.80
CA CYS B 201 -26.86 -10.19 -55.63
C CYS B 201 -26.37 -10.57 -54.24
N SER B 202 -26.68 -11.80 -53.88
CA SER B 202 -26.04 -12.51 -52.77
C SER B 202 -24.71 -13.02 -53.33
N ALA B 203 -23.61 -12.35 -52.99
CA ALA B 203 -22.25 -12.76 -53.34
C ALA B 203 -21.90 -14.06 -52.59
N THR B 204 -22.68 -14.42 -51.56
CA THR B 204 -22.60 -15.70 -50.84
C THR B 204 -22.58 -16.86 -51.84
N LYS B 205 -23.22 -16.68 -53.01
CA LYS B 205 -23.42 -17.80 -53.96
C LYS B 205 -22.27 -17.78 -54.98
N TYR B 206 -22.56 -17.60 -56.26
CA TYR B 206 -21.53 -17.78 -57.32
C TYR B 206 -20.41 -16.74 -57.26
N MET B 207 -20.68 -15.48 -56.89
CA MET B 207 -19.66 -14.42 -57.07
C MET B 207 -18.43 -14.79 -56.23
N ASN B 208 -18.64 -15.13 -54.96
CA ASN B 208 -17.53 -15.67 -54.13
C ASN B 208 -17.23 -17.10 -54.56
N GLY B 209 -18.24 -17.96 -54.65
CA GLY B 209 -18.12 -19.29 -55.27
C GLY B 209 -17.50 -20.36 -54.40
N HIS B 210 -17.08 -20.06 -53.16
CA HIS B 210 -16.33 -21.03 -52.32
C HIS B 210 -17.02 -21.32 -50.97
N SER B 211 -18.30 -20.94 -50.84
CA SER B 211 -19.15 -21.30 -49.68
C SER B 211 -18.48 -20.94 -48.35
N ASP B 212 -17.76 -19.82 -48.34
CA ASP B 212 -17.02 -19.40 -47.13
C ASP B 212 -17.16 -17.92 -46.86
N VAL B 213 -18.10 -17.24 -47.52
CA VAL B 213 -18.35 -15.79 -47.33
C VAL B 213 -19.87 -15.58 -47.46
N VAL B 214 -20.43 -14.87 -46.51
CA VAL B 214 -21.80 -14.30 -46.60
C VAL B 214 -21.62 -12.82 -46.95
N MET B 215 -22.23 -12.38 -48.05
CA MET B 215 -22.01 -11.00 -48.54
C MET B 215 -23.10 -10.62 -49.56
N GLY B 216 -23.47 -9.35 -49.59
CA GLY B 216 -24.35 -8.75 -50.60
C GLY B 216 -23.60 -7.72 -51.43
N LEU B 217 -23.96 -7.59 -52.70
CA LEU B 217 -23.39 -6.63 -53.66
C LEU B 217 -24.56 -5.88 -54.27
N VAL B 218 -24.39 -4.58 -54.44
CA VAL B 218 -25.37 -3.70 -55.12
C VAL B 218 -24.59 -2.83 -56.11
N SER B 219 -24.96 -2.88 -57.38
CA SER B 219 -24.30 -2.12 -58.46
C SER B 219 -25.32 -1.18 -59.11
N VAL B 220 -24.91 0.06 -59.37
CA VAL B 220 -25.76 1.12 -59.98
C VAL B 220 -24.93 1.94 -60.96
N ASN B 221 -25.64 2.59 -61.89
CA ASN B 221 -25.05 3.62 -62.78
C ASN B 221 -25.41 5.02 -62.28
N SER B 222 -26.58 5.20 -61.70
CA SER B 222 -27.10 6.52 -61.27
C SER B 222 -26.23 7.11 -60.15
N ASP B 223 -25.78 8.35 -60.32
CA ASP B 223 -25.05 9.10 -59.25
C ASP B 223 -25.99 9.38 -58.09
N ASP B 224 -27.28 9.65 -58.34
CA ASP B 224 -28.31 9.87 -57.29
C ASP B 224 -28.46 8.60 -56.45
N LEU B 225 -28.65 7.43 -57.08
CA LEU B 225 -28.83 6.16 -56.33
C LEU B 225 -27.54 5.85 -55.57
N ASN B 226 -26.38 6.04 -56.20
CA ASN B 226 -25.08 5.82 -55.51
C ASN B 226 -25.03 6.65 -54.24
N GLU B 227 -25.32 7.95 -54.31
CA GLU B 227 -25.24 8.86 -53.14
C GLU B 227 -26.20 8.38 -52.05
N ARG B 228 -27.43 8.02 -52.40
CA ARG B 228 -28.45 7.58 -51.45
C ARG B 228 -28.04 6.24 -50.81
N LEU B 229 -27.51 5.31 -51.60
CA LEU B 229 -27.12 3.98 -51.08
C LEU B 229 -25.85 4.11 -50.24
N ARG B 230 -24.91 4.97 -50.61
CA ARG B 230 -23.64 5.15 -49.86
C ARG B 230 -23.97 5.70 -48.47
N PHE B 231 -24.89 6.66 -48.42
CA PHE B 231 -25.40 7.22 -47.15
C PHE B 231 -25.91 6.09 -46.25
N LEU B 232 -26.68 5.15 -46.82
CA LEU B 232 -27.29 4.04 -46.03
C LEU B 232 -26.25 2.95 -45.70
N GLN B 233 -25.29 2.67 -46.58
CA GLN B 233 -24.21 1.71 -46.25
C GLN B 233 -23.50 2.21 -44.97
N ASN B 234 -23.22 3.51 -44.90
CA ASN B 234 -22.52 4.12 -43.75
C ASN B 234 -23.46 4.22 -42.53
N SER B 235 -24.73 4.57 -42.74
CA SER B 235 -25.65 4.98 -41.64
C SER B 235 -26.38 3.78 -41.02
N LEU B 236 -26.71 2.73 -41.78
CA LEU B 236 -27.26 1.46 -41.23
C LEU B 236 -26.10 0.55 -40.79
N GLY B 237 -24.95 0.65 -41.43
CA GLY B 237 -23.72 -0.05 -41.01
C GLY B 237 -23.78 -1.56 -41.25
N ALA B 238 -24.58 -2.03 -42.22
CA ALA B 238 -24.65 -3.49 -42.49
C ALA B 238 -23.49 -3.84 -43.44
N VAL B 239 -22.25 -3.66 -42.96
CA VAL B 239 -21.03 -3.70 -43.82
C VAL B 239 -20.32 -5.03 -43.66
N PRO B 240 -19.57 -5.46 -44.69
CA PRO B 240 -18.80 -6.71 -44.65
C PRO B 240 -17.45 -6.50 -43.97
N SER B 241 -16.92 -7.56 -43.37
CA SER B 241 -15.52 -7.63 -42.87
C SER B 241 -14.55 -7.45 -44.03
N PRO B 242 -13.43 -6.71 -43.85
CA PRO B 242 -12.39 -6.65 -44.88
C PRO B 242 -11.83 -8.04 -45.25
N PHE B 243 -11.79 -8.94 -44.28
CA PHE B 243 -11.35 -10.34 -44.53
C PHE B 243 -12.31 -11.02 -45.52
N ASP B 244 -13.61 -10.86 -45.32
CA ASP B 244 -14.63 -11.37 -46.27
C ASP B 244 -14.48 -10.69 -47.64
N CYS B 245 -14.19 -9.40 -47.66
CA CYS B 245 -13.98 -8.68 -48.95
C CYS B 245 -12.79 -9.30 -49.68
N TYR B 246 -11.73 -9.64 -48.97
CA TYR B 246 -10.53 -10.27 -49.55
C TYR B 246 -10.93 -11.62 -50.18
N LEU B 247 -11.60 -12.48 -49.43
CA LEU B 247 -11.99 -13.81 -49.93
C LEU B 247 -12.92 -13.70 -51.14
N CYS B 248 -13.84 -12.76 -51.12
CA CYS B 248 -14.75 -12.55 -52.28
CA CYS B 248 -14.75 -12.55 -52.28
C CYS B 248 -13.95 -12.06 -53.49
N CYS B 249 -13.03 -11.12 -53.29
CA CYS B 249 -12.11 -10.66 -54.36
C CYS B 249 -11.33 -11.88 -54.91
N ARG B 250 -10.82 -12.73 -54.03
CA ARG B 250 -10.08 -13.93 -54.47
C ARG B 250 -11.00 -14.84 -55.32
N GLY B 251 -12.25 -15.01 -54.91
CA GLY B 251 -13.25 -15.79 -55.66
C GLY B 251 -13.50 -15.22 -57.05
N LEU B 252 -13.58 -13.91 -57.21
CA LEU B 252 -13.85 -13.26 -58.51
C LEU B 252 -12.78 -13.62 -59.54
N LYS B 253 -11.54 -13.92 -59.12
CA LYS B 253 -10.42 -14.15 -60.04
C LYS B 253 -10.71 -15.39 -60.88
N THR B 254 -11.51 -16.34 -60.39
CA THR B 254 -11.88 -17.59 -61.10
C THR B 254 -13.34 -17.58 -61.59
N LEU B 255 -14.06 -16.47 -61.45
CA LEU B 255 -15.51 -16.44 -61.74
C LEU B 255 -15.78 -16.92 -63.19
N GLN B 256 -15.08 -16.39 -64.18
CA GLN B 256 -15.34 -16.78 -65.57
C GLN B 256 -15.19 -18.31 -65.75
N ILE B 257 -14.09 -18.89 -65.30
CA ILE B 257 -13.86 -20.34 -65.55
C ILE B 257 -14.78 -21.19 -64.68
N ARG B 258 -15.14 -20.74 -63.47
CA ARG B 258 -16.10 -21.48 -62.63
C ARG B 258 -17.45 -21.51 -63.34
N MET B 259 -17.94 -20.36 -63.78
CA MET B 259 -19.29 -20.26 -64.37
C MET B 259 -19.36 -21.11 -65.64
N GLU B 260 -18.31 -21.15 -66.47
CA GLU B 260 -18.29 -21.99 -67.69
C GLU B 260 -18.43 -23.46 -67.30
N LYS B 261 -17.76 -23.90 -66.24
CA LYS B 261 -17.85 -25.29 -65.77
C LYS B 261 -19.22 -25.56 -65.14
N HIS B 262 -19.80 -24.63 -64.38
CA HIS B 262 -21.16 -24.81 -63.83
C HIS B 262 -22.15 -25.01 -64.99
N PHE B 263 -21.99 -24.27 -66.08
CA PHE B 263 -22.85 -24.38 -67.29
C PHE B 263 -22.68 -25.78 -67.91
N ARG B 264 -21.46 -26.24 -68.14
CA ARG B 264 -21.23 -27.58 -68.72
C ARG B 264 -21.84 -28.66 -67.82
N ASN B 265 -21.57 -28.62 -66.52
CA ASN B 265 -22.09 -29.62 -65.57
C ASN B 265 -23.61 -29.51 -65.42
N GLY B 266 -24.14 -28.29 -65.30
CA GLY B 266 -25.57 -28.03 -65.13
C GLY B 266 -26.36 -28.57 -66.33
N MET B 267 -25.88 -28.31 -67.54
CA MET B 267 -26.56 -28.77 -68.78
C MET B 267 -26.53 -30.30 -68.80
N ALA B 268 -25.41 -30.93 -68.44
CA ALA B 268 -25.30 -32.41 -68.44
C ALA B 268 -26.28 -33.03 -67.42
N VAL B 269 -26.39 -32.44 -66.22
CA VAL B 269 -27.31 -32.91 -65.17
C VAL B 269 -28.76 -32.75 -65.67
N ALA B 270 -29.09 -31.59 -66.23
CA ALA B 270 -30.47 -31.32 -66.69
C ALA B 270 -30.87 -32.33 -67.78
N ARG B 271 -29.99 -32.61 -68.75
CA ARG B 271 -30.26 -33.59 -69.84
C ARG B 271 -30.44 -34.99 -69.24
N PHE B 272 -29.61 -35.35 -68.28
CA PHE B 272 -29.67 -36.66 -67.61
C PHE B 272 -31.03 -36.81 -66.90
N LEU B 273 -31.47 -35.80 -66.15
CA LEU B 273 -32.74 -35.87 -65.39
C LEU B 273 -33.92 -35.90 -66.38
N GLU B 274 -33.83 -35.16 -67.48
CA GLU B 274 -34.94 -35.07 -68.45
C GLU B 274 -35.20 -36.43 -69.10
N SER B 275 -34.20 -37.30 -69.22
CA SER B 275 -34.38 -38.64 -69.83
C SER B 275 -34.54 -39.74 -68.78
N ASN B 276 -34.57 -39.42 -67.49
CA ASN B 276 -34.67 -40.43 -66.41
C ASN B 276 -36.14 -40.66 -66.07
N PRO B 277 -36.65 -41.92 -66.13
CA PRO B 277 -38.07 -42.19 -65.87
C PRO B 277 -38.51 -42.02 -64.39
N ARG B 278 -37.58 -41.76 -63.47
CA ARG B 278 -37.89 -41.53 -62.04
C ARG B 278 -38.12 -40.04 -61.76
N VAL B 279 -38.03 -39.20 -62.79
CA VAL B 279 -38.18 -37.74 -62.70
C VAL B 279 -39.47 -37.34 -63.39
N GLU B 280 -40.34 -36.61 -62.70
CA GLU B 280 -41.64 -36.13 -63.23
C GLU B 280 -41.39 -34.98 -64.20
N LYS B 281 -40.53 -34.01 -63.85
CA LYS B 281 -40.32 -32.80 -64.67
C LYS B 281 -38.99 -32.14 -64.24
N VAL B 282 -38.18 -31.73 -65.20
CA VAL B 282 -36.91 -30.99 -64.97
CA VAL B 282 -36.90 -30.99 -64.96
C VAL B 282 -37.12 -29.53 -65.35
N ILE B 283 -36.51 -28.62 -64.59
CA ILE B 283 -36.53 -27.18 -64.92
C ILE B 283 -35.07 -26.73 -65.03
N TYR B 284 -34.66 -26.30 -66.21
CA TYR B 284 -33.33 -25.71 -66.46
C TYR B 284 -33.48 -24.74 -67.62
N PRO B 285 -33.20 -23.43 -67.43
CA PRO B 285 -33.37 -22.45 -68.51
C PRO B 285 -32.59 -22.79 -69.80
N GLY B 286 -31.51 -23.56 -69.70
CA GLY B 286 -30.70 -23.97 -70.86
C GLY B 286 -31.32 -25.10 -71.66
N LEU B 287 -32.35 -25.79 -71.15
CA LEU B 287 -33.02 -26.87 -71.91
C LEU B 287 -34.08 -26.24 -72.82
N PRO B 288 -34.21 -26.68 -74.09
CA PRO B 288 -35.35 -26.32 -74.93
C PRO B 288 -36.72 -26.55 -74.29
N SER B 289 -36.86 -27.51 -73.39
CA SER B 289 -38.13 -27.81 -72.71
C SER B 289 -38.53 -26.72 -71.73
N HIS B 290 -37.59 -25.88 -71.26
CA HIS B 290 -37.98 -24.80 -70.32
C HIS B 290 -38.96 -23.88 -71.05
N PRO B 291 -40.10 -23.52 -70.46
CA PRO B 291 -41.08 -22.66 -71.12
C PRO B 291 -40.52 -21.29 -71.56
N GLN B 292 -39.45 -20.80 -70.94
CA GLN B 292 -38.89 -19.48 -71.29
C GLN B 292 -37.47 -19.64 -71.81
N HIS B 293 -37.16 -20.77 -72.46
CA HIS B 293 -35.84 -21.02 -73.04
C HIS B 293 -35.49 -19.92 -74.05
N GLU B 294 -36.44 -19.48 -74.87
CA GLU B 294 -36.14 -18.47 -75.92
C GLU B 294 -35.80 -17.13 -75.25
N LEU B 295 -36.52 -16.74 -74.20
CA LEU B 295 -36.21 -15.51 -73.43
C LEU B 295 -34.81 -15.63 -72.82
N ALA B 296 -34.46 -16.78 -72.24
CA ALA B 296 -33.13 -16.99 -71.62
C ALA B 296 -32.05 -16.69 -72.65
N LYS B 297 -32.20 -17.16 -73.90
CA LYS B 297 -31.19 -16.93 -74.97
C LYS B 297 -31.13 -15.46 -75.36
N ARG B 298 -32.22 -14.71 -75.23
CA ARG B 298 -32.28 -13.27 -75.62
C ARG B 298 -31.65 -12.39 -74.53
N GLN B 299 -31.60 -12.82 -73.25
CA GLN B 299 -31.18 -11.88 -72.18
C GLN B 299 -29.97 -12.38 -71.37
N CYS B 300 -29.43 -13.55 -71.66
CA CYS B 300 -28.30 -14.18 -70.94
C CYS B 300 -27.25 -14.66 -71.93
N THR B 301 -26.01 -14.80 -71.46
CA THR B 301 -24.87 -15.30 -72.24
C THR B 301 -24.63 -16.78 -71.93
N GLY B 302 -25.47 -17.38 -71.11
CA GLY B 302 -25.36 -18.80 -70.77
C GLY B 302 -26.25 -19.09 -69.58
N CYS B 303 -26.03 -20.21 -68.93
CA CYS B 303 -26.87 -20.68 -67.81
CA CYS B 303 -26.88 -20.69 -67.81
C CYS B 303 -25.95 -21.30 -66.76
N PRO B 304 -26.19 -21.10 -65.46
CA PRO B 304 -25.31 -21.68 -64.44
C PRO B 304 -25.70 -23.12 -64.04
N GLY B 305 -25.38 -23.51 -62.82
CA GLY B 305 -25.52 -24.91 -62.36
C GLY B 305 -26.80 -25.14 -61.58
N MET B 306 -27.77 -24.21 -61.59
CA MET B 306 -29.00 -24.41 -60.79
C MET B 306 -29.99 -25.23 -61.64
N VAL B 307 -30.32 -26.41 -61.17
CA VAL B 307 -31.27 -27.34 -61.85
C VAL B 307 -32.32 -27.74 -60.83
N SER B 308 -33.59 -27.53 -61.12
CA SER B 308 -34.67 -27.98 -60.23
C SER B 308 -35.44 -29.11 -60.89
N PHE B 309 -35.94 -30.06 -60.12
CA PHE B 309 -36.76 -31.14 -60.68
C PHE B 309 -37.77 -31.61 -59.66
N TYR B 310 -38.87 -32.15 -60.18
CA TYR B 310 -39.93 -32.84 -59.40
C TYR B 310 -39.64 -34.33 -59.52
N ILE B 311 -39.38 -34.99 -58.42
CA ILE B 311 -39.20 -36.46 -58.40
C ILE B 311 -40.60 -37.09 -58.54
N LYS B 312 -40.68 -38.24 -59.19
CA LYS B 312 -41.94 -39.03 -59.20
C LYS B 312 -42.29 -39.46 -57.79
N GLY B 313 -43.58 -39.48 -57.47
CA GLY B 313 -44.08 -40.03 -56.21
C GLY B 313 -44.38 -38.93 -55.22
N THR B 314 -43.89 -39.07 -54.01
CA THR B 314 -44.32 -38.26 -52.84
C THR B 314 -43.07 -37.77 -52.09
N LEU B 315 -43.29 -37.03 -51.02
CA LEU B 315 -42.24 -36.56 -50.10
C LEU B 315 -41.35 -37.73 -49.70
N GLN B 316 -41.91 -38.93 -49.48
CA GLN B 316 -41.10 -40.10 -49.05
C GLN B 316 -40.00 -40.38 -50.09
N HIS B 317 -40.33 -40.32 -51.36
CA HIS B 317 -39.33 -40.59 -52.45
C HIS B 317 -38.28 -39.47 -52.47
N ALA B 318 -38.69 -38.21 -52.32
CA ALA B 318 -37.77 -37.06 -52.23
C ALA B 318 -36.81 -37.29 -51.05
N GLN B 319 -37.32 -37.70 -49.88
CA GLN B 319 -36.47 -37.95 -48.70
C GLN B 319 -35.48 -39.08 -48.97
N VAL B 320 -35.91 -40.15 -49.61
CA VAL B 320 -35.00 -41.30 -49.87
C VAL B 320 -33.91 -40.85 -50.87
N PHE B 321 -34.28 -40.11 -51.91
CA PHE B 321 -33.28 -39.54 -52.87
C PHE B 321 -32.24 -38.73 -52.07
N LEU B 322 -32.69 -37.81 -51.22
CA LEU B 322 -31.80 -36.86 -50.50
C LEU B 322 -30.96 -37.59 -49.45
N LYS B 323 -31.39 -38.75 -48.97
CA LYS B 323 -30.61 -39.59 -48.00
C LYS B 323 -29.56 -40.44 -48.75
N ASN B 324 -29.73 -40.71 -50.04
CA ASN B 324 -28.85 -41.65 -50.78
C ASN B 324 -27.81 -40.94 -51.64
N ILE B 325 -27.96 -39.64 -51.91
CA ILE B 325 -26.91 -38.85 -52.63
C ILE B 325 -25.62 -38.95 -51.81
N LYS B 326 -24.47 -39.18 -52.45
CA LYS B 326 -23.17 -39.38 -51.77
C LYS B 326 -22.14 -38.35 -52.25
N LEU B 327 -22.42 -37.63 -53.34
CA LEU B 327 -21.52 -36.58 -53.87
C LEU B 327 -22.22 -35.23 -53.66
N PHE B 328 -23.44 -35.08 -54.17
CA PHE B 328 -24.35 -34.00 -53.75
C PHE B 328 -24.53 -34.13 -52.24
N ALA B 329 -24.54 -33.02 -51.51
CA ALA B 329 -24.76 -32.94 -50.06
C ALA B 329 -26.12 -32.29 -49.81
N LEU B 330 -26.91 -32.86 -48.90
CA LEU B 330 -28.16 -32.24 -48.43
C LEU B 330 -27.79 -31.05 -47.54
N ALA B 331 -28.02 -29.85 -48.03
CA ALA B 331 -27.57 -28.62 -47.38
C ALA B 331 -28.22 -27.44 -48.08
N GLU B 332 -28.39 -26.36 -47.35
CA GLU B 332 -28.81 -25.10 -47.95
C GLU B 332 -27.63 -24.48 -48.74
N SER B 333 -27.94 -23.41 -49.44
CA SER B 333 -27.06 -22.56 -50.26
C SER B 333 -26.83 -23.20 -51.64
N LEU B 334 -26.06 -22.46 -52.43
CA LEU B 334 -25.87 -22.74 -53.86
C LEU B 334 -24.67 -21.93 -54.34
N GLY B 335 -24.20 -22.26 -55.53
CA GLY B 335 -23.20 -21.43 -56.23
C GLY B 335 -21.79 -21.72 -55.74
N GLY B 336 -21.62 -22.78 -54.96
CA GLY B 336 -20.30 -23.21 -54.51
C GLY B 336 -19.69 -24.21 -55.47
N TYR B 337 -18.41 -24.53 -55.27
CA TYR B 337 -17.68 -25.53 -56.07
C TYR B 337 -18.24 -26.93 -55.77
N GLU B 338 -18.86 -27.13 -54.62
CA GLU B 338 -19.37 -28.45 -54.16
C GLU B 338 -20.87 -28.54 -54.54
N SER B 339 -21.28 -29.69 -55.01
CA SER B 339 -22.69 -29.94 -55.44
C SER B 339 -23.58 -30.06 -54.19
N LEU B 340 -24.70 -29.36 -54.18
CA LEU B 340 -25.67 -29.30 -53.07
C LEU B 340 -27.07 -29.65 -53.58
N ALA B 341 -27.91 -30.16 -52.68
CA ALA B 341 -29.32 -30.45 -52.95
C ALA B 341 -30.16 -30.04 -51.76
N GLU B 342 -31.36 -29.52 -52.02
CA GLU B 342 -32.29 -29.21 -50.92
C GLU B 342 -33.74 -29.45 -51.37
N LEU B 343 -34.62 -29.46 -50.40
CA LEU B 343 -36.09 -29.60 -50.55
C LEU B 343 -36.71 -28.28 -50.11
N PRO B 344 -36.90 -27.31 -51.03
CA PRO B 344 -37.30 -25.95 -50.66
C PRO B 344 -38.55 -25.85 -49.77
N ALA B 345 -39.53 -26.71 -49.97
CA ALA B 345 -40.81 -26.63 -49.21
C ALA B 345 -40.56 -26.78 -47.70
N ILE B 346 -39.53 -27.54 -47.33
CA ILE B 346 -39.21 -27.90 -45.93
C ILE B 346 -37.99 -27.12 -45.44
N MET B 347 -37.19 -26.53 -46.34
CA MET B 347 -35.89 -25.90 -45.99
C MET B 347 -35.95 -24.41 -46.33
N THR B 348 -35.44 -23.95 -47.46
CA THR B 348 -35.31 -22.50 -47.76
C THR B 348 -36.65 -21.78 -47.79
N HIS B 349 -37.76 -22.44 -48.15
CA HIS B 349 -39.06 -21.78 -48.37
C HIS B 349 -40.08 -22.22 -47.32
N ALA B 350 -39.63 -22.80 -46.21
CA ALA B 350 -40.50 -23.24 -45.11
C ALA B 350 -41.26 -22.03 -44.53
N SER B 351 -40.68 -20.82 -44.55
CA SER B 351 -41.32 -19.61 -43.96
C SER B 351 -42.44 -19.09 -44.89
N VAL B 352 -42.44 -19.47 -46.17
CA VAL B 352 -43.52 -19.05 -47.11
C VAL B 352 -44.80 -19.81 -46.74
N PRO B 353 -45.95 -19.14 -46.56
CA PRO B 353 -47.19 -19.85 -46.21
C PRO B 353 -47.48 -21.01 -47.18
N GLU B 354 -47.99 -22.12 -46.64
CA GLU B 354 -48.23 -23.38 -47.36
C GLU B 354 -49.09 -23.10 -48.60
N LYS B 355 -50.09 -22.23 -48.51
CA LYS B 355 -51.00 -21.95 -49.66
C LYS B 355 -50.27 -21.18 -50.75
N ASP B 356 -49.34 -20.31 -50.37
CA ASP B 356 -48.48 -19.56 -51.34
C ASP B 356 -47.52 -20.56 -52.01
N ARG B 357 -46.91 -21.48 -51.26
CA ARG B 357 -46.04 -22.53 -51.85
C ARG B 357 -46.82 -23.31 -52.91
N ALA B 358 -48.05 -23.68 -52.61
CA ALA B 358 -48.91 -24.45 -53.54
C ALA B 358 -49.11 -23.65 -54.83
N THR B 359 -49.52 -22.38 -54.74
CA THR B 359 -49.71 -21.51 -55.93
C THR B 359 -48.42 -21.45 -56.75
N LEU B 360 -47.25 -21.39 -56.10
CA LEU B 360 -45.96 -21.15 -56.81
C LEU B 360 -45.38 -22.46 -57.37
N GLY B 361 -45.91 -23.62 -57.01
CA GLY B 361 -45.35 -24.92 -57.46
C GLY B 361 -44.22 -25.41 -56.55
N ILE B 362 -44.09 -24.86 -55.35
CA ILE B 362 -43.04 -25.27 -54.37
C ILE B 362 -43.64 -26.41 -53.53
N SER B 363 -43.73 -27.58 -54.17
CA SER B 363 -44.39 -28.79 -53.66
C SER B 363 -43.38 -29.62 -52.87
N ASP B 364 -43.88 -30.65 -52.20
CA ASP B 364 -43.07 -31.57 -51.37
C ASP B 364 -42.20 -32.48 -52.25
N THR B 365 -42.36 -32.46 -53.59
CA THR B 365 -41.51 -33.29 -54.48
C THR B 365 -40.53 -32.43 -55.29
N LEU B 366 -40.50 -31.10 -55.06
CA LEU B 366 -39.56 -30.20 -55.76
CA LEU B 366 -39.56 -30.20 -55.76
C LEU B 366 -38.19 -30.27 -55.08
N ILE B 367 -37.18 -30.68 -55.82
CA ILE B 367 -35.77 -30.72 -55.36
C ILE B 367 -35.00 -29.65 -56.13
N ARG B 368 -34.24 -28.82 -55.42
CA ARG B 368 -33.36 -27.82 -56.04
C ARG B 368 -31.93 -28.36 -55.94
N LEU B 369 -31.25 -28.46 -57.08
CA LEU B 369 -29.82 -28.83 -57.14
C LEU B 369 -28.99 -27.60 -57.46
N SER B 370 -27.84 -27.49 -56.81
CA SER B 370 -26.75 -26.57 -57.17
C SER B 370 -25.61 -27.46 -57.66
N VAL B 371 -25.42 -27.52 -58.96
CA VAL B 371 -24.40 -28.40 -59.55
C VAL B 371 -23.05 -27.66 -59.45
N GLY B 372 -22.09 -28.32 -58.83
CA GLY B 372 -20.73 -27.82 -58.57
C GLY B 372 -19.76 -28.13 -59.70
N LEU B 373 -18.49 -28.21 -59.38
CA LEU B 373 -17.37 -28.25 -60.35
C LEU B 373 -16.77 -29.65 -60.40
N GLU B 374 -17.43 -30.66 -59.84
CA GLU B 374 -16.92 -32.06 -59.88
C GLU B 374 -16.93 -32.58 -61.33
N ASP B 375 -16.34 -33.74 -61.54
CA ASP B 375 -16.38 -34.45 -62.84
C ASP B 375 -17.82 -34.86 -63.18
N GLU B 376 -18.23 -34.53 -64.39
CA GLU B 376 -19.60 -34.76 -64.92
C GLU B 376 -20.04 -36.20 -64.67
N LYS B 377 -19.21 -37.18 -65.02
CA LYS B 377 -19.57 -38.61 -64.90
C LYS B 377 -19.90 -38.97 -63.44
N ASP B 378 -19.12 -38.45 -62.47
CA ASP B 378 -19.33 -38.71 -61.03
C ASP B 378 -20.67 -38.12 -60.60
N LEU B 379 -21.04 -36.95 -61.11
CA LEU B 379 -22.32 -36.30 -60.74
C LEU B 379 -23.49 -37.12 -61.28
N LEU B 380 -23.41 -37.59 -62.53
CA LEU B 380 -24.52 -38.34 -63.17
C LEU B 380 -24.69 -39.70 -62.51
N GLU B 381 -23.59 -40.37 -62.15
CA GLU B 381 -23.65 -41.66 -61.42
C GLU B 381 -24.28 -41.45 -60.05
N ASP B 382 -23.98 -40.35 -59.35
CA ASP B 382 -24.53 -40.09 -57.99
C ASP B 382 -26.04 -39.88 -58.11
N LEU B 383 -26.50 -39.06 -59.05
CA LEU B 383 -27.95 -38.81 -59.23
C LEU B 383 -28.65 -40.10 -59.62
N GLY B 384 -28.07 -40.87 -60.53
CA GLY B 384 -28.63 -42.14 -61.01
C GLY B 384 -28.87 -43.12 -59.88
N GLN B 385 -27.86 -43.37 -59.04
CA GLN B 385 -27.96 -44.36 -57.96
C GLN B 385 -28.94 -43.83 -56.89
N ALA B 386 -28.98 -42.53 -56.63
CA ALA B 386 -29.91 -41.98 -55.61
C ALA B 386 -31.36 -42.08 -56.10
N LEU B 387 -31.62 -41.79 -57.36
CA LEU B 387 -32.97 -41.93 -57.96
C LEU B 387 -33.39 -43.41 -57.92
N LYS B 388 -32.48 -44.33 -58.21
CA LYS B 388 -32.76 -45.78 -58.16
C LYS B 388 -33.07 -46.21 -56.72
N ALA B 389 -32.42 -45.66 -55.70
CA ALA B 389 -32.74 -45.94 -54.29
C ALA B 389 -34.17 -45.49 -54.00
N ALA B 390 -34.62 -44.37 -54.57
CA ALA B 390 -35.98 -43.82 -54.34
C ALA B 390 -37.04 -44.65 -55.09
N HIS B 391 -36.73 -45.09 -56.31
CA HIS B 391 -37.64 -45.86 -57.21
C HIS B 391 -36.89 -47.05 -57.79
N PRO B 392 -36.79 -48.16 -57.03
CA PRO B 392 -36.04 -49.34 -57.48
C PRO B 392 -36.49 -49.83 -58.86
N GLY C 3 -13.61 4.28 -4.56
CA GLY C 3 -15.01 4.21 -4.01
C GLY C 3 -16.03 3.74 -5.03
N PHE C 4 -15.60 3.11 -6.14
CA PHE C 4 -16.54 2.53 -7.14
C PHE C 4 -17.17 1.26 -6.60
N LEU C 5 -18.23 0.78 -7.24
CA LEU C 5 -18.84 -0.55 -6.94
C LEU C 5 -17.72 -1.60 -6.95
N PRO C 6 -17.84 -2.67 -6.14
CA PRO C 6 -16.82 -3.73 -6.17
C PRO C 6 -16.77 -4.45 -7.54
N SER C 7 -15.57 -4.81 -7.97
CA SER C 7 -15.28 -5.48 -9.28
C SER C 7 -16.11 -6.76 -9.44
N PHE C 8 -16.53 -7.09 -10.65
CA PHE C 8 -17.12 -8.42 -10.98
C PHE C 8 -16.02 -9.46 -10.69
N GLN C 9 -16.34 -10.52 -9.94
CA GLN C 9 -15.29 -11.37 -9.27
C GLN C 9 -14.86 -12.60 -10.11
N HIS C 10 -15.72 -13.09 -11.02
CA HIS C 10 -15.42 -14.25 -11.91
C HIS C 10 -15.34 -13.82 -13.38
N PHE C 11 -15.18 -12.52 -13.62
CA PHE C 11 -15.25 -11.95 -14.98
C PHE C 11 -14.15 -12.58 -15.85
N ALA C 12 -12.91 -12.62 -15.38
CA ALA C 12 -11.78 -13.10 -16.19
C ALA C 12 -11.96 -14.59 -16.49
N THR C 13 -12.41 -15.38 -15.49
CA THR C 13 -12.67 -16.81 -15.69
C THR C 13 -13.74 -16.99 -16.76
N GLN C 14 -14.84 -16.25 -16.66
CA GLN C 14 -15.95 -16.35 -17.64
C GLN C 14 -15.50 -15.92 -19.04
N ALA C 15 -14.71 -14.85 -19.15
CA ALA C 15 -14.27 -14.31 -20.44
C ALA C 15 -13.42 -15.36 -21.15
N ILE C 16 -12.75 -16.22 -20.39
CA ILE C 16 -11.82 -17.24 -20.98
C ILE C 16 -12.57 -18.54 -21.23
N HIS C 17 -13.55 -18.94 -20.42
CA HIS C 17 -14.07 -20.32 -20.41
C HIS C 17 -15.52 -20.43 -20.91
N VAL C 18 -16.37 -19.41 -20.73
CA VAL C 18 -17.81 -19.64 -21.02
C VAL C 18 -17.97 -19.85 -22.53
N GLY C 19 -18.62 -20.96 -22.89
CA GLY C 19 -18.87 -21.32 -24.30
C GLY C 19 -17.64 -21.90 -25.00
N GLN C 20 -16.50 -22.05 -24.32
CA GLN C 20 -15.21 -22.42 -24.95
C GLN C 20 -14.77 -23.85 -24.58
N GLU C 21 -15.69 -24.69 -24.12
CA GLU C 21 -15.42 -26.12 -23.77
C GLU C 21 -14.77 -26.82 -24.96
N PRO C 22 -13.57 -27.39 -24.80
CA PRO C 22 -12.96 -28.17 -25.89
C PRO C 22 -13.78 -29.36 -26.37
N GLU C 23 -14.61 -29.91 -25.48
CA GLU C 23 -15.44 -31.12 -25.76
C GLU C 23 -16.41 -30.86 -26.93
N GLN C 24 -16.74 -29.62 -27.24
CA GLN C 24 -17.70 -29.36 -28.33
C GLN C 24 -17.06 -29.55 -29.72
N TRP C 25 -15.74 -29.59 -29.82
CA TRP C 25 -15.02 -29.71 -31.11
C TRP C 25 -14.56 -31.15 -31.28
N SER C 26 -14.66 -31.72 -32.48
CA SER C 26 -14.14 -33.07 -32.80
C SER C 26 -12.67 -33.20 -32.39
N SER C 27 -11.90 -32.17 -32.63
CA SER C 27 -10.43 -32.12 -32.38
C SER C 27 -10.10 -31.94 -30.89
N ARG C 28 -11.06 -31.49 -30.07
CA ARG C 28 -10.83 -31.04 -28.67
C ARG C 28 -9.87 -29.85 -28.61
N ALA C 29 -9.84 -29.02 -29.67
CA ALA C 29 -9.06 -27.77 -29.72
C ALA C 29 -9.37 -26.95 -28.44
N VAL C 30 -8.34 -26.37 -27.82
CA VAL C 30 -8.53 -25.53 -26.61
CA VAL C 30 -8.53 -25.53 -26.61
C VAL C 30 -8.95 -24.11 -27.02
N VAL C 31 -8.80 -23.77 -28.29
CA VAL C 31 -9.22 -22.47 -28.86
C VAL C 31 -10.29 -22.71 -29.92
N LEU C 32 -11.34 -21.90 -29.94
CA LEU C 32 -12.45 -22.09 -30.91
C LEU C 32 -11.93 -21.98 -32.35
N PRO C 33 -12.36 -22.90 -33.21
CA PRO C 33 -12.06 -22.82 -34.64
C PRO C 33 -12.81 -21.68 -35.31
N ILE C 34 -12.24 -21.19 -36.39
CA ILE C 34 -12.90 -20.25 -37.31
C ILE C 34 -13.62 -21.09 -38.37
N SER C 35 -14.93 -21.16 -38.29
CA SER C 35 -15.71 -21.92 -39.27
C SER C 35 -16.31 -20.93 -40.26
N LEU C 36 -15.78 -20.90 -41.48
CA LEU C 36 -16.25 -19.97 -42.53
C LEU C 36 -17.44 -20.57 -43.30
N ALA C 37 -17.69 -21.87 -43.21
CA ALA C 37 -18.71 -22.56 -44.04
C ALA C 37 -20.01 -21.77 -44.02
N THR C 38 -20.59 -21.53 -45.19
CA THR C 38 -21.92 -20.86 -45.30
C THR C 38 -23.02 -21.87 -44.99
N THR C 39 -22.75 -23.16 -45.16
CA THR C 39 -23.77 -24.21 -45.03
C THR C 39 -23.22 -25.47 -44.39
N PHE C 40 -24.13 -26.33 -43.99
CA PHE C 40 -23.89 -27.47 -43.09
C PHE C 40 -24.76 -28.64 -43.59
N LYS C 41 -24.17 -29.82 -43.69
CA LYS C 41 -24.87 -31.03 -44.16
C LYS C 41 -25.93 -31.45 -43.14
N GLN C 42 -27.17 -31.64 -43.60
CA GLN C 42 -28.31 -32.07 -42.76
C GLN C 42 -28.46 -33.60 -42.86
N ASP C 43 -28.87 -34.24 -41.77
CA ASP C 43 -29.20 -35.70 -41.73
C ASP C 43 -30.52 -35.96 -42.44
N SER C 44 -31.45 -35.01 -42.41
CA SER C 44 -32.70 -35.11 -43.19
C SER C 44 -33.26 -33.71 -43.37
N PRO C 45 -34.13 -33.51 -44.37
CA PRO C 45 -34.55 -32.15 -44.73
C PRO C 45 -35.23 -31.46 -43.55
N GLY C 46 -34.79 -30.24 -43.24
CA GLY C 46 -35.38 -29.38 -42.22
C GLY C 46 -35.23 -29.96 -40.83
N GLN C 47 -34.18 -30.73 -40.57
CA GLN C 47 -33.90 -31.19 -39.19
C GLN C 47 -33.87 -29.92 -38.30
N SER C 48 -34.43 -29.99 -37.09
CA SER C 48 -34.63 -28.82 -36.19
C SER C 48 -33.35 -28.53 -35.36
N SER C 49 -32.42 -29.49 -35.30
CA SER C 49 -31.16 -29.34 -34.52
C SER C 49 -29.97 -29.16 -35.48
N GLY C 50 -28.84 -28.71 -34.96
CA GLY C 50 -27.58 -28.47 -35.70
C GLY C 50 -27.63 -27.13 -36.42
N PHE C 51 -26.58 -26.82 -37.17
CA PHE C 51 -26.46 -25.58 -37.97
C PHE C 51 -27.12 -25.82 -39.32
N VAL C 52 -27.60 -24.75 -39.94
CA VAL C 52 -28.31 -24.81 -41.24
C VAL C 52 -27.65 -23.87 -42.23
N TYR C 53 -27.48 -22.61 -41.87
CA TYR C 53 -27.02 -21.57 -42.80
C TYR C 53 -26.35 -20.46 -42.00
N SER C 54 -25.17 -20.05 -42.42
CA SER C 54 -24.26 -19.19 -41.62
C SER C 54 -24.98 -17.93 -41.12
N ARG C 55 -25.77 -17.28 -41.97
CA ARG C 55 -26.48 -16.04 -41.53
C ARG C 55 -27.36 -16.32 -40.32
N SER C 56 -28.00 -17.50 -40.25
CA SER C 56 -28.96 -17.88 -39.19
C SER C 56 -28.22 -18.27 -37.93
N GLY C 57 -26.95 -18.69 -38.04
CA GLY C 57 -26.19 -19.18 -36.90
C GLY C 57 -25.02 -20.00 -37.36
N ASN C 58 -23.91 -19.92 -36.65
CA ASN C 58 -22.68 -20.63 -37.07
C ASN C 58 -21.84 -20.83 -35.83
N PRO C 59 -20.96 -21.84 -35.82
CA PRO C 59 -20.25 -22.21 -34.60
C PRO C 59 -19.46 -21.06 -33.95
N THR C 60 -18.67 -20.33 -34.74
CA THR C 60 -17.79 -19.26 -34.19
C THR C 60 -18.66 -18.15 -33.61
N ARG C 61 -19.66 -17.67 -34.34
CA ARG C 61 -20.53 -16.58 -33.83
C ARG C 61 -21.26 -17.07 -32.56
N ASN C 62 -21.81 -18.27 -32.56
CA ASN C 62 -22.62 -18.76 -31.43
C ASN C 62 -21.75 -18.86 -30.18
N CYS C 63 -20.49 -19.22 -30.34
CA CYS C 63 -19.52 -19.31 -29.23
CA CYS C 63 -19.52 -19.31 -29.23
C CYS C 63 -19.22 -17.91 -28.67
N LEU C 64 -18.96 -16.94 -29.53
CA LEU C 64 -18.76 -15.54 -29.08
C LEU C 64 -20.01 -15.07 -28.32
N GLU C 65 -21.21 -15.31 -28.84
CA GLU C 65 -22.46 -14.81 -28.23
C GLU C 65 -22.61 -15.39 -26.81
N LYS C 66 -22.22 -16.65 -26.59
CA LYS C 66 -22.28 -17.27 -25.24
C LYS C 66 -21.32 -16.53 -24.28
N ALA C 67 -20.11 -16.21 -24.74
CA ALA C 67 -19.10 -15.52 -23.90
C ALA C 67 -19.61 -14.11 -23.54
N VAL C 68 -20.09 -13.36 -24.52
CA VAL C 68 -20.51 -11.96 -24.30
C VAL C 68 -21.70 -11.94 -23.35
N ALA C 69 -22.66 -12.85 -23.55
CA ALA C 69 -23.84 -12.96 -22.67
C ALA C 69 -23.37 -13.07 -21.22
N ALA C 70 -22.40 -13.94 -20.91
CA ALA C 70 -21.89 -14.11 -19.53
C ALA C 70 -21.29 -12.77 -19.04
N LEU C 71 -20.50 -12.10 -19.86
CA LEU C 71 -19.81 -10.85 -19.44
C LEU C 71 -20.83 -9.72 -19.23
N ASP C 72 -21.96 -9.75 -19.92
CA ASP C 72 -23.02 -8.70 -19.79
C ASP C 72 -24.01 -9.10 -18.68
N GLY C 73 -23.84 -10.24 -18.02
CA GLY C 73 -24.82 -10.74 -17.03
C GLY C 73 -26.16 -11.05 -17.68
N ALA C 74 -26.15 -11.55 -18.91
CA ALA C 74 -27.35 -11.72 -19.75
C ALA C 74 -27.60 -13.20 -20.01
N LYS C 75 -28.84 -13.56 -20.30
CA LYS C 75 -29.21 -14.92 -20.78
C LYS C 75 -28.92 -15.04 -22.27
N HIS C 76 -28.95 -13.95 -23.04
CA HIS C 76 -28.93 -14.00 -24.52
C HIS C 76 -28.05 -12.89 -25.09
N CYS C 77 -27.30 -13.20 -26.14
CA CYS C 77 -26.51 -12.17 -26.85
C CYS C 77 -26.63 -12.38 -28.36
N LEU C 78 -26.71 -11.30 -29.10
CA LEU C 78 -26.74 -11.28 -30.57
C LEU C 78 -25.61 -10.39 -31.09
N THR C 79 -24.87 -10.86 -32.08
CA THR C 79 -23.79 -10.07 -32.72
C THR C 79 -24.24 -9.56 -34.09
N PHE C 80 -23.74 -8.39 -34.45
CA PHE C 80 -24.07 -7.63 -35.68
C PHE C 80 -22.80 -7.12 -36.34
N ALA C 81 -22.96 -6.72 -37.60
CA ALA C 81 -21.87 -6.27 -38.49
C ALA C 81 -21.22 -4.98 -37.94
N SER C 82 -21.90 -4.22 -37.10
CA SER C 82 -21.40 -2.94 -36.53
C SER C 82 -22.30 -2.51 -35.37
N GLY C 83 -21.84 -1.58 -34.55
CA GLY C 83 -22.72 -0.89 -33.57
C GLY C 83 -23.92 -0.26 -34.25
N LEU C 84 -23.74 0.42 -35.38
CA LEU C 84 -24.90 1.02 -36.08
C LEU C 84 -25.85 -0.08 -36.60
N ALA C 85 -25.35 -1.23 -37.05
CA ALA C 85 -26.24 -2.34 -37.49
C ALA C 85 -27.03 -2.85 -36.28
N ALA C 86 -26.43 -2.92 -35.10
CA ALA C 86 -27.13 -3.30 -33.86
C ALA C 86 -28.25 -2.28 -33.59
N THR C 87 -27.95 -0.99 -33.76
CA THR C 87 -28.91 0.12 -33.53
C THR C 87 -30.08 -0.02 -34.50
N THR C 88 -29.80 -0.21 -35.78
CA THR C 88 -30.82 -0.42 -36.85
C THR C 88 -31.70 -1.63 -36.48
N THR C 89 -31.08 -2.74 -36.09
CA THR C 89 -31.83 -3.98 -35.79
C THR C 89 -32.75 -3.75 -34.59
N ILE C 90 -32.26 -3.12 -33.53
CA ILE C 90 -33.09 -2.82 -32.32
C ILE C 90 -34.28 -1.95 -32.75
N THR C 91 -34.06 -0.96 -33.60
CA THR C 91 -35.12 -0.01 -34.02
C THR C 91 -36.21 -0.79 -34.78
N HIS C 92 -35.85 -1.85 -35.48
CA HIS C 92 -36.81 -2.72 -36.22
C HIS C 92 -37.68 -3.54 -35.27
N LEU C 93 -37.43 -3.53 -33.96
CA LEU C 93 -38.38 -4.10 -32.97
C LEU C 93 -39.71 -3.34 -32.99
N LEU C 94 -39.72 -2.11 -33.52
CA LEU C 94 -40.89 -1.21 -33.41
C LEU C 94 -41.75 -1.33 -34.66
N LYS C 95 -42.65 -0.38 -34.88
CA LYS C 95 -43.45 -0.29 -36.10
C LYS C 95 -43.92 1.14 -36.32
N ALA C 96 -44.43 1.44 -37.51
CA ALA C 96 -44.96 2.76 -37.88
C ALA C 96 -45.93 3.21 -36.78
N GLY C 97 -45.81 4.47 -36.32
CA GLY C 97 -46.67 5.05 -35.26
C GLY C 97 -46.01 5.05 -33.90
N ASP C 98 -44.90 4.33 -33.73
CA ASP C 98 -44.19 4.26 -32.43
C ASP C 98 -43.28 5.49 -32.27
N GLU C 99 -42.92 5.80 -31.04
CA GLU C 99 -42.02 6.93 -30.71
C GLU C 99 -40.79 6.41 -30.00
N VAL C 100 -39.66 7.01 -30.31
CA VAL C 100 -38.34 6.77 -29.67
C VAL C 100 -37.93 8.06 -28.92
N ILE C 101 -37.49 7.92 -27.69
CA ILE C 101 -36.76 8.99 -26.98
C ILE C 101 -35.29 8.60 -26.96
N CYS C 102 -34.43 9.49 -27.45
CA CYS C 102 -32.98 9.29 -27.52
C CYS C 102 -32.31 10.33 -26.64
N MET C 103 -31.31 9.91 -25.87
CA MET C 103 -30.39 10.81 -25.15
CA MET C 103 -30.39 10.81 -25.15
C MET C 103 -29.94 11.92 -26.12
N ASP C 104 -29.94 13.17 -25.66
CA ASP C 104 -29.72 14.34 -26.56
C ASP C 104 -28.30 14.29 -27.12
N GLU C 105 -27.33 13.84 -26.32
CA GLU C 105 -25.95 13.72 -26.82
C GLU C 105 -25.61 12.24 -27.05
N VAL C 106 -25.47 11.86 -28.30
CA VAL C 106 -25.08 10.48 -28.70
C VAL C 106 -24.01 10.59 -29.75
N TYR C 107 -23.38 9.46 -30.06
CA TYR C 107 -22.49 9.36 -31.25
C TYR C 107 -23.19 10.02 -32.41
N GLY C 108 -22.46 10.82 -33.21
CA GLY C 108 -22.99 11.50 -34.40
C GLY C 108 -23.75 10.55 -35.32
N GLY C 109 -23.24 9.33 -35.55
CA GLY C 109 -23.89 8.35 -36.43
C GLY C 109 -25.21 7.85 -35.86
N THR C 110 -25.34 7.75 -34.54
CA THR C 110 -26.62 7.35 -33.91
C THR C 110 -27.64 8.46 -34.17
N ASN C 111 -27.22 9.70 -33.94
CA ASN C 111 -28.06 10.91 -34.18
C ASN C 111 -28.52 10.89 -35.64
N ARG C 112 -27.59 10.73 -36.58
CA ARG C 112 -27.90 10.71 -38.03
C ARG C 112 -28.90 9.60 -38.35
N TYR C 113 -28.72 8.39 -37.82
CA TYR C 113 -29.64 7.25 -38.10
C TYR C 113 -31.05 7.62 -37.63
N PHE C 114 -31.21 8.04 -36.38
CA PHE C 114 -32.56 8.32 -35.83
C PHE C 114 -33.18 9.51 -36.58
N ARG C 115 -32.43 10.58 -36.75
CA ARG C 115 -32.94 11.88 -37.22
C ARG C 115 -33.24 11.78 -38.71
N ARG C 116 -32.39 11.14 -39.52
CA ARG C 116 -32.48 11.20 -41.00
C ARG C 116 -33.03 9.91 -41.60
N VAL C 117 -32.95 8.77 -40.93
CA VAL C 117 -33.38 7.48 -41.52
C VAL C 117 -34.62 6.94 -40.82
N ALA C 118 -34.54 6.58 -39.54
CA ALA C 118 -35.64 5.93 -38.80
C ALA C 118 -36.90 6.80 -38.88
N SER C 119 -36.73 8.11 -38.77
CA SER C 119 -37.83 9.10 -38.75
C SER C 119 -38.62 9.09 -40.05
N GLU C 120 -38.08 8.54 -41.15
CA GLU C 120 -38.75 8.49 -42.47
C GLU C 120 -39.65 7.25 -42.59
N PHE C 121 -39.61 6.33 -41.64
CA PHE C 121 -40.36 5.06 -41.67
C PHE C 121 -41.41 5.02 -40.56
N GLY C 122 -42.04 6.18 -40.29
CA GLY C 122 -43.20 6.28 -39.39
C GLY C 122 -42.83 6.29 -37.93
N LEU C 123 -41.56 6.48 -37.60
CA LEU C 123 -41.09 6.57 -36.19
C LEU C 123 -40.91 8.05 -35.85
N LYS C 124 -41.41 8.47 -34.70
CA LYS C 124 -41.20 9.84 -34.19
C LYS C 124 -40.00 9.77 -33.24
N ILE C 125 -38.98 10.59 -33.47
CA ILE C 125 -37.76 10.63 -32.61
C ILE C 125 -37.74 11.94 -31.83
N SER C 126 -37.56 11.89 -30.51
CA SER C 126 -37.34 13.07 -29.64
C SER C 126 -36.00 12.92 -28.96
N PHE C 127 -35.16 13.94 -29.00
CA PHE C 127 -33.87 13.98 -28.27
C PHE C 127 -34.10 14.68 -26.94
N VAL C 128 -33.76 14.05 -25.83
CA VAL C 128 -34.05 14.55 -24.45
C VAL C 128 -32.81 14.39 -23.61
N ASP C 129 -32.52 15.37 -22.76
CA ASP C 129 -31.39 15.29 -21.80
C ASP C 129 -31.80 14.34 -20.66
N CYS C 130 -31.47 13.05 -20.78
CA CYS C 130 -31.88 12.02 -19.80
C CYS C 130 -31.00 12.04 -18.54
N SER C 131 -30.00 12.91 -18.46
CA SER C 131 -29.27 13.21 -17.19
C SER C 131 -30.22 13.89 -16.21
N LYS C 132 -31.35 14.42 -16.70
CA LYS C 132 -32.41 15.03 -15.84
C LYS C 132 -33.67 14.19 -15.97
N THR C 133 -33.93 13.34 -14.98
CA THR C 133 -34.98 12.30 -15.05
C THR C 133 -36.36 12.96 -15.23
N LYS C 134 -36.57 14.19 -14.76
CA LYS C 134 -37.90 14.87 -14.94
C LYS C 134 -38.14 15.18 -16.41
N LEU C 135 -37.09 15.45 -17.19
CA LEU C 135 -37.24 15.70 -18.65
C LEU C 135 -37.63 14.39 -19.36
N LEU C 136 -37.08 13.25 -18.93
CA LEU C 136 -37.43 11.93 -19.52
C LEU C 136 -38.91 11.65 -19.22
N GLU C 137 -39.29 11.76 -17.95
CA GLU C 137 -40.67 11.56 -17.45
C GLU C 137 -41.63 12.36 -18.31
N ALA C 138 -41.36 13.64 -18.57
CA ALA C 138 -42.26 14.55 -19.30
C ALA C 138 -42.34 14.20 -20.79
N ALA C 139 -41.31 13.58 -21.39
CA ALA C 139 -41.29 13.32 -22.84
C ALA C 139 -42.05 12.01 -23.17
N ILE C 140 -42.31 11.16 -22.19
CA ILE C 140 -42.96 9.84 -22.47
C ILE C 140 -44.44 10.09 -22.81
N THR C 141 -44.91 9.47 -23.88
CA THR C 141 -46.33 9.51 -24.32
C THR C 141 -46.82 8.07 -24.41
N PRO C 142 -48.13 7.83 -24.61
CA PRO C 142 -48.63 6.46 -24.82
C PRO C 142 -48.02 5.78 -26.06
N GLN C 143 -47.47 6.55 -27.01
CA GLN C 143 -46.87 5.99 -28.24
C GLN C 143 -45.36 5.68 -28.03
N THR C 144 -44.75 6.08 -26.92
CA THR C 144 -43.32 5.78 -26.64
C THR C 144 -43.13 4.27 -26.52
N LYS C 145 -42.21 3.70 -27.31
CA LYS C 145 -41.93 2.24 -27.24
C LYS C 145 -40.45 1.95 -26.95
N LEU C 146 -39.58 2.94 -27.06
CA LEU C 146 -38.11 2.73 -26.92
CA LEU C 146 -38.11 2.73 -26.93
C LEU C 146 -37.50 4.01 -26.35
N VAL C 147 -36.65 3.83 -25.36
CA VAL C 147 -35.79 4.89 -24.78
C VAL C 147 -34.35 4.43 -24.95
N TRP C 148 -33.55 5.25 -25.64
CA TRP C 148 -32.16 4.94 -26.06
C TRP C 148 -31.25 5.87 -25.26
N ILE C 149 -30.45 5.32 -24.35
CA ILE C 149 -29.52 6.14 -23.53
CA ILE C 149 -29.51 6.14 -23.54
C ILE C 149 -28.07 5.62 -23.72
N GLU C 150 -27.16 6.54 -23.96
CA GLU C 150 -25.71 6.33 -23.89
C GLU C 150 -25.29 6.88 -22.55
N THR C 151 -24.46 6.17 -21.80
CA THR C 151 -23.86 6.76 -20.59
C THR C 151 -22.55 6.03 -20.36
N PRO C 152 -21.41 6.74 -20.26
CA PRO C 152 -21.32 8.18 -20.52
C PRO C 152 -21.51 8.52 -21.99
N THR C 153 -21.86 9.78 -22.30
CA THR C 153 -22.20 10.19 -23.68
C THR C 153 -20.94 10.42 -24.51
N ASN C 154 -21.06 10.17 -25.80
CA ASN C 154 -20.00 10.43 -26.79
C ASN C 154 -20.30 11.80 -27.40
N PRO C 155 -19.48 12.86 -27.24
CA PRO C 155 -18.14 12.82 -26.65
C PRO C 155 -17.90 13.59 -25.34
N THR C 156 -18.93 14.14 -24.70
CA THR C 156 -18.73 15.03 -23.52
C THR C 156 -18.88 14.25 -22.20
N LEU C 157 -19.12 12.94 -22.22
CA LEU C 157 -19.03 12.06 -21.03
C LEU C 157 -20.00 12.52 -19.94
N LYS C 158 -21.20 12.92 -20.34
CA LYS C 158 -22.35 13.14 -19.44
C LYS C 158 -22.92 11.77 -19.06
N LEU C 159 -23.35 11.60 -17.82
CA LEU C 159 -23.94 10.33 -17.33
C LEU C 159 -25.46 10.44 -17.25
N ALA C 160 -26.12 9.30 -17.35
CA ALA C 160 -27.53 9.13 -16.97
C ALA C 160 -27.58 8.09 -15.85
N ASP C 161 -28.49 8.27 -14.92
CA ASP C 161 -28.72 7.34 -13.79
C ASP C 161 -29.57 6.19 -14.35
N ILE C 162 -28.95 5.07 -14.65
CA ILE C 162 -29.65 3.96 -15.36
C ILE C 162 -30.81 3.43 -14.52
N LYS C 163 -30.58 3.13 -13.25
CA LYS C 163 -31.65 2.59 -12.36
C LYS C 163 -32.82 3.60 -12.27
N ALA C 164 -32.54 4.89 -12.13
CA ALA C 164 -33.60 5.93 -12.04
C ALA C 164 -34.36 6.01 -13.37
N CYS C 165 -33.67 5.97 -14.52
CA CYS C 165 -34.35 5.99 -15.84
C CYS C 165 -35.18 4.71 -16.01
N ALA C 166 -34.66 3.55 -15.58
CA ALA C 166 -35.39 2.27 -15.70
C ALA C 166 -36.70 2.35 -14.89
N GLN C 167 -36.63 2.88 -13.68
CA GLN C 167 -37.85 3.01 -12.80
C GLN C 167 -38.89 3.88 -13.49
N ILE C 168 -38.48 4.99 -14.09
CA ILE C 168 -39.41 5.89 -14.83
C ILE C 168 -40.02 5.14 -16.00
N VAL C 169 -39.23 4.49 -16.86
CA VAL C 169 -39.82 3.94 -18.11
C VAL C 169 -40.66 2.72 -17.76
N HIS C 170 -40.32 1.94 -16.73
CA HIS C 170 -41.04 0.69 -16.38
C HIS C 170 -42.34 0.99 -15.61
N LYS C 171 -42.64 2.23 -15.24
CA LYS C 171 -43.99 2.63 -14.74
C LYS C 171 -44.98 2.58 -15.89
N HIS C 172 -44.54 2.69 -17.14
CA HIS C 172 -45.42 2.64 -18.34
C HIS C 172 -45.43 1.21 -18.89
N LYS C 173 -46.42 0.90 -19.71
CA LYS C 173 -46.55 -0.42 -20.35
C LYS C 173 -45.62 -0.46 -21.57
N ASP C 174 -44.84 -1.51 -21.72
CA ASP C 174 -44.30 -1.89 -23.04
C ASP C 174 -43.28 -0.84 -23.56
N ILE C 175 -42.45 -0.25 -22.68
CA ILE C 175 -41.32 0.61 -23.14
C ILE C 175 -40.04 -0.18 -22.92
N ILE C 176 -39.24 -0.30 -23.98
CA ILE C 176 -37.89 -0.93 -23.93
C ILE C 176 -36.89 0.16 -23.57
N LEU C 177 -36.09 -0.06 -22.53
CA LEU C 177 -34.91 0.79 -22.23
C LEU C 177 -33.65 0.12 -22.79
N VAL C 178 -32.98 0.80 -23.72
CA VAL C 178 -31.67 0.39 -24.27
C VAL C 178 -30.60 1.24 -23.62
N VAL C 179 -29.55 0.63 -23.11
CA VAL C 179 -28.35 1.40 -22.71
C VAL C 179 -27.23 1.00 -23.65
N ASP C 180 -26.66 1.99 -24.33
CA ASP C 180 -25.42 1.84 -25.12
C ASP C 180 -24.24 1.94 -24.16
N ASN C 181 -23.60 0.80 -23.90
CA ASN C 181 -22.54 0.60 -22.90
C ASN C 181 -21.13 0.68 -23.54
N THR C 182 -21.01 1.21 -24.74
CA THR C 182 -19.76 1.22 -25.52
C THR C 182 -18.62 1.86 -24.73
N PHE C 183 -18.85 3.02 -24.11
N PHE C 183 -18.85 3.02 -24.11
CA PHE C 183 -17.78 3.82 -23.49
CA PHE C 183 -17.78 3.82 -23.49
C PHE C 183 -17.29 3.16 -22.20
C PHE C 183 -17.29 3.16 -22.20
N MET C 184 -18.10 2.36 -21.49
CA MET C 184 -17.69 1.77 -20.18
C MET C 184 -17.06 0.38 -20.37
N SER C 185 -17.58 -0.40 -21.31
CA SER C 185 -17.35 -1.85 -21.47
C SER C 185 -18.12 -2.62 -20.39
N ALA C 186 -18.33 -3.90 -20.64
CA ALA C 186 -18.97 -4.86 -19.73
C ALA C 186 -18.19 -4.96 -18.43
N TYR C 187 -16.91 -4.64 -18.44
CA TYR C 187 -16.09 -4.80 -17.22
C TYR C 187 -16.44 -3.70 -16.18
N PHE C 188 -16.84 -2.52 -16.62
CA PHE C 188 -17.03 -1.38 -15.68
C PHE C 188 -18.50 -1.02 -15.46
N GLN C 189 -19.41 -1.46 -16.31
CA GLN C 189 -20.83 -1.09 -16.17
C GLN C 189 -21.67 -2.26 -16.69
N ARG C 190 -22.73 -2.61 -15.94
CA ARG C 190 -23.63 -3.73 -16.31
C ARG C 190 -25.07 -3.22 -16.31
N PRO C 191 -25.52 -2.57 -17.40
CA PRO C 191 -26.87 -2.03 -17.49
C PRO C 191 -28.00 -3.02 -17.22
N LEU C 192 -27.86 -4.29 -17.62
CA LEU C 192 -28.95 -5.29 -17.36
C LEU C 192 -29.13 -5.48 -15.84
N ALA C 193 -28.09 -5.32 -15.02
CA ALA C 193 -28.22 -5.45 -13.56
C ALA C 193 -28.81 -4.15 -12.95
N LEU C 194 -28.95 -3.08 -13.71
CA LEU C 194 -29.46 -1.77 -13.21
C LEU C 194 -30.85 -1.49 -13.77
N GLY C 195 -31.45 -2.40 -14.50
CA GLY C 195 -32.85 -2.32 -14.98
C GLY C 195 -33.00 -2.09 -16.47
N ALA C 196 -31.92 -1.95 -17.25
CA ALA C 196 -32.04 -1.86 -18.73
C ALA C 196 -32.68 -3.14 -19.26
N ASP C 197 -33.46 -3.06 -20.33
CA ASP C 197 -34.02 -4.24 -21.04
C ASP C 197 -32.99 -4.77 -22.07
N ILE C 198 -32.21 -3.86 -22.67
CA ILE C 198 -31.19 -4.22 -23.70
C ILE C 198 -29.89 -3.50 -23.35
N CYS C 199 -28.80 -4.24 -23.35
CA CYS C 199 -27.42 -3.72 -23.24
C CYS C 199 -26.79 -3.85 -24.63
N MET C 200 -26.52 -2.72 -25.26
CA MET C 200 -25.97 -2.68 -26.63
C MET C 200 -24.57 -2.11 -26.54
N CYS C 201 -23.65 -2.55 -27.40
CA CYS C 201 -22.40 -1.80 -27.56
C CYS C 201 -21.81 -1.97 -28.96
N SER C 202 -21.00 -0.99 -29.32
CA SER C 202 -20.04 -1.10 -30.44
C SER C 202 -18.85 -1.89 -29.88
N ALA C 203 -18.77 -3.17 -30.23
CA ALA C 203 -17.64 -4.06 -29.91
C ALA C 203 -16.39 -3.59 -30.66
N THR C 204 -16.56 -2.74 -31.66
CA THR C 204 -15.48 -2.05 -32.41
C THR C 204 -14.50 -1.41 -31.40
N LYS C 205 -14.98 -1.01 -30.23
CA LYS C 205 -14.19 -0.20 -29.28
C LYS C 205 -13.54 -1.16 -28.27
N TYR C 206 -13.84 -1.02 -26.98
CA TYR C 206 -13.09 -1.77 -25.91
C TYR C 206 -13.29 -3.28 -25.97
N MET C 207 -14.47 -3.78 -26.36
CA MET C 207 -14.75 -5.23 -26.19
C MET C 207 -13.75 -6.02 -27.03
N ASN C 208 -13.58 -5.64 -28.29
CA ASN C 208 -12.51 -6.23 -29.14
C ASN C 208 -11.15 -5.66 -28.69
N GLY C 209 -11.04 -4.33 -28.59
CA GLY C 209 -9.89 -3.67 -27.98
C GLY C 209 -8.67 -3.54 -28.86
N HIS C 210 -8.67 -4.05 -30.10
CA HIS C 210 -7.45 -4.10 -30.95
C HIS C 210 -7.63 -3.35 -32.29
N SER C 211 -8.65 -2.53 -32.42
CA SER C 211 -8.89 -1.63 -33.59
C SER C 211 -8.84 -2.38 -34.90
N ASP C 212 -9.33 -3.61 -34.91
CA ASP C 212 -9.23 -4.45 -36.14
C ASP C 212 -10.54 -5.21 -36.41
N VAL C 213 -11.62 -4.84 -35.74
CA VAL C 213 -12.96 -5.46 -35.92
C VAL C 213 -14.01 -4.36 -35.79
N VAL C 214 -14.91 -4.29 -36.74
CA VAL C 214 -16.18 -3.52 -36.64
C VAL C 214 -17.28 -4.51 -36.28
N MET C 215 -17.97 -4.29 -35.18
CA MET C 215 -18.97 -5.26 -34.68
C MET C 215 -19.90 -4.59 -33.66
N GLY C 216 -21.16 -5.03 -33.63
CA GLY C 216 -22.16 -4.66 -32.61
C GLY C 216 -22.56 -5.87 -31.78
N LEU C 217 -22.85 -5.65 -30.51
CA LEU C 217 -23.30 -6.67 -29.56
C LEU C 217 -24.58 -6.15 -28.93
N VAL C 218 -25.55 -7.04 -28.77
CA VAL C 218 -26.83 -6.77 -28.09
C VAL C 218 -27.09 -7.92 -27.11
N SER C 219 -27.26 -7.61 -25.83
CA SER C 219 -27.51 -8.58 -24.76
C SER C 219 -28.85 -8.27 -24.09
N VAL C 220 -29.62 -9.32 -23.80
CA VAL C 220 -30.98 -9.25 -23.20
C VAL C 220 -31.16 -10.40 -22.20
N ASN C 221 -32.09 -10.19 -21.26
CA ASN C 221 -32.60 -11.27 -20.37
C ASN C 221 -33.95 -11.76 -20.87
N SER C 222 -34.78 -10.90 -21.45
CA SER C 222 -36.17 -11.25 -21.87
C SER C 222 -36.16 -12.29 -22.99
N ASP C 223 -36.91 -13.38 -22.83
CA ASP C 223 -37.06 -14.42 -23.88
C ASP C 223 -37.83 -13.82 -25.06
N ASP C 224 -38.82 -12.95 -24.81
CA ASP C 224 -39.60 -12.23 -25.85
C ASP C 224 -38.66 -11.37 -26.70
N LEU C 225 -37.81 -10.54 -26.08
CA LEU C 225 -36.88 -9.65 -26.83
CA LEU C 225 -36.88 -9.65 -26.83
C LEU C 225 -35.87 -10.51 -27.59
N ASN C 226 -35.38 -11.57 -26.96
CA ASN C 226 -34.43 -12.50 -27.65
C ASN C 226 -35.09 -13.02 -28.94
N GLU C 227 -36.31 -13.54 -28.87
CA GLU C 227 -37.03 -14.12 -30.03
C GLU C 227 -37.19 -13.05 -31.12
N ARG C 228 -37.61 -11.84 -30.75
CA ARG C 228 -37.85 -10.75 -31.71
C ARG C 228 -36.52 -10.31 -32.35
N LEU C 229 -35.46 -10.20 -31.57
CA LEU C 229 -34.15 -9.75 -32.10
C LEU C 229 -33.52 -10.86 -32.96
N ARG C 230 -33.68 -12.13 -32.58
CA ARG C 230 -33.11 -13.27 -33.34
C ARG C 230 -33.76 -13.31 -34.73
N PHE C 231 -35.07 -13.11 -34.78
CA PHE C 231 -35.83 -12.99 -36.04
C PHE C 231 -35.21 -11.92 -36.92
N LEU C 232 -34.86 -10.77 -36.35
CA LEU C 232 -34.30 -9.62 -37.13
C LEU C 232 -32.83 -9.85 -37.47
N GLN C 233 -32.05 -10.48 -36.62
CA GLN C 233 -30.63 -10.81 -36.94
C GLN C 233 -30.64 -11.65 -38.22
N ASN C 234 -31.55 -12.63 -38.31
CA ASN C 234 -31.64 -13.56 -39.45
C ASN C 234 -32.27 -12.84 -40.66
N SER C 235 -33.29 -12.01 -40.46
CA SER C 235 -34.16 -11.47 -41.54
C SER C 235 -33.61 -10.19 -42.16
N LEU C 236 -32.93 -9.31 -41.40
CA LEU C 236 -32.21 -8.14 -41.95
C LEU C 236 -30.82 -8.57 -42.41
N GLY C 237 -30.22 -9.56 -41.76
CA GLY C 237 -28.94 -10.15 -42.18
C GLY C 237 -27.75 -9.25 -41.96
N ALA C 238 -27.81 -8.30 -41.03
CA ALA C 238 -26.66 -7.43 -40.72
C ALA C 238 -25.72 -8.18 -39.77
N VAL C 239 -25.14 -9.29 -40.25
CA VAL C 239 -24.40 -10.26 -39.40
C VAL C 239 -22.90 -10.08 -39.58
N PRO C 240 -22.12 -10.44 -38.55
CA PRO C 240 -20.66 -10.34 -38.58
C PRO C 240 -20.03 -11.55 -39.29
N SER C 241 -18.85 -11.38 -39.87
CA SER C 241 -17.99 -12.47 -40.38
C SER C 241 -17.58 -13.38 -39.21
N PRO C 242 -17.55 -14.72 -39.37
CA PRO C 242 -17.00 -15.61 -38.35
C PRO C 242 -15.54 -15.28 -38.00
N PHE C 243 -14.78 -14.79 -38.96
CA PHE C 243 -13.38 -14.34 -38.72
C PHE C 243 -13.37 -13.17 -37.73
N ASP C 244 -14.25 -12.19 -37.92
CA ASP C 244 -14.41 -11.05 -36.98
C ASP C 244 -14.88 -11.57 -35.61
N CYS C 245 -15.77 -12.57 -35.57
CA CYS C 245 -16.22 -13.15 -34.30
C CYS C 245 -15.02 -13.77 -33.57
N TYR C 246 -14.13 -14.43 -34.30
CA TYR C 246 -12.92 -15.04 -33.72
C TYR C 246 -12.05 -13.95 -33.10
N LEU C 247 -11.76 -12.89 -33.85
CA LEU C 247 -10.87 -11.80 -33.37
C LEU C 247 -11.51 -11.12 -32.14
N CYS C 248 -12.80 -10.91 -32.16
CA CYS C 248 -13.49 -10.29 -31.00
C CYS C 248 -13.42 -11.23 -29.80
N CYS C 249 -13.63 -12.54 -30.00
CA CYS C 249 -13.50 -13.53 -28.92
C CYS C 249 -12.06 -13.48 -28.37
N ARG C 250 -11.07 -13.39 -29.25
CA ARG C 250 -9.66 -13.29 -28.84
C ARG C 250 -9.43 -12.03 -27.99
N GLY C 251 -10.02 -10.91 -28.40
CA GLY C 251 -9.95 -9.65 -27.64
C GLY C 251 -10.55 -9.78 -26.24
N LEU C 252 -11.67 -10.49 -26.08
CA LEU C 252 -12.34 -10.63 -24.77
C LEU C 252 -11.42 -11.30 -23.75
N LYS C 253 -10.49 -12.15 -24.19
CA LYS C 253 -9.62 -12.94 -23.29
C LYS C 253 -8.78 -11.98 -22.43
N THR C 254 -8.47 -10.78 -22.95
CA THR C 254 -7.64 -9.77 -22.20
C THR C 254 -8.50 -8.59 -21.70
N LEU C 255 -9.82 -8.64 -21.82
CA LEU C 255 -10.67 -7.46 -21.54
C LEU C 255 -10.44 -6.98 -20.10
N GLN C 256 -10.45 -7.86 -19.11
CA GLN C 256 -10.30 -7.41 -17.71
C GLN C 256 -8.97 -6.66 -17.54
N ILE C 257 -7.84 -7.23 -18.00
CA ILE C 257 -6.54 -6.58 -17.74
C ILE C 257 -6.38 -5.34 -18.61
N ARG C 258 -6.96 -5.29 -19.81
CA ARG C 258 -6.89 -4.07 -20.66
C ARG C 258 -7.66 -2.96 -19.94
N MET C 259 -8.87 -3.21 -19.49
CA MET C 259 -9.73 -2.17 -18.90
C MET C 259 -9.06 -1.64 -17.61
N GLU C 260 -8.43 -2.49 -16.80
CA GLU C 260 -7.71 -2.01 -15.58
C GLU C 260 -6.59 -1.06 -15.98
N LYS C 261 -5.86 -1.35 -17.05
CA LYS C 261 -4.77 -0.47 -17.53
C LYS C 261 -5.35 0.82 -18.15
N HIS C 262 -6.47 0.75 -18.91
CA HIS C 262 -7.12 1.96 -19.45
C HIS C 262 -7.51 2.89 -18.28
N PHE C 263 -8.00 2.32 -17.17
CA PHE C 263 -8.42 3.08 -15.97
C PHE C 263 -7.18 3.75 -15.35
N ARG C 264 -6.09 3.02 -15.13
CA ARG C 264 -4.85 3.62 -14.57
C ARG C 264 -4.33 4.74 -15.45
N ASN C 265 -4.22 4.50 -16.76
CA ASN C 265 -3.70 5.51 -17.72
C ASN C 265 -4.68 6.67 -17.86
N GLY C 266 -5.98 6.40 -17.96
CA GLY C 266 -7.02 7.42 -18.12
C GLY C 266 -7.00 8.38 -16.92
N MET C 267 -6.94 7.82 -15.71
CA MET C 267 -6.94 8.66 -14.48
C MET C 267 -5.67 9.53 -14.47
N ALA C 268 -4.51 8.97 -14.84
CA ALA C 268 -3.24 9.72 -14.84
C ALA C 268 -3.31 10.89 -15.86
N VAL C 269 -3.85 10.64 -17.05
CA VAL C 269 -4.01 11.66 -18.11
C VAL C 269 -4.96 12.75 -17.60
N ALA C 270 -6.11 12.36 -17.05
CA ALA C 270 -7.11 13.33 -16.56
C ALA C 270 -6.50 14.25 -15.48
N ARG C 271 -5.77 13.69 -14.52
CA ARG C 271 -5.11 14.47 -13.45
C ARG C 271 -4.08 15.42 -14.05
N PHE C 272 -3.29 14.95 -15.02
CA PHE C 272 -2.27 15.76 -15.70
C PHE C 272 -2.93 16.94 -16.41
N LEU C 273 -4.03 16.73 -17.14
CA LEU C 273 -4.70 17.81 -17.89
C LEU C 273 -5.34 18.79 -16.89
N GLU C 274 -5.88 18.30 -15.79
CA GLU C 274 -6.59 19.13 -14.80
C GLU C 274 -5.61 20.12 -14.16
N SER C 275 -4.33 19.81 -14.06
CA SER C 275 -3.34 20.71 -13.43
C SER C 275 -2.53 21.49 -14.48
N ASN C 276 -2.83 21.34 -15.78
CA ASN C 276 -2.07 22.02 -16.86
C ASN C 276 -2.75 23.36 -17.18
N PRO C 277 -2.04 24.49 -17.12
CA PRO C 277 -2.65 25.81 -17.39
C PRO C 277 -3.03 26.08 -18.86
N ARG C 278 -2.72 25.16 -19.79
CA ARG C 278 -3.10 25.29 -21.22
C ARG C 278 -4.46 24.62 -21.48
N VAL C 279 -5.07 24.06 -20.43
CA VAL C 279 -6.35 23.31 -20.52
C VAL C 279 -7.44 24.15 -19.84
N GLU C 280 -8.53 24.44 -20.52
CA GLU C 280 -9.67 25.21 -19.97
C GLU C 280 -10.46 24.34 -18.99
N LYS C 281 -10.77 23.09 -19.34
CA LYS C 281 -11.61 22.20 -18.53
C LYS C 281 -11.40 20.74 -18.95
N VAL C 282 -11.25 19.83 -17.99
CA VAL C 282 -11.14 18.37 -18.25
CA VAL C 282 -11.14 18.38 -18.26
C VAL C 282 -12.44 17.70 -17.84
N ILE C 283 -12.85 16.69 -18.61
CA ILE C 283 -14.03 15.87 -18.29
C ILE C 283 -13.55 14.42 -18.18
N TYR C 284 -13.67 13.84 -17.01
CA TYR C 284 -13.35 12.41 -16.76
C TYR C 284 -14.22 11.98 -15.58
N PRO C 285 -15.14 10.99 -15.75
CA PRO C 285 -16.01 10.56 -14.67
C PRO C 285 -15.28 10.13 -13.39
N GLY C 286 -14.03 9.69 -13.50
CA GLY C 286 -13.22 9.24 -12.35
C GLY C 286 -12.65 10.41 -11.54
N LEU C 287 -12.68 11.64 -12.04
CA LEU C 287 -12.18 12.81 -11.29
C LEU C 287 -13.30 13.31 -10.38
N PRO C 288 -13.01 13.67 -9.11
CA PRO C 288 -13.96 14.38 -8.27
C PRO C 288 -14.56 15.65 -8.89
N SER C 289 -13.84 16.32 -9.80
CA SER C 289 -14.34 17.54 -10.50
C SER C 289 -15.49 17.22 -11.47
N HIS C 290 -15.65 15.97 -11.91
CA HIS C 290 -16.76 15.66 -12.85
C HIS C 290 -18.06 15.94 -12.10
N PRO C 291 -19.01 16.67 -12.70
CA PRO C 291 -20.27 16.97 -12.02
C PRO C 291 -21.07 15.73 -11.57
N GLN C 292 -20.87 14.57 -12.21
CA GLN C 292 -21.62 13.34 -11.86
C GLN C 292 -20.67 12.28 -11.35
N HIS C 293 -19.56 12.67 -10.73
CA HIS C 293 -18.58 11.74 -10.14
C HIS C 293 -19.27 10.82 -9.14
N GLU C 294 -20.18 11.34 -8.30
CA GLU C 294 -20.81 10.50 -7.24
C GLU C 294 -21.72 9.46 -7.92
N LEU C 295 -22.45 9.82 -8.97
CA LEU C 295 -23.29 8.87 -9.72
C LEU C 295 -22.39 7.79 -10.36
N ALA C 296 -21.26 8.16 -10.95
CA ALA C 296 -20.31 7.22 -11.57
C ALA C 296 -19.94 6.14 -10.55
N LYS C 297 -19.64 6.52 -9.31
CA LYS C 297 -19.23 5.57 -8.25
C LYS C 297 -20.41 4.68 -7.83
N ARG C 298 -21.65 5.16 -7.94
CA ARG C 298 -22.85 4.37 -7.56
C ARG C 298 -23.23 3.37 -8.66
N GLN C 299 -22.85 3.56 -9.93
CA GLN C 299 -23.40 2.67 -10.98
C GLN C 299 -22.29 1.96 -11.81
N CYS C 300 -21.01 2.21 -11.52
CA CYS C 300 -19.86 1.64 -12.26
C CYS C 300 -18.85 1.04 -11.28
N THR C 301 -18.03 0.11 -11.77
CA THR C 301 -16.95 -0.54 -10.98
C THR C 301 -15.61 0.12 -11.30
N GLY C 302 -15.61 1.17 -12.11
CA GLY C 302 -14.40 1.90 -12.48
C GLY C 302 -14.68 2.79 -13.67
N CYS C 303 -13.63 3.28 -14.31
CA CYS C 303 -13.74 4.24 -15.43
CA CYS C 303 -13.74 4.24 -15.43
C CYS C 303 -12.71 3.86 -16.48
N PRO C 304 -13.03 3.93 -17.78
CA PRO C 304 -12.06 3.56 -18.80
C PRO C 304 -11.11 4.71 -19.20
N GLY C 305 -10.60 4.68 -20.42
CA GLY C 305 -9.55 5.61 -20.86
C GLY C 305 -10.09 6.79 -21.66
N MET C 306 -11.41 7.03 -21.65
CA MET C 306 -11.98 8.16 -22.43
C MET C 306 -11.88 9.42 -21.58
N VAL C 307 -11.11 10.38 -22.06
CA VAL C 307 -10.89 11.69 -21.38
C VAL C 307 -11.18 12.77 -22.41
N SER C 308 -12.08 13.69 -22.10
CA SER C 308 -12.35 14.83 -23.00
C SER C 308 -11.85 16.11 -22.33
N PHE C 309 -11.36 17.06 -23.10
CA PHE C 309 -10.95 18.35 -22.53
C PHE C 309 -11.16 19.46 -23.55
N TYR C 310 -11.36 20.66 -23.02
CA TYR C 310 -11.41 21.91 -23.80
C TYR C 310 -10.03 22.55 -23.68
N ILE C 311 -9.36 22.75 -24.80
CA ILE C 311 -8.06 23.44 -24.83
C ILE C 311 -8.34 24.94 -24.67
N LYS C 312 -7.42 25.66 -24.05
CA LYS C 312 -7.52 27.14 -24.01
C LYS C 312 -7.44 27.71 -25.42
N GLY C 313 -8.19 28.77 -25.68
CA GLY C 313 -8.05 29.51 -26.95
C GLY C 313 -9.13 29.15 -27.93
N THR C 314 -8.75 28.83 -29.15
CA THR C 314 -9.67 28.72 -30.31
C THR C 314 -9.36 27.42 -31.06
N LEU C 315 -10.10 27.20 -32.13
CA LEU C 315 -9.90 26.05 -33.04
C LEU C 315 -8.43 26.00 -33.46
N GLN C 316 -7.78 27.15 -33.70
CA GLN C 316 -6.37 27.17 -34.17
C GLN C 316 -5.50 26.42 -33.16
N HIS C 317 -5.71 26.64 -31.86
CA HIS C 317 -4.90 25.98 -30.80
C HIS C 317 -5.19 24.46 -30.78
N ALA C 318 -6.44 24.08 -30.91
CA ALA C 318 -6.84 22.65 -31.00
C ALA C 318 -6.13 22.01 -32.20
N GLN C 319 -6.11 22.68 -33.35
CA GLN C 319 -5.43 22.15 -34.56
C GLN C 319 -3.93 21.99 -34.31
N VAL C 320 -3.29 22.95 -33.67
CA VAL C 320 -1.83 22.88 -33.43
C VAL C 320 -1.55 21.73 -32.45
N PHE C 321 -2.36 21.58 -31.39
CA PHE C 321 -2.22 20.44 -30.45
C PHE C 321 -2.29 19.11 -31.25
N LEU C 322 -3.31 18.95 -32.10
CA LEU C 322 -3.57 17.68 -32.83
C LEU C 322 -2.51 17.44 -33.90
N LYS C 323 -1.81 18.47 -34.38
CA LYS C 323 -0.67 18.33 -35.34
C LYS C 323 0.62 17.96 -34.60
N ASN C 324 0.76 18.24 -33.31
CA ASN C 324 2.04 18.07 -32.59
C ASN C 324 2.10 16.81 -31.73
N ILE C 325 0.95 16.17 -31.44
CA ILE C 325 0.95 14.85 -30.72
C ILE C 325 1.76 13.86 -31.56
N LYS C 326 2.62 13.08 -30.91
CA LYS C 326 3.53 12.13 -31.61
C LYS C 326 3.30 10.69 -31.12
N LEU C 327 2.57 10.50 -30.03
CA LEU C 327 2.24 9.15 -29.49
C LEU C 327 0.73 8.93 -29.68
N PHE C 328 -0.09 9.84 -29.17
CA PHE C 328 -1.51 9.93 -29.57
C PHE C 328 -1.52 10.16 -31.08
N ALA C 329 -2.44 9.51 -31.80
CA ALA C 329 -2.63 9.66 -33.26
C ALA C 329 -3.95 10.39 -33.50
N LEU C 330 -3.95 11.36 -34.41
CA LEU C 330 -5.20 12.02 -34.88
C LEU C 330 -5.95 11.03 -35.75
N ALA C 331 -7.05 10.52 -35.25
CA ALA C 331 -7.82 9.45 -35.90
C ALA C 331 -9.14 9.29 -35.19
N GLU C 332 -10.13 8.80 -35.90
CA GLU C 332 -11.40 8.41 -35.30
C GLU C 332 -11.23 7.11 -34.51
N SER C 333 -12.27 6.75 -33.79
CA SER C 333 -12.42 5.54 -32.98
C SER C 333 -11.78 5.70 -31.61
N LEU C 334 -11.92 4.66 -30.81
CA LEU C 334 -11.58 4.66 -29.39
C LEU C 334 -11.54 3.22 -28.91
N GLY C 335 -11.00 3.01 -27.71
CA GLY C 335 -11.10 1.72 -27.03
C GLY C 335 -10.05 0.73 -27.51
N GLY C 336 -9.10 1.20 -28.32
CA GLY C 336 -7.96 0.39 -28.77
C GLY C 336 -6.80 0.46 -27.80
N TYR C 337 -5.80 -0.39 -28.02
CA TYR C 337 -4.55 -0.40 -27.23
C TYR C 337 -3.73 0.85 -27.53
N GLU C 338 -3.95 1.49 -28.68
CA GLU C 338 -3.16 2.67 -29.14
C GLU C 338 -3.94 3.94 -28.76
N SER C 339 -3.25 4.94 -28.29
CA SER C 339 -3.84 6.24 -27.86
C SER C 339 -4.27 7.03 -29.10
N LEU C 340 -5.51 7.52 -29.10
CA LEU C 340 -6.11 8.29 -30.21
C LEU C 340 -6.64 9.64 -29.70
N ALA C 341 -6.69 10.61 -30.60
CA ALA C 341 -7.29 11.94 -30.31
C ALA C 341 -8.10 12.38 -31.50
N GLU C 342 -9.22 13.05 -31.25
CA GLU C 342 -10.01 13.64 -32.33
C GLU C 342 -10.65 14.96 -31.85
N LEU C 343 -11.16 15.69 -32.82
CA LEU C 343 -11.90 16.96 -32.65
C LEU C 343 -13.33 16.69 -33.08
N PRO C 344 -14.23 16.30 -32.16
CA PRO C 344 -15.56 15.82 -32.53
C PRO C 344 -16.38 16.79 -33.40
N ALA C 345 -16.25 18.09 -33.19
CA ALA C 345 -17.05 19.09 -33.93
C ALA C 345 -16.80 18.97 -35.43
N ILE C 346 -15.59 18.59 -35.82
CA ILE C 346 -15.13 18.54 -37.23
C ILE C 346 -15.06 17.09 -37.72
N MET C 347 -15.07 16.11 -36.84
CA MET C 347 -14.84 14.68 -37.21
C MET C 347 -16.09 13.86 -36.86
N THR C 348 -16.15 13.17 -35.72
CA THR C 348 -17.25 12.23 -35.41
C THR C 348 -18.64 12.91 -35.37
N HIS C 349 -18.72 14.18 -35.01
CA HIS C 349 -20.01 14.87 -34.78
C HIS C 349 -20.25 15.96 -35.83
N ALA C 350 -19.53 15.93 -36.94
CA ALA C 350 -19.68 16.92 -38.04
C ALA C 350 -21.10 16.84 -38.61
N SER C 351 -21.75 15.68 -38.60
CA SER C 351 -23.11 15.53 -39.18
C SER C 351 -24.18 16.13 -38.24
N VAL C 352 -23.86 16.34 -36.96
CA VAL C 352 -24.82 16.97 -36.01
C VAL C 352 -24.93 18.46 -36.35
N PRO C 353 -26.14 19.03 -36.52
CA PRO C 353 -26.25 20.45 -36.87
C PRO C 353 -25.47 21.34 -35.90
N GLU C 354 -24.86 22.40 -36.42
CA GLU C 354 -23.95 23.31 -35.71
C GLU C 354 -24.64 23.85 -34.45
N LYS C 355 -25.94 24.17 -34.54
CA LYS C 355 -26.68 24.76 -33.38
C LYS C 355 -26.89 23.71 -32.30
N ASP C 356 -27.10 22.45 -32.70
CA ASP C 356 -27.23 21.31 -31.75
C ASP C 356 -25.86 21.07 -31.08
N ARG C 357 -24.76 21.10 -31.82
CA ARG C 357 -23.41 20.95 -31.23
C ARG C 357 -23.19 22.03 -30.16
N ALA C 358 -23.58 23.26 -30.45
CA ALA C 358 -23.41 24.40 -29.51
C ALA C 358 -24.19 24.11 -28.22
N THR C 359 -25.45 23.72 -28.31
CA THR C 359 -26.30 23.38 -27.13
C THR C 359 -25.63 22.27 -26.31
N LEU C 360 -25.02 21.28 -26.96
CA LEU C 360 -24.48 20.09 -26.25
C LEU C 360 -23.07 20.34 -25.71
N GLY C 361 -22.42 21.43 -26.09
CA GLY C 361 -21.03 21.69 -25.63
C GLY C 361 -19.99 21.06 -26.54
N ILE C 362 -20.38 20.64 -27.75
CA ILE C 362 -19.43 20.05 -28.76
C ILE C 362 -18.87 21.20 -29.58
N SER C 363 -17.99 21.97 -28.93
CA SER C 363 -17.39 23.22 -29.45
C SER C 363 -16.13 22.90 -30.25
N ASP C 364 -15.60 23.89 -30.93
CA ASP C 364 -14.39 23.69 -31.78
C ASP C 364 -13.13 23.62 -30.89
N THR C 365 -13.22 23.73 -29.58
CA THR C 365 -12.04 23.51 -28.68
C THR C 365 -12.15 22.21 -27.88
N LEU C 366 -13.20 21.41 -28.10
CA LEU C 366 -13.39 20.11 -27.40
CA LEU C 366 -13.39 20.11 -27.40
C LEU C 366 -12.55 19.06 -28.12
N ILE C 367 -11.61 18.46 -27.39
CA ILE C 367 -10.79 17.34 -27.88
C ILE C 367 -11.21 16.08 -27.10
N ARG C 368 -11.47 14.99 -27.81
CA ARG C 368 -11.75 13.68 -27.19
C ARG C 368 -10.50 12.82 -27.30
N LEU C 369 -10.01 12.33 -26.18
CA LEU C 369 -8.88 11.38 -26.11
C LEU C 369 -9.39 9.98 -25.79
N SER C 370 -8.83 8.99 -26.45
CA SER C 370 -8.95 7.57 -26.10
C SER C 370 -7.55 7.15 -25.62
N VAL C 371 -7.38 7.02 -24.32
CA VAL C 371 -6.07 6.71 -23.73
C VAL C 371 -5.90 5.19 -23.82
N GLY C 372 -4.80 4.79 -24.47
CA GLY C 372 -4.43 3.40 -24.73
C GLY C 372 -3.60 2.79 -23.60
N LEU C 373 -2.78 1.79 -23.93
CA LEU C 373 -2.12 0.92 -22.96
C LEU C 373 -0.62 1.24 -22.89
N GLU C 374 -0.19 2.36 -23.45
CA GLU C 374 1.24 2.75 -23.45
C GLU C 374 1.68 3.08 -22.00
N ASP C 375 2.98 3.26 -21.81
CA ASP C 375 3.54 3.68 -20.50
C ASP C 375 3.05 5.10 -20.14
N GLU C 376 2.56 5.25 -18.94
CA GLU C 376 1.93 6.49 -18.41
C GLU C 376 2.87 7.69 -18.67
N LYS C 377 4.16 7.58 -18.32
CA LYS C 377 5.10 8.71 -18.44
C LYS C 377 5.19 9.18 -19.90
N ASP C 378 5.22 8.24 -20.87
CA ASP C 378 5.30 8.56 -22.31
C ASP C 378 4.04 9.32 -22.73
N LEU C 379 2.86 8.92 -22.22
CA LEU C 379 1.58 9.58 -22.56
C LEU C 379 1.57 11.03 -22.03
N LEU C 380 2.03 11.24 -20.80
CA LEU C 380 2.00 12.60 -20.17
C LEU C 380 3.02 13.51 -20.85
N GLU C 381 4.19 13.01 -21.21
CA GLU C 381 5.20 13.80 -21.95
C GLU C 381 4.65 14.18 -23.33
N ASP C 382 3.93 13.29 -24.03
CA ASP C 382 3.37 13.60 -25.37
C ASP C 382 2.33 14.73 -25.25
N LEU C 383 1.41 14.63 -24.29
CA LEU C 383 0.36 15.65 -24.10
C LEU C 383 1.02 16.97 -23.72
N GLY C 384 2.00 16.94 -22.82
CA GLY C 384 2.70 18.14 -22.35
C GLY C 384 3.34 18.90 -23.49
N GLN C 385 4.13 18.23 -24.33
CA GLN C 385 4.86 18.89 -25.43
C GLN C 385 3.85 19.38 -26.48
N ALA C 386 2.76 18.65 -26.74
CA ALA C 386 1.76 19.10 -27.75
C ALA C 386 1.01 20.35 -27.24
N LEU C 387 0.64 20.38 -25.96
CA LEU C 387 -0.04 21.56 -25.37
C LEU C 387 0.93 22.75 -25.39
N LYS C 388 2.22 22.55 -25.13
CA LYS C 388 3.25 23.63 -25.18
C LYS C 388 3.39 24.15 -26.62
N ALA C 389 3.30 23.28 -27.64
CA ALA C 389 3.34 23.73 -29.04
C ALA C 389 2.13 24.62 -29.32
N ALA C 390 0.96 24.34 -28.74
CA ALA C 390 -0.27 25.13 -28.94
C ALA C 390 -0.21 26.46 -28.19
N HIS C 391 0.35 26.47 -26.98
CA HIS C 391 0.45 27.66 -26.08
C HIS C 391 1.87 27.73 -25.52
N PRO C 392 2.82 28.31 -26.28
CA PRO C 392 4.22 28.40 -25.84
C PRO C 392 4.34 29.05 -24.46
N GLY D 3 -2.20 -34.33 -78.42
CA GLY D 3 -1.48 -35.67 -78.39
C GLY D 3 -0.86 -35.97 -77.02
N PHE D 4 -1.23 -35.23 -75.96
CA PHE D 4 -0.74 -35.51 -74.58
C PHE D 4 -1.41 -36.76 -74.01
N LEU D 5 -0.87 -37.29 -72.93
CA LEU D 5 -1.52 -38.38 -72.15
C LEU D 5 -2.96 -37.97 -71.83
N PRO D 6 -3.90 -38.94 -71.75
CA PRO D 6 -5.28 -38.60 -71.39
C PRO D 6 -5.38 -37.99 -69.97
N SER D 7 -6.25 -37.00 -69.81
CA SER D 7 -6.45 -36.25 -68.52
C SER D 7 -6.80 -37.21 -67.38
N PHE D 8 -6.40 -36.89 -66.15
CA PHE D 8 -6.85 -37.63 -64.94
C PHE D 8 -8.37 -37.43 -64.86
N GLN D 9 -9.12 -38.51 -64.65
CA GLN D 9 -10.61 -38.54 -64.92
C GLN D 9 -11.49 -38.17 -63.71
N HIS D 10 -10.99 -38.36 -62.49
CA HIS D 10 -11.71 -38.03 -61.22
C HIS D 10 -11.03 -36.89 -60.48
N PHE D 11 -10.14 -36.15 -61.15
CA PHE D 11 -9.26 -35.18 -60.48
C PHE D 11 -10.11 -34.11 -59.79
N ALA D 12 -11.08 -33.52 -60.50
CA ALA D 12 -11.86 -32.38 -59.96
C ALA D 12 -12.73 -32.89 -58.80
N THR D 13 -13.31 -34.09 -58.92
CA THR D 13 -14.12 -34.68 -57.84
C THR D 13 -13.24 -34.87 -56.61
N GLN D 14 -12.05 -35.46 -56.78
CA GLN D 14 -11.13 -35.68 -55.64
C GLN D 14 -10.67 -34.35 -55.02
N ALA D 15 -10.36 -33.35 -55.82
CA ALA D 15 -9.85 -32.05 -55.35
C ALA D 15 -10.92 -31.39 -54.46
N ILE D 16 -12.20 -31.70 -54.71
CA ILE D 16 -13.32 -31.07 -53.96
C ILE D 16 -13.70 -31.92 -52.75
N HIS D 17 -13.61 -33.25 -52.81
CA HIS D 17 -14.25 -34.14 -51.81
C HIS D 17 -13.24 -34.89 -50.93
N VAL D 18 -12.04 -35.22 -51.40
CA VAL D 18 -11.19 -36.15 -50.60
C VAL D 18 -10.77 -35.42 -49.33
N GLY D 19 -11.01 -36.07 -48.19
CA GLY D 19 -10.66 -35.50 -46.88
C GLY D 19 -11.63 -34.44 -46.39
N GLN D 20 -12.69 -34.12 -47.15
CA GLN D 20 -13.57 -32.94 -46.86
C GLN D 20 -14.95 -33.41 -46.37
N GLU D 21 -15.10 -34.66 -45.92
CA GLU D 21 -16.39 -35.21 -45.42
C GLU D 21 -16.94 -34.29 -44.32
N PRO D 22 -18.16 -33.74 -44.47
CA PRO D 22 -18.75 -32.93 -43.39
C PRO D 22 -18.91 -33.66 -42.07
N GLU D 23 -19.05 -34.99 -42.12
CA GLU D 23 -19.28 -35.85 -40.91
C GLU D 23 -18.12 -35.75 -39.93
N GLN D 24 -16.93 -35.33 -40.35
CA GLN D 24 -15.78 -35.25 -39.41
C GLN D 24 -15.89 -34.03 -38.50
N TRP D 25 -16.75 -33.05 -38.80
CA TRP D 25 -16.88 -31.81 -37.99
C TRP D 25 -18.12 -31.90 -37.13
N SER D 26 -18.07 -31.45 -35.87
CA SER D 26 -19.27 -31.37 -34.99
C SER D 26 -20.42 -30.64 -35.67
N SER D 27 -20.11 -29.57 -36.38
CA SER D 27 -21.09 -28.67 -37.05
C SER D 27 -21.65 -29.27 -38.35
N ARG D 28 -20.96 -30.27 -38.92
CA ARG D 28 -21.25 -30.81 -40.28
C ARG D 28 -21.03 -29.73 -41.34
N ALA D 29 -20.15 -28.75 -41.08
CA ALA D 29 -19.73 -27.72 -42.06
C ALA D 29 -19.37 -28.42 -43.39
N VAL D 30 -19.80 -27.86 -44.52
CA VAL D 30 -19.48 -28.41 -45.86
CA VAL D 30 -19.48 -28.42 -45.86
C VAL D 30 -18.08 -27.94 -46.27
N VAL D 31 -17.55 -26.93 -45.61
CA VAL D 31 -16.18 -26.40 -45.88
C VAL D 31 -15.35 -26.57 -44.61
N LEU D 32 -14.10 -26.99 -44.75
CA LEU D 32 -13.23 -27.28 -43.56
CA LEU D 32 -13.23 -27.27 -43.56
C LEU D 32 -13.04 -26.00 -42.74
N PRO D 33 -13.14 -26.13 -41.41
CA PRO D 33 -12.84 -25.05 -40.50
C PRO D 33 -11.34 -24.74 -40.46
N ILE D 34 -11.02 -23.50 -40.14
CA ILE D 34 -9.64 -23.07 -39.81
C ILE D 34 -9.42 -23.27 -38.32
N SER D 35 -8.67 -24.27 -37.94
CA SER D 35 -8.39 -24.50 -36.51
C SER D 35 -7.00 -23.96 -36.18
N LEU D 36 -6.94 -22.82 -35.49
CA LEU D 36 -5.66 -22.18 -35.14
C LEU D 36 -5.09 -22.74 -33.85
N ALA D 37 -5.89 -23.43 -33.03
CA ALA D 37 -5.44 -23.91 -31.70
C ALA D 37 -4.07 -24.57 -31.80
N THR D 38 -3.17 -24.19 -30.91
CA THR D 38 -1.83 -24.82 -30.80
C THR D 38 -1.93 -26.13 -30.07
N THR D 39 -2.96 -26.31 -29.25
CA THR D 39 -3.07 -27.50 -28.39
C THR D 39 -4.52 -27.97 -28.26
N PHE D 40 -4.65 -29.16 -27.73
CA PHE D 40 -5.89 -29.98 -27.76
C PHE D 40 -6.02 -30.71 -26.43
N LYS D 41 -7.20 -30.68 -25.85
CA LYS D 41 -7.44 -31.32 -24.53
C LYS D 41 -7.39 -32.85 -24.71
N GLN D 42 -6.58 -33.52 -23.89
CA GLN D 42 -6.41 -34.98 -23.88
C GLN D 42 -7.35 -35.61 -22.84
N ASP D 43 -7.88 -36.78 -23.14
CA ASP D 43 -8.72 -37.60 -22.20
C ASP D 43 -7.83 -38.20 -21.11
N SER D 44 -6.59 -38.54 -21.42
CA SER D 44 -5.62 -38.98 -20.40
C SER D 44 -4.21 -38.73 -20.93
N PRO D 45 -3.21 -38.66 -20.04
CA PRO D 45 -1.89 -38.19 -20.45
C PRO D 45 -1.29 -39.11 -21.52
N GLY D 46 -0.81 -38.51 -22.60
CA GLY D 46 -0.13 -39.20 -23.70
C GLY D 46 -1.03 -40.18 -24.42
N GLN D 47 -2.33 -39.89 -24.48
CA GLN D 47 -3.24 -40.73 -25.31
C GLN D 47 -2.63 -40.78 -26.72
N SER D 48 -2.69 -41.94 -27.38
CA SER D 48 -2.02 -42.18 -28.70
C SER D 48 -2.90 -41.70 -29.87
N SER D 49 -4.18 -41.46 -29.64
CA SER D 49 -5.14 -41.00 -30.69
C SER D 49 -5.50 -39.52 -30.45
N GLY D 50 -6.03 -38.88 -31.49
CA GLY D 50 -6.47 -37.47 -31.49
C GLY D 50 -5.28 -36.55 -31.74
N PHE D 51 -5.54 -35.26 -31.70
CA PHE D 51 -4.53 -34.20 -31.91
C PHE D 51 -3.87 -33.92 -30.56
N VAL D 52 -2.63 -33.47 -30.60
CA VAL D 52 -1.79 -33.25 -29.41
C VAL D 52 -1.25 -31.83 -29.43
N TYR D 53 -0.60 -31.44 -30.51
CA TYR D 53 0.15 -30.17 -30.61
C TYR D 53 0.24 -29.78 -32.09
N SER D 54 -0.08 -28.54 -32.39
CA SER D 54 -0.31 -28.07 -33.78
C SER D 54 0.87 -28.42 -34.68
N ARG D 55 2.11 -28.23 -34.22
CA ARG D 55 3.29 -28.52 -35.07
C ARG D 55 3.27 -29.99 -35.52
N SER D 56 2.81 -30.90 -34.65
CA SER D 56 2.84 -32.36 -34.89
C SER D 56 1.69 -32.76 -35.81
N GLY D 57 0.63 -31.96 -35.86
CA GLY D 57 -0.57 -32.29 -36.65
C GLY D 57 -1.74 -31.47 -36.18
N ASN D 58 -2.61 -31.10 -37.10
CA ASN D 58 -3.76 -30.24 -36.74
C ASN D 58 -4.82 -30.47 -37.80
N PRO D 59 -6.10 -30.23 -37.46
CA PRO D 59 -7.20 -30.60 -38.34
C PRO D 59 -7.10 -30.01 -39.77
N THR D 60 -6.82 -28.71 -39.89
CA THR D 60 -6.81 -28.03 -41.19
C THR D 60 -5.66 -28.58 -42.04
N ARG D 61 -4.45 -28.67 -41.47
CA ARG D 61 -3.29 -29.19 -42.24
C ARG D 61 -3.56 -30.64 -42.65
N ASN D 62 -4.06 -31.47 -41.75
CA ASN D 62 -4.26 -32.91 -42.02
C ASN D 62 -5.27 -33.08 -43.16
N CYS D 63 -6.28 -32.23 -43.21
CA CYS D 63 -7.31 -32.24 -44.28
CA CYS D 63 -7.31 -32.24 -44.28
C CYS D 63 -6.69 -31.84 -45.63
N LEU D 64 -5.89 -30.78 -45.66
CA LEU D 64 -5.16 -30.41 -46.89
C LEU D 64 -4.29 -31.58 -47.34
N GLU D 65 -3.53 -32.20 -46.45
CA GLU D 65 -2.57 -33.28 -46.81
C GLU D 65 -3.34 -34.46 -47.43
N LYS D 66 -4.53 -34.77 -46.97
CA LYS D 66 -5.35 -35.87 -47.56
C LYS D 66 -5.74 -35.50 -48.99
N ALA D 67 -6.14 -34.26 -49.25
CA ALA D 67 -6.56 -33.80 -50.59
C ALA D 67 -5.36 -33.86 -51.54
N VAL D 68 -4.21 -33.31 -51.13
CA VAL D 68 -3.02 -33.23 -52.02
C VAL D 68 -2.54 -34.65 -52.33
N ALA D 69 -2.52 -35.53 -51.34
CA ALA D 69 -2.13 -36.95 -51.54
C ALA D 69 -2.95 -37.54 -52.69
N ALA D 70 -4.27 -37.36 -52.68
CA ALA D 70 -5.15 -37.90 -53.75
C ALA D 70 -4.76 -37.28 -55.11
N LEU D 71 -4.53 -35.97 -55.16
CA LEU D 71 -4.21 -35.28 -56.44
C LEU D 71 -2.83 -35.71 -56.97
N ASP D 72 -1.90 -36.09 -56.09
CA ASP D 72 -0.54 -36.53 -56.49
C ASP D 72 -0.54 -38.05 -56.76
N GLY D 73 -1.66 -38.75 -56.59
CA GLY D 73 -1.69 -40.22 -56.69
C GLY D 73 -0.84 -40.88 -55.63
N ALA D 74 -0.80 -40.31 -54.44
CA ALA D 74 0.07 -40.73 -53.33
C ALA D 74 -0.74 -41.30 -52.16
N LYS D 75 -0.12 -42.12 -51.35
CA LYS D 75 -0.68 -42.60 -50.07
C LYS D 75 -0.50 -41.54 -48.98
N HIS D 76 0.53 -40.70 -49.06
CA HIS D 76 0.94 -39.79 -47.96
C HIS D 76 1.35 -38.43 -48.51
N CYS D 77 1.00 -37.37 -47.81
CA CYS D 77 1.45 -36.00 -48.16
C CYS D 77 1.82 -35.26 -46.88
N LEU D 78 2.89 -34.47 -46.97
CA LEU D 78 3.37 -33.59 -45.89
C LEU D 78 3.45 -32.15 -46.42
N THR D 79 2.94 -31.20 -45.67
CA THR D 79 3.01 -29.76 -46.00
C THR D 79 4.09 -29.06 -45.17
N PHE D 80 4.70 -28.05 -45.76
CA PHE D 80 5.84 -27.27 -45.21
C PHE D 80 5.61 -25.78 -45.43
N ALA D 81 6.38 -24.98 -44.71
CA ALA D 81 6.29 -23.51 -44.69
C ALA D 81 6.62 -22.90 -46.05
N SER D 82 7.32 -23.60 -46.93
CA SER D 82 7.73 -23.13 -48.27
C SER D 82 8.24 -24.31 -49.09
N GLY D 83 8.35 -24.13 -50.40
CA GLY D 83 9.09 -25.10 -51.25
C GLY D 83 10.51 -25.30 -50.76
N LEU D 84 11.23 -24.24 -50.40
CA LEU D 84 12.62 -24.42 -49.88
C LEU D 84 12.59 -25.18 -48.55
N ALA D 85 11.61 -24.96 -47.67
CA ALA D 85 11.52 -25.74 -46.42
C ALA D 85 11.29 -27.22 -46.74
N ALA D 86 10.49 -27.54 -47.75
CA ALA D 86 10.28 -28.93 -48.21
C ALA D 86 11.62 -29.51 -48.66
N THR D 87 12.39 -28.72 -49.42
CA THR D 87 13.72 -29.13 -49.95
C THR D 87 14.67 -29.42 -48.79
N THR D 88 14.75 -28.51 -47.82
CA THR D 88 15.58 -28.66 -46.60
C THR D 88 15.18 -29.93 -45.84
N THR D 89 13.88 -30.15 -45.65
CA THR D 89 13.39 -31.31 -44.89
C THR D 89 13.76 -32.61 -45.62
N ILE D 90 13.57 -32.67 -46.93
CA ILE D 90 13.94 -33.88 -47.73
C ILE D 90 15.44 -34.14 -47.56
N THR D 91 16.26 -33.11 -47.60
CA THR D 91 17.74 -33.25 -47.53
C THR D 91 18.12 -33.83 -46.17
N HIS D 92 17.35 -33.54 -45.12
CA HIS D 92 17.58 -34.08 -43.76
C HIS D 92 17.25 -35.58 -43.68
N LEU D 93 16.70 -36.20 -44.73
CA LEU D 93 16.59 -37.69 -44.80
C LEU D 93 17.99 -38.32 -44.82
N LEU D 94 19.01 -37.55 -45.19
CA LEU D 94 20.37 -38.11 -45.44
C LEU D 94 21.20 -38.01 -44.16
N LYS D 95 22.50 -38.17 -44.30
CA LYS D 95 23.47 -37.98 -43.20
C LYS D 95 24.85 -37.64 -43.77
N ALA D 96 25.76 -37.17 -42.94
CA ALA D 96 27.15 -36.82 -43.30
C ALA D 96 27.74 -38.01 -44.07
N GLY D 97 28.39 -37.75 -45.20
CA GLY D 97 29.03 -38.81 -46.04
C GLY D 97 28.18 -39.16 -47.25
N ASP D 98 26.91 -38.73 -47.29
CA ASP D 98 26.01 -39.05 -48.43
C ASP D 98 26.26 -38.06 -49.57
N GLU D 99 25.86 -38.44 -50.77
CA GLU D 99 25.99 -37.59 -51.97
C GLU D 99 24.60 -37.35 -52.56
N VAL D 100 24.40 -36.14 -53.06
CA VAL D 100 23.20 -35.69 -53.80
C VAL D 100 23.62 -35.39 -55.25
N ILE D 101 22.83 -35.86 -56.21
CA ILE D 101 22.92 -35.41 -57.61
C ILE D 101 21.72 -34.51 -57.85
N CYS D 102 21.97 -33.29 -58.32
CA CYS D 102 20.92 -32.30 -58.61
C CYS D 102 20.93 -31.98 -60.09
N MET D 103 19.77 -31.90 -60.71
CA MET D 103 19.58 -31.35 -62.08
CA MET D 103 19.58 -31.35 -62.08
C MET D 103 20.39 -30.05 -62.19
N ASP D 104 21.12 -29.86 -63.27
CA ASP D 104 22.09 -28.74 -63.38
C ASP D 104 21.33 -27.41 -63.40
N GLU D 105 20.16 -27.37 -64.02
CA GLU D 105 19.33 -26.15 -64.02
C GLU D 105 18.15 -26.32 -63.06
N VAL D 106 18.18 -25.58 -61.97
CA VAL D 106 17.09 -25.57 -60.96
C VAL D 106 16.81 -24.13 -60.60
N TYR D 107 15.71 -23.90 -59.91
CA TYR D 107 15.46 -22.60 -59.25
C TYR D 107 16.75 -22.15 -58.57
N GLY D 108 17.08 -20.86 -58.70
CA GLY D 108 18.29 -20.27 -58.08
C GLY D 108 18.38 -20.58 -56.59
N GLY D 109 17.25 -20.51 -55.85
CA GLY D 109 17.25 -20.81 -54.40
C GLY D 109 17.58 -22.26 -54.10
N THR D 110 17.17 -23.19 -54.94
CA THR D 110 17.50 -24.62 -54.77
C THR D 110 19.01 -24.78 -54.94
N ASN D 111 19.55 -24.18 -55.99
CA ASN D 111 21.01 -24.17 -56.28
C ASN D 111 21.74 -23.63 -55.05
N ARG D 112 21.35 -22.46 -54.56
CA ARG D 112 21.97 -21.80 -53.40
C ARG D 112 21.94 -22.73 -52.18
N TYR D 113 20.80 -23.35 -51.89
CA TYR D 113 20.66 -24.24 -50.70
C TYR D 113 21.67 -25.39 -50.82
N PHE D 114 21.67 -26.13 -51.94
CA PHE D 114 22.56 -27.30 -52.08
C PHE D 114 24.03 -26.85 -52.06
N ARG D 115 24.36 -25.83 -52.84
CA ARG D 115 25.74 -25.40 -53.11
C ARG D 115 26.35 -24.75 -51.86
N ARG D 116 25.60 -23.90 -51.15
CA ARG D 116 26.16 -23.04 -50.08
C ARG D 116 25.78 -23.53 -48.68
N VAL D 117 24.71 -24.30 -48.52
CA VAL D 117 24.27 -24.72 -47.16
C VAL D 117 24.47 -26.22 -46.96
N ALA D 118 23.75 -27.06 -47.69
CA ALA D 118 23.77 -28.54 -47.49
C ALA D 118 25.20 -29.07 -47.57
N SER D 119 25.99 -28.52 -48.49
CA SER D 119 27.38 -28.96 -48.76
C SER D 119 28.29 -28.70 -47.55
N GLU D 120 27.89 -27.86 -46.59
CA GLU D 120 28.69 -27.55 -45.40
C GLU D 120 28.44 -28.55 -44.27
N PHE D 121 27.47 -29.44 -44.42
CA PHE D 121 27.07 -30.42 -43.39
C PHE D 121 27.39 -31.85 -43.84
N GLY D 122 28.52 -32.04 -44.55
CA GLY D 122 29.03 -33.38 -44.88
C GLY D 122 28.33 -34.00 -46.08
N LEU D 123 27.55 -33.23 -46.83
CA LEU D 123 26.90 -33.73 -48.06
C LEU D 123 27.71 -33.27 -49.28
N LYS D 124 27.97 -34.17 -50.20
CA LYS D 124 28.63 -33.83 -51.48
C LYS D 124 27.51 -33.59 -52.50
N ILE D 125 27.50 -32.45 -53.17
CA ILE D 125 26.48 -32.09 -54.20
C ILE D 125 27.14 -32.07 -55.57
N SER D 126 26.58 -32.75 -56.55
CA SER D 126 27.02 -32.71 -57.97
C SER D 126 25.84 -32.25 -58.80
N PHE D 127 26.05 -31.27 -59.67
CA PHE D 127 25.03 -30.78 -60.63
C PHE D 127 25.25 -31.50 -61.95
N VAL D 128 24.22 -32.15 -62.48
CA VAL D 128 24.31 -33.02 -63.68
C VAL D 128 23.17 -32.69 -64.61
N ASP D 129 23.42 -32.64 -65.92
CA ASP D 129 22.35 -32.46 -66.93
C ASP D 129 21.58 -33.77 -67.06
N CYS D 130 20.50 -33.93 -66.30
CA CYS D 130 19.71 -35.20 -66.25
C CYS D 130 18.77 -35.33 -67.46
N SER D 131 18.71 -34.35 -68.36
CA SER D 131 18.07 -34.50 -69.69
C SER D 131 18.87 -35.51 -70.53
N LYS D 132 20.10 -35.82 -70.14
CA LYS D 132 20.94 -36.87 -70.78
C LYS D 132 21.15 -38.00 -69.78
N THR D 133 20.41 -39.08 -69.93
CA THR D 133 20.35 -40.17 -68.92
C THR D 133 21.73 -40.79 -68.74
N LYS D 134 22.61 -40.80 -69.78
CA LYS D 134 23.98 -41.37 -69.62
C LYS D 134 24.81 -40.54 -68.65
N LEU D 135 24.57 -39.23 -68.57
CA LEU D 135 25.30 -38.37 -67.59
C LEU D 135 24.84 -38.69 -66.17
N LEU D 136 23.56 -38.98 -65.98
CA LEU D 136 23.04 -39.36 -64.63
C LEU D 136 23.66 -40.71 -64.22
N GLU D 137 23.59 -41.69 -65.10
CA GLU D 137 24.18 -43.05 -64.93
C GLU D 137 25.63 -42.90 -64.47
N ALA D 138 26.43 -42.09 -65.15
CA ALA D 138 27.89 -41.94 -64.86
C ALA D 138 28.16 -41.23 -63.55
N ALA D 139 27.25 -40.37 -63.06
CA ALA D 139 27.49 -39.56 -61.83
C ALA D 139 27.17 -40.38 -60.59
N ILE D 140 26.43 -41.48 -60.70
CA ILE D 140 26.02 -42.25 -59.48
C ILE D 140 27.24 -42.98 -58.91
N THR D 141 27.44 -42.89 -57.61
CA THR D 141 28.51 -43.60 -56.86
C THR D 141 27.84 -44.41 -55.75
N PRO D 142 28.56 -45.30 -55.05
CA PRO D 142 27.98 -46.00 -53.91
C PRO D 142 27.51 -45.06 -52.79
N GLN D 143 28.00 -43.82 -52.75
CA GLN D 143 27.61 -42.84 -51.69
C GLN D 143 26.37 -42.01 -52.13
N THR D 144 25.92 -42.11 -53.39
CA THR D 144 24.72 -41.38 -53.86
C THR D 144 23.49 -41.88 -53.07
N LYS D 145 22.74 -40.97 -52.44
CA LYS D 145 21.52 -41.35 -51.69
C LYS D 145 20.29 -40.59 -52.20
N LEU D 146 20.46 -39.54 -52.99
CA LEU D 146 19.35 -38.67 -53.41
CA LEU D 146 19.34 -38.66 -53.42
C LEU D 146 19.67 -38.12 -54.81
N VAL D 147 18.69 -38.18 -55.69
CA VAL D 147 18.73 -37.55 -57.03
C VAL D 147 17.55 -36.59 -57.10
N TRP D 148 17.82 -35.31 -57.34
CA TRP D 148 16.84 -34.20 -57.27
C TRP D 148 16.66 -33.69 -58.71
N ILE D 149 15.49 -33.86 -59.29
CA ILE D 149 15.23 -33.41 -60.68
CA ILE D 149 15.23 -33.41 -60.68
C ILE D 149 14.01 -32.48 -60.71
N GLU D 150 14.14 -31.35 -61.39
CA GLU D 150 13.03 -30.46 -61.76
C GLU D 150 12.74 -30.76 -63.22
N THR D 151 11.48 -30.90 -63.60
CA THR D 151 11.13 -30.99 -65.02
C THR D 151 9.71 -30.47 -65.17
N PRO D 152 9.47 -29.49 -66.06
CA PRO D 152 10.50 -28.74 -66.74
C PRO D 152 11.33 -27.86 -65.81
N THR D 153 12.54 -27.45 -66.22
CA THR D 153 13.48 -26.70 -65.36
C THR D 153 13.09 -25.22 -65.30
N ASN D 154 13.39 -24.61 -64.17
CA ASN D 154 13.22 -23.16 -63.96
C ASN D 154 14.58 -22.51 -64.23
N PRO D 155 14.76 -21.63 -65.25
CA PRO D 155 13.68 -21.08 -66.08
C PRO D 155 13.69 -21.40 -67.57
N THR D 156 14.52 -22.34 -68.04
CA THR D 156 14.65 -22.59 -69.51
C THR D 156 13.77 -23.77 -69.95
N LEU D 157 13.00 -24.39 -69.06
CA LEU D 157 11.95 -25.37 -69.43
C LEU D 157 12.55 -26.56 -70.20
N LYS D 158 13.70 -27.02 -69.76
CA LYS D 158 14.32 -28.30 -70.19
C LYS D 158 13.61 -29.43 -69.46
N LEU D 159 13.37 -30.55 -70.14
CA LEU D 159 12.70 -31.73 -69.55
C LEU D 159 13.71 -32.81 -69.20
N ALA D 160 13.38 -33.62 -68.20
CA ALA D 160 14.03 -34.91 -67.94
C ALA D 160 12.97 -35.99 -68.10
N ASP D 161 13.39 -37.14 -68.61
CA ASP D 161 12.51 -38.32 -68.79
C ASP D 161 12.42 -39.00 -67.41
N ILE D 162 11.33 -38.79 -66.69
CA ILE D 162 11.22 -39.23 -65.29
C ILE D 162 11.32 -40.76 -65.22
N LYS D 163 10.55 -41.49 -66.06
CA LYS D 163 10.58 -42.97 -66.02
C LYS D 163 12.00 -43.49 -66.32
N ALA D 164 12.70 -42.92 -67.30
CA ALA D 164 14.07 -43.34 -67.66
C ALA D 164 15.04 -43.03 -66.50
N CYS D 165 14.93 -41.86 -65.85
CA CYS D 165 15.78 -41.52 -64.69
C CYS D 165 15.45 -42.47 -63.52
N ALA D 166 14.17 -42.79 -63.29
CA ALA D 166 13.77 -43.69 -62.20
C ALA D 166 14.40 -45.07 -62.42
N GLN D 167 14.38 -45.57 -63.65
CA GLN D 167 14.95 -46.91 -63.99
C GLN D 167 16.43 -46.91 -63.68
N ILE D 168 17.14 -45.87 -64.04
CA ILE D 168 18.61 -45.74 -63.75
C ILE D 168 18.83 -45.74 -62.25
N VAL D 169 18.13 -44.89 -61.48
CA VAL D 169 18.51 -44.76 -60.04
C VAL D 169 18.06 -46.03 -59.30
N HIS D 170 16.97 -46.68 -59.69
CA HIS D 170 16.43 -47.86 -58.96
C HIS D 170 17.22 -49.13 -59.30
N LYS D 171 18.16 -49.12 -60.24
CA LYS D 171 19.13 -50.25 -60.42
C LYS D 171 20.08 -50.28 -59.23
N HIS D 172 20.28 -49.17 -58.53
CA HIS D 172 21.18 -49.10 -57.34
C HIS D 172 20.34 -49.28 -56.07
N LYS D 173 21.00 -49.62 -54.97
CA LYS D 173 20.35 -49.80 -53.66
C LYS D 173 20.16 -48.42 -53.02
N ASP D 174 18.96 -48.13 -52.52
CA ASP D 174 18.80 -47.07 -51.50
C ASP D 174 19.07 -45.67 -52.10
N ILE D 175 18.68 -45.40 -53.34
CA ILE D 175 18.71 -44.02 -53.88
C ILE D 175 17.26 -43.53 -53.98
N ILE D 176 17.01 -42.36 -53.39
CA ILE D 176 15.69 -41.66 -53.47
C ILE D 176 15.70 -40.78 -54.71
N LEU D 177 14.71 -40.92 -55.58
CA LEU D 177 14.48 -39.96 -56.69
C LEU D 177 13.37 -38.99 -56.29
N VAL D 178 13.71 -37.71 -56.24
CA VAL D 178 12.77 -36.59 -56.01
C VAL D 178 12.49 -35.93 -57.35
N VAL D 179 11.24 -35.70 -57.68
CA VAL D 179 10.88 -34.84 -58.83
C VAL D 179 10.17 -33.62 -58.22
N ASP D 180 10.72 -32.44 -58.52
CA ASP D 180 10.07 -31.14 -58.23
C ASP D 180 9.10 -30.86 -59.38
N ASN D 181 7.81 -30.98 -59.08
CA ASN D 181 6.67 -30.91 -60.02
C ASN D 181 6.05 -29.50 -60.04
N THR D 182 6.74 -28.49 -59.51
CA THR D 182 6.18 -27.11 -59.34
C THR D 182 5.67 -26.58 -60.69
N PHE D 183 6.46 -26.70 -61.76
CA PHE D 183 6.13 -26.02 -63.04
C PHE D 183 4.96 -26.70 -63.74
N MET D 184 4.68 -27.99 -63.51
CA MET D 184 3.58 -28.69 -64.25
C MET D 184 2.26 -28.64 -63.46
N SER D 185 2.33 -28.71 -62.13
CA SER D 185 1.19 -28.99 -61.22
C SER D 185 0.79 -30.47 -61.31
N ALA D 186 0.10 -30.93 -60.28
CA ALA D 186 -0.45 -32.30 -60.16
C ALA D 186 -1.41 -32.58 -61.29
N TYR D 187 -2.01 -31.54 -61.88
CA TYR D 187 -3.02 -31.77 -62.94
C TYR D 187 -2.35 -32.27 -64.23
N PHE D 188 -1.12 -31.84 -64.51
CA PHE D 188 -0.49 -32.12 -65.83
C PHE D 188 0.63 -33.16 -65.73
N GLN D 189 1.15 -33.45 -64.57
CA GLN D 189 2.28 -34.40 -64.42
C GLN D 189 2.15 -35.11 -63.08
N ARG D 190 2.35 -36.43 -63.07
CA ARG D 190 2.23 -37.27 -61.84
C ARG D 190 3.51 -38.08 -61.69
N PRO D 191 4.59 -37.50 -61.12
CA PRO D 191 5.86 -38.21 -61.01
C PRO D 191 5.81 -39.53 -60.24
N LEU D 192 4.95 -39.67 -59.23
CA LEU D 192 4.85 -40.97 -58.49
C LEU D 192 4.35 -42.08 -59.42
N ALA D 193 3.55 -41.78 -60.44
CA ALA D 193 3.07 -42.80 -61.41
C ALA D 193 4.17 -43.10 -62.45
N LEU D 194 5.26 -42.34 -62.49
CA LEU D 194 6.37 -42.52 -63.48
C LEU D 194 7.62 -43.06 -62.81
N GLY D 195 7.58 -43.39 -61.52
CA GLY D 195 8.68 -44.04 -60.79
C GLY D 195 9.40 -43.16 -59.79
N ALA D 196 9.07 -41.88 -59.64
CA ALA D 196 9.67 -41.05 -58.56
C ALA D 196 9.34 -41.67 -57.20
N ASP D 197 10.22 -41.52 -56.22
CA ASP D 197 9.96 -41.89 -54.81
C ASP D 197 9.26 -40.72 -54.08
N ILE D 198 9.59 -39.49 -54.44
CA ILE D 198 9.05 -38.26 -53.80
C ILE D 198 8.62 -37.30 -54.88
N CYS D 199 7.39 -36.81 -54.78
CA CYS D 199 6.84 -35.72 -55.61
C CYS D 199 6.79 -34.47 -54.70
N MET D 200 7.61 -33.49 -55.01
CA MET D 200 7.73 -32.26 -54.21
C MET D 200 7.20 -31.11 -55.07
N CYS D 201 6.57 -30.12 -54.46
CA CYS D 201 6.35 -28.87 -55.20
C CYS D 201 6.29 -27.66 -54.26
N SER D 202 6.57 -26.51 -54.84
CA SER D 202 6.24 -25.20 -54.26
C SER D 202 4.76 -24.99 -54.55
N ALA D 203 3.92 -25.18 -53.55
CA ALA D 203 2.48 -24.90 -53.62
C ALA D 203 2.25 -23.40 -53.74
N THR D 204 3.27 -22.60 -53.46
CA THR D 204 3.30 -21.14 -53.68
C THR D 204 2.82 -20.81 -55.10
N LYS D 205 3.04 -21.72 -56.05
CA LYS D 205 2.81 -21.44 -57.48
C LYS D 205 1.40 -21.95 -57.85
N TYR D 206 1.28 -22.88 -58.78
CA TYR D 206 -0.04 -23.27 -59.34
C TYR D 206 -0.97 -23.94 -58.31
N MET D 207 -0.44 -24.72 -57.38
CA MET D 207 -1.33 -25.54 -56.52
C MET D 207 -2.28 -24.62 -55.75
N ASN D 208 -1.73 -23.60 -55.11
CA ASN D 208 -2.56 -22.56 -54.47
C ASN D 208 -3.16 -21.65 -55.55
N GLY D 209 -2.34 -21.16 -56.46
CA GLY D 209 -2.79 -20.46 -57.67
C GLY D 209 -3.20 -19.02 -57.49
N HIS D 210 -3.18 -18.46 -56.26
CA HIS D 210 -3.72 -17.11 -55.98
C HIS D 210 -2.66 -16.15 -55.39
N SER D 211 -1.39 -16.49 -55.47
CA SER D 211 -0.24 -15.62 -55.12
C SER D 211 -0.38 -15.05 -53.71
N ASP D 212 -0.94 -15.83 -52.80
CA ASP D 212 -1.20 -15.35 -51.43
C ASP D 212 -0.81 -16.37 -50.36
N VAL D 213 -0.08 -17.41 -50.74
CA VAL D 213 0.39 -18.48 -49.82
C VAL D 213 1.79 -18.89 -50.27
N VAL D 214 2.70 -18.94 -49.33
CA VAL D 214 4.01 -19.61 -49.47
C VAL D 214 3.91 -20.96 -48.78
N MET D 215 4.16 -22.04 -49.50
CA MET D 215 3.96 -23.40 -48.96
C MET D 215 4.72 -24.42 -49.84
N GLY D 216 5.20 -25.49 -49.21
CA GLY D 216 5.76 -26.67 -49.87
C GLY D 216 4.91 -27.90 -49.59
N LEU D 217 4.87 -28.81 -50.55
CA LEU D 217 4.11 -30.08 -50.49
C LEU D 217 5.08 -31.18 -50.88
N VAL D 218 5.03 -32.27 -50.15
CA VAL D 218 5.82 -33.50 -50.42
C VAL D 218 4.87 -34.70 -50.36
N SER D 219 4.80 -35.47 -51.43
CA SER D 219 3.95 -36.66 -51.55
C SER D 219 4.80 -37.89 -51.79
N VAL D 220 4.47 -38.99 -51.13
CA VAL D 220 5.19 -40.29 -51.19
C VAL D 220 4.19 -41.45 -51.14
N ASN D 221 4.62 -42.61 -51.66
CA ASN D 221 3.90 -43.89 -51.50
C ASN D 221 4.57 -44.73 -50.40
N SER D 222 5.87 -44.66 -50.23
CA SER D 222 6.66 -45.51 -49.30
C SER D 222 6.26 -45.19 -47.84
N ASP D 223 5.92 -46.21 -47.06
CA ASP D 223 5.63 -46.07 -45.61
C ASP D 223 6.93 -45.69 -44.88
N ASP D 224 8.09 -46.22 -45.29
CA ASP D 224 9.42 -45.86 -44.72
C ASP D 224 9.69 -44.36 -44.92
N LEU D 225 9.53 -43.83 -46.14
CA LEU D 225 9.81 -42.41 -46.44
C LEU D 225 8.79 -41.55 -45.67
N ASN D 226 7.53 -41.96 -45.62
CA ASN D 226 6.50 -41.23 -44.86
C ASN D 226 6.95 -41.11 -43.39
N GLU D 227 7.34 -42.20 -42.76
CA GLU D 227 7.75 -42.20 -41.33
C GLU D 227 8.94 -41.26 -41.12
N ARG D 228 9.95 -41.34 -42.00
CA ARG D 228 11.18 -40.51 -41.88
C ARG D 228 10.82 -39.03 -42.10
N LEU D 229 9.97 -38.72 -43.08
CA LEU D 229 9.61 -37.32 -43.39
C LEU D 229 8.70 -36.75 -42.29
N ARG D 230 7.80 -37.57 -41.75
CA ARG D 230 6.88 -37.12 -40.68
C ARG D 230 7.71 -36.74 -39.44
N PHE D 231 8.69 -37.55 -39.11
CA PHE D 231 9.65 -37.30 -38.02
C PHE D 231 10.30 -35.93 -38.21
N LEU D 232 10.71 -35.60 -39.44
CA LEU D 232 11.41 -34.32 -39.73
C LEU D 232 10.42 -33.15 -39.81
N GLN D 233 9.19 -33.35 -40.30
CA GLN D 233 8.17 -32.28 -40.30
C GLN D 233 7.99 -31.82 -38.84
N ASN D 234 7.91 -32.78 -37.91
CA ASN D 234 7.68 -32.52 -36.48
C ASN D 234 8.96 -31.95 -35.84
N SER D 235 10.13 -32.49 -36.17
CA SER D 235 11.40 -32.25 -35.43
C SER D 235 12.14 -31.01 -35.92
N LEU D 236 12.08 -30.67 -37.22
CA LEU D 236 12.64 -29.38 -37.73
C LEU D 236 11.59 -28.28 -37.58
N GLY D 237 10.30 -28.62 -37.64
CA GLY D 237 9.19 -27.68 -37.39
C GLY D 237 9.01 -26.65 -38.49
N ALA D 238 9.42 -26.94 -39.73
CA ALA D 238 9.21 -25.99 -40.85
C ALA D 238 7.78 -26.15 -41.37
N VAL D 239 6.79 -25.84 -40.52
CA VAL D 239 5.36 -26.20 -40.80
C VAL D 239 4.59 -24.97 -41.25
N PRO D 240 3.51 -25.18 -42.03
CA PRO D 240 2.66 -24.10 -42.52
C PRO D 240 1.63 -23.68 -41.47
N SER D 241 1.19 -22.44 -41.51
CA SER D 241 0.05 -21.93 -40.73
C SER D 241 -1.22 -22.66 -41.18
N PRO D 242 -2.14 -23.01 -40.26
CA PRO D 242 -3.43 -23.58 -40.65
C PRO D 242 -4.24 -22.64 -41.56
N PHE D 243 -4.07 -21.33 -41.39
CA PHE D 243 -4.71 -20.34 -42.26
C PHE D 243 -4.22 -20.52 -43.71
N ASP D 244 -2.91 -20.66 -43.89
CA ASP D 244 -2.31 -20.94 -45.22
C ASP D 244 -2.80 -22.28 -45.74
N CYS D 245 -2.95 -23.29 -44.90
CA CYS D 245 -3.48 -24.60 -45.33
C CYS D 245 -4.90 -24.43 -45.86
N TYR D 246 -5.71 -23.61 -45.20
CA TYR D 246 -7.10 -23.34 -45.63
C TYR D 246 -7.06 -22.68 -47.02
N LEU D 247 -6.27 -21.63 -47.21
CA LEU D 247 -6.21 -20.90 -48.50
C LEU D 247 -5.70 -21.83 -49.61
N CYS D 248 -4.73 -22.66 -49.32
CA CYS D 248 -4.21 -23.62 -50.34
C CYS D 248 -5.31 -24.64 -50.67
N CYS D 249 -6.03 -25.15 -49.67
CA CYS D 249 -7.16 -26.05 -49.89
C CYS D 249 -8.21 -25.35 -50.77
N ARG D 250 -8.50 -24.10 -50.50
CA ARG D 250 -9.47 -23.31 -51.29
C ARG D 250 -8.98 -23.22 -52.75
N GLY D 251 -7.69 -22.97 -52.95
CA GLY D 251 -7.08 -22.92 -54.29
C GLY D 251 -7.21 -24.25 -55.03
N LEU D 252 -7.06 -25.39 -54.38
CA LEU D 252 -7.15 -26.72 -55.03
C LEU D 252 -8.54 -26.93 -55.65
N LYS D 253 -9.59 -26.31 -55.11
CA LYS D 253 -10.97 -26.55 -55.56
C LYS D 253 -11.11 -26.11 -57.03
N THR D 254 -10.30 -25.13 -57.48
CA THR D 254 -10.33 -24.63 -58.89
C THR D 254 -9.12 -25.09 -59.71
N LEU D 255 -8.27 -25.98 -59.17
CA LEU D 255 -6.99 -26.31 -59.83
C LEU D 255 -7.25 -26.84 -61.26
N GLN D 256 -8.17 -27.77 -61.45
CA GLN D 256 -8.39 -28.34 -62.79
C GLN D 256 -8.76 -27.22 -63.79
N ILE D 257 -9.72 -26.36 -63.46
CA ILE D 257 -10.19 -25.34 -64.42
C ILE D 257 -9.14 -24.25 -64.60
N ARG D 258 -8.35 -23.93 -63.58
CA ARG D 258 -7.25 -22.93 -63.71
C ARG D 258 -6.22 -23.49 -64.68
N MET D 259 -5.78 -24.72 -64.47
CA MET D 259 -4.68 -25.30 -65.26
C MET D 259 -5.13 -25.42 -66.73
N GLU D 260 -6.38 -25.77 -67.01
CA GLU D 260 -6.88 -25.84 -68.42
C GLU D 260 -6.78 -24.46 -69.06
N LYS D 261 -7.12 -23.40 -68.32
CA LYS D 261 -7.05 -22.02 -68.84
C LYS D 261 -5.58 -21.58 -69.00
N HIS D 262 -4.70 -21.93 -68.07
CA HIS D 262 -3.25 -21.61 -68.22
C HIS D 262 -2.72 -22.27 -69.51
N PHE D 263 -3.14 -23.50 -69.80
CA PHE D 263 -2.73 -24.24 -71.02
C PHE D 263 -3.24 -23.49 -72.27
N ARG D 264 -4.51 -23.13 -72.33
CA ARG D 264 -5.08 -22.38 -73.50
C ARG D 264 -4.31 -21.06 -73.69
N ASN D 265 -4.15 -20.28 -72.62
CA ASN D 265 -3.48 -18.96 -72.69
C ASN D 265 -1.99 -19.14 -73.00
N GLY D 266 -1.32 -20.09 -72.35
CA GLY D 266 0.10 -20.34 -72.52
C GLY D 266 0.40 -20.72 -73.97
N MET D 267 -0.40 -21.62 -74.55
CA MET D 267 -0.21 -22.07 -75.95
C MET D 267 -0.41 -20.88 -76.88
N ALA D 268 -1.41 -20.03 -76.64
CA ALA D 268 -1.68 -18.85 -77.49
C ALA D 268 -0.49 -17.87 -77.43
N VAL D 269 0.06 -17.61 -76.25
CA VAL D 269 1.22 -16.71 -76.04
C VAL D 269 2.43 -17.30 -76.76
N ALA D 270 2.70 -18.60 -76.57
CA ALA D 270 3.86 -19.24 -77.19
C ALA D 270 3.79 -19.13 -78.73
N ARG D 271 2.62 -19.41 -79.32
CA ARG D 271 2.43 -19.31 -80.79
C ARG D 271 2.62 -17.88 -81.26
N PHE D 272 2.11 -16.91 -80.52
CA PHE D 272 2.24 -15.47 -80.84
C PHE D 272 3.73 -15.08 -80.84
N LEU D 273 4.48 -15.49 -79.82
CA LEU D 273 5.91 -15.11 -79.72
C LEU D 273 6.70 -15.81 -80.83
N GLU D 274 6.35 -17.06 -81.15
CA GLU D 274 7.09 -17.86 -82.15
C GLU D 274 6.97 -17.21 -83.54
N SER D 275 5.91 -16.48 -83.83
CA SER D 275 5.73 -15.83 -85.16
C SER D 275 6.10 -14.34 -85.12
N ASN D 276 6.58 -13.82 -83.99
CA ASN D 276 6.92 -12.38 -83.85
C ASN D 276 8.41 -12.18 -84.22
N PRO D 277 8.73 -11.30 -85.18
CA PRO D 277 10.13 -11.09 -85.60
C PRO D 277 11.03 -10.38 -84.57
N ARG D 278 10.47 -9.91 -83.45
CA ARG D 278 11.25 -9.24 -82.38
C ARG D 278 11.70 -10.28 -81.33
N VAL D 279 11.36 -11.55 -81.54
CA VAL D 279 11.69 -12.67 -80.62
C VAL D 279 12.73 -13.55 -81.30
N GLU D 280 13.84 -13.82 -80.65
CA GLU D 280 14.94 -14.68 -81.16
C GLU D 280 14.49 -16.14 -81.13
N LYS D 281 13.91 -16.60 -80.01
CA LYS D 281 13.59 -18.02 -79.79
C LYS D 281 12.56 -18.13 -78.65
N VAL D 282 11.52 -18.93 -78.84
CA VAL D 282 10.50 -19.23 -77.79
C VAL D 282 10.74 -20.64 -77.26
N ILE D 283 10.51 -20.83 -75.97
CA ILE D 283 10.59 -22.15 -75.33
C ILE D 283 9.23 -22.40 -74.66
N TYR D 284 8.53 -23.42 -75.12
CA TYR D 284 7.25 -23.87 -74.53
C TYR D 284 7.12 -25.35 -74.84
N PRO D 285 7.06 -26.25 -73.83
CA PRO D 285 6.98 -27.69 -74.09
C PRO D 285 5.79 -28.10 -74.99
N GLY D 286 4.72 -27.32 -75.03
CA GLY D 286 3.56 -27.59 -75.87
C GLY D 286 3.76 -27.25 -77.35
N LEU D 287 4.82 -26.52 -77.71
CA LEU D 287 5.10 -26.20 -79.13
C LEU D 287 5.87 -27.37 -79.74
N PRO D 288 5.55 -27.79 -80.99
CA PRO D 288 6.41 -28.72 -81.74
C PRO D 288 7.87 -28.31 -81.85
N SER D 289 8.17 -27.02 -81.82
CA SER D 289 9.56 -26.49 -81.89
C SER D 289 10.36 -26.80 -80.63
N HIS D 290 9.72 -27.09 -79.50
CA HIS D 290 10.50 -27.43 -78.27
C HIS D 290 11.28 -28.70 -78.57
N PRO D 291 12.59 -28.76 -78.28
CA PRO D 291 13.38 -29.95 -78.54
C PRO D 291 12.87 -31.23 -77.89
N GLN D 292 12.12 -31.12 -76.79
CA GLN D 292 11.62 -32.32 -76.06
C GLN D 292 10.10 -32.34 -76.10
N HIS D 293 9.48 -31.80 -77.13
CA HIS D 293 8.02 -31.82 -77.32
C HIS D 293 7.50 -33.24 -77.27
N GLU D 294 8.17 -34.19 -77.92
CA GLU D 294 7.66 -35.58 -77.99
C GLU D 294 7.71 -36.20 -76.58
N LEU D 295 8.76 -35.95 -75.80
CA LEU D 295 8.84 -36.43 -74.40
C LEU D 295 7.70 -35.81 -73.57
N ALA D 296 7.43 -34.51 -73.73
CA ALA D 296 6.37 -33.81 -72.99
C ALA D 296 5.04 -34.55 -73.21
N LYS D 297 4.73 -34.94 -74.44
CA LYS D 297 3.46 -35.64 -74.76
C LYS D 297 3.45 -37.04 -74.15
N ARG D 298 4.60 -37.68 -73.96
CA ARG D 298 4.68 -39.05 -73.39
C ARG D 298 4.57 -39.01 -71.86
N GLN D 299 4.87 -37.91 -71.17
CA GLN D 299 4.92 -37.97 -69.69
C GLN D 299 3.99 -36.95 -69.01
N CYS D 300 3.25 -36.14 -69.78
CA CYS D 300 2.35 -35.08 -69.25
C CYS D 300 0.98 -35.19 -69.92
N THR D 301 -0.04 -34.65 -69.27
CA THR D 301 -1.42 -34.60 -69.78
C THR D 301 -1.70 -33.22 -70.38
N GLY D 302 -0.72 -32.35 -70.41
CA GLY D 302 -0.86 -31.00 -70.98
C GLY D 302 0.34 -30.16 -70.56
N CYS D 303 0.20 -28.86 -70.71
CA CYS D 303 1.30 -27.90 -70.45
CA CYS D 303 1.30 -27.90 -70.44
C CYS D 303 0.71 -26.67 -69.76
N PRO D 304 1.37 -26.08 -68.76
CA PRO D 304 0.82 -24.91 -68.08
C PRO D 304 1.13 -23.59 -68.79
N GLY D 305 1.18 -22.51 -68.04
CA GLY D 305 1.30 -21.15 -68.60
C GLY D 305 2.74 -20.62 -68.57
N MET D 306 3.73 -21.47 -68.32
CA MET D 306 5.14 -20.99 -68.26
C MET D 306 5.70 -20.98 -69.68
N VAL D 307 6.04 -19.79 -70.15
CA VAL D 307 6.62 -19.59 -71.51
C VAL D 307 7.89 -18.78 -71.33
N SER D 308 9.01 -19.25 -71.82
CA SER D 308 10.27 -18.48 -71.78
C SER D 308 10.65 -18.09 -73.21
N PHE D 309 11.25 -16.92 -73.38
CA PHE D 309 11.73 -16.51 -74.72
C PHE D 309 12.97 -15.65 -74.59
N TYR D 310 13.77 -15.67 -75.64
CA TYR D 310 14.94 -14.78 -75.82
C TYR D 310 14.49 -13.66 -76.73
N ILE D 311 14.54 -12.43 -76.23
CA ILE D 311 14.21 -11.25 -77.05
C ILE D 311 15.39 -10.99 -77.98
N LYS D 312 15.13 -10.48 -79.18
CA LYS D 312 16.22 -10.03 -80.08
C LYS D 312 16.98 -8.88 -79.43
N GLY D 313 18.30 -8.85 -79.63
CA GLY D 313 19.12 -7.72 -79.21
C GLY D 313 19.84 -8.04 -77.92
N THR D 314 19.76 -7.13 -76.96
CA THR D 314 20.63 -7.12 -75.76
C THR D 314 19.77 -6.92 -74.52
N LEU D 315 20.40 -6.88 -73.37
CA LEU D 315 19.77 -6.59 -72.08
C LEU D 315 18.94 -5.31 -72.20
N GLN D 316 19.42 -4.30 -72.93
CA GLN D 316 18.68 -3.01 -73.06
C GLN D 316 17.28 -3.27 -73.62
N HIS D 317 17.16 -4.14 -74.63
CA HIS D 317 15.84 -4.47 -75.25
C HIS D 317 14.96 -5.22 -74.24
N ALA D 318 15.52 -6.16 -73.51
CA ALA D 318 14.79 -6.91 -72.44
C ALA D 318 14.28 -5.90 -71.40
N GLN D 319 15.11 -4.94 -70.98
CA GLN D 319 14.68 -3.91 -70.01
C GLN D 319 13.54 -3.06 -70.56
N VAL D 320 13.62 -2.65 -71.82
CA VAL D 320 12.55 -1.80 -72.41
C VAL D 320 11.25 -2.63 -72.51
N PHE D 321 11.33 -3.89 -72.93
CA PHE D 321 10.13 -4.78 -72.95
C PHE D 321 9.50 -4.80 -71.56
N LEU D 322 10.31 -5.08 -70.52
CA LEU D 322 9.79 -5.27 -69.13
C LEU D 322 9.28 -3.95 -68.54
N LYS D 323 9.74 -2.80 -69.04
CA LYS D 323 9.23 -1.47 -68.62
C LYS D 323 7.92 -1.12 -69.33
N ASN D 324 7.62 -1.72 -70.49
CA ASN D 324 6.45 -1.31 -71.32
C ASN D 324 5.25 -2.26 -71.16
N ILE D 325 5.43 -3.47 -70.61
CA ILE D 325 4.29 -4.39 -70.34
C ILE D 325 3.32 -3.67 -69.38
N LYS D 326 2.02 -3.75 -69.65
CA LYS D 326 0.99 -3.02 -68.85
C LYS D 326 -0.03 -4.01 -68.26
N LEU D 327 -0.05 -5.26 -68.70
CA LEU D 327 -0.95 -6.30 -68.17
C LEU D 327 -0.11 -7.32 -67.41
N PHE D 328 0.89 -7.90 -68.07
CA PHE D 328 1.98 -8.63 -67.40
C PHE D 328 2.64 -7.62 -66.43
N ALA D 329 2.98 -8.08 -65.22
CA ALA D 329 3.66 -7.27 -64.19
C ALA D 329 5.09 -7.80 -64.04
N LEU D 330 6.05 -6.87 -63.95
CA LEU D 330 7.46 -7.23 -63.66
C LEU D 330 7.53 -7.61 -62.19
N ALA D 331 7.71 -8.88 -61.90
CA ALA D 331 7.65 -9.40 -60.53
C ALA D 331 8.18 -10.83 -60.54
N GLU D 332 8.71 -11.26 -59.42
CA GLU D 332 9.05 -12.68 -59.23
C GLU D 332 7.75 -13.50 -59.03
N SER D 333 7.91 -14.79 -58.98
CA SER D 333 6.91 -15.85 -58.80
C SER D 333 6.18 -16.17 -60.11
N LEU D 334 5.28 -17.13 -60.02
CA LEU D 334 4.61 -17.74 -61.18
C LEU D 334 3.42 -18.54 -60.66
N GLY D 335 2.55 -18.96 -61.57
CA GLY D 335 1.48 -19.92 -61.27
C GLY D 335 0.29 -19.24 -60.64
N GLY D 336 0.25 -17.92 -60.67
CA GLY D 336 -0.92 -17.17 -60.18
C GLY D 336 -1.91 -16.90 -61.30
N TYR D 337 -3.08 -16.39 -60.94
CA TYR D 337 -4.13 -15.97 -61.90
C TYR D 337 -3.66 -14.75 -62.69
N GLU D 338 -2.72 -13.97 -62.17
CA GLU D 338 -2.23 -12.72 -62.80
C GLU D 338 -0.95 -13.04 -63.59
N SER D 339 -0.83 -12.45 -64.77
CA SER D 339 0.32 -12.66 -65.68
C SER D 339 1.55 -11.92 -65.12
N LEU D 340 2.68 -12.62 -65.04
CA LEU D 340 3.95 -12.08 -64.50
C LEU D 340 5.07 -12.28 -65.53
N ALA D 341 6.09 -11.43 -65.44
CA ALA D 341 7.29 -11.52 -66.29
C ALA D 341 8.51 -11.22 -65.43
N GLU D 342 9.61 -11.91 -65.70
CA GLU D 342 10.87 -11.62 -65.00
C GLU D 342 12.06 -11.86 -65.94
N LEU D 343 13.22 -11.37 -65.53
CA LEU D 343 14.52 -11.53 -66.20
C LEU D 343 15.39 -12.38 -65.28
N PRO D 344 15.39 -13.71 -65.42
CA PRO D 344 16.02 -14.60 -64.43
C PRO D 344 17.49 -14.30 -64.13
N ALA D 345 18.26 -13.86 -65.13
CA ALA D 345 19.72 -13.63 -64.93
C ALA D 345 19.94 -12.56 -63.87
N ILE D 346 19.02 -11.60 -63.73
CA ILE D 346 19.14 -10.45 -62.80
C ILE D 346 18.23 -10.63 -61.58
N MET D 347 17.26 -11.54 -61.63
CA MET D 347 16.23 -11.65 -60.57
C MET D 347 16.34 -13.05 -59.93
N THR D 348 15.54 -14.04 -60.32
CA THR D 348 15.47 -15.35 -59.62
C THR D 348 16.82 -16.10 -59.63
N HIS D 349 17.66 -15.92 -60.64
CA HIS D 349 18.90 -16.72 -60.82
C HIS D 349 20.14 -15.85 -60.65
N ALA D 350 20.00 -14.67 -60.06
CA ALA D 350 21.15 -13.74 -59.83
C ALA D 350 22.19 -14.41 -58.93
N SER D 351 21.80 -15.29 -58.01
CA SER D 351 22.74 -15.94 -57.06
C SER D 351 23.53 -17.05 -57.77
N VAL D 352 23.09 -17.54 -58.93
CA VAL D 352 23.83 -18.57 -59.70
C VAL D 352 25.06 -17.89 -60.32
N PRO D 353 26.28 -18.43 -60.16
CA PRO D 353 27.47 -17.78 -60.72
C PRO D 353 27.30 -17.51 -62.23
N GLU D 354 27.83 -16.38 -62.68
CA GLU D 354 27.67 -15.85 -64.07
C GLU D 354 28.09 -16.93 -65.07
N LYS D 355 29.16 -17.68 -64.80
CA LYS D 355 29.68 -18.69 -65.76
C LYS D 355 28.71 -19.88 -65.84
N ASP D 356 28.06 -20.23 -64.72
CA ASP D 356 27.04 -21.31 -64.66
C ASP D 356 25.81 -20.83 -65.44
N ARG D 357 25.37 -19.59 -65.27
CA ARG D 357 24.24 -19.05 -66.05
C ARG D 357 24.53 -19.17 -67.54
N ALA D 358 25.75 -18.83 -67.96
CA ALA D 358 26.15 -18.88 -69.39
C ALA D 358 26.02 -20.32 -69.90
N THR D 359 26.57 -21.30 -69.18
CA THR D 359 26.49 -22.72 -69.62
CA THR D 359 26.49 -22.72 -69.58
C THR D 359 25.03 -23.16 -69.71
N LEU D 360 24.15 -22.68 -68.82
CA LEU D 360 22.73 -23.16 -68.78
C LEU D 360 21.86 -22.41 -69.79
N GLY D 361 22.33 -21.32 -70.40
CA GLY D 361 21.49 -20.53 -71.31
C GLY D 361 20.66 -19.48 -70.59
N ILE D 362 20.99 -19.16 -69.33
CA ILE D 362 20.28 -18.10 -68.54
C ILE D 362 20.99 -16.78 -68.83
N SER D 363 20.77 -16.27 -70.05
CA SER D 363 21.43 -15.07 -70.60
C SER D 363 20.65 -13.82 -70.23
N ASP D 364 21.24 -12.67 -70.50
CA ASP D 364 20.64 -11.35 -70.20
C ASP D 364 19.45 -11.06 -71.12
N THR D 365 19.16 -11.88 -72.14
CA THR D 365 17.98 -11.66 -73.01
C THR D 365 16.89 -12.71 -72.77
N LEU D 366 17.07 -13.62 -71.82
CA LEU D 366 16.05 -14.65 -71.47
CA LEU D 366 16.05 -14.65 -71.47
C LEU D 366 14.99 -14.01 -70.57
N ILE D 367 13.75 -14.01 -71.02
CA ILE D 367 12.59 -13.53 -70.25
C ILE D 367 11.70 -14.74 -69.92
N ARG D 368 11.32 -14.88 -68.66
CA ARG D 368 10.38 -15.93 -68.21
C ARG D 368 9.02 -15.29 -68.02
N LEU D 369 8.01 -15.82 -68.69
CA LEU D 369 6.59 -15.39 -68.52
C LEU D 369 5.83 -16.46 -67.74
N SER D 370 4.99 -16.01 -66.82
CA SER D 370 3.95 -16.83 -66.18
C SER D 370 2.62 -16.30 -66.72
N VAL D 371 2.03 -17.02 -67.65
CA VAL D 371 0.77 -16.56 -68.31
C VAL D 371 -0.38 -16.93 -67.35
N GLY D 372 -1.15 -15.91 -66.98
CA GLY D 372 -2.29 -16.00 -66.07
C GLY D 372 -3.60 -16.33 -66.80
N LEU D 373 -4.71 -15.94 -66.20
CA LEU D 373 -6.07 -16.36 -66.57
C LEU D 373 -6.81 -15.21 -67.27
N GLU D 374 -6.11 -14.16 -67.69
CA GLU D 374 -6.76 -13.02 -68.38
C GLU D 374 -7.26 -13.47 -69.76
N ASP D 375 -8.03 -12.60 -70.42
CA ASP D 375 -8.49 -12.86 -71.82
C ASP D 375 -7.28 -12.89 -72.76
N GLU D 376 -7.23 -13.93 -73.59
CA GLU D 376 -6.12 -14.21 -74.54
C GLU D 376 -5.79 -12.95 -75.36
N LYS D 377 -6.79 -12.29 -75.95
CA LYS D 377 -6.56 -11.14 -76.84
C LYS D 377 -5.84 -10.02 -76.09
N ASP D 378 -6.21 -9.75 -74.82
CA ASP D 378 -5.58 -8.71 -73.98
C ASP D 378 -4.10 -9.08 -73.74
N LEU D 379 -3.79 -10.36 -73.53
CA LEU D 379 -2.40 -10.81 -73.28
C LEU D 379 -1.55 -10.63 -74.54
N LEU D 380 -2.09 -10.99 -75.71
CA LEU D 380 -1.33 -10.90 -76.99
C LEU D 380 -1.10 -9.44 -77.35
N GLU D 381 -2.09 -8.56 -77.14
CA GLU D 381 -1.93 -7.11 -77.41
C GLU D 381 -0.86 -6.53 -76.47
N ASP D 382 -0.82 -6.94 -75.20
CA ASP D 382 0.18 -6.42 -74.23
C ASP D 382 1.59 -6.82 -74.67
N LEU D 383 1.79 -8.09 -75.02
CA LEU D 383 3.13 -8.57 -75.45
C LEU D 383 3.52 -7.85 -76.74
N GLY D 384 2.59 -7.71 -77.68
CA GLY D 384 2.84 -7.07 -78.99
C GLY D 384 3.33 -5.65 -78.82
N GLN D 385 2.64 -4.83 -78.03
CA GLN D 385 2.97 -3.40 -77.87
C GLN D 385 4.29 -3.30 -77.10
N ALA D 386 4.56 -4.17 -76.13
CA ALA D 386 5.83 -4.11 -75.35
C ALA D 386 7.01 -4.48 -76.25
N LEU D 387 6.87 -5.52 -77.07
CA LEU D 387 7.95 -5.93 -78.02
C LEU D 387 8.18 -4.80 -79.05
N LYS D 388 7.12 -4.12 -79.51
CA LYS D 388 7.25 -2.97 -80.45
C LYS D 388 7.97 -1.81 -79.78
N ALA D 389 7.75 -1.56 -78.48
CA ALA D 389 8.48 -0.52 -77.74
C ALA D 389 9.97 -0.87 -77.72
N ALA D 390 10.34 -2.15 -77.61
CA ALA D 390 11.75 -2.60 -77.54
C ALA D 390 12.40 -2.53 -78.94
N HIS D 391 11.66 -2.88 -79.99
CA HIS D 391 12.14 -2.93 -81.40
C HIS D 391 11.11 -2.26 -82.30
N PRO D 392 11.14 -0.92 -82.42
CA PRO D 392 10.16 -0.19 -83.23
C PRO D 392 10.14 -0.71 -84.68
N GLY E 3 5.61 -32.69 12.58
CA GLY E 3 5.02 -33.73 11.67
C GLY E 3 5.97 -34.89 11.40
N PHE E 4 7.07 -35.02 12.17
CA PHE E 4 7.99 -36.19 12.05
C PHE E 4 7.35 -37.43 12.65
N LEU E 5 7.89 -38.61 12.35
CA LEU E 5 7.50 -39.89 13.00
C LEU E 5 7.51 -39.67 14.52
N PRO E 6 6.64 -40.36 15.28
CA PRO E 6 6.68 -40.24 16.75
C PRO E 6 8.01 -40.76 17.33
N SER E 7 8.51 -40.09 18.37
CA SER E 7 9.80 -40.39 19.05
C SER E 7 9.83 -41.84 19.53
N PHE E 8 11.00 -42.47 19.54
CA PHE E 8 11.23 -43.79 20.21
C PHE E 8 10.92 -43.56 21.70
N GLN E 9 10.11 -44.44 22.30
CA GLN E 9 9.44 -44.16 23.62
C GLN E 9 10.23 -44.64 24.85
N HIS E 10 11.10 -45.63 24.69
CA HIS E 10 11.93 -46.22 25.79
C HIS E 10 13.41 -45.95 25.51
N PHE E 11 13.73 -45.01 24.61
CA PHE E 11 15.11 -44.81 24.14
C PHE E 11 16.00 -44.42 25.33
N ALA E 12 15.60 -43.44 26.14
CA ALA E 12 16.44 -42.92 27.23
C ALA E 12 16.64 -44.01 28.28
N THR E 13 15.59 -44.77 28.58
CA THR E 13 15.65 -45.90 29.55
C THR E 13 16.65 -46.93 29.04
N GLN E 14 16.55 -47.31 27.78
CA GLN E 14 17.46 -48.32 27.19
C GLN E 14 18.90 -47.80 27.16
N ALA E 15 19.12 -46.53 26.82
CA ALA E 15 20.47 -45.95 26.70
C ALA E 15 21.15 -46.00 28.07
N ILE E 16 20.38 -45.96 29.14
CA ILE E 16 20.93 -45.91 30.52
C ILE E 16 21.07 -47.34 31.08
N HIS E 17 20.17 -48.28 30.75
CA HIS E 17 20.07 -49.57 31.50
C HIS E 17 20.49 -50.77 30.69
N VAL E 18 20.33 -50.80 29.35
CA VAL E 18 20.54 -52.08 28.63
C VAL E 18 22.01 -52.44 28.72
N GLY E 19 22.28 -53.67 29.17
CA GLY E 19 23.66 -54.18 29.30
C GLY E 19 24.39 -53.66 30.52
N GLN E 20 23.75 -52.82 31.35
CA GLN E 20 24.45 -52.09 32.45
C GLN E 20 24.03 -52.64 33.83
N GLU E 21 23.46 -53.86 33.90
CA GLU E 21 23.03 -54.49 35.17
C GLU E 21 24.21 -54.53 36.15
N PRO E 22 24.09 -53.94 37.35
CA PRO E 22 25.17 -54.02 38.33
C PRO E 22 25.53 -55.44 38.76
N GLU E 23 24.58 -56.36 38.67
CA GLU E 23 24.75 -57.78 39.10
C GLU E 23 25.84 -58.47 38.29
N GLN E 24 26.20 -57.98 37.11
CA GLN E 24 27.24 -58.67 36.30
C GLN E 24 28.65 -58.38 36.86
N TRP E 25 28.83 -57.39 37.73
CA TRP E 25 30.17 -57.02 38.25
C TRP E 25 30.30 -57.56 39.68
N SER E 26 31.47 -58.05 40.03
CA SER E 26 31.79 -58.52 41.42
C SER E 26 31.44 -57.45 42.44
N SER E 27 31.74 -56.20 42.14
CA SER E 27 31.55 -55.05 43.06
CA SER E 27 31.55 -55.05 43.06
C SER E 27 30.10 -54.57 43.11
N ARG E 28 29.27 -54.96 42.15
CA ARG E 28 27.90 -54.41 41.96
C ARG E 28 27.95 -52.90 41.62
N ALA E 29 29.05 -52.43 41.03
CA ALA E 29 29.20 -51.04 40.52
C ALA E 29 27.96 -50.68 39.69
N VAL E 30 27.45 -49.47 39.88
CA VAL E 30 26.27 -48.97 39.12
CA VAL E 30 26.27 -48.97 39.12
C VAL E 30 26.74 -48.46 37.74
N VAL E 31 28.03 -48.27 37.56
CA VAL E 31 28.63 -47.83 36.27
C VAL E 31 29.62 -48.90 35.81
N LEU E 32 29.66 -49.19 34.52
CA LEU E 32 30.56 -50.23 33.97
C LEU E 32 32.01 -49.88 34.24
N PRO E 33 32.80 -50.86 34.69
CA PRO E 33 34.24 -50.68 34.86
C PRO E 33 34.95 -50.58 33.52
N ILE E 34 36.09 -49.91 33.53
CA ILE E 34 37.05 -49.91 32.40
C ILE E 34 38.01 -51.07 32.63
N SER E 35 37.88 -52.12 31.85
CA SER E 35 38.80 -53.27 31.97
C SER E 35 39.82 -53.16 30.84
N LEU E 36 41.06 -52.78 31.16
CA LEU E 36 42.11 -52.64 30.12
C LEU E 36 42.82 -53.96 29.86
N ALA E 37 42.67 -54.96 30.71
CA ALA E 37 43.44 -56.23 30.58
C ALA E 37 43.41 -56.76 29.14
N THR E 38 44.54 -57.13 28.60
CA THR E 38 44.64 -57.72 27.24
C THR E 38 44.25 -59.18 27.30
N THR E 39 44.37 -59.80 28.47
CA THR E 39 44.16 -61.26 28.60
C THR E 39 43.49 -61.59 29.93
N PHE E 40 43.04 -62.83 30.02
CA PHE E 40 42.10 -63.33 31.04
C PHE E 40 42.52 -64.76 31.41
N LYS E 41 42.54 -65.05 32.70
CA LYS E 41 43.01 -66.37 33.19
C LYS E 41 41.95 -67.42 32.82
N GLN E 42 42.37 -68.51 32.18
CA GLN E 42 41.48 -69.63 31.77
C GLN E 42 41.55 -70.72 32.85
N ASP E 43 40.42 -71.37 33.12
CA ASP E 43 40.33 -72.52 34.07
C ASP E 43 40.97 -73.76 33.46
N SER E 44 40.91 -73.91 32.15
CA SER E 44 41.66 -74.97 31.43
C SER E 44 41.84 -74.53 29.99
N PRO E 45 42.80 -75.14 29.28
CA PRO E 45 43.18 -74.67 27.95
C PRO E 45 42.00 -74.68 26.99
N GLY E 46 41.79 -73.55 26.32
CA GLY E 46 40.78 -73.38 25.25
C GLY E 46 39.38 -73.55 25.79
N GLN E 47 39.12 -73.19 27.06
CA GLN E 47 37.73 -73.17 27.55
C GLN E 47 36.93 -72.28 26.58
N SER E 48 35.70 -72.65 26.23
CA SER E 48 34.90 -71.98 25.16
C SER E 48 34.13 -70.77 25.73
N SER E 49 34.00 -70.68 27.05
CA SER E 49 33.26 -69.62 27.75
C SER E 49 34.24 -68.66 28.44
N GLY E 50 33.75 -67.47 28.82
CA GLY E 50 34.52 -66.38 29.42
C GLY E 50 35.26 -65.57 28.37
N PHE E 51 36.03 -64.60 28.81
CA PHE E 51 36.91 -63.78 27.94
C PHE E 51 38.21 -64.52 27.72
N VAL E 52 38.86 -64.24 26.60
CA VAL E 52 40.11 -64.92 26.19
C VAL E 52 41.19 -63.88 25.89
N TYR E 53 40.89 -62.92 25.03
CA TYR E 53 41.89 -61.96 24.52
C TYR E 53 41.16 -60.69 24.09
N SER E 54 41.67 -59.54 24.52
CA SER E 54 40.92 -58.26 24.45
C SER E 54 40.46 -57.98 23.02
N ARG E 55 41.30 -58.22 22.02
CA ARG E 55 40.91 -57.95 20.60
C ARG E 55 39.63 -58.75 20.24
N SER E 56 39.49 -59.97 20.75
CA SER E 56 38.37 -60.89 20.42
C SER E 56 37.12 -60.47 21.20
N GLY E 57 37.27 -59.78 22.31
CA GLY E 57 36.14 -59.41 23.17
C GLY E 57 36.62 -59.04 24.54
N ASN E 58 35.95 -58.09 25.17
CA ASN E 58 36.39 -57.63 26.51
C ASN E 58 35.17 -57.04 27.18
N PRO E 59 35.14 -57.01 28.51
CA PRO E 59 33.95 -56.60 29.24
C PRO E 59 33.39 -55.23 28.85
N THR E 60 34.23 -54.21 28.77
CA THR E 60 33.78 -52.81 28.52
C THR E 60 33.23 -52.74 27.09
N ARG E 61 33.94 -53.25 26.09
CA ARG E 61 33.46 -53.20 24.70
C ARG E 61 32.12 -53.99 24.58
N ASN E 62 32.06 -55.17 25.18
CA ASN E 62 30.86 -56.04 25.04
C ASN E 62 29.64 -55.34 25.64
N CYS E 63 29.84 -54.61 26.72
CA CYS E 63 28.77 -53.83 27.38
CA CYS E 63 28.78 -53.83 27.39
C CYS E 63 28.29 -52.68 26.49
N LEU E 64 29.23 -51.92 25.91
CA LEU E 64 28.85 -50.86 24.95
C LEU E 64 28.05 -51.48 23.79
N GLU E 65 28.50 -52.59 23.22
CA GLU E 65 27.84 -53.22 22.04
C GLU E 65 26.39 -53.61 22.38
N LYS E 66 26.12 -54.07 23.61
CA LYS E 66 24.74 -54.40 24.04
C LYS E 66 23.88 -53.13 24.05
N ALA E 67 24.40 -52.03 24.57
CA ALA E 67 23.66 -50.75 24.66
C ALA E 67 23.36 -50.24 23.24
N VAL E 68 24.35 -50.20 22.38
CA VAL E 68 24.18 -49.61 21.01
C VAL E 68 23.17 -50.48 20.24
N ALA E 69 23.28 -51.80 20.34
CA ALA E 69 22.33 -52.72 19.67
C ALA E 69 20.90 -52.32 20.03
N ALA E 70 20.60 -52.10 21.32
CA ALA E 70 19.24 -51.71 21.74
C ALA E 70 18.86 -50.37 21.09
N LEU E 71 19.76 -49.38 21.08
CA LEU E 71 19.42 -48.04 20.54
C LEU E 71 19.22 -48.10 19.02
N ASP E 72 19.86 -49.04 18.32
CA ASP E 72 19.73 -49.19 16.86
C ASP E 72 18.55 -50.13 16.51
N GLY E 73 17.85 -50.68 17.50
CA GLY E 73 16.80 -51.68 17.24
C GLY E 73 17.36 -52.95 16.64
N ALA E 74 18.58 -53.34 17.04
CA ALA E 74 19.34 -54.43 16.44
C ALA E 74 19.51 -55.60 17.43
N LYS E 75 19.73 -56.78 16.91
CA LYS E 75 20.10 -57.96 17.74
C LYS E 75 21.60 -57.93 18.04
N HIS E 76 22.42 -57.33 17.18
CA HIS E 76 23.90 -57.44 17.27
C HIS E 76 24.55 -56.08 16.97
N CYS E 77 25.63 -55.76 17.67
CA CYS E 77 26.42 -54.54 17.38
C CYS E 77 27.90 -54.88 17.51
N LEU E 78 28.70 -54.30 16.61
CA LEU E 78 30.18 -54.43 16.61
C LEU E 78 30.80 -53.03 16.64
N THR E 79 31.81 -52.81 17.48
CA THR E 79 32.52 -51.52 17.57
C THR E 79 33.89 -51.64 16.91
N PHE E 80 34.34 -50.52 16.33
CA PHE E 80 35.58 -50.40 15.54
C PHE E 80 36.33 -49.13 15.97
N ALA E 81 37.59 -49.08 15.56
CA ALA E 81 38.56 -48.02 15.90
C ALA E 81 38.12 -46.68 15.29
N SER E 82 37.27 -46.67 14.25
CA SER E 82 36.78 -45.44 13.60
C SER E 82 35.60 -45.78 12.68
N GLY E 83 34.84 -44.78 12.25
CA GLY E 83 33.88 -44.93 11.14
C GLY E 83 34.53 -45.54 9.89
N LEU E 84 35.70 -45.05 9.50
CA LEU E 84 36.38 -45.62 8.30
C LEU E 84 36.79 -47.07 8.57
N ALA E 85 37.19 -47.45 9.78
CA ALA E 85 37.54 -48.87 10.06
C ALA E 85 36.28 -49.73 9.95
N ALA E 86 35.12 -49.22 10.39
CA ALA E 86 33.82 -49.92 10.22
C ALA E 86 33.55 -50.12 8.72
N THR E 87 33.80 -49.09 7.92
CA THR E 87 33.58 -49.12 6.45
C THR E 87 34.49 -50.18 5.82
N THR E 88 35.77 -50.17 6.16
CA THR E 88 36.77 -51.15 5.68
C THR E 88 36.33 -52.57 6.05
N THR E 89 35.90 -52.77 7.31
CA THR E 89 35.51 -54.11 7.80
C THR E 89 34.28 -54.60 7.01
N ILE E 90 33.27 -53.75 6.83
CA ILE E 90 32.05 -54.11 6.06
C ILE E 90 32.46 -54.52 4.63
N THR E 91 33.37 -53.77 4.00
CA THR E 91 33.79 -54.02 2.61
C THR E 91 34.46 -55.40 2.53
N HIS E 92 35.14 -55.84 3.60
CA HIS E 92 35.81 -57.16 3.65
C HIS E 92 34.77 -58.30 3.74
N LEU E 93 33.47 -58.02 3.88
CA LEU E 93 32.41 -59.06 3.71
C LEU E 93 32.43 -59.60 2.28
N LEU E 94 33.00 -58.87 1.33
CA LEU E 94 32.90 -59.21 -0.11
C LEU E 94 34.10 -60.06 -0.53
N LYS E 95 34.33 -60.17 -1.82
CA LYS E 95 35.52 -60.85 -2.39
C LYS E 95 35.78 -60.32 -3.80
N ALA E 96 36.97 -60.58 -4.32
CA ALA E 96 37.39 -60.19 -5.69
C ALA E 96 36.29 -60.61 -6.66
N GLY E 97 35.89 -59.70 -7.57
CA GLY E 97 34.82 -59.96 -8.57
C GLY E 97 33.50 -59.35 -8.18
N ASP E 98 33.34 -58.92 -6.92
CA ASP E 98 32.08 -58.30 -6.44
C ASP E 98 32.03 -56.82 -6.83
N GLU E 99 30.83 -56.27 -6.86
CA GLU E 99 30.58 -54.84 -7.19
C GLU E 99 29.89 -54.17 -6.02
N VAL E 100 30.28 -52.93 -5.77
CA VAL E 100 29.68 -52.02 -4.76
C VAL E 100 29.02 -50.86 -5.51
N ILE E 101 27.82 -50.49 -5.12
CA ILE E 101 27.20 -49.21 -5.50
C ILE E 101 27.23 -48.31 -4.28
N CYS E 102 27.81 -47.13 -4.43
CA CYS E 102 27.91 -46.12 -3.35
C CYS E 102 27.09 -44.89 -3.75
N MET E 103 26.36 -44.34 -2.80
CA MET E 103 25.74 -43.00 -2.91
C MET E 103 26.80 -42.03 -3.48
N ASP E 104 26.40 -41.20 -4.44
CA ASP E 104 27.37 -40.35 -5.18
C ASP E 104 27.98 -39.32 -4.23
N GLU E 105 27.20 -38.80 -3.29
CA GLU E 105 27.71 -37.83 -2.32
C GLU E 105 27.88 -38.51 -0.95
N VAL E 106 29.12 -38.70 -0.54
CA VAL E 106 29.46 -39.30 0.77
C VAL E 106 30.58 -38.46 1.38
N TYR E 107 30.86 -38.70 2.64
CA TYR E 107 32.06 -38.16 3.30
C TYR E 107 33.24 -38.38 2.35
N GLY E 108 34.11 -37.37 2.21
CA GLY E 108 35.32 -37.44 1.36
C GLY E 108 36.16 -38.68 1.63
N GLY E 109 36.34 -39.06 2.89
CA GLY E 109 37.13 -40.26 3.26
C GLY E 109 36.48 -41.55 2.79
N THR E 110 35.15 -41.63 2.77
CA THR E 110 34.42 -42.81 2.27
C THR E 110 34.68 -42.92 0.77
N ASN E 111 34.55 -41.79 0.06
CA ASN E 111 34.82 -41.70 -1.39
C ASN E 111 36.24 -42.17 -1.65
N ARG E 112 37.22 -41.62 -0.93
CA ARG E 112 38.66 -41.96 -1.08
C ARG E 112 38.86 -43.46 -0.88
N TYR E 113 38.28 -44.04 0.18
CA TYR E 113 38.46 -45.48 0.48
C TYR E 113 37.95 -46.32 -0.71
N PHE E 114 36.71 -46.12 -1.14
CA PHE E 114 36.11 -46.95 -2.22
C PHE E 114 36.88 -46.73 -3.53
N ARG E 115 37.12 -45.46 -3.88
CA ARG E 115 37.64 -45.07 -5.21
C ARG E 115 39.12 -45.46 -5.31
N ARG E 116 39.93 -45.26 -4.27
CA ARG E 116 41.40 -45.40 -4.38
C ARG E 116 41.92 -46.66 -3.71
N VAL E 117 41.19 -47.28 -2.77
CA VAL E 117 41.73 -48.47 -2.05
C VAL E 117 40.92 -49.72 -2.44
N ALA E 118 39.64 -49.80 -2.10
CA ALA E 118 38.83 -51.02 -2.32
C ALA E 118 38.88 -51.44 -3.79
N SER E 119 38.84 -50.47 -4.70
CA SER E 119 38.82 -50.69 -6.16
C SER E 119 40.10 -51.38 -6.64
N GLU E 120 41.19 -51.37 -5.86
CA GLU E 120 42.48 -52.00 -6.25
C GLU E 120 42.52 -53.48 -5.85
N PHE E 121 41.52 -53.98 -5.11
CA PHE E 121 41.49 -55.37 -4.61
C PHE E 121 40.34 -56.14 -5.25
N GLY E 122 40.08 -55.88 -6.54
CA GLY E 122 39.16 -56.69 -7.36
C GLY E 122 37.70 -56.33 -7.12
N LEU E 123 37.43 -55.20 -6.49
CA LEU E 123 36.06 -54.69 -6.30
C LEU E 123 35.80 -53.61 -7.35
N LYS E 124 34.65 -53.66 -8.00
CA LYS E 124 34.21 -52.60 -8.93
C LYS E 124 33.33 -51.65 -8.11
N ILE E 125 33.63 -50.36 -8.10
CA ILE E 125 32.82 -49.35 -7.39
C ILE E 125 32.10 -48.46 -8.40
N SER E 126 30.79 -48.25 -8.26
CA SER E 126 30.00 -47.26 -9.02
C SER E 126 29.39 -46.26 -8.05
N PHE E 127 29.53 -44.98 -8.33
CA PHE E 127 28.87 -43.90 -7.55
C PHE E 127 27.56 -43.54 -8.25
N VAL E 128 26.45 -43.59 -7.54
CA VAL E 128 25.08 -43.44 -8.12
C VAL E 128 24.29 -42.51 -7.22
N ASP E 129 23.50 -41.62 -7.81
CA ASP E 129 22.58 -40.75 -7.05
C ASP E 129 21.39 -41.61 -6.59
N CYS E 130 21.45 -42.17 -5.39
CA CYS E 130 20.44 -43.10 -4.84
C CYS E 130 19.22 -42.33 -4.31
N SER E 131 19.21 -40.99 -4.35
CA SER E 131 17.96 -40.19 -4.13
C SER E 131 16.99 -40.46 -5.31
N LYS E 132 17.46 -41.02 -6.41
CA LYS E 132 16.63 -41.41 -7.57
C LYS E 132 16.69 -42.94 -7.73
N THR E 133 15.66 -43.62 -7.28
CA THR E 133 15.61 -45.09 -7.17
C THR E 133 15.80 -45.73 -8.56
N LYS E 134 15.41 -45.09 -9.66
CA LYS E 134 15.58 -45.69 -11.02
C LYS E 134 17.06 -45.77 -11.36
N LEU E 135 17.88 -44.84 -10.88
CA LEU E 135 19.34 -44.87 -11.14
C LEU E 135 19.96 -46.04 -10.36
N LEU E 136 19.48 -46.30 -9.15
CA LEU E 136 19.96 -47.45 -8.33
C LEU E 136 19.62 -48.75 -9.06
N GLU E 137 18.35 -48.92 -9.44
CA GLU E 137 17.81 -50.08 -10.17
C GLU E 137 18.71 -50.34 -11.39
N ALA E 138 19.05 -49.33 -12.18
CA ALA E 138 19.82 -49.50 -13.44
C ALA E 138 21.29 -49.88 -13.17
N ALA E 139 21.86 -49.51 -12.01
CA ALA E 139 23.28 -49.78 -11.73
C ALA E 139 23.47 -51.22 -11.20
N ILE E 140 22.43 -51.88 -10.72
CA ILE E 140 22.56 -53.24 -10.13
C ILE E 140 22.84 -54.24 -11.26
N THR E 141 23.83 -55.10 -11.06
CA THR E 141 24.19 -56.21 -11.97
C THR E 141 24.19 -57.50 -11.15
N PRO E 142 24.30 -58.69 -11.78
CA PRO E 142 24.43 -59.93 -11.02
C PRO E 142 25.65 -59.96 -10.09
N GLN E 143 26.65 -59.11 -10.32
CA GLN E 143 27.89 -59.06 -9.47
C GLN E 143 27.72 -58.08 -8.31
N THR E 144 26.66 -57.27 -8.27
CA THR E 144 26.42 -56.33 -7.16
C THR E 144 26.22 -57.11 -5.85
N LYS E 145 27.01 -56.80 -4.81
CA LYS E 145 26.87 -57.48 -3.50
C LYS E 145 26.64 -56.50 -2.36
N LEU E 146 26.83 -55.21 -2.58
CA LEU E 146 26.75 -54.19 -1.50
C LEU E 146 26.28 -52.88 -2.11
N VAL E 147 25.32 -52.26 -1.45
CA VAL E 147 24.84 -50.89 -1.74
C VAL E 147 25.05 -50.08 -0.48
N TRP E 148 25.83 -49.00 -0.60
CA TRP E 148 26.25 -48.13 0.52
C TRP E 148 25.54 -46.79 0.38
N ILE E 149 24.64 -46.45 1.28
CA ILE E 149 23.93 -45.14 1.24
CA ILE E 149 23.92 -45.15 1.25
C ILE E 149 24.16 -44.38 2.55
N GLU E 150 24.47 -43.09 2.44
CA GLU E 150 24.44 -42.11 3.54
C GLU E 150 23.14 -41.35 3.36
N THR E 151 22.40 -41.09 4.42
CA THR E 151 21.25 -40.17 4.35
C THR E 151 21.03 -39.59 5.74
N PRO E 152 21.02 -38.26 5.90
CA PRO E 152 21.37 -37.30 4.84
C PRO E 152 22.86 -37.35 4.48
N THR E 153 23.23 -36.86 3.28
CA THR E 153 24.62 -36.94 2.77
C THR E 153 25.49 -35.86 3.41
N ASN E 154 26.76 -36.20 3.54
CA ASN E 154 27.82 -35.27 4.01
C ASN E 154 28.48 -34.70 2.77
N PRO E 155 28.42 -33.39 2.46
CA PRO E 155 27.87 -32.34 3.32
C PRO E 155 26.63 -31.57 2.85
N THR E 156 25.97 -31.99 1.75
CA THR E 156 24.84 -31.20 1.18
C THR E 156 23.49 -31.72 1.68
N LEU E 157 23.44 -32.74 2.55
CA LEU E 157 22.21 -33.13 3.28
C LEU E 157 21.10 -33.53 2.29
N LYS E 158 21.47 -34.24 1.24
CA LYS E 158 20.54 -34.94 0.33
C LYS E 158 20.06 -36.22 1.03
N LEU E 159 18.79 -36.57 0.87
CA LEU E 159 18.20 -37.78 1.47
C LEU E 159 18.07 -38.89 0.42
N ALA E 160 18.10 -40.13 0.88
CA ALA E 160 17.64 -41.31 0.13
C ALA E 160 16.46 -41.91 0.89
N ASP E 161 15.49 -42.44 0.14
CA ASP E 161 14.32 -43.14 0.71
C ASP E 161 14.80 -44.56 1.06
N ILE E 162 15.06 -44.80 2.33
CA ILE E 162 15.70 -46.07 2.77
C ILE E 162 14.78 -47.27 2.41
N LYS E 163 13.50 -47.19 2.75
CA LYS E 163 12.55 -48.30 2.48
C LYS E 163 12.45 -48.56 0.96
N ALA E 164 12.40 -47.52 0.14
CA ALA E 164 12.34 -47.67 -1.33
C ALA E 164 13.63 -48.30 -1.85
N CYS E 165 14.80 -47.89 -1.36
CA CYS E 165 16.09 -48.50 -1.76
C CYS E 165 16.14 -49.97 -1.30
N ALA E 166 15.65 -50.27 -0.10
CA ALA E 166 15.67 -51.65 0.45
C ALA E 166 14.83 -52.55 -0.48
N GLN E 167 13.65 -52.08 -0.88
CA GLN E 167 12.73 -52.87 -1.75
C GLN E 167 13.43 -53.20 -3.06
N ILE E 168 14.12 -52.23 -3.66
CA ILE E 168 14.87 -52.44 -4.92
C ILE E 168 15.98 -53.46 -4.71
N VAL E 169 16.82 -53.30 -3.69
CA VAL E 169 18.00 -54.21 -3.59
C VAL E 169 17.55 -55.62 -3.17
N HIS E 170 16.49 -55.75 -2.38
CA HIS E 170 16.04 -57.07 -1.87
C HIS E 170 15.23 -57.84 -2.93
N LYS E 171 14.93 -57.27 -4.10
CA LYS E 171 14.39 -58.03 -5.25
C LYS E 171 15.50 -58.93 -5.82
N HIS E 172 16.76 -58.59 -5.60
CA HIS E 172 17.92 -59.39 -6.10
C HIS E 172 18.39 -60.33 -4.98
N LYS E 173 19.14 -61.35 -5.33
CA LYS E 173 19.69 -62.31 -4.35
C LYS E 173 20.96 -61.72 -3.73
N ASP E 174 21.07 -61.70 -2.41
CA ASP E 174 22.40 -61.62 -1.76
C ASP E 174 23.01 -60.22 -1.96
N ILE E 175 22.21 -59.15 -1.92
CA ILE E 175 22.74 -57.76 -1.88
C ILE E 175 22.52 -57.22 -0.48
N ILE E 176 23.60 -56.74 0.13
CA ILE E 176 23.58 -56.09 1.46
C ILE E 176 23.31 -54.59 1.25
N LEU E 177 22.29 -54.05 1.89
CA LEU E 177 22.09 -52.59 1.98
C LEU E 177 22.66 -52.06 3.30
N VAL E 178 23.65 -51.18 3.20
CA VAL E 178 24.23 -50.46 4.35
C VAL E 178 23.69 -49.06 4.36
N VAL E 179 23.18 -48.58 5.49
CA VAL E 179 22.88 -47.16 5.66
C VAL E 179 23.86 -46.61 6.69
N ASP E 180 24.62 -45.59 6.29
CA ASP E 180 25.44 -44.78 7.21
C ASP E 180 24.55 -43.73 7.86
N ASN E 181 24.28 -43.93 9.14
CA ASN E 181 23.32 -43.17 9.97
C ASN E 181 24.03 -42.08 10.79
N THR E 182 25.26 -41.74 10.45
CA THR E 182 26.10 -40.78 11.25
C THR E 182 25.36 -39.46 11.48
N PHE E 183 24.82 -38.86 10.42
CA PHE E 183 24.27 -37.48 10.47
C PHE E 183 22.97 -37.42 11.27
N MET E 184 22.19 -38.51 11.38
CA MET E 184 20.88 -38.45 12.09
C MET E 184 21.03 -38.86 13.56
N SER E 185 21.90 -39.81 13.85
CA SER E 185 22.00 -40.55 15.14
C SER E 185 20.85 -41.57 15.23
N ALA E 186 21.05 -42.56 16.10
CA ALA E 186 20.04 -43.60 16.42
C ALA E 186 18.77 -42.96 16.96
N TYR E 187 18.85 -41.77 17.52
CA TYR E 187 17.67 -41.15 18.15
C TYR E 187 16.67 -40.68 17.06
N PHE E 188 17.14 -40.28 15.89
CA PHE E 188 16.25 -39.63 14.89
C PHE E 188 16.00 -40.55 13.68
N GLN E 189 16.77 -41.58 13.46
CA GLN E 189 16.59 -42.46 12.29
C GLN E 189 17.02 -43.88 12.67
N ARG E 190 16.23 -44.87 12.27
CA ARG E 190 16.49 -46.30 12.58
C ARG E 190 16.45 -47.10 11.29
N PRO E 191 17.55 -47.14 10.52
CA PRO E 191 17.58 -47.83 9.23
C PRO E 191 17.22 -49.31 9.27
N LEU E 192 17.53 -50.03 10.35
CA LEU E 192 17.15 -51.47 10.43
C LEU E 192 15.63 -51.63 10.45
N ALA E 193 14.88 -50.66 10.97
CA ALA E 193 13.39 -50.71 10.98
C ALA E 193 12.84 -50.31 9.59
N LEU E 194 13.66 -49.82 8.67
CA LEU E 194 13.22 -49.35 7.33
C LEU E 194 13.72 -50.30 6.24
N GLY E 195 14.37 -51.41 6.58
CA GLY E 195 14.77 -52.44 5.61
C GLY E 195 16.28 -52.54 5.37
N ALA E 196 17.10 -51.67 5.95
CA ALA E 196 18.57 -51.81 5.81
C ALA E 196 19.00 -53.15 6.43
N ASP E 197 20.05 -53.75 5.88
CA ASP E 197 20.68 -54.97 6.45
C ASP E 197 21.72 -54.56 7.51
N ILE E 198 22.38 -53.44 7.33
CA ILE E 198 23.46 -52.94 8.24
C ILE E 198 23.22 -51.45 8.50
N CYS E 199 23.21 -51.07 9.75
CA CYS E 199 23.18 -49.67 10.21
C CYS E 199 24.59 -49.35 10.74
N MET E 200 25.30 -48.48 10.04
CA MET E 200 26.70 -48.14 10.37
C MET E 200 26.71 -46.69 10.83
N CYS E 201 27.60 -46.33 11.76
CA CYS E 201 27.85 -44.88 11.96
C CYS E 201 29.25 -44.62 12.49
N SER E 202 29.69 -43.39 12.26
CA SER E 202 30.86 -42.82 12.98
C SER E 202 30.32 -42.37 14.34
N ALA E 203 30.63 -43.14 15.38
CA ALA E 203 30.31 -42.77 16.78
C ALA E 203 31.12 -41.55 17.21
N THR E 204 32.17 -41.22 16.46
CA THR E 204 32.99 -40.00 16.62
C THR E 204 32.09 -38.78 16.72
N LYS E 205 30.90 -38.82 16.07
CA LYS E 205 30.05 -37.62 15.96
C LYS E 205 29.01 -37.64 17.08
N TYR E 206 27.71 -37.71 16.79
CA TYR E 206 26.66 -37.51 17.81
C TYR E 206 26.64 -38.64 18.86
N MET E 207 26.92 -39.87 18.50
CA MET E 207 26.65 -40.99 19.45
C MET E 207 27.50 -40.78 20.71
N ASN E 208 28.80 -40.51 20.53
CA ASN E 208 29.66 -40.11 21.67
C ASN E 208 29.33 -38.67 22.08
N GLY E 209 29.34 -37.75 21.11
CA GLY E 209 28.78 -36.39 21.33
C GLY E 209 29.71 -35.42 22.05
N HIS E 210 30.93 -35.84 22.45
CA HIS E 210 31.82 -34.98 23.27
C HIS E 210 33.19 -34.76 22.61
N SER E 211 33.32 -35.07 21.33
CA SER E 211 34.47 -34.74 20.47
C SER E 211 35.77 -35.25 21.11
N ASP E 212 35.72 -36.40 21.75
CA ASP E 212 36.90 -36.94 22.47
C ASP E 212 37.08 -38.44 22.24
N VAL E 213 36.38 -39.01 21.25
CA VAL E 213 36.47 -40.45 20.91
C VAL E 213 36.34 -40.58 19.39
N VAL E 214 37.25 -41.31 18.79
CA VAL E 214 37.11 -41.78 17.39
C VAL E 214 36.65 -43.23 17.46
N MET E 215 35.52 -43.56 16.84
CA MET E 215 34.95 -44.92 16.93
C MET E 215 33.93 -45.13 15.80
N GLY E 216 33.81 -46.37 15.34
CA GLY E 216 32.74 -46.81 14.42
C GLY E 216 31.86 -47.85 15.05
N LEU E 217 30.58 -47.85 14.67
CA LEU E 217 29.56 -48.79 15.18
C LEU E 217 28.90 -49.43 13.97
N VAL E 218 28.66 -50.72 14.05
CA VAL E 218 27.92 -51.50 13.01
C VAL E 218 26.86 -52.34 13.72
N SER E 219 25.60 -52.16 13.36
CA SER E 219 24.46 -52.88 13.97
C SER E 219 23.74 -53.69 12.87
N VAL E 220 23.38 -54.95 13.18
CA VAL E 220 22.73 -55.91 12.26
C VAL E 220 21.69 -56.73 13.02
N ASN E 221 20.72 -57.26 12.27
CA ASN E 221 19.74 -58.26 12.77
C ASN E 221 20.14 -59.66 12.32
N SER E 222 20.72 -59.81 11.14
CA SER E 222 21.08 -61.10 10.53
C SER E 222 22.15 -61.83 11.38
N ASP E 223 21.90 -63.09 11.74
CA ASP E 223 22.89 -63.94 12.43
C ASP E 223 24.05 -64.23 11.48
N ASP E 224 23.78 -64.42 10.18
CA ASP E 224 24.83 -64.65 9.14
C ASP E 224 25.76 -63.43 9.07
N LEU E 225 25.23 -62.22 8.96
CA LEU E 225 26.05 -60.98 8.87
CA LEU E 225 26.05 -60.98 8.87
C LEU E 225 26.83 -60.81 10.19
N ASN E 226 26.16 -61.04 11.32
CA ASN E 226 26.85 -60.94 12.64
C ASN E 226 28.07 -61.86 12.65
N GLU E 227 27.91 -63.13 12.28
CA GLU E 227 29.02 -64.12 12.30
C GLU E 227 30.15 -63.65 11.38
N ARG E 228 29.83 -63.20 10.17
CA ARG E 228 30.84 -62.77 9.18
C ARG E 228 31.56 -61.50 9.70
N LEU E 229 30.83 -60.55 10.28
CA LEU E 229 31.42 -59.29 10.77
C LEU E 229 32.26 -59.56 12.03
N ARG E 230 31.81 -60.46 12.90
CA ARG E 230 32.54 -60.80 14.14
C ARG E 230 33.89 -61.41 13.79
N PHE E 231 33.90 -62.31 12.81
CA PHE E 231 35.12 -62.92 12.25
C PHE E 231 36.11 -61.81 11.84
N LEU E 232 35.61 -60.78 11.15
CA LEU E 232 36.48 -59.69 10.61
C LEU E 232 36.86 -58.71 11.73
N GLN E 233 36.02 -58.44 12.71
CA GLN E 233 36.38 -57.57 13.85
C GLN E 233 37.63 -58.20 14.51
N ASN E 234 37.60 -59.52 14.70
CA ASN E 234 38.71 -60.26 15.37
C ASN E 234 39.92 -60.36 14.43
N SER E 235 39.71 -60.62 13.14
CA SER E 235 40.78 -61.01 12.19
C SER E 235 41.49 -59.80 11.57
N LEU E 236 40.80 -58.68 11.31
CA LEU E 236 41.45 -57.43 10.84
C LEU E 236 41.94 -56.64 12.06
N GLY E 237 41.27 -56.77 13.21
CA GLY E 237 41.73 -56.18 14.48
C GLY E 237 41.59 -54.67 14.53
N ALA E 238 40.69 -54.07 13.76
CA ALA E 238 40.48 -52.61 13.80
C ALA E 238 39.55 -52.28 14.99
N VAL E 239 40.02 -52.56 16.21
CA VAL E 239 39.16 -52.55 17.43
C VAL E 239 39.39 -51.28 18.22
N PRO E 240 38.39 -50.84 18.99
CA PRO E 240 38.48 -49.65 19.85
C PRO E 240 39.13 -49.99 21.20
N SER E 241 39.79 -49.01 21.82
CA SER E 241 40.28 -49.08 23.21
C SER E 241 39.11 -49.26 24.15
N PRO E 242 39.22 -50.07 25.23
CA PRO E 242 38.18 -50.13 26.27
C PRO E 242 37.91 -48.78 26.92
N PHE E 243 38.93 -47.93 27.02
CA PHE E 243 38.78 -46.56 27.55
C PHE E 243 37.84 -45.76 26.63
N ASP E 244 38.04 -45.85 25.32
CA ASP E 244 37.15 -45.20 24.32
C ASP E 244 35.73 -45.78 24.42
N CYS E 245 35.61 -47.09 24.63
CA CYS E 245 34.27 -47.72 24.79
C CYS E 245 33.57 -47.13 26.00
N TYR E 246 34.31 -46.92 27.10
CA TYR E 246 33.74 -46.32 28.32
C TYR E 246 33.24 -44.91 28.02
N LEU E 247 34.05 -44.07 27.39
CA LEU E 247 33.67 -42.66 27.11
C LEU E 247 32.46 -42.63 26.15
N CYS E 248 32.42 -43.51 25.17
CA CYS E 248 31.26 -43.56 24.23
C CYS E 248 30.01 -44.02 24.99
N CYS E 249 30.13 -45.02 25.86
CA CYS E 249 29.01 -45.46 26.71
C CYS E 249 28.55 -44.28 27.58
N ARG E 250 29.47 -43.51 28.14
CA ARG E 250 29.12 -42.32 28.96
C ARG E 250 28.35 -41.32 28.10
N GLY E 251 28.80 -41.09 26.86
CA GLY E 251 28.12 -40.19 25.91
C GLY E 251 26.67 -40.64 25.62
N LEU E 252 26.43 -41.93 25.46
CA LEU E 252 25.09 -42.47 25.13
C LEU E 252 24.08 -42.09 26.23
N LYS E 253 24.51 -41.93 27.48
CA LYS E 253 23.61 -41.69 28.62
C LYS E 253 22.85 -40.39 28.41
N THR E 254 23.42 -39.42 27.68
CA THR E 254 22.79 -38.10 27.43
C THR E 254 22.32 -37.96 25.97
N LEU E 255 22.38 -39.03 25.16
CA LEU E 255 22.11 -38.92 23.71
C LEU E 255 20.71 -38.33 23.46
N GLN E 256 19.67 -38.83 24.12
CA GLN E 256 18.31 -38.31 23.89
C GLN E 256 18.25 -36.80 24.14
N ILE E 257 18.72 -36.32 25.28
CA ILE E 257 18.58 -34.89 25.63
C ILE E 257 19.53 -34.03 24.77
N ARG E 258 20.69 -34.55 24.37
CA ARG E 258 21.61 -33.81 23.47
C ARG E 258 20.91 -33.64 22.11
N MET E 259 20.38 -34.72 21.54
CA MET E 259 19.81 -34.68 20.18
C MET E 259 18.59 -33.75 20.16
N GLU E 260 17.76 -33.73 21.21
CA GLU E 260 16.60 -32.79 21.28
C GLU E 260 17.11 -31.35 21.25
N LYS E 261 18.19 -31.04 21.95
CA LYS E 261 18.77 -29.68 21.97
C LYS E 261 19.42 -29.36 20.60
N HIS E 262 20.12 -30.31 19.98
CA HIS E 262 20.69 -30.10 18.62
C HIS E 262 19.55 -29.74 17.64
N PHE E 263 18.40 -30.40 17.75
CA PHE E 263 17.21 -30.16 16.90
C PHE E 263 16.69 -28.74 17.14
N ARG E 264 16.49 -28.33 18.39
CA ARG E 264 16.00 -26.97 18.72
C ARG E 264 16.97 -25.92 18.15
N ASN E 265 18.27 -26.07 18.43
CA ASN E 265 19.29 -25.10 17.99
C ASN E 265 19.45 -25.14 16.46
N GLY E 266 19.47 -26.32 15.86
CA GLY E 266 19.63 -26.51 14.42
C GLY E 266 18.49 -25.81 13.67
N MET E 267 17.26 -26.02 14.12
CA MET E 267 16.07 -25.42 13.46
C MET E 267 16.16 -23.88 13.59
N ALA E 268 16.55 -23.36 14.75
CA ALA E 268 16.68 -21.90 14.96
C ALA E 268 17.76 -21.29 14.03
N VAL E 269 18.90 -21.96 13.88
CA VAL E 269 20.01 -21.52 13.01
C VAL E 269 19.51 -21.55 11.55
N ALA E 270 18.88 -22.65 11.13
CA ALA E 270 18.40 -22.78 9.75
C ALA E 270 17.41 -21.67 9.42
N ARG E 271 16.45 -21.38 10.30
CA ARG E 271 15.46 -20.30 10.09
C ARG E 271 16.15 -18.94 10.01
N PHE E 272 17.14 -18.70 10.86
CA PHE E 272 17.92 -17.45 10.87
C PHE E 272 18.64 -17.28 9.53
N LEU E 273 19.31 -18.32 9.03
CA LEU E 273 20.07 -18.24 7.76
C LEU E 273 19.10 -18.05 6.59
N GLU E 274 17.94 -18.70 6.63
CA GLU E 274 16.96 -18.66 5.53
C GLU E 274 16.43 -17.23 5.35
N SER E 275 16.37 -16.42 6.40
CA SER E 275 15.83 -15.04 6.32
C SER E 275 16.98 -14.01 6.21
N ASN E 276 18.24 -14.42 6.16
CA ASN E 276 19.39 -13.49 6.10
C ASN E 276 19.73 -13.19 4.63
N PRO E 277 19.77 -11.91 4.21
CA PRO E 277 20.08 -11.57 2.81
C PRO E 277 21.53 -11.81 2.37
N ARG E 278 22.42 -12.20 3.29
CA ARG E 278 23.84 -12.52 2.97
C ARG E 278 24.00 -14.01 2.62
N VAL E 279 22.91 -14.76 2.67
CA VAL E 279 22.90 -16.23 2.43
C VAL E 279 22.18 -16.49 1.11
N GLU E 280 22.82 -17.20 0.20
CA GLU E 280 22.27 -17.58 -1.12
C GLU E 280 21.20 -18.66 -0.94
N LYS E 281 21.47 -19.71 -0.16
CA LYS E 281 20.54 -20.84 0.01
C LYS E 281 20.93 -21.63 1.28
N VAL E 282 19.94 -22.00 2.08
CA VAL E 282 20.14 -22.85 3.28
C VAL E 282 19.63 -24.26 2.99
N ILE E 283 20.32 -25.26 3.52
CA ILE E 283 19.91 -26.68 3.44
C ILE E 283 19.76 -27.21 4.87
N TYR E 284 18.54 -27.57 5.24
CA TYR E 284 18.24 -28.22 6.54
C TYR E 284 17.01 -29.09 6.33
N PRO E 285 17.09 -30.43 6.51
CA PRO E 285 15.94 -31.30 6.28
C PRO E 285 14.69 -30.92 7.06
N GLY E 286 14.82 -30.23 8.18
CA GLY E 286 13.69 -29.79 9.01
C GLY E 286 12.97 -28.57 8.46
N LEU E 287 13.53 -27.87 7.49
CA LEU E 287 12.86 -26.68 6.88
C LEU E 287 11.96 -27.19 5.76
N PRO E 288 10.72 -26.65 5.65
CA PRO E 288 9.88 -26.88 4.46
C PRO E 288 10.56 -26.59 3.12
N SER E 289 11.53 -25.69 3.06
CA SER E 289 12.26 -25.36 1.82
C SER E 289 13.17 -26.48 1.37
N HIS E 290 13.55 -27.42 2.24
CA HIS E 290 14.42 -28.54 1.80
C HIS E 290 13.62 -29.32 0.76
N PRO E 291 14.22 -29.67 -0.39
CA PRO E 291 13.49 -30.39 -1.43
C PRO E 291 12.93 -31.75 -0.98
N GLN E 292 13.52 -32.37 0.05
CA GLN E 292 13.06 -33.69 0.52
C GLN E 292 12.52 -33.60 1.95
N HIS E 293 11.98 -32.45 2.33
CA HIS E 293 11.38 -32.24 3.66
C HIS E 293 10.28 -33.29 3.91
N GLU E 294 9.44 -33.60 2.92
CA GLU E 294 8.32 -34.55 3.15
C GLU E 294 8.88 -35.95 3.40
N LEU E 295 9.92 -36.37 2.67
CA LEU E 295 10.58 -37.68 2.90
C LEU E 295 11.19 -37.69 4.31
N ALA E 296 11.85 -36.62 4.74
CA ALA E 296 12.47 -36.52 6.08
C ALA E 296 11.40 -36.82 7.14
N LYS E 297 10.20 -36.26 7.02
CA LYS E 297 9.11 -36.46 8.00
C LYS E 297 8.60 -37.91 7.96
N ARG E 298 8.70 -38.60 6.83
CA ARG E 298 8.21 -39.99 6.66
C ARG E 298 9.23 -40.97 7.22
N GLN E 299 10.52 -40.65 7.33
CA GLN E 299 11.52 -41.70 7.69
C GLN E 299 12.35 -41.33 8.92
N CYS E 300 12.13 -40.18 9.54
CA CYS E 300 12.88 -39.69 10.72
C CYS E 300 11.92 -39.22 11.81
N THR E 301 12.39 -39.19 13.05
CA THR E 301 11.63 -38.71 14.22
C THR E 301 12.03 -37.27 14.56
N GLY E 302 12.92 -36.68 13.76
CA GLY E 302 13.37 -35.30 13.98
C GLY E 302 14.58 -35.03 13.12
N CYS E 303 15.30 -33.97 13.42
CA CYS E 303 16.46 -33.52 12.63
CA CYS E 303 16.47 -33.52 12.64
C CYS E 303 17.54 -33.04 13.60
N PRO E 304 18.82 -33.33 13.35
CA PRO E 304 19.88 -32.89 14.27
C PRO E 304 20.37 -31.45 13.98
N GLY E 305 21.62 -31.16 14.32
CA GLY E 305 22.18 -29.80 14.27
C GLY E 305 22.99 -29.55 13.02
N MET E 306 22.92 -30.41 11.99
CA MET E 306 23.75 -30.20 10.78
C MET E 306 22.98 -29.27 9.84
N VAL E 307 23.54 -28.10 9.59
CA VAL E 307 22.94 -27.08 8.71
C VAL E 307 24.00 -26.69 7.69
N SER E 308 23.70 -26.80 6.39
CA SER E 308 24.64 -26.35 5.36
C SER E 308 24.06 -25.12 4.66
N PHE E 309 24.90 -24.20 4.22
CA PHE E 309 24.42 -23.03 3.46
C PHE E 309 25.48 -22.57 2.48
N TYR E 310 24.99 -21.93 1.42
CA TYR E 310 25.83 -21.24 0.40
C TYR E 310 25.81 -19.76 0.78
N ILE E 311 26.97 -19.20 1.08
CA ILE E 311 27.09 -17.75 1.33
C ILE E 311 27.00 -17.04 -0.02
N LYS E 312 26.45 -15.83 -0.03
CA LYS E 312 26.49 -14.98 -1.26
C LYS E 312 27.95 -14.64 -1.59
N GLY E 313 28.27 -14.58 -2.87
CA GLY E 313 29.56 -14.06 -3.34
C GLY E 313 30.46 -15.18 -3.74
N THR E 314 31.70 -15.18 -3.23
CA THR E 314 32.79 -16.06 -3.71
C THR E 314 33.47 -16.69 -2.50
N LEU E 315 34.50 -17.49 -2.78
CA LEU E 315 35.37 -18.10 -1.77
C LEU E 315 35.84 -17.04 -0.78
N GLN E 316 36.16 -15.83 -1.25
CA GLN E 316 36.68 -14.75 -0.38
C GLN E 316 35.67 -14.47 0.74
N HIS E 317 34.38 -14.41 0.41
CA HIS E 317 33.32 -14.12 1.43
C HIS E 317 33.22 -15.29 2.42
N ALA E 318 33.27 -16.52 1.93
CA ALA E 318 33.26 -17.73 2.79
C ALA E 318 34.45 -17.67 3.75
N GLN E 319 35.65 -17.33 3.25
CA GLN E 319 36.86 -17.22 4.11
C GLN E 319 36.67 -16.14 5.17
N VAL E 320 36.11 -14.99 4.82
CA VAL E 320 35.92 -13.89 5.79
C VAL E 320 34.90 -14.33 6.85
N PHE E 321 33.81 -14.98 6.46
CA PHE E 321 32.81 -15.52 7.41
C PHE E 321 33.54 -16.45 8.41
N LEU E 322 34.32 -17.40 7.90
CA LEU E 322 34.96 -18.44 8.75
C LEU E 322 36.08 -17.85 9.62
N LYS E 323 36.64 -16.69 9.25
CA LYS E 323 37.66 -15.97 10.06
C LYS E 323 36.98 -15.13 11.14
N ASN E 324 35.70 -14.77 11.01
CA ASN E 324 35.04 -13.83 11.96
C ASN E 324 34.13 -14.54 12.97
N ILE E 325 33.77 -15.80 12.75
CA ILE E 325 32.98 -16.57 13.76
C ILE E 325 33.80 -16.62 15.06
N LYS E 326 33.17 -16.40 16.21
CA LYS E 326 33.87 -16.32 17.53
C LYS E 326 33.30 -17.38 18.50
N LEU E 327 32.16 -17.98 18.19
CA LEU E 327 31.53 -19.04 19.03
C LEU E 327 31.62 -20.36 18.28
N PHE E 328 31.09 -20.41 17.06
CA PHE E 328 31.44 -21.47 16.08
C PHE E 328 32.95 -21.43 15.91
N ALA E 329 33.60 -22.60 15.85
CA ALA E 329 35.05 -22.74 15.62
C ALA E 329 35.25 -23.32 14.23
N LEU E 330 36.21 -22.78 13.48
CA LEU E 330 36.64 -23.34 12.18
C LEU E 330 37.43 -24.60 12.49
N ALA E 331 36.86 -25.75 12.19
CA ALA E 331 37.44 -27.06 12.54
C ALA E 331 36.66 -28.14 11.80
N GLU E 332 37.29 -29.26 11.56
CA GLU E 332 36.62 -30.45 11.09
C GLU E 332 35.77 -31.09 12.20
N SER E 333 34.99 -32.07 11.82
CA SER E 333 34.10 -32.90 12.64
C SER E 333 32.78 -32.20 12.91
N LEU E 334 31.93 -32.91 13.63
CA LEU E 334 30.52 -32.55 13.82
C LEU E 334 29.97 -33.39 14.97
N GLY E 335 28.80 -33.01 15.46
CA GLY E 335 28.04 -33.85 16.38
C GLY E 335 28.52 -33.69 17.82
N GLY E 336 29.38 -32.72 18.07
CA GLY E 336 29.82 -32.39 19.44
C GLY E 336 28.93 -31.38 20.12
N TYR E 337 29.15 -31.17 21.41
CA TYR E 337 28.41 -30.15 22.20
C TYR E 337 28.82 -28.74 21.74
N GLU E 338 30.00 -28.59 21.13
CA GLU E 338 30.56 -27.28 20.70
C GLU E 338 30.21 -27.06 19.21
N SER E 339 29.83 -25.86 18.87
CA SER E 339 29.44 -25.49 17.47
C SER E 339 30.71 -25.41 16.61
N LEU E 340 30.67 -26.05 15.44
CA LEU E 340 31.79 -26.10 14.48
C LEU E 340 31.33 -25.63 13.09
N ALA E 341 32.26 -25.17 12.28
CA ALA E 341 32.01 -24.73 10.89
C ALA E 341 33.17 -25.16 10.04
N GLU E 342 32.91 -25.55 8.79
CA GLU E 342 33.99 -25.89 7.85
C GLU E 342 33.56 -25.54 6.42
N LEU E 343 34.54 -25.54 5.52
CA LEU E 343 34.40 -25.30 4.07
C LEU E 343 34.74 -26.61 3.38
N PRO E 344 33.76 -27.50 3.12
CA PRO E 344 34.05 -28.85 2.65
C PRO E 344 34.93 -28.94 1.41
N ALA E 345 34.79 -28.01 0.46
CA ALA E 345 35.55 -28.07 -0.81
C ALA E 345 37.06 -28.04 -0.54
N ILE E 346 37.48 -27.35 0.52
CA ILE E 346 38.90 -27.13 0.87
C ILE E 346 39.33 -28.02 2.04
N MET E 347 38.38 -28.60 2.80
CA MET E 347 38.69 -29.32 4.07
C MET E 347 38.24 -30.78 3.92
N THR E 348 37.06 -31.18 4.39
CA THR E 348 36.65 -32.62 4.41
C THR E 348 36.58 -33.26 3.02
N HIS E 349 36.29 -32.50 1.97
CA HIS E 349 36.03 -33.05 0.61
C HIS E 349 37.13 -32.61 -0.37
N ALA E 350 38.27 -32.14 0.14
CA ALA E 350 39.41 -31.71 -0.72
C ALA E 350 39.91 -32.88 -1.56
N SER E 351 39.82 -34.12 -1.08
CA SER E 351 40.32 -35.32 -1.80
C SER E 351 39.37 -35.71 -2.95
N VAL E 352 38.12 -35.24 -2.93
CA VAL E 352 37.16 -35.54 -4.04
C VAL E 352 37.58 -34.70 -5.25
N PRO E 353 37.72 -35.29 -6.46
CA PRO E 353 38.12 -34.53 -7.64
C PRO E 353 37.22 -33.30 -7.85
N GLU E 354 37.82 -32.19 -8.28
CA GLU E 354 37.17 -30.88 -8.43
C GLU E 354 35.92 -31.02 -9.34
N LYS E 355 35.99 -31.84 -10.39
CA LYS E 355 34.83 -32.01 -11.32
C LYS E 355 33.67 -32.74 -10.62
N ASP E 356 33.99 -33.69 -9.76
CA ASP E 356 32.99 -34.43 -8.94
C ASP E 356 32.37 -33.47 -7.92
N ARG E 357 33.16 -32.63 -7.26
CA ARG E 357 32.64 -31.61 -6.31
C ARG E 357 31.64 -30.72 -7.05
N ALA E 358 31.96 -30.30 -8.25
CA ALA E 358 31.09 -29.39 -9.05
C ALA E 358 29.75 -30.08 -9.32
N THR E 359 29.75 -31.33 -9.79
CA THR E 359 28.51 -32.10 -10.05
C THR E 359 27.67 -32.19 -8.77
N LEU E 360 28.31 -32.36 -7.60
CA LEU E 360 27.57 -32.62 -6.33
C LEU E 360 27.11 -31.33 -5.67
N GLY E 361 27.57 -30.16 -6.13
CA GLY E 361 27.23 -28.88 -5.48
C GLY E 361 28.16 -28.55 -4.32
N ILE E 362 29.32 -29.22 -4.22
CA ILE E 362 30.33 -28.93 -3.15
C ILE E 362 31.25 -27.82 -3.68
N SER E 363 30.69 -26.62 -3.72
CA SER E 363 31.28 -25.41 -4.32
C SER E 363 32.10 -24.68 -3.26
N ASP E 364 32.85 -23.67 -3.71
CA ASP E 364 33.74 -22.86 -2.84
C ASP E 364 32.92 -21.94 -1.92
N THR E 365 31.59 -21.86 -2.09
CA THR E 365 30.75 -21.03 -1.18
C THR E 365 29.89 -21.90 -0.25
N LEU E 366 30.02 -23.22 -0.30
CA LEU E 366 29.26 -24.15 0.60
CA LEU E 366 29.26 -24.15 0.60
C LEU E 366 29.95 -24.18 1.97
N ILE E 367 29.25 -23.81 3.01
CA ILE E 367 29.70 -23.90 4.41
C ILE E 367 28.85 -24.95 5.13
N ARG E 368 29.48 -25.88 5.83
CA ARG E 368 28.80 -26.88 6.68
C ARG E 368 28.92 -26.45 8.13
N LEU E 369 27.79 -26.30 8.81
CA LEU E 369 27.74 -26.01 10.27
C LEU E 369 27.31 -27.27 11.04
N SER E 370 27.97 -27.50 12.17
CA SER E 370 27.50 -28.45 13.19
C SER E 370 27.06 -27.61 14.40
N VAL E 371 25.77 -27.47 14.58
CA VAL E 371 25.23 -26.61 15.65
C VAL E 371 25.26 -27.42 16.95
N GLY E 372 25.93 -26.86 17.96
CA GLY E 372 26.14 -27.47 19.29
C GLY E 372 25.02 -27.15 20.26
N LEU E 373 25.33 -27.16 21.54
CA LEU E 373 24.34 -27.12 22.64
C LEU E 373 24.37 -25.76 23.33
N GLU E 374 25.03 -24.76 22.74
CA GLU E 374 25.10 -23.41 23.35
C GLU E 374 23.70 -22.76 23.34
N ASP E 375 23.56 -21.63 24.01
CA ASP E 375 22.32 -20.84 24.03
C ASP E 375 22.03 -20.32 22.61
N GLU E 376 20.79 -20.51 22.17
CA GLU E 376 20.35 -20.18 20.78
C GLU E 376 20.72 -18.71 20.47
N LYS E 377 20.43 -17.77 21.36
CA LYS E 377 20.65 -16.33 21.10
C LYS E 377 22.15 -16.07 20.79
N ASP E 378 23.06 -16.70 21.54
CA ASP E 378 24.52 -16.55 21.35
C ASP E 378 24.92 -17.07 19.97
N LEU E 379 24.32 -18.18 19.53
CA LEU E 379 24.65 -18.78 18.21
C LEU E 379 24.19 -17.84 17.09
N LEU E 380 22.98 -17.28 17.21
CA LEU E 380 22.41 -16.42 16.13
C LEU E 380 23.19 -15.11 16.06
N GLU E 381 23.60 -14.54 17.21
CA GLU E 381 24.43 -13.31 17.23
C GLU E 381 25.78 -13.58 16.58
N ASP E 382 26.39 -14.75 16.82
CA ASP E 382 27.71 -15.09 16.23
C ASP E 382 27.60 -15.19 14.70
N LEU E 383 26.58 -15.91 14.21
CA LEU E 383 26.40 -16.07 12.74
C LEU E 383 26.11 -14.70 12.12
N GLY E 384 25.28 -13.90 12.75
CA GLY E 384 24.88 -12.56 12.25
C GLY E 384 26.09 -11.67 12.07
N GLN E 385 26.96 -11.55 13.08
CA GLN E 385 28.12 -10.63 13.03
C GLN E 385 29.12 -11.19 12.03
N ALA E 386 29.29 -12.51 11.91
CA ALA E 386 30.26 -13.08 10.95
C ALA E 386 29.78 -12.85 9.50
N LEU E 387 28.49 -13.03 9.24
CA LEU E 387 27.92 -12.77 7.87
C LEU E 387 28.05 -11.27 7.55
N LYS E 388 27.85 -10.39 8.52
CA LYS E 388 28.01 -8.92 8.33
C LYS E 388 29.47 -8.58 8.03
N ALA E 389 30.44 -9.26 8.64
CA ALA E 389 31.86 -9.05 8.32
C ALA E 389 32.12 -9.45 6.87
N ALA E 390 31.46 -10.49 6.35
CA ALA E 390 31.65 -10.97 4.96
C ALA E 390 30.96 -10.03 3.96
N HIS E 391 29.78 -9.52 4.30
CA HIS E 391 28.94 -8.62 3.45
C HIS E 391 28.46 -7.44 4.28
N PRO E 392 29.30 -6.39 4.42
CA PRO E 392 28.97 -5.23 5.25
C PRO E 392 27.62 -4.61 4.89
N GLY F 3 77.78 -63.51 24.09
CA GLY F 3 78.38 -63.31 22.72
C GLY F 3 77.37 -62.71 21.74
N PHE F 4 76.32 -62.05 22.23
CA PHE F 4 75.33 -61.33 21.36
C PHE F 4 75.96 -60.04 20.82
N LEU F 5 75.34 -59.44 19.80
CA LEU F 5 75.70 -58.09 19.30
C LEU F 5 75.76 -57.14 20.50
N PRO F 6 76.63 -56.12 20.45
CA PRO F 6 76.67 -55.13 21.54
C PRO F 6 75.35 -54.35 21.67
N SER F 7 74.94 -54.06 22.90
CA SER F 7 73.68 -53.35 23.25
C SER F 7 73.60 -52.00 22.53
N PHE F 8 72.39 -51.57 22.16
CA PHE F 8 72.12 -50.19 21.64
C PHE F 8 72.50 -49.24 22.79
N GLN F 9 73.28 -48.20 22.50
CA GLN F 9 74.04 -47.45 23.57
C GLN F 9 73.28 -46.22 24.13
N HIS F 10 72.36 -45.64 23.35
CA HIS F 10 71.55 -44.47 23.79
C HIS F 10 70.07 -44.85 23.89
N PHE F 11 69.76 -46.14 23.96
CA PHE F 11 68.37 -46.63 23.85
C PHE F 11 67.53 -46.04 24.98
N ALA F 12 67.99 -46.12 26.22
CA ALA F 12 67.20 -45.68 27.39
C ALA F 12 66.99 -44.16 27.32
N THR F 13 68.02 -43.41 26.94
CA THR F 13 67.94 -41.95 26.78
C THR F 13 66.90 -41.61 25.73
N GLN F 14 66.96 -42.27 24.58
CA GLN F 14 65.99 -42.01 23.48
C GLN F 14 64.57 -42.41 23.89
N ALA F 15 64.40 -43.53 24.59
CA ALA F 15 63.07 -44.02 24.99
C ALA F 15 62.42 -43.00 25.92
N ILE F 16 63.22 -42.24 26.65
CA ILE F 16 62.69 -41.26 27.65
C ILE F 16 62.52 -39.87 27.00
N HIS F 17 63.37 -39.46 26.06
CA HIS F 17 63.49 -38.04 25.64
C HIS F 17 63.02 -37.80 24.20
N VAL F 18 63.15 -38.75 23.27
CA VAL F 18 62.87 -38.42 21.85
C VAL F 18 61.38 -38.11 21.70
N GLY F 19 61.09 -36.95 21.14
CA GLY F 19 59.71 -36.47 20.92
C GLY F 19 59.05 -35.93 22.18
N GLN F 20 59.74 -35.90 23.33
CA GLN F 20 59.11 -35.60 24.65
C GLN F 20 59.58 -34.22 25.17
N GLU F 21 60.11 -33.35 24.31
CA GLU F 21 60.57 -31.98 24.69
C GLU F 21 59.44 -31.23 25.38
N PRO F 22 59.62 -30.76 26.63
CA PRO F 22 58.59 -29.96 27.27
C PRO F 22 58.22 -28.68 26.53
N GLU F 23 59.15 -28.13 25.74
CA GLU F 23 58.97 -26.85 24.99
C GLU F 23 57.81 -26.97 23.99
N GLN F 24 57.41 -28.17 23.57
CA GLN F 24 56.31 -28.27 22.58
C GLN F 24 54.94 -28.04 23.24
N TRP F 25 54.84 -28.07 24.57
CA TRP F 25 53.54 -27.90 25.27
C TRP F 25 53.46 -26.49 25.85
N SER F 26 52.29 -25.86 25.80
CA SER F 26 52.06 -24.51 26.37
C SER F 26 52.45 -24.51 27.85
N SER F 27 52.15 -25.59 28.56
CA SER F 27 52.39 -25.74 30.01
C SER F 27 53.86 -26.05 30.35
N ARG F 28 54.65 -26.50 29.38
CA ARG F 28 56.02 -27.05 29.58
C ARG F 28 55.95 -28.31 30.47
N ALA F 29 54.85 -29.06 30.44
CA ALA F 29 54.71 -30.37 31.09
C ALA F 29 55.92 -31.24 30.72
N VAL F 30 56.48 -31.95 31.69
CA VAL F 30 57.64 -32.85 31.47
CA VAL F 30 57.65 -32.85 31.47
C VAL F 30 57.14 -34.20 30.95
N VAL F 31 55.85 -34.45 31.06
CA VAL F 31 55.19 -35.69 30.56
C VAL F 31 54.15 -35.28 29.52
N LEU F 32 54.09 -36.01 28.41
CA LEU F 32 53.15 -35.68 27.31
C LEU F 32 51.71 -35.74 27.81
N PRO F 33 50.91 -34.73 27.43
CA PRO F 33 49.49 -34.73 27.71
C PRO F 33 48.76 -35.80 26.90
N ILE F 34 47.63 -36.24 27.43
CA ILE F 34 46.65 -37.07 26.70
C ILE F 34 45.68 -36.11 26.02
N SER F 35 45.78 -35.96 24.72
CA SER F 35 44.87 -35.07 23.97
C SER F 35 43.81 -35.95 23.30
N LEU F 36 42.60 -35.94 23.83
CA LEU F 36 41.49 -36.77 23.29
C LEU F 36 40.76 -36.03 22.17
N ALA F 37 40.96 -34.73 22.00
CA ALA F 37 40.19 -33.93 21.01
C ALA F 37 40.17 -34.63 19.65
N THR F 38 38.99 -34.72 19.04
CA THR F 38 38.84 -35.29 17.68
C THR F 38 39.24 -34.22 16.66
N THR F 39 39.15 -32.95 17.03
CA THR F 39 39.35 -31.86 16.08
C THR F 39 40.08 -30.67 16.72
N PHE F 40 40.53 -29.77 15.85
CA PHE F 40 41.51 -28.72 16.15
C PHE F 40 41.09 -27.46 15.37
N LYS F 41 41.07 -26.33 16.04
CA LYS F 41 40.70 -25.04 15.44
C LYS F 41 41.75 -24.63 14.42
N GLN F 42 41.33 -24.30 13.20
CA GLN F 42 42.24 -23.86 12.10
C GLN F 42 42.24 -22.31 12.06
N ASP F 43 43.37 -21.73 11.71
CA ASP F 43 43.51 -20.25 11.50
C ASP F 43 42.82 -19.85 10.19
N SER F 44 42.85 -20.70 9.19
CA SER F 44 42.12 -20.47 7.92
C SER F 44 41.83 -21.81 7.27
N PRO F 45 40.82 -21.87 6.38
CA PRO F 45 40.35 -23.16 5.89
C PRO F 45 41.46 -23.90 5.15
N GLY F 46 41.66 -25.17 5.51
CA GLY F 46 42.63 -26.09 4.87
C GLY F 46 44.05 -25.60 5.03
N GLN F 47 44.37 -24.93 6.12
CA GLN F 47 45.78 -24.59 6.43
C GLN F 47 46.58 -25.90 6.36
N SER F 48 47.80 -25.85 5.81
CA SER F 48 48.68 -27.02 5.56
C SER F 48 49.46 -27.42 6.83
N SER F 49 49.53 -26.54 7.85
CA SER F 49 50.24 -26.82 9.11
C SER F 49 49.24 -27.15 10.25
N GLY F 50 49.75 -27.78 11.30
CA GLY F 50 49.00 -28.06 12.53
C GLY F 50 48.17 -29.34 12.39
N PHE F 51 47.41 -29.63 13.42
CA PHE F 51 46.52 -30.81 13.48
C PHE F 51 45.19 -30.42 12.85
N VAL F 52 44.49 -31.42 12.31
CA VAL F 52 43.22 -31.20 11.57
C VAL F 52 42.14 -32.11 12.17
N TYR F 53 42.42 -33.40 12.27
CA TYR F 53 41.43 -34.42 12.65
C TYR F 53 42.15 -35.61 13.25
N SER F 54 41.69 -36.08 14.41
CA SER F 54 42.42 -37.05 15.25
C SER F 54 42.84 -38.27 14.45
N ARG F 55 41.96 -38.84 13.61
CA ARG F 55 42.31 -40.06 12.84
C ARG F 55 43.55 -39.79 11.98
N SER F 56 43.69 -38.58 11.44
CA SER F 56 44.78 -38.22 10.49
C SER F 56 46.07 -37.94 11.28
N GLY F 57 45.97 -37.59 12.55
CA GLY F 57 47.14 -37.25 13.36
C GLY F 57 46.71 -36.49 14.59
N ASN F 58 47.40 -36.70 15.70
CA ASN F 58 47.02 -36.01 16.96
C ASN F 58 48.27 -35.96 17.83
N PRO F 59 48.34 -35.02 18.77
CA PRO F 59 49.58 -34.77 19.50
C PRO F 59 50.13 -36.01 20.24
N THR F 60 49.29 -36.75 20.95
CA THR F 60 49.75 -37.91 21.76
C THR F 60 50.27 -38.99 20.82
N ARG F 61 49.50 -39.35 19.79
CA ARG F 61 49.94 -40.42 18.86
C ARG F 61 51.25 -39.99 18.17
N ASN F 62 51.33 -38.75 17.71
CA ASN F 62 52.51 -38.29 16.93
C ASN F 62 53.75 -38.32 17.81
N CYS F 63 53.60 -38.04 19.09
CA CYS F 63 54.71 -38.10 20.08
CA CYS F 63 54.71 -38.09 20.09
C CYS F 63 55.17 -39.54 20.29
N LEU F 64 54.22 -40.47 20.47
CA LEU F 64 54.59 -41.92 20.57
C LEU F 64 55.33 -42.33 19.29
N GLU F 65 54.83 -41.98 18.10
CA GLU F 65 55.42 -42.42 16.83
C GLU F 65 56.88 -41.91 16.72
N LYS F 66 57.17 -40.71 17.20
CA LYS F 66 58.57 -40.18 17.18
C LYS F 66 59.46 -41.04 18.08
N ALA F 67 58.99 -41.41 19.27
CA ALA F 67 59.77 -42.22 20.23
C ALA F 67 60.03 -43.60 19.63
N VAL F 68 59.00 -44.27 19.11
CA VAL F 68 59.15 -45.65 18.59
C VAL F 68 60.08 -45.62 17.38
N ALA F 69 59.96 -44.64 16.49
CA ALA F 69 60.84 -44.51 15.33
C ALA F 69 62.30 -44.54 15.79
N ALA F 70 62.65 -43.75 16.81
CA ALA F 70 64.03 -43.70 17.33
C ALA F 70 64.44 -45.09 17.85
N LEU F 71 63.57 -45.77 18.60
CA LEU F 71 63.91 -47.09 19.18
C LEU F 71 64.05 -48.15 18.09
N ASP F 72 63.36 -48.02 16.97
CA ASP F 72 63.42 -48.99 15.84
C ASP F 72 64.56 -48.59 14.87
N GLY F 73 65.29 -47.50 15.11
CA GLY F 73 66.31 -47.02 14.17
C GLY F 73 65.69 -46.60 12.84
N ALA F 74 64.49 -46.01 12.89
CA ALA F 74 63.67 -45.72 11.71
C ALA F 74 63.51 -44.20 11.55
N LYS F 75 63.25 -43.76 10.33
CA LYS F 75 62.88 -42.35 10.07
C LYS F 75 61.40 -42.14 10.37
N HIS F 76 60.56 -43.17 10.25
CA HIS F 76 59.08 -43.03 10.29
C HIS F 76 58.46 -44.16 11.10
N CYS F 77 57.42 -43.84 11.88
CA CYS F 77 56.64 -44.87 12.60
C CYS F 77 55.17 -44.54 12.49
N LEU F 78 54.36 -45.57 12.33
CA LEU F 78 52.88 -45.49 12.28
C LEU F 78 52.30 -46.43 13.34
N THR F 79 51.33 -45.94 14.12
CA THR F 79 50.64 -46.75 15.14
C THR F 79 49.24 -47.14 14.64
N PHE F 80 48.81 -48.33 15.06
CA PHE F 80 47.53 -48.96 14.67
C PHE F 80 46.83 -49.52 15.90
N ALA F 81 45.55 -49.83 15.72
CA ALA F 81 44.63 -50.29 16.78
C ALA F 81 45.08 -51.65 17.33
N SER F 82 45.88 -52.42 16.59
CA SER F 82 46.37 -53.76 17.00
C SER F 82 47.49 -54.21 16.07
N GLY F 83 48.24 -55.22 16.47
CA GLY F 83 49.14 -55.94 15.57
C GLY F 83 48.46 -56.41 14.28
N LEU F 84 47.28 -57.02 14.41
CA LEU F 84 46.54 -57.50 13.20
C LEU F 84 46.11 -56.30 12.35
N ALA F 85 45.74 -55.16 12.93
CA ALA F 85 45.38 -53.97 12.12
C ALA F 85 46.62 -53.48 11.36
N ALA F 86 47.81 -53.53 11.97
CA ALA F 86 49.06 -53.18 11.28
C ALA F 86 49.28 -54.14 10.11
N THR F 87 49.04 -55.44 10.32
CA THR F 87 49.21 -56.49 9.28
C THR F 87 48.25 -56.21 8.11
N THR F 88 46.98 -55.95 8.41
CA THR F 88 45.95 -55.61 7.40
C THR F 88 46.38 -54.37 6.61
N THR F 89 46.83 -53.32 7.30
CA THR F 89 47.24 -52.05 6.66
C THR F 89 48.42 -52.30 5.71
N ILE F 90 49.43 -53.04 6.16
CA ILE F 90 50.63 -53.36 5.32
C ILE F 90 50.17 -54.10 4.07
N THR F 91 49.26 -55.05 4.21
CA THR F 91 48.79 -55.91 3.07
C THR F 91 48.10 -55.00 2.05
N HIS F 92 47.46 -53.92 2.48
CA HIS F 92 46.77 -52.95 1.59
C HIS F 92 47.77 -52.13 0.78
N LEU F 93 49.09 -52.24 1.03
CA LEU F 93 50.12 -51.67 0.12
C LEU F 93 50.05 -52.34 -1.26
N LEU F 94 49.47 -53.53 -1.36
CA LEU F 94 49.52 -54.34 -2.59
C LEU F 94 48.29 -54.06 -3.45
N LYS F 95 48.00 -54.93 -4.40
CA LYS F 95 46.77 -54.86 -5.22
C LYS F 95 46.47 -56.24 -5.79
N ALA F 96 45.25 -56.42 -6.30
CA ALA F 96 44.80 -57.67 -6.94
C ALA F 96 45.86 -58.12 -7.95
N GLY F 97 46.24 -59.40 -7.93
CA GLY F 97 47.25 -59.98 -8.83
C GLY F 97 48.61 -60.14 -8.17
N ASP F 98 48.83 -59.52 -7.01
CA ASP F 98 50.13 -59.61 -6.30
C ASP F 98 50.19 -60.90 -5.49
N GLU F 99 51.39 -61.33 -5.15
CA GLU F 99 51.63 -62.55 -4.33
C GLU F 99 52.37 -62.13 -3.06
N VAL F 100 52.01 -62.80 -1.98
CA VAL F 100 52.66 -62.70 -0.65
C VAL F 100 53.31 -64.06 -0.34
N ILE F 101 54.54 -64.03 0.13
CA ILE F 101 55.19 -65.20 0.77
C ILE F 101 55.21 -64.91 2.27
N CYS F 102 54.66 -65.82 3.06
CA CYS F 102 54.63 -65.73 4.52
C CYS F 102 55.44 -66.87 5.12
N MET F 103 56.24 -66.57 6.13
CA MET F 103 56.90 -67.58 6.99
C MET F 103 55.86 -68.65 7.36
N ASP F 104 56.23 -69.92 7.27
CA ASP F 104 55.26 -71.04 7.42
C ASP F 104 54.71 -71.05 8.85
N GLU F 105 55.54 -70.72 9.84
CA GLU F 105 55.07 -70.66 11.24
C GLU F 105 54.94 -69.21 11.69
N VAL F 106 53.72 -68.77 11.88
CA VAL F 106 53.39 -67.40 12.35
C VAL F 106 52.31 -67.52 13.42
N TYR F 107 52.08 -66.44 14.12
CA TYR F 107 50.91 -66.31 15.02
C TYR F 107 49.70 -66.86 14.26
N GLY F 108 48.85 -67.65 14.95
CA GLY F 108 47.61 -68.19 14.38
C GLY F 108 46.76 -67.14 13.65
N GLY F 109 46.61 -65.96 14.25
CA GLY F 109 45.81 -64.87 13.66
C GLY F 109 46.40 -64.32 12.37
N THR F 110 47.72 -64.29 12.26
CA THR F 110 48.40 -63.85 11.01
C THR F 110 48.08 -64.87 9.90
N ASN F 111 48.23 -66.15 10.24
CA ASN F 111 47.91 -67.28 9.33
C ASN F 111 46.45 -67.13 8.86
N ARG F 112 45.52 -66.97 9.80
CA ARG F 112 44.08 -66.84 9.51
C ARG F 112 43.83 -65.65 8.57
N TYR F 113 44.44 -64.49 8.85
CA TYR F 113 44.24 -63.28 8.00
C TYR F 113 44.68 -63.58 6.57
N PHE F 114 45.91 -64.05 6.37
CA PHE F 114 46.44 -64.27 5.01
C PHE F 114 45.61 -65.36 4.30
N ARG F 115 45.39 -66.47 4.98
CA ARG F 115 44.81 -67.70 4.38
C ARG F 115 43.32 -67.47 4.08
N ARG F 116 42.56 -66.84 4.97
CA ARG F 116 41.09 -66.80 4.89
C ARG F 116 40.57 -65.43 4.44
N VAL F 117 41.33 -64.35 4.61
CA VAL F 117 40.81 -62.99 4.27
C VAL F 117 41.55 -62.42 3.05
N ALA F 118 42.86 -62.14 3.17
CA ALA F 118 43.63 -61.47 2.10
C ALA F 118 43.52 -62.25 0.79
N SER F 119 43.53 -63.58 0.87
CA SER F 119 43.48 -64.50 -0.29
C SER F 119 42.18 -64.34 -1.07
N GLU F 120 41.13 -63.75 -0.50
CA GLU F 120 39.81 -63.58 -1.17
C GLU F 120 39.78 -62.28 -1.98
N PHE F 121 40.79 -61.41 -1.87
CA PHE F 121 40.83 -60.09 -2.52
C PHE F 121 41.95 -60.05 -3.57
N GLY F 122 42.17 -61.15 -4.27
CA GLY F 122 43.02 -61.20 -5.46
C GLY F 122 44.49 -61.35 -5.10
N LEU F 123 44.80 -61.65 -3.83
CA LEU F 123 46.20 -61.89 -3.39
C LEU F 123 46.43 -63.40 -3.33
N LYS F 124 47.54 -63.85 -3.86
CA LYS F 124 47.97 -65.26 -3.74
C LYS F 124 48.91 -65.34 -2.54
N ILE F 125 48.62 -66.22 -1.58
CA ILE F 125 49.47 -66.41 -0.38
C ILE F 125 50.16 -67.77 -0.44
N SER F 126 51.47 -67.81 -0.25
CA SER F 126 52.27 -69.06 -0.11
C SER F 126 52.94 -69.03 1.25
N PHE F 127 52.85 -70.11 2.01
CA PHE F 127 53.57 -70.29 3.29
C PHE F 127 54.86 -71.06 2.99
N VAL F 128 56.01 -70.53 3.40
CA VAL F 128 57.35 -71.08 3.04
C VAL F 128 58.19 -71.08 4.31
N ASP F 129 58.99 -72.13 4.52
CA ASP F 129 59.95 -72.18 5.65
C ASP F 129 61.13 -71.28 5.31
N CYS F 130 61.09 -70.02 5.74
CA CYS F 130 62.11 -68.99 5.39
C CYS F 130 63.34 -69.13 6.30
N SER F 131 63.37 -70.09 7.25
CA SER F 131 64.61 -70.49 7.95
C SER F 131 65.56 -71.16 6.97
N LYS F 132 65.08 -71.58 5.80
CA LYS F 132 65.91 -72.16 4.71
C LYS F 132 65.85 -71.21 3.52
N THR F 133 66.89 -70.40 3.33
CA THR F 133 66.90 -69.32 2.32
C THR F 133 66.69 -69.89 0.91
N LYS F 134 67.09 -71.14 0.63
CA LYS F 134 66.89 -71.72 -0.73
C LYS F 134 65.40 -71.92 -1.01
N LEU F 135 64.59 -72.20 0.03
CA LEU F 135 63.14 -72.38 -0.16
C LEU F 135 62.49 -71.01 -0.46
N LEU F 136 62.99 -69.94 0.18
CA LEU F 136 62.48 -68.56 -0.09
C LEU F 136 62.79 -68.21 -1.55
N GLU F 137 64.06 -68.36 -1.94
CA GLU F 137 64.58 -68.08 -3.30
C GLU F 137 63.67 -68.78 -4.32
N ALA F 138 63.34 -70.06 -4.12
CA ALA F 138 62.56 -70.86 -5.10
C ALA F 138 61.10 -70.44 -5.15
N ALA F 139 60.54 -69.85 -4.08
CA ALA F 139 59.10 -69.50 -4.04
C ALA F 139 58.85 -68.14 -4.70
N ILE F 140 59.88 -67.31 -4.89
CA ILE F 140 59.69 -65.95 -5.45
C ILE F 140 59.33 -66.08 -6.94
N THR F 141 58.31 -65.35 -7.38
CA THR F 141 57.88 -65.27 -8.79
C THR F 141 57.86 -63.81 -9.19
N PRO F 142 57.69 -63.48 -10.49
CA PRO F 142 57.57 -62.08 -10.89
C PRO F 142 56.38 -61.36 -10.23
N GLN F 143 55.39 -62.09 -9.72
CA GLN F 143 54.18 -61.48 -9.06
C GLN F 143 54.42 -61.26 -7.56
N THR F 144 55.49 -61.80 -6.98
CA THR F 144 55.79 -61.60 -5.53
C THR F 144 56.01 -60.11 -5.24
N LYS F 145 55.27 -59.55 -4.28
CA LYS F 145 55.42 -58.13 -3.89
C LYS F 145 55.70 -57.94 -2.41
N LEU F 146 55.51 -58.98 -1.60
CA LEU F 146 55.65 -58.88 -0.12
CA LEU F 146 55.63 -58.88 -0.12
C LEU F 146 56.13 -60.21 0.41
N VAL F 147 57.13 -60.16 1.26
CA VAL F 147 57.64 -61.33 2.04
C VAL F 147 57.49 -60.97 3.52
N TRP F 148 56.73 -61.79 4.25
CA TRP F 148 56.33 -61.56 5.65
C TRP F 148 57.06 -62.59 6.52
N ILE F 149 58.01 -62.16 7.34
CA ILE F 149 58.77 -63.09 8.23
CA ILE F 149 58.77 -63.10 8.23
C ILE F 149 58.62 -62.67 9.69
N GLU F 150 58.32 -63.63 10.55
CA GLU F 150 58.44 -63.51 12.02
C GLU F 150 59.75 -64.17 12.40
N THR F 151 60.54 -63.57 13.28
CA THR F 151 61.72 -64.26 13.84
C THR F 151 62.00 -63.65 15.19
N PRO F 152 62.07 -64.45 16.27
CA PRO F 152 61.72 -65.87 16.25
C PRO F 152 60.21 -66.11 16.05
N THR F 153 59.82 -67.30 15.59
CA THR F 153 58.41 -67.61 15.23
C THR F 153 57.57 -67.89 16.48
N ASN F 154 56.29 -67.54 16.39
CA ASN F 154 55.28 -67.83 17.43
C ASN F 154 54.59 -69.12 17.03
N PRO F 155 54.68 -70.26 17.76
CA PRO F 155 55.29 -70.34 19.10
C PRO F 155 56.54 -71.22 19.26
N THR F 156 57.14 -71.73 18.18
CA THR F 156 58.28 -72.69 18.31
C THR F 156 59.64 -72.00 18.22
N LEU F 157 59.69 -70.66 18.08
CA LEU F 157 60.94 -69.88 18.24
C LEU F 157 62.01 -70.33 17.24
N LYS F 158 61.58 -70.60 16.01
CA LYS F 158 62.46 -70.79 14.83
C LYS F 158 62.91 -69.40 14.37
N LEU F 159 64.16 -69.27 13.93
CA LEU F 159 64.72 -67.99 13.43
C LEU F 159 64.78 -67.97 11.91
N ALA F 160 64.74 -66.79 11.34
CA ALA F 160 65.12 -66.53 9.93
C ALA F 160 66.30 -65.56 9.95
N ASP F 161 67.23 -65.74 9.01
CA ASP F 161 68.40 -64.85 8.85
C ASP F 161 67.92 -63.63 8.08
N ILE F 162 67.67 -62.53 8.78
CA ILE F 162 67.01 -61.35 8.17
C ILE F 162 67.91 -60.79 7.04
N LYS F 163 69.20 -60.60 7.28
CA LYS F 163 70.12 -60.04 6.27
C LYS F 163 70.15 -60.95 5.03
N ALA F 164 70.22 -62.26 5.21
CA ALA F 164 70.26 -63.23 4.08
C ALA F 164 68.92 -63.18 3.32
N CYS F 165 67.78 -63.12 4.00
CA CYS F 165 66.45 -62.99 3.34
C CYS F 165 66.37 -61.66 2.60
N ALA F 166 66.87 -60.57 3.18
CA ALA F 166 66.83 -59.22 2.54
C ALA F 166 67.62 -59.27 1.22
N GLN F 167 68.82 -59.88 1.25
CA GLN F 167 69.69 -59.97 0.05
C GLN F 167 68.94 -60.72 -1.05
N ILE F 168 68.29 -61.83 -0.72
CA ILE F 168 67.52 -62.63 -1.71
C ILE F 168 66.39 -61.77 -2.27
N VAL F 169 65.57 -61.14 -1.44
CA VAL F 169 64.34 -60.49 -1.98
C VAL F 169 64.73 -59.21 -2.74
N HIS F 170 65.80 -58.52 -2.36
CA HIS F 170 66.18 -57.24 -3.02
C HIS F 170 66.92 -57.49 -4.34
N LYS F 171 67.24 -58.74 -4.71
CA LYS F 171 67.72 -59.06 -6.09
C LYS F 171 66.55 -58.93 -7.08
N HIS F 172 65.31 -59.02 -6.61
CA HIS F 172 64.11 -58.92 -7.47
C HIS F 172 63.57 -57.49 -7.43
N LYS F 173 62.67 -57.17 -8.36
CA LYS F 173 62.09 -55.83 -8.49
C LYS F 173 60.98 -55.65 -7.45
N ASP F 174 61.01 -54.60 -6.64
CA ASP F 174 59.80 -54.11 -5.95
C ASP F 174 59.24 -55.15 -4.97
N ILE F 175 60.07 -55.86 -4.20
CA ILE F 175 59.57 -56.76 -3.13
C ILE F 175 59.83 -56.09 -1.78
N ILE F 176 58.78 -55.96 -0.98
CA ILE F 176 58.84 -55.42 0.40
C ILE F 176 59.11 -56.59 1.34
N LEU F 177 60.17 -56.51 2.14
CA LEU F 177 60.44 -57.47 3.24
C LEU F 177 59.94 -56.87 4.55
N VAL F 178 58.97 -57.52 5.16
CA VAL F 178 58.42 -57.16 6.49
C VAL F 178 59.00 -58.15 7.49
N VAL F 179 59.53 -57.65 8.59
CA VAL F 179 59.88 -58.51 9.75
C VAL F 179 58.95 -58.13 10.88
N ASP F 180 58.22 -59.12 11.39
CA ASP F 180 57.44 -59.00 12.64
C ASP F 180 58.41 -59.25 13.81
N ASN F 181 58.72 -58.17 14.52
CA ASN F 181 59.74 -58.09 15.60
C ASN F 181 59.08 -58.23 16.99
N THR F 182 57.84 -58.71 17.07
CA THR F 182 57.06 -58.76 18.33
C THR F 182 57.84 -59.53 19.42
N PHE F 183 58.38 -60.69 19.10
CA PHE F 183 58.95 -61.61 20.13
C PHE F 183 60.29 -61.07 20.65
N MET F 184 61.03 -60.24 19.90
CA MET F 184 62.37 -59.77 20.36
C MET F 184 62.25 -58.41 21.09
N SER F 185 61.35 -57.54 20.62
CA SER F 185 61.29 -56.10 20.97
C SER F 185 62.43 -55.34 20.26
N ALA F 186 62.24 -54.03 20.15
CA ALA F 186 63.22 -53.09 19.57
C ALA F 186 64.53 -53.14 20.35
N TYR F 187 64.49 -53.54 21.61
CA TYR F 187 65.72 -53.53 22.44
C TYR F 187 66.68 -54.64 22.00
N PHE F 188 66.18 -55.76 21.50
CA PHE F 188 67.06 -56.94 21.23
C PHE F 188 67.25 -57.18 19.74
N GLN F 189 66.41 -56.64 18.87
CA GLN F 189 66.53 -56.91 17.41
C GLN F 189 66.08 -55.65 16.66
N ARG F 190 66.83 -55.27 15.63
CA ARG F 190 66.56 -54.07 14.81
C ARG F 190 66.52 -54.47 13.34
N PRO F 191 65.40 -55.03 12.84
CA PRO F 191 65.34 -55.52 11.46
C PRO F 191 65.66 -54.46 10.38
N LEU F 192 65.35 -53.19 10.60
CA LEU F 192 65.68 -52.12 9.62
C LEU F 192 67.20 -51.99 9.46
N ALA F 193 68.01 -52.29 10.48
CA ALA F 193 69.49 -52.26 10.39
C ALA F 193 70.01 -53.52 9.69
N LEU F 194 69.16 -54.53 9.44
CA LEU F 194 69.60 -55.82 8.83
C LEU F 194 69.04 -55.95 7.41
N GLY F 195 68.36 -54.93 6.88
CA GLY F 195 67.90 -54.93 5.47
C GLY F 195 66.38 -55.05 5.32
N ALA F 196 65.60 -55.24 6.39
CA ALA F 196 64.13 -55.24 6.24
C ALA F 196 63.68 -53.87 5.71
N ASP F 197 62.60 -53.83 4.96
CA ASP F 197 61.94 -52.59 4.50
C ASP F 197 60.96 -52.09 5.56
N ILE F 198 60.32 -53.00 6.28
CA ILE F 198 59.29 -52.67 7.31
C ILE F 198 59.59 -53.50 8.56
N CYS F 199 59.63 -52.84 9.71
CA CYS F 199 59.69 -53.48 11.04
C CYS F 199 58.32 -53.29 11.67
N MET F 200 57.60 -54.39 11.87
CA MET F 200 56.23 -54.37 12.42
C MET F 200 56.28 -55.02 13.80
N CYS F 201 55.45 -54.60 14.73
CA CYS F 201 55.24 -55.43 15.93
C CYS F 201 53.85 -55.22 16.54
N SER F 202 53.43 -56.23 17.29
CA SER F 202 52.31 -56.09 18.24
C SER F 202 52.90 -55.43 19.49
N ALA F 203 52.63 -54.14 19.67
CA ALA F 203 53.01 -53.37 20.86
C ALA F 203 52.23 -53.88 22.07
N THR F 204 51.16 -54.65 21.84
CA THR F 204 50.38 -55.35 22.88
C THR F 204 51.32 -56.14 23.79
N LYS F 205 52.45 -56.58 23.29
CA LYS F 205 53.36 -57.50 24.01
C LYS F 205 54.43 -56.66 24.74
N TYR F 206 55.70 -56.85 24.44
CA TYR F 206 56.81 -56.24 25.23
C TYR F 206 56.84 -54.71 25.15
N MET F 207 56.51 -54.11 24.02
CA MET F 207 56.75 -52.65 23.84
C MET F 207 55.97 -51.90 24.90
N ASN F 208 54.68 -52.20 25.04
CA ASN F 208 53.86 -51.63 26.14
C ASN F 208 54.25 -52.34 27.45
N GLY F 209 54.26 -53.66 27.47
CA GLY F 209 54.81 -54.45 28.57
C GLY F 209 53.92 -54.60 29.78
N HIS F 210 52.73 -54.01 29.82
CA HIS F 210 51.88 -53.98 31.04
C HIS F 210 50.49 -54.62 30.81
N SER F 211 50.31 -55.34 29.72
CA SER F 211 49.12 -56.19 29.44
C SER F 211 47.85 -55.36 29.53
N ASP F 212 47.90 -54.10 29.12
CA ASP F 212 46.74 -53.18 29.27
C ASP F 212 46.53 -52.32 28.03
N VAL F 213 47.19 -52.64 26.91
CA VAL F 213 47.07 -51.90 25.63
C VAL F 213 47.14 -52.91 24.50
N VAL F 214 46.18 -52.82 23.58
CA VAL F 214 46.26 -53.51 22.27
C VAL F 214 46.69 -52.47 21.25
N MET F 215 47.78 -52.73 20.53
CA MET F 215 48.34 -51.74 19.60
C MET F 215 49.31 -52.42 18.63
N GLY F 216 49.38 -51.90 17.40
CA GLY F 216 50.37 -52.28 16.39
C GLY F 216 51.29 -51.10 16.05
N LEU F 217 52.54 -51.39 15.73
CA LEU F 217 53.56 -50.39 15.36
C LEU F 217 54.16 -50.85 14.05
N VAL F 218 54.38 -49.90 13.15
CA VAL F 218 55.06 -50.13 11.86
C VAL F 218 56.12 -49.04 11.68
N SER F 219 57.38 -49.44 11.52
CA SER F 219 58.52 -48.52 11.33
C SER F 219 59.16 -48.77 9.97
N VAL F 220 59.49 -47.68 9.26
CA VAL F 220 60.11 -47.71 7.91
C VAL F 220 61.16 -46.60 7.79
N ASN F 221 62.10 -46.79 6.86
CA ASN F 221 63.06 -45.74 6.45
C ASN F 221 62.61 -45.11 5.12
N SER F 222 62.00 -45.88 4.22
CA SER F 222 61.62 -45.42 2.86
C SER F 222 60.56 -44.31 2.93
N ASP F 223 60.80 -43.18 2.27
CA ASP F 223 59.81 -42.08 2.15
C ASP F 223 58.61 -42.56 1.32
N ASP F 224 58.81 -43.38 0.30
CA ASP F 224 57.74 -43.98 -0.54
C ASP F 224 56.83 -44.85 0.35
N LEU F 225 57.39 -45.77 1.14
CA LEU F 225 56.59 -46.67 2.02
CA LEU F 225 56.58 -46.66 2.02
C LEU F 225 55.86 -45.81 3.06
N ASN F 226 56.55 -44.82 3.65
CA ASN F 226 55.92 -43.94 4.65
C ASN F 226 54.69 -43.28 4.02
N GLU F 227 54.81 -42.69 2.84
CA GLU F 227 53.68 -41.99 2.17
C GLU F 227 52.52 -42.97 1.94
N ARG F 228 52.82 -44.15 1.43
CA ARG F 228 51.77 -45.18 1.11
C ARG F 228 51.11 -45.66 2.41
N LEU F 229 51.88 -45.89 3.47
CA LEU F 229 51.34 -46.39 4.75
C LEU F 229 50.55 -45.29 5.46
N ARG F 230 51.01 -44.05 5.38
CA ARG F 230 50.32 -42.90 6.02
C ARG F 230 48.94 -42.74 5.39
N PHE F 231 48.89 -42.83 4.07
CA PHE F 231 47.62 -42.80 3.29
C PHE F 231 46.66 -43.86 3.83
N LEU F 232 47.15 -45.07 4.09
CA LEU F 232 46.30 -46.20 4.56
C LEU F 232 45.96 -46.06 6.05
N GLN F 233 46.85 -45.52 6.89
CA GLN F 233 46.53 -45.27 8.30
C GLN F 233 45.31 -44.35 8.34
N ASN F 234 45.31 -43.31 7.51
CA ASN F 234 44.23 -42.30 7.47
C ASN F 234 42.98 -42.89 6.80
N SER F 235 43.13 -43.67 5.73
CA SER F 235 42.02 -44.07 4.83
C SER F 235 41.32 -45.36 5.29
N LEU F 236 42.02 -46.32 5.91
CA LEU F 236 41.37 -47.51 6.55
C LEU F 236 40.95 -47.14 7.97
N GLY F 237 41.66 -46.22 8.64
CA GLY F 237 41.27 -45.69 9.95
C GLY F 237 41.43 -46.69 11.08
N ALA F 238 42.31 -47.65 10.96
CA ALA F 238 42.56 -48.65 12.03
C ALA F 238 43.51 -48.04 13.07
N VAL F 239 43.09 -46.96 13.73
CA VAL F 239 43.99 -46.08 14.54
C VAL F 239 43.79 -46.36 16.02
N PRO F 240 44.85 -46.12 16.84
CA PRO F 240 44.77 -46.30 18.28
C PRO F 240 44.15 -45.10 18.98
N SER F 241 43.54 -45.31 20.14
CA SER F 241 43.11 -44.27 21.08
C SER F 241 44.34 -43.47 21.56
N PRO F 242 44.26 -42.13 21.69
CA PRO F 242 45.33 -41.35 22.31
C PRO F 242 45.65 -41.80 23.75
N PHE F 243 44.66 -42.29 24.46
CA PHE F 243 44.85 -42.85 25.81
C PHE F 243 45.77 -44.07 25.74
N ASP F 244 45.51 -44.98 24.80
CA ASP F 244 46.38 -46.15 24.55
C ASP F 244 47.78 -45.70 24.13
N CYS F 245 47.89 -44.65 23.32
CA CYS F 245 49.21 -44.13 22.91
C CYS F 245 49.97 -43.65 24.15
N TYR F 246 49.28 -42.98 25.08
CA TYR F 246 49.90 -42.49 26.33
C TYR F 246 50.42 -43.70 27.14
N LEU F 247 49.59 -44.71 27.35
CA LEU F 247 50.00 -45.90 28.15
C LEU F 247 51.16 -46.63 27.48
N CYS F 248 51.15 -46.75 26.17
CA CYS F 248 52.27 -47.40 25.45
C CYS F 248 53.54 -46.54 25.60
N CYS F 249 53.43 -45.24 25.46
CA CYS F 249 54.58 -44.32 25.68
C CYS F 249 55.10 -44.50 27.12
N ARG F 250 54.22 -44.60 28.09
CA ARG F 250 54.60 -44.82 29.51
C ARG F 250 55.36 -46.15 29.63
N GLY F 251 54.88 -47.20 28.97
CA GLY F 251 55.56 -48.51 28.93
C GLY F 251 56.96 -48.42 28.35
N LEU F 252 57.17 -47.65 27.27
CA LEU F 252 58.50 -47.52 26.62
C LEU F 252 59.55 -46.98 27.60
N LYS F 253 59.15 -46.20 28.59
CA LYS F 253 60.10 -45.52 29.49
C LYS F 253 60.89 -46.59 30.28
N THR F 254 60.31 -47.78 30.50
CA THR F 254 60.98 -48.87 31.25
C THR F 254 61.40 -50.02 30.33
N LEU F 255 61.28 -49.88 29.01
CA LEU F 255 61.50 -51.01 28.08
C LEU F 255 62.92 -51.58 28.28
N GLN F 256 63.96 -50.76 28.32
CA GLN F 256 65.33 -51.30 28.46
C GLN F 256 65.45 -52.16 29.72
N ILE F 257 65.02 -51.65 30.87
CA ILE F 257 65.23 -52.40 32.15
C ILE F 257 64.29 -53.61 32.21
N ARG F 258 63.10 -53.54 31.62
CA ARG F 258 62.16 -54.71 31.58
C ARG F 258 62.82 -55.80 30.73
N MET F 259 63.30 -55.47 29.54
CA MET F 259 63.83 -56.48 28.61
C MET F 259 65.08 -57.13 29.21
N GLU F 260 65.94 -56.38 29.92
CA GLU F 260 67.13 -56.98 30.59
C GLU F 260 66.68 -58.00 31.63
N LYS F 261 65.63 -57.70 32.39
CA LYS F 261 65.09 -58.62 33.41
C LYS F 261 64.41 -59.83 32.72
N HIS F 262 63.66 -59.64 31.62
CA HIS F 262 63.06 -60.76 30.88
C HIS F 262 64.17 -61.71 30.41
N PHE F 263 65.30 -61.17 29.95
CA PHE F 263 66.47 -61.97 29.48
C PHE F 263 67.04 -62.76 30.66
N ARG F 264 67.29 -62.13 31.81
CA ARG F 264 67.85 -62.85 32.99
CA ARG F 264 67.85 -62.85 32.99
C ARG F 264 66.89 -63.97 33.42
N ASN F 265 65.60 -63.65 33.56
CA ASN F 265 64.59 -64.63 34.01
C ASN F 265 64.39 -65.72 32.94
N GLY F 266 64.30 -65.35 31.67
CA GLY F 266 64.10 -66.30 30.55
C GLY F 266 65.23 -67.29 30.47
N MET F 267 66.47 -66.82 30.57
CA MET F 267 67.67 -67.71 30.51
C MET F 267 67.63 -68.66 31.70
N ALA F 268 67.29 -68.18 32.90
CA ALA F 268 67.25 -69.02 34.13
C ALA F 268 66.17 -70.11 33.98
N VAL F 269 64.99 -69.77 33.45
CA VAL F 269 63.86 -70.72 33.22
C VAL F 269 64.31 -71.74 32.18
N ALA F 270 64.89 -71.30 31.07
CA ALA F 270 65.32 -72.21 29.99
C ALA F 270 66.34 -73.23 30.53
N ARG F 271 67.33 -72.78 31.30
CA ARG F 271 68.35 -73.67 31.89
C ARG F 271 67.71 -74.65 32.86
N PHE F 272 66.78 -74.19 33.68
CA PHE F 272 66.06 -75.03 34.66
C PHE F 272 65.28 -76.13 33.91
N LEU F 273 64.55 -75.78 32.84
CA LEU F 273 63.74 -76.76 32.10
C LEU F 273 64.67 -77.75 31.38
N GLU F 274 65.79 -77.28 30.86
CA GLU F 274 66.71 -78.13 30.08
C GLU F 274 67.30 -79.23 30.97
N SER F 275 67.45 -79.02 32.27
CA SER F 275 68.03 -80.02 33.21
C SER F 275 66.93 -80.78 33.96
N ASN F 276 65.65 -80.53 33.70
CA ASN F 276 64.53 -81.20 34.40
C ASN F 276 64.13 -82.46 33.64
N PRO F 277 64.13 -83.66 34.27
CA PRO F 277 63.81 -84.91 33.55
C PRO F 277 62.33 -85.07 33.17
N ARG F 278 61.44 -84.14 33.56
CA ARG F 278 60.02 -84.17 33.17
C ARG F 278 59.80 -83.37 31.88
N VAL F 279 60.85 -82.80 31.31
CA VAL F 279 60.80 -81.98 30.07
C VAL F 279 61.49 -82.75 28.96
N GLU F 280 60.81 -82.93 27.83
CA GLU F 280 61.35 -83.64 26.64
C GLU F 280 62.40 -82.76 25.96
N LYS F 281 62.10 -81.49 25.71
CA LYS F 281 62.93 -80.59 24.89
C LYS F 281 62.57 -79.14 25.22
N VAL F 282 63.58 -78.29 25.39
CA VAL F 282 63.40 -76.83 25.60
C VAL F 282 63.82 -76.11 24.33
N ILE F 283 63.12 -75.04 23.99
CA ILE F 283 63.46 -74.16 22.85
C ILE F 283 63.64 -72.74 23.42
N TYR F 284 64.86 -72.24 23.33
CA TYR F 284 65.21 -70.87 23.75
C TYR F 284 66.42 -70.45 22.93
N PRO F 285 66.30 -69.39 22.09
CA PRO F 285 67.42 -68.97 21.24
C PRO F 285 68.72 -68.67 22.00
N GLY F 286 68.63 -68.31 23.29
CA GLY F 286 69.81 -68.03 24.13
C GLY F 286 70.54 -69.29 24.61
N LEU F 287 69.95 -70.47 24.46
CA LEU F 287 70.62 -71.75 24.86
C LEU F 287 71.49 -72.21 23.70
N PRO F 288 72.74 -72.68 23.97
CA PRO F 288 73.53 -73.37 22.95
C PRO F 288 72.83 -74.55 22.27
N SER F 289 71.87 -75.20 22.92
CA SER F 289 71.09 -76.34 22.33
C SER F 289 70.17 -75.86 21.21
N HIS F 290 69.80 -74.58 21.15
CA HIS F 290 68.91 -74.11 20.05
C HIS F 290 69.65 -74.34 18.75
N PRO F 291 69.01 -74.95 17.73
CA PRO F 291 69.70 -75.19 16.46
C PRO F 291 70.19 -73.91 15.76
N GLN F 292 69.62 -72.75 16.06
CA GLN F 292 70.04 -71.49 15.40
C GLN F 292 70.64 -70.53 16.44
N HIS F 293 71.24 -71.05 17.50
CA HIS F 293 71.87 -70.23 18.55
C HIS F 293 72.92 -69.28 17.94
N GLU F 294 73.72 -69.75 17.00
CA GLU F 294 74.81 -68.90 16.42
C GLU F 294 74.19 -67.75 15.62
N LEU F 295 73.12 -68.00 14.87
CA LEU F 295 72.40 -66.94 14.12
C LEU F 295 71.82 -65.93 15.12
N ALA F 296 71.22 -66.39 16.22
CA ALA F 296 70.65 -65.50 17.24
C ALA F 296 71.73 -64.50 17.70
N LYS F 297 72.94 -64.96 17.96
CA LYS F 297 74.06 -64.11 18.45
C LYS F 297 74.49 -63.12 17.34
N ARG F 298 74.35 -63.47 16.08
CA ARG F 298 74.79 -62.61 14.94
C ARG F 298 73.74 -61.54 14.65
N GLN F 299 72.47 -61.70 15.03
CA GLN F 299 71.45 -60.71 14.56
C GLN F 299 70.68 -60.06 15.72
N CYS F 300 70.96 -60.42 16.97
CA CYS F 300 70.27 -59.90 18.17
C CYS F 300 71.28 -59.44 19.21
N THR F 301 70.86 -58.55 20.11
CA THR F 301 71.68 -58.04 21.23
C THR F 301 71.33 -58.78 22.52
N GLY F 302 70.45 -59.78 22.44
CA GLY F 302 70.05 -60.57 23.60
C GLY F 302 68.82 -61.38 23.25
N CYS F 303 68.15 -61.89 24.25
CA CYS F 303 66.98 -62.78 24.08
CA CYS F 303 66.98 -62.78 24.08
C CYS F 303 65.94 -62.43 25.14
N PRO F 304 64.64 -62.41 24.81
CA PRO F 304 63.64 -62.05 25.82
C PRO F 304 63.18 -63.23 26.69
N GLY F 305 61.95 -63.15 27.19
CA GLY F 305 61.45 -64.12 28.18
C GLY F 305 60.60 -65.21 27.54
N MET F 306 60.60 -65.36 26.22
CA MET F 306 59.77 -66.40 25.55
C MET F 306 60.55 -67.71 25.55
N VAL F 307 60.02 -68.69 26.26
CA VAL F 307 60.62 -70.05 26.35
C VAL F 307 59.54 -71.05 25.99
N SER F 308 59.78 -71.91 25.04
CA SER F 308 58.82 -72.99 24.69
C SER F 308 59.44 -74.33 25.07
N PHE F 309 58.61 -75.27 25.51
CA PHE F 309 59.12 -76.62 25.82
C PHE F 309 58.04 -77.65 25.54
N TYR F 310 58.51 -78.87 25.27
CA TYR F 310 57.67 -80.07 25.13
C TYR F 310 57.75 -80.81 26.45
N ILE F 311 56.62 -80.95 27.13
CA ILE F 311 56.55 -81.74 28.38
C ILE F 311 56.61 -83.22 27.98
N LYS F 312 57.21 -84.04 28.84
CA LYS F 312 57.16 -85.52 28.62
C LYS F 312 55.71 -85.99 28.71
N GLY F 313 55.36 -86.97 27.89
CA GLY F 313 54.07 -87.65 28.01
C GLY F 313 53.10 -87.16 26.96
N THR F 314 51.90 -86.80 27.38
CA THR F 314 50.75 -86.56 26.49
C THR F 314 50.07 -85.25 26.90
N LEU F 315 49.02 -84.91 26.16
CA LEU F 315 48.18 -83.73 26.46
C LEU F 315 47.76 -83.77 27.93
N GLN F 316 47.45 -84.94 28.49
CA GLN F 316 46.99 -85.05 29.90
C GLN F 316 48.06 -84.45 30.84
N HIS F 317 49.34 -84.74 30.60
CA HIS F 317 50.44 -84.19 31.45
C HIS F 317 50.55 -82.66 31.27
N ALA F 318 50.44 -82.17 30.04
CA ALA F 318 50.43 -80.73 29.74
C ALA F 318 49.29 -80.06 30.50
N GLN F 319 48.09 -80.66 30.49
CA GLN F 319 46.92 -80.09 31.20
C GLN F 319 47.18 -80.07 32.70
N VAL F 320 47.76 -81.12 33.27
CA VAL F 320 48.01 -81.15 34.74
C VAL F 320 49.04 -80.07 35.08
N PHE F 321 50.10 -79.93 34.28
CA PHE F 321 51.11 -78.85 34.49
C PHE F 321 50.38 -77.49 34.51
N LEU F 322 49.55 -77.21 33.51
CA LEU F 322 48.90 -75.89 33.33
C LEU F 322 47.84 -75.65 34.43
N LYS F 323 47.30 -76.69 35.05
CA LYS F 323 46.35 -76.58 36.18
C LYS F 323 47.09 -76.34 37.51
N ASN F 324 48.37 -76.72 37.62
CA ASN F 324 49.10 -76.68 38.92
C ASN F 324 50.03 -75.47 39.04
N ILE F 325 50.35 -74.78 37.95
CA ILE F 325 51.14 -73.50 38.03
C ILE F 325 50.36 -72.52 38.92
N LYS F 326 51.04 -71.83 39.83
CA LYS F 326 50.39 -70.92 40.82
C LYS F 326 50.94 -69.50 40.67
N LEU F 327 52.04 -69.31 39.95
CA LEU F 327 52.64 -67.98 39.72
C LEU F 327 52.49 -67.64 38.23
N PHE F 328 52.96 -68.50 37.35
CA PHE F 328 52.55 -68.49 35.92
C PHE F 328 51.04 -68.65 35.89
N ALA F 329 50.35 -67.90 35.03
CA ALA F 329 48.89 -67.95 34.84
C ALA F 329 48.60 -68.55 33.46
N LEU F 330 47.63 -69.46 33.39
CA LEU F 330 47.14 -70.00 32.10
C LEU F 330 46.32 -68.90 31.41
N ALA F 331 46.86 -68.34 30.35
CA ALA F 331 46.25 -67.19 29.66
C ALA F 331 46.96 -66.98 28.34
N GLU F 332 46.26 -66.39 27.39
CA GLU F 332 46.86 -65.94 26.12
C GLU F 332 47.72 -64.70 26.39
N SER F 333 48.46 -64.30 25.38
CA SER F 333 49.34 -63.11 25.33
C SER F 333 50.71 -63.42 25.98
N LEU F 334 51.56 -62.41 25.92
CA LEU F 334 52.99 -62.54 26.26
C LEU F 334 53.55 -61.12 26.40
N GLY F 335 54.75 -61.02 26.97
CA GLY F 335 55.52 -59.78 26.99
C GLY F 335 55.08 -58.85 28.08
N GLY F 336 54.25 -59.31 29.00
CA GLY F 336 53.84 -58.56 30.19
C GLY F 336 54.82 -58.77 31.35
N TYR F 337 54.65 -57.98 32.40
CA TYR F 337 55.43 -58.11 33.65
C TYR F 337 55.07 -59.41 34.39
N GLU F 338 53.86 -59.95 34.13
CA GLU F 338 53.35 -61.17 34.80
C GLU F 338 53.67 -62.39 33.93
N SER F 339 54.09 -63.48 34.54
CA SER F 339 54.45 -64.72 33.84
C SER F 339 53.17 -65.43 33.37
N LEU F 340 53.15 -65.84 32.11
CA LEU F 340 52.00 -66.49 31.46
C LEU F 340 52.44 -67.82 30.82
N ALA F 341 51.50 -68.74 30.68
CA ALA F 341 51.70 -70.03 30.01
C ALA F 341 50.47 -70.31 29.13
N GLU F 342 50.71 -70.94 28.00
CA GLU F 342 49.59 -71.41 27.16
C GLU F 342 50.00 -72.71 26.43
N LEU F 343 48.99 -73.35 25.87
CA LEU F 343 49.08 -74.58 25.05
C LEU F 343 48.66 -74.20 23.64
N PRO F 344 49.60 -73.78 22.77
CA PRO F 344 49.25 -73.19 21.49
C PRO F 344 48.31 -74.03 20.60
N ALA F 345 48.45 -75.35 20.62
CA ALA F 345 47.66 -76.24 19.73
C ALA F 345 46.16 -76.08 20.02
N ILE F 346 45.80 -75.76 21.26
CA ILE F 346 44.40 -75.65 21.72
C ILE F 346 43.98 -74.20 21.91
N MET F 347 44.93 -73.27 21.97
CA MET F 347 44.64 -71.85 22.32
C MET F 347 45.04 -70.95 21.13
N THR F 348 46.21 -70.33 21.10
CA THR F 348 46.57 -69.32 20.07
C THR F 348 46.57 -69.89 18.64
N HIS F 349 46.86 -71.18 18.46
CA HIS F 349 47.06 -71.78 17.13
C HIS F 349 45.94 -72.78 16.81
N ALA F 350 44.84 -72.74 17.55
CA ALA F 350 43.68 -73.64 17.32
C ALA F 350 43.11 -73.41 15.92
N SER F 351 43.19 -72.20 15.35
CA SER F 351 42.62 -71.88 14.01
C SER F 351 43.51 -72.46 12.90
N VAL F 352 44.78 -72.78 13.18
CA VAL F 352 45.69 -73.39 12.17
C VAL F 352 45.25 -74.84 11.95
N PRO F 353 45.05 -75.30 10.70
CA PRO F 353 44.62 -76.67 10.46
C PRO F 353 45.54 -77.68 11.17
N GLU F 354 44.94 -78.75 11.69
CA GLU F 354 45.60 -79.79 12.52
C GLU F 354 46.82 -80.33 11.77
N LYS F 355 46.70 -80.55 10.46
CA LYS F 355 47.81 -81.14 9.66
C LYS F 355 48.98 -80.14 9.54
N ASP F 356 48.67 -78.85 9.44
CA ASP F 356 49.70 -77.77 9.41
C ASP F 356 50.38 -77.69 10.79
N ARG F 357 49.63 -77.76 11.88
CA ARG F 357 50.23 -77.76 13.24
C ARG F 357 51.21 -78.93 13.37
N ALA F 358 50.85 -80.11 12.87
CA ALA F 358 51.69 -81.31 12.95
C ALA F 358 53.01 -81.06 12.21
N THR F 359 52.95 -80.56 10.97
CA THR F 359 54.18 -80.28 10.19
C THR F 359 55.05 -79.24 10.92
N LEU F 360 54.46 -78.27 11.59
CA LEU F 360 55.23 -77.17 12.23
C LEU F 360 55.74 -77.56 13.61
N GLY F 361 55.31 -78.68 14.18
CA GLY F 361 55.76 -79.08 15.53
C GLY F 361 54.89 -78.50 16.63
N ILE F 362 53.71 -77.97 16.30
CA ILE F 362 52.77 -77.38 17.29
C ILE F 362 51.86 -78.51 17.79
N SER F 363 52.45 -79.37 18.62
CA SER F 363 51.86 -80.62 19.13
C SER F 363 51.10 -80.32 20.42
N ASP F 364 50.36 -81.32 20.90
CA ASP F 364 49.54 -81.24 22.12
C ASP F 364 50.43 -81.19 23.37
N THR F 365 51.75 -81.38 23.27
CA THR F 365 52.65 -81.30 24.46
C THR F 365 53.54 -80.06 24.40
N LEU F 366 53.37 -79.19 23.41
CA LEU F 366 54.13 -77.92 23.31
CA LEU F 366 54.13 -77.91 23.30
C LEU F 366 53.49 -76.88 24.24
N ILE F 367 54.25 -76.39 25.20
CA ILE F 367 53.84 -75.30 26.11
C ILE F 367 54.69 -74.06 25.79
N ARG F 368 54.02 -72.92 25.62
CA ARG F 368 54.71 -71.62 25.41
C ARG F 368 54.66 -70.86 26.73
N LEU F 369 55.83 -70.45 27.23
CA LEU F 369 55.93 -69.59 28.43
C LEU F 369 56.33 -68.18 28.03
N SER F 370 55.71 -67.21 28.68
CA SER F 370 56.14 -65.81 28.66
C SER F 370 56.64 -65.52 30.08
N VAL F 371 57.95 -65.48 30.24
CA VAL F 371 58.56 -65.30 31.58
C VAL F 371 58.55 -63.80 31.88
N GLY F 372 57.92 -63.43 33.00
CA GLY F 372 57.73 -62.07 33.48
C GLY F 372 58.89 -61.59 34.35
N LEU F 373 58.61 -60.65 35.23
CA LEU F 373 59.63 -59.85 35.97
C LEU F 373 59.66 -60.30 37.43
N GLU F 374 59.04 -61.43 37.77
CA GLU F 374 59.02 -61.90 39.18
C GLU F 374 60.43 -62.34 39.58
N ASP F 375 60.63 -62.61 40.86
CA ASP F 375 61.90 -63.14 41.40
C ASP F 375 62.19 -64.52 40.80
N GLU F 376 63.40 -64.70 40.29
CA GLU F 376 63.85 -65.92 39.58
C GLU F 376 63.52 -67.18 40.40
N LYS F 377 63.87 -67.19 41.68
CA LYS F 377 63.71 -68.40 42.54
C LYS F 377 62.22 -68.76 42.62
N ASP F 378 61.32 -67.79 42.74
CA ASP F 378 59.85 -68.04 42.82
C ASP F 378 59.36 -68.67 41.51
N LEU F 379 59.89 -68.22 40.36
CA LEU F 379 59.51 -68.77 39.04
C LEU F 379 59.97 -70.22 38.93
N LEU F 380 61.20 -70.52 39.34
CA LEU F 380 61.77 -71.90 39.22
C LEU F 380 61.03 -72.85 40.16
N GLU F 381 60.69 -72.42 41.38
CA GLU F 381 59.92 -73.24 42.34
C GLU F 381 58.53 -73.52 41.76
N ASP F 382 57.88 -72.55 41.11
CA ASP F 382 56.53 -72.73 40.54
C ASP F 382 56.60 -73.79 39.41
N LEU F 383 57.54 -73.66 38.49
CA LEU F 383 57.68 -74.62 37.37
C LEU F 383 57.99 -76.00 37.93
N GLY F 384 58.90 -76.09 38.90
CA GLY F 384 59.31 -77.36 39.53
C GLY F 384 58.12 -78.10 40.11
N GLN F 385 57.31 -77.44 40.94
CA GLN F 385 56.18 -78.09 41.64
C GLN F 385 55.11 -78.46 40.60
N ALA F 386 54.89 -77.66 39.56
CA ALA F 386 53.86 -77.97 38.54
C ALA F 386 54.30 -79.18 37.70
N LEU F 387 55.57 -79.25 37.31
CA LEU F 387 56.11 -80.42 36.56
C LEU F 387 56.03 -81.68 37.45
N LYS F 388 56.29 -81.58 38.74
CA LYS F 388 56.18 -82.72 39.69
C LYS F 388 54.72 -83.18 39.81
N ALA F 389 53.75 -82.26 39.79
CA ALA F 389 52.31 -82.63 39.78
C ALA F 389 52.00 -83.42 38.52
N ALA F 390 52.60 -83.09 37.38
CA ALA F 390 52.34 -83.76 36.08
C ALA F 390 53.02 -85.13 36.05
N HIS F 391 54.23 -85.26 36.59
CA HIS F 391 55.05 -86.49 36.61
C HIS F 391 55.61 -86.71 38.01
N PRO F 392 54.81 -87.32 38.92
CA PRO F 392 55.24 -87.53 40.31
C PRO F 392 56.58 -88.28 40.38
N GLY G 3 -4.77 33.69 -8.87
CA GLY G 3 -4.78 33.71 -10.34
C GLY G 3 -5.87 34.59 -10.94
N PHE G 4 -6.68 35.28 -10.12
CA PHE G 4 -7.70 36.24 -10.61
C PHE G 4 -7.02 37.51 -11.14
N LEU G 5 -7.76 38.33 -11.89
CA LEU G 5 -7.30 39.68 -12.31
C LEU G 5 -6.80 40.43 -11.06
N PRO G 6 -5.79 41.31 -11.19
CA PRO G 6 -5.34 42.07 -10.02
C PRO G 6 -6.46 43.00 -9.50
N SER G 7 -6.53 43.16 -8.18
CA SER G 7 -7.56 43.98 -7.47
C SER G 7 -7.57 45.40 -7.99
N PHE G 8 -8.74 46.06 -8.03
CA PHE G 8 -8.85 47.52 -8.30
C PHE G 8 -8.06 48.22 -7.16
N GLN G 9 -7.18 49.17 -7.51
CA GLN G 9 -6.08 49.66 -6.62
C GLN G 9 -6.49 50.83 -5.69
N HIS G 10 -7.46 51.65 -6.11
CA HIS G 10 -7.92 52.86 -5.38
C HIS G 10 -9.38 52.67 -4.97
N PHE G 11 -9.88 51.44 -4.98
CA PHE G 11 -11.33 51.17 -4.77
C PHE G 11 -11.74 51.68 -3.39
N ALA G 12 -11.00 51.33 -2.34
CA ALA G 12 -11.40 51.69 -0.96
C ALA G 12 -11.37 53.22 -0.80
N THR G 13 -10.35 53.86 -1.36
CA THR G 13 -10.22 55.35 -1.31
C THR G 13 -11.42 55.98 -2.01
N GLN G 14 -11.76 55.51 -3.20
CA GLN G 14 -12.90 56.06 -3.96
C GLN G 14 -14.24 55.79 -3.23
N ALA G 15 -14.41 54.61 -2.65
CA ALA G 15 -15.67 54.25 -1.96
C ALA G 15 -15.88 55.19 -0.78
N ILE G 16 -14.81 55.71 -0.20
CA ILE G 16 -14.89 56.58 1.00
C ILE G 16 -14.99 58.05 0.59
N HIS G 17 -14.35 58.50 -0.51
CA HIS G 17 -14.13 59.93 -0.79
C HIS G 17 -14.92 60.45 -1.99
N VAL G 18 -15.21 59.63 -3.01
CA VAL G 18 -15.76 60.25 -4.25
C VAL G 18 -17.15 60.76 -3.94
N GLY G 19 -17.38 62.03 -4.27
CA GLY G 19 -18.69 62.68 -4.07
C GLY G 19 -18.92 63.10 -2.63
N GLN G 20 -17.98 62.86 -1.70
CA GLN G 20 -18.20 63.04 -0.25
C GLN G 20 -17.40 64.24 0.29
N GLU G 21 -16.97 65.18 -0.58
CA GLU G 21 -16.22 66.39 -0.17
C GLU G 21 -17.01 67.15 0.90
N PRO G 22 -16.45 67.38 2.09
CA PRO G 22 -17.15 68.18 3.11
C PRO G 22 -17.48 69.60 2.66
N GLU G 23 -16.71 70.15 1.72
CA GLU G 23 -16.86 71.56 1.24
C GLU G 23 -18.21 71.73 0.55
N GLN G 24 -18.89 70.69 0.11
CA GLN G 24 -20.21 70.87 -0.57
C GLN G 24 -21.32 71.16 0.46
N TRP G 25 -21.09 70.92 1.75
CA TRP G 25 -22.14 71.13 2.80
C TRP G 25 -21.86 72.43 3.53
N SER G 26 -22.89 73.20 3.86
CA SER G 26 -22.77 74.43 4.69
C SER G 26 -22.06 74.14 5.98
N SER G 27 -22.34 72.99 6.61
CA SER G 27 -21.76 72.58 7.91
CA SER G 27 -21.76 72.58 7.91
C SER G 27 -20.32 72.07 7.80
N ARG G 28 -19.87 71.70 6.61
CA ARG G 28 -18.59 70.98 6.37
C ARG G 28 -18.61 69.59 7.05
N ALA G 29 -19.80 69.00 7.22
CA ALA G 29 -19.97 67.62 7.72
C ALA G 29 -19.05 66.68 6.94
N VAL G 30 -18.40 65.77 7.64
CA VAL G 30 -17.48 64.77 7.04
CA VAL G 30 -17.48 64.77 7.04
C VAL G 30 -18.30 63.59 6.49
N VAL G 31 -19.56 63.50 6.86
CA VAL G 31 -20.51 62.46 6.36
C VAL G 31 -21.67 63.16 5.69
N LEU G 32 -22.18 62.63 4.60
CA LEU G 32 -23.31 63.23 3.86
C LEU G 32 -24.56 63.30 4.74
N PRO G 33 -25.25 64.45 4.72
CA PRO G 33 -26.54 64.59 5.40
C PRO G 33 -27.62 63.75 4.71
N ILE G 34 -28.63 63.38 5.48
CA ILE G 34 -29.89 62.83 4.98
C ILE G 34 -30.84 64.00 4.73
N SER G 35 -31.07 64.35 3.49
CA SER G 35 -32.02 65.42 3.15
CA SER G 35 -32.02 65.43 3.16
C SER G 35 -33.33 64.77 2.72
N LEU G 36 -34.36 64.82 3.58
CA LEU G 36 -35.67 64.21 3.25
C LEU G 36 -36.55 65.17 2.46
N ALA G 37 -36.25 66.47 2.43
CA ALA G 37 -37.14 67.48 1.82
C ALA G 37 -37.63 67.03 0.44
N THR G 38 -38.92 67.11 0.19
CA THR G 38 -39.50 66.77 -1.13
C THR G 38 -39.27 67.92 -2.11
N THR G 39 -39.06 69.13 -1.60
CA THR G 39 -38.96 70.32 -2.47
C THR G 39 -37.93 71.30 -1.90
N PHE G 40 -37.60 72.29 -2.73
CA PHE G 40 -36.44 73.18 -2.58
C PHE G 40 -36.86 74.57 -3.05
N LYS G 41 -36.49 75.59 -2.30
CA LYS G 41 -36.89 76.98 -2.60
C LYS G 41 -36.11 77.45 -3.83
N GLN G 42 -36.81 77.97 -4.84
CA GLN G 42 -36.19 78.48 -6.09
C GLN G 42 -36.00 80.00 -5.97
N ASP G 43 -34.90 80.51 -6.51
CA ASP G 43 -34.60 81.97 -6.59
C ASP G 43 -35.53 82.65 -7.60
N SER G 44 -35.92 81.95 -8.66
CA SER G 44 -36.94 82.44 -9.60
C SER G 44 -37.57 81.24 -10.30
N PRO G 45 -38.76 81.40 -10.90
CA PRO G 45 -39.51 80.28 -11.41
C PRO G 45 -38.72 79.53 -12.49
N GLY G 46 -38.62 78.21 -12.35
CA GLY G 46 -37.98 77.31 -13.32
C GLY G 46 -36.51 77.60 -13.48
N GLN G 47 -35.83 78.07 -12.43
CA GLN G 47 -34.36 78.21 -12.49
C GLN G 47 -33.79 76.83 -12.92
N SER G 48 -32.77 76.83 -13.79
CA SER G 48 -32.24 75.59 -14.44
C SER G 48 -31.23 74.88 -13.53
N SER G 49 -30.70 75.57 -12.51
CA SER G 49 -29.68 75.01 -11.59
C SER G 49 -30.31 74.77 -10.21
N GLY G 50 -29.64 73.97 -9.39
CA GLY G 50 -30.07 73.59 -8.04
C GLY G 50 -31.08 72.46 -8.07
N PHE G 51 -31.60 72.08 -6.91
CA PHE G 51 -32.61 71.01 -6.77
C PHE G 51 -33.98 71.63 -6.96
N VAL G 52 -34.93 70.83 -7.38
CA VAL G 52 -36.30 71.27 -7.73
C VAL G 52 -37.32 70.42 -6.97
N TYR G 53 -37.22 69.11 -7.09
CA TYR G 53 -38.23 68.17 -6.55
C TYR G 53 -37.53 66.82 -6.33
N SER G 54 -37.75 66.23 -5.17
CA SER G 54 -36.95 65.08 -4.68
C SER G 54 -36.95 63.95 -5.71
N ARG G 55 -38.09 63.64 -6.33
CA ARG G 55 -38.15 62.53 -7.32
C ARG G 55 -37.15 62.77 -8.45
N SER G 56 -36.97 64.03 -8.86
CA SER G 56 -36.10 64.41 -10.02
C SER G 56 -34.64 64.39 -9.60
N GLY G 57 -34.35 64.53 -8.32
CA GLY G 57 -32.97 64.61 -7.83
C GLY G 57 -32.94 65.24 -6.46
N ASN G 58 -32.02 64.79 -5.63
CA ASN G 58 -31.94 65.30 -4.24
C ASN G 58 -30.52 65.08 -3.77
N PRO G 59 -30.06 65.84 -2.79
CA PRO G 59 -28.66 65.83 -2.39
C PRO G 59 -28.12 64.43 -2.00
N THR G 60 -28.84 63.69 -1.17
CA THR G 60 -28.37 62.38 -0.66
C THR G 60 -28.30 61.40 -1.83
N ARG G 61 -29.34 61.30 -2.65
CA ARG G 61 -29.32 60.33 -3.77
C ARG G 61 -28.19 60.72 -4.75
N ASN G 62 -28.04 62.01 -5.06
CA ASN G 62 -27.04 62.45 -6.06
C ASN G 62 -25.64 62.12 -5.56
N CYS G 63 -25.41 62.22 -4.27
CA CYS G 63 -24.11 61.88 -3.64
CA CYS G 63 -24.11 61.88 -3.64
C CYS G 63 -23.83 60.37 -3.74
N LEU G 64 -24.82 59.55 -3.42
CA LEU G 64 -24.67 58.08 -3.59
C LEU G 64 -24.34 57.78 -5.05
N GLU G 65 -25.06 58.36 -6.00
CA GLU G 65 -24.89 58.06 -7.45
C GLU G 65 -23.45 58.41 -7.88
N LYS G 66 -22.86 59.46 -7.35
CA LYS G 66 -21.44 59.82 -7.66
C LYS G 66 -20.49 58.73 -7.16
N ALA G 67 -20.70 58.23 -5.95
CA ALA G 67 -19.84 57.19 -5.34
C ALA G 67 -19.97 55.89 -6.17
N VAL G 68 -21.20 55.46 -6.46
CA VAL G 68 -21.40 54.16 -7.16
C VAL G 68 -20.80 54.26 -8.56
N ALA G 69 -20.99 55.39 -9.25
CA ALA G 69 -20.42 55.60 -10.60
C ALA G 69 -18.91 55.34 -10.55
N ALA G 70 -18.19 55.89 -9.57
CA ALA G 70 -16.73 55.68 -9.47
C ALA G 70 -16.43 54.18 -9.24
N LEU G 71 -17.18 53.50 -8.37
CA LEU G 71 -16.91 52.08 -8.06
C LEU G 71 -17.21 51.19 -9.27
N ASP G 72 -18.14 51.60 -10.13
CA ASP G 72 -18.50 50.82 -11.35
C ASP G 72 -17.60 51.22 -12.54
N GLY G 73 -16.67 52.15 -12.37
CA GLY G 73 -15.86 52.68 -13.48
C GLY G 73 -16.72 53.39 -14.51
N ALA G 74 -17.78 54.08 -14.09
CA ALA G 74 -18.80 54.66 -14.96
C ALA G 74 -18.78 56.19 -14.89
N LYS G 75 -19.27 56.84 -15.91
CA LYS G 75 -19.48 58.32 -15.90
C LYS G 75 -20.80 58.65 -15.19
N HIS G 76 -21.78 57.75 -15.19
CA HIS G 76 -23.15 58.06 -14.74
C HIS G 76 -23.71 56.89 -13.93
N CYS G 77 -24.46 57.21 -12.86
CA CYS G 77 -25.18 56.16 -12.11
C CYS G 77 -26.59 56.67 -11.77
N LEU G 78 -27.55 55.78 -11.82
CA LEU G 78 -28.95 56.05 -11.44
C LEU G 78 -29.39 55.03 -10.40
N THR G 79 -30.05 55.49 -9.34
CA THR G 79 -30.59 54.61 -8.27
C THR G 79 -32.10 54.48 -8.40
N PHE G 80 -32.59 53.31 -8.01
CA PHE G 80 -34.00 52.89 -8.10
C PHE G 80 -34.44 52.24 -6.79
N ALA G 81 -35.75 52.11 -6.66
CA ALA G 81 -36.44 51.57 -5.46
C ALA G 81 -36.09 50.10 -5.23
N SER G 82 -35.62 49.38 -6.25
CA SER G 82 -35.26 47.94 -6.14
C SER G 82 -34.48 47.53 -7.40
N GLY G 83 -33.80 46.39 -7.34
CA GLY G 83 -33.28 45.74 -8.56
C GLY G 83 -34.34 45.54 -9.63
N LEU G 84 -35.52 45.06 -9.27
CA LEU G 84 -36.61 44.85 -10.26
C LEU G 84 -37.07 46.20 -10.81
N ALA G 85 -37.09 47.28 -10.02
CA ALA G 85 -37.47 48.61 -10.55
C ALA G 85 -36.41 49.08 -11.57
N ALA G 86 -35.13 48.80 -11.32
CA ALA G 86 -34.05 49.11 -12.27
C ALA G 86 -34.29 48.33 -13.56
N THR G 87 -34.67 47.05 -13.46
CA THR G 87 -34.94 46.16 -14.61
C THR G 87 -36.09 46.72 -15.43
N THR G 88 -37.20 47.07 -14.77
CA THR G 88 -38.39 47.67 -15.41
C THR G 88 -37.99 48.97 -16.13
N THR G 89 -37.22 49.84 -15.47
CA THR G 89 -36.83 51.15 -16.05
C THR G 89 -35.97 50.91 -17.32
N ILE G 90 -35.00 50.00 -17.25
CA ILE G 90 -34.13 49.68 -18.41
C ILE G 90 -35.01 49.19 -19.58
N THR G 91 -36.00 48.35 -19.29
CA THR G 91 -36.87 47.76 -20.33
C THR G 91 -37.66 48.87 -21.02
N HIS G 92 -37.99 49.93 -20.30
CA HIS G 92 -38.72 51.10 -20.85
C HIS G 92 -37.84 51.92 -21.80
N LEU G 93 -36.55 51.63 -21.93
CA LEU G 93 -35.72 52.22 -23.01
C LEU G 93 -36.24 51.79 -24.39
N LEU G 94 -36.99 50.71 -24.46
CA LEU G 94 -37.40 50.09 -25.75
C LEU G 94 -38.75 50.64 -26.19
N LYS G 95 -39.39 49.96 -27.13
CA LYS G 95 -40.75 50.29 -27.59
C LYS G 95 -41.40 49.04 -28.20
N ALA G 96 -42.71 49.07 -28.38
CA ALA G 96 -43.50 48.01 -29.03
C ALA G 96 -42.80 47.62 -30.34
N GLY G 97 -42.63 46.32 -30.58
CA GLY G 97 -41.97 45.77 -31.78
C GLY G 97 -40.53 45.37 -31.54
N ASP G 98 -39.94 45.77 -30.42
CA ASP G 98 -38.53 45.44 -30.09
C ASP G 98 -38.46 44.02 -29.49
N GLU G 99 -37.28 43.42 -29.55
CA GLU G 99 -37.03 42.08 -28.99
C GLU G 99 -35.93 42.18 -27.94
N VAL G 100 -36.08 41.40 -26.89
CA VAL G 100 -35.11 41.21 -25.79
C VAL G 100 -34.62 39.77 -25.84
N ILE G 101 -33.32 39.58 -25.71
CA ILE G 101 -32.73 38.26 -25.40
C ILE G 101 -32.29 38.30 -23.95
N CYS G 102 -32.75 37.34 -23.16
CA CYS G 102 -32.40 37.21 -21.73
C CYS G 102 -31.64 35.90 -21.52
N MET G 103 -30.59 35.96 -20.71
CA MET G 103 -29.91 34.76 -20.19
C MET G 103 -30.97 33.77 -19.68
N ASP G 104 -30.83 32.49 -20.01
CA ASP G 104 -31.91 31.49 -19.74
C ASP G 104 -32.07 31.31 -18.24
N GLU G 105 -31.00 31.38 -17.47
CA GLU G 105 -31.08 31.26 -15.99
C GLU G 105 -30.86 32.64 -15.37
N VAL G 106 -31.93 33.20 -14.80
CA VAL G 106 -31.88 34.50 -14.10
C VAL G 106 -32.65 34.35 -12.81
N TYR G 107 -32.53 35.34 -11.94
CA TYR G 107 -33.40 35.45 -10.76
C TYR G 107 -34.83 35.19 -11.20
N GLY G 108 -35.59 34.41 -10.42
CA GLY G 108 -37.01 34.09 -10.71
C GLY G 108 -37.83 35.33 -11.01
N GLY G 109 -37.64 36.43 -10.25
CA GLY G 109 -38.39 37.68 -10.47
C GLY G 109 -38.07 38.33 -11.79
N THR G 110 -36.83 38.24 -12.27
CA THR G 110 -36.44 38.79 -13.59
C THR G 110 -37.18 37.99 -14.68
N ASN G 111 -37.15 36.67 -14.54
CA ASN G 111 -37.86 35.74 -15.47
C ASN G 111 -39.34 36.14 -15.48
N ARG G 112 -39.97 36.25 -14.32
CA ARG G 112 -41.41 36.59 -14.18
C ARG G 112 -41.69 37.93 -14.88
N TYR G 113 -40.87 38.95 -14.66
CA TYR G 113 -41.10 40.28 -15.25
C TYR G 113 -41.08 40.17 -16.79
N PHE G 114 -40.02 39.59 -17.36
CA PHE G 114 -39.90 39.51 -18.84
C PHE G 114 -41.03 38.65 -19.42
N ARG G 115 -41.25 37.49 -18.84
CA ARG G 115 -42.12 36.43 -19.39
C ARG G 115 -43.58 36.86 -19.26
N ARG G 116 -43.99 37.43 -18.12
CA ARG G 116 -45.42 37.64 -17.79
C ARG G 116 -45.82 39.12 -17.92
N VAL G 117 -44.90 40.08 -17.85
CA VAL G 117 -45.28 41.52 -17.90
C VAL G 117 -44.78 42.16 -19.19
N ALA G 118 -43.47 42.27 -19.40
CA ALA G 118 -42.89 43.02 -20.55
C ALA G 118 -43.44 42.47 -21.87
N SER G 119 -43.61 41.15 -21.95
CA SER G 119 -44.09 40.42 -23.15
C SER G 119 -45.52 40.86 -23.54
N GLU G 120 -46.28 41.46 -22.62
CA GLU G 120 -47.68 41.89 -22.88
C GLU G 120 -47.72 43.29 -23.48
N PHE G 121 -46.59 44.00 -23.55
CA PHE G 121 -46.50 45.40 -24.03
C PHE G 121 -45.72 45.47 -25.34
N GLY G 122 -45.88 44.46 -26.20
CA GLY G 122 -45.35 44.49 -27.58
C GLY G 122 -43.87 44.16 -27.64
N LEU G 123 -43.30 43.61 -26.55
CA LEU G 123 -41.89 43.17 -26.54
C LEU G 123 -41.87 41.66 -26.71
N LYS G 124 -41.00 41.17 -27.58
CA LYS G 124 -40.77 39.73 -27.76
C LYS G 124 -39.59 39.36 -26.87
N ILE G 125 -39.74 38.38 -25.99
CA ILE G 125 -38.64 37.92 -25.08
C ILE G 125 -38.21 36.53 -25.51
N SER G 126 -36.92 36.29 -25.69
CA SER G 126 -36.31 34.96 -25.92
C SER G 126 -35.32 34.68 -24.81
N PHE G 127 -35.39 33.52 -24.19
CA PHE G 127 -34.43 33.06 -23.17
C PHE G 127 -33.39 32.20 -23.88
N VAL G 128 -32.10 32.52 -23.73
CA VAL G 128 -31.00 31.89 -24.49
C VAL G 128 -29.88 31.60 -23.52
N ASP G 129 -29.23 30.44 -23.65
CA ASP G 129 -28.04 30.10 -22.84
C ASP G 129 -26.85 30.89 -23.38
N CYS G 130 -26.59 32.08 -22.80
CA CYS G 130 -25.55 33.00 -23.29
C CYS G 130 -24.15 32.57 -22.79
N SER G 131 -24.03 31.50 -22.01
CA SER G 131 -22.71 30.84 -21.73
C SER G 131 -22.18 30.22 -23.03
N LYS G 132 -23.02 30.06 -24.05
CA LYS G 132 -22.61 29.56 -25.39
C LYS G 132 -22.82 30.68 -26.41
N THR G 133 -21.75 31.34 -26.80
CA THR G 133 -21.82 32.58 -27.61
C THR G 133 -22.48 32.29 -28.96
N LYS G 134 -22.39 31.09 -29.51
CA LYS G 134 -23.02 30.75 -30.81
C LYS G 134 -24.55 30.79 -30.68
N LEU G 135 -25.10 30.46 -29.52
CA LEU G 135 -26.57 30.50 -29.31
C LEU G 135 -27.02 31.98 -29.24
N LEU G 136 -26.21 32.86 -28.66
CA LEU G 136 -26.53 34.31 -28.61
C LEU G 136 -26.53 34.86 -30.03
N GLU G 137 -25.45 34.61 -30.77
CA GLU G 137 -25.25 35.02 -32.18
C GLU G 137 -26.49 34.63 -32.98
N ALA G 138 -26.97 33.38 -32.86
CA ALA G 138 -28.10 32.86 -33.68
C ALA G 138 -29.43 33.48 -33.27
N ALA G 139 -29.60 33.95 -32.02
CA ALA G 139 -30.90 34.48 -31.55
C ALA G 139 -31.08 35.95 -31.96
N ILE G 140 -30.00 36.65 -32.34
CA ILE G 140 -30.10 38.09 -32.68
C ILE G 140 -30.83 38.23 -34.02
N THR G 141 -31.80 39.14 -34.08
CA THR G 141 -32.56 39.52 -35.30
C THR G 141 -32.44 41.02 -35.47
N PRO G 142 -32.88 41.59 -36.62
CA PRO G 142 -32.90 43.05 -36.78
C PRO G 142 -33.77 43.76 -35.74
N GLN G 143 -34.70 43.05 -35.09
CA GLN G 143 -35.61 43.67 -34.06
C GLN G 143 -34.99 43.57 -32.66
N THR G 144 -33.90 42.84 -32.46
CA THR G 144 -33.21 42.75 -31.15
C THR G 144 -32.71 44.15 -30.74
N LYS G 145 -33.09 44.62 -29.55
CA LYS G 145 -32.63 45.95 -29.05
C LYS G 145 -31.96 45.84 -27.69
N LEU G 146 -32.08 44.72 -27.01
CA LEU G 146 -31.55 44.55 -25.62
CA LEU G 146 -31.56 44.54 -25.62
C LEU G 146 -31.15 43.09 -25.44
N VAL G 147 -29.98 42.89 -24.88
CA VAL G 147 -29.49 41.58 -24.41
C VAL G 147 -29.19 41.72 -22.92
N TRP G 148 -29.85 40.90 -22.10
CA TRP G 148 -29.82 40.95 -20.62
C TRP G 148 -29.07 39.71 -20.13
N ILE G 149 -27.90 39.89 -19.55
CA ILE G 149 -27.10 38.75 -19.01
CA ILE G 149 -27.10 38.75 -19.01
C ILE G 149 -26.82 38.95 -17.51
N GLU G 150 -27.03 37.91 -16.72
CA GLU G 150 -26.55 37.78 -15.33
C GLU G 150 -25.30 36.92 -15.41
N THR G 151 -24.23 37.26 -14.71
CA THR G 151 -23.08 36.37 -14.55
C THR G 151 -22.37 36.71 -13.26
N PRO G 152 -22.17 35.76 -12.34
CA PRO G 152 -22.73 34.41 -12.42
C PRO G 152 -24.27 34.41 -12.24
N THR G 153 -24.94 33.35 -12.71
CA THR G 153 -26.42 33.26 -12.71
C THR G 153 -26.94 32.91 -11.32
N ASN G 154 -28.13 33.40 -11.02
CA ASN G 154 -28.87 33.08 -9.79
C ASN G 154 -29.84 31.97 -10.13
N PRO G 155 -29.74 30.73 -9.59
CA PRO G 155 -28.86 30.36 -8.50
C PRO G 155 -27.76 29.33 -8.75
N THR G 156 -27.52 28.93 -10.01
CA THR G 156 -26.57 27.81 -10.30
C THR G 156 -25.19 28.36 -10.68
N LEU G 157 -24.96 29.68 -10.67
CA LEU G 157 -23.61 30.28 -10.76
C LEU G 157 -22.92 29.87 -12.07
N LYS G 158 -23.67 29.84 -13.15
CA LYS G 158 -23.16 29.73 -14.54
C LYS G 158 -22.62 31.09 -14.95
N LEU G 159 -21.51 31.14 -15.68
CA LEU G 159 -20.88 32.39 -16.15
C LEU G 159 -21.19 32.62 -17.64
N ALA G 160 -21.18 33.87 -18.04
CA ALA G 160 -21.11 34.29 -19.45
C ALA G 160 -19.82 35.08 -19.62
N ASP G 161 -19.18 34.93 -20.79
CA ASP G 161 -17.97 35.69 -21.15
C ASP G 161 -18.43 37.07 -21.62
N ILE G 162 -18.31 38.06 -20.76
CA ILE G 162 -18.92 39.40 -21.04
C ILE G 162 -18.27 40.02 -22.28
N LYS G 163 -16.95 40.01 -22.39
CA LYS G 163 -16.25 40.62 -23.56
C LYS G 163 -16.68 39.90 -24.85
N ALA G 164 -16.77 38.58 -24.85
CA ALA G 164 -17.18 37.80 -26.04
C ALA G 164 -18.64 38.14 -26.41
N CYS G 165 -19.56 38.23 -25.42
CA CYS G 165 -20.96 38.62 -25.69
C CYS G 165 -21.01 40.07 -26.22
N ALA G 166 -20.21 40.98 -25.67
CA ALA G 166 -20.19 42.39 -26.10
C ALA G 166 -19.78 42.46 -27.57
N GLN G 167 -18.74 41.71 -27.96
CA GLN G 167 -18.24 41.72 -29.36
C GLN G 167 -19.35 41.26 -30.30
N ILE G 168 -20.08 40.21 -29.93
CA ILE G 168 -21.20 39.70 -30.76
C ILE G 168 -22.29 40.77 -30.87
N VAL G 169 -22.74 41.36 -29.78
CA VAL G 169 -23.92 42.26 -29.89
C VAL G 169 -23.51 43.57 -30.58
N HIS G 170 -22.28 44.03 -30.39
CA HIS G 170 -21.83 45.34 -30.95
C HIS G 170 -21.47 45.23 -32.43
N LYS G 171 -21.49 44.03 -33.04
CA LYS G 171 -21.42 43.90 -34.53
C LYS G 171 -22.73 44.41 -35.15
N HIS G 172 -23.83 44.42 -34.39
CA HIS G 172 -25.16 44.88 -34.88
C HIS G 172 -25.35 46.33 -34.46
N LYS G 173 -26.26 47.03 -35.13
CA LYS G 173 -26.57 48.44 -34.81
C LYS G 173 -27.54 48.47 -33.62
N ASP G 174 -27.24 49.28 -32.61
CA ASP G 174 -28.31 49.76 -31.68
C ASP G 174 -28.80 48.59 -30.79
N ILE G 175 -27.92 47.69 -30.35
CA ILE G 175 -28.27 46.67 -29.33
C ILE G 175 -27.56 47.06 -28.05
N ILE G 176 -28.34 47.16 -26.97
CA ILE G 176 -27.82 47.46 -25.61
C ILE G 176 -27.48 46.12 -24.94
N LEU G 177 -26.27 45.97 -24.45
CA LEU G 177 -25.90 44.82 -23.59
C LEU G 177 -25.95 45.29 -22.12
N VAL G 178 -26.82 44.65 -21.34
CA VAL G 178 -26.92 44.84 -19.87
C VAL G 178 -26.26 43.66 -19.20
N VAL G 179 -25.39 43.90 -18.24
CA VAL G 179 -24.90 42.84 -17.34
C VAL G 179 -25.44 43.16 -15.95
N ASP G 180 -26.17 42.21 -15.38
CA ASP G 180 -26.57 42.20 -13.95
C ASP G 180 -25.40 41.68 -13.14
N ASN G 181 -24.74 42.58 -12.40
CA ASN G 181 -23.50 42.36 -11.63
C ASN G 181 -23.81 42.06 -10.15
N THR G 182 -25.05 41.74 -9.79
CA THR G 182 -25.48 41.59 -8.38
C THR G 182 -24.59 40.58 -7.64
N PHE G 183 -24.36 39.41 -8.22
CA PHE G 183 -23.69 38.29 -7.51
C PHE G 183 -22.20 38.57 -7.29
N MET G 184 -21.53 39.39 -8.11
CA MET G 184 -20.07 39.61 -7.97
C MET G 184 -19.78 40.86 -7.10
N SER G 185 -20.61 41.89 -7.21
CA SER G 185 -20.37 43.26 -6.67
C SER G 185 -19.35 43.97 -7.56
N ALA G 186 -19.34 45.30 -7.46
CA ALA G 186 -18.40 46.19 -8.18
C ALA G 186 -16.97 45.86 -7.79
N TYR G 187 -16.74 45.26 -6.62
CA TYR G 187 -15.36 45.00 -6.16
C TYR G 187 -14.72 43.86 -6.98
N PHE G 188 -15.51 42.89 -7.44
CA PHE G 188 -14.95 41.67 -8.06
C PHE G 188 -15.18 41.63 -9.58
N GLN G 189 -16.08 42.42 -10.12
CA GLN G 189 -16.37 42.39 -11.57
C GLN G 189 -16.79 43.79 -12.03
N ARG G 190 -16.27 44.23 -13.17
CA ARG G 190 -16.55 45.56 -13.75
C ARG G 190 -17.02 45.41 -15.19
N PRO G 191 -18.31 45.10 -15.41
CA PRO G 191 -18.81 44.87 -16.78
C PRO G 191 -18.61 46.02 -17.76
N LEU G 192 -18.63 47.29 -17.31
CA LEU G 192 -18.42 48.42 -18.24
C LEU G 192 -16.99 48.39 -18.80
N ALA G 193 -16.00 47.85 -18.06
CA ALA G 193 -14.61 47.73 -18.57
C ALA G 193 -14.49 46.51 -19.51
N LEU G 194 -15.51 45.66 -19.62
CA LEU G 194 -15.47 44.43 -20.47
C LEU G 194 -16.39 44.59 -21.68
N GLY G 195 -16.99 45.75 -21.90
CA GLY G 195 -17.80 46.05 -23.10
C GLY G 195 -19.29 46.14 -22.86
N ALA G 196 -19.80 45.90 -21.65
CA ALA G 196 -21.25 46.10 -21.39
C ALA G 196 -21.61 47.58 -21.65
N ASP G 197 -22.82 47.86 -22.07
CA ASP G 197 -23.37 49.25 -22.18
C ASP G 197 -23.96 49.68 -20.83
N ILE G 198 -24.54 48.73 -20.08
CA ILE G 198 -25.20 49.01 -18.78
C ILE G 198 -24.73 47.98 -17.77
N CYS G 199 -24.28 48.44 -16.60
CA CYS G 199 -23.97 47.60 -15.43
C CYS G 199 -25.09 47.84 -14.42
N MET G 200 -25.89 46.82 -14.16
CA MET G 200 -27.09 46.92 -13.28
C MET G 200 -26.80 46.05 -12.06
N CYS G 201 -27.30 46.43 -10.89
CA CYS G 201 -27.32 45.45 -9.78
C CYS G 201 -28.45 45.74 -8.80
N SER G 202 -28.82 44.69 -8.08
CA SER G 202 -29.62 44.81 -6.85
C SER G 202 -28.64 45.20 -5.75
N ALA G 203 -28.66 46.47 -5.35
CA ALA G 203 -27.86 46.99 -4.21
C ALA G 203 -28.38 46.39 -2.90
N THR G 204 -29.58 45.80 -2.93
CA THR G 204 -30.18 45.04 -1.81
C THR G 204 -29.17 44.02 -1.28
N LYS G 205 -28.26 43.52 -2.15
CA LYS G 205 -27.38 42.41 -1.79
C LYS G 205 -26.06 42.97 -1.27
N TYR G 206 -24.94 42.66 -1.92
CA TYR G 206 -23.59 43.01 -1.41
C TYR G 206 -23.34 44.53 -1.32
N MET G 207 -23.82 45.31 -2.24
CA MET G 207 -23.40 46.75 -2.31
C MET G 207 -23.78 47.43 -0.99
N ASN G 208 -25.02 47.28 -0.56
CA ASN G 208 -25.44 47.75 0.79
C ASN G 208 -24.85 46.83 1.86
N GLY G 209 -25.05 45.52 1.71
CA GLY G 209 -24.33 44.52 2.53
C GLY G 209 -24.89 44.30 3.93
N HIS G 210 -25.94 45.02 4.34
CA HIS G 210 -26.43 44.97 5.74
C HIS G 210 -27.91 44.56 5.83
N SER G 211 -28.48 44.03 4.76
CA SER G 211 -29.82 43.38 4.75
C SER G 211 -30.88 44.33 5.28
N ASP G 212 -30.75 45.62 5.00
CA ASP G 212 -31.66 46.64 5.57
C ASP G 212 -32.06 47.68 4.54
N VAL G 213 -31.78 47.45 3.25
CA VAL G 213 -32.11 48.38 2.15
C VAL G 213 -32.49 47.55 0.93
N VAL G 214 -33.62 47.88 0.33
CA VAL G 214 -33.99 47.39 -1.03
C VAL G 214 -33.68 48.53 -2.01
N MET G 215 -32.87 48.27 -3.01
CA MET G 215 -32.42 49.32 -3.95
C MET G 215 -31.84 48.69 -5.24
N GLY G 216 -31.99 49.37 -6.36
CA GLY G 216 -31.33 49.04 -7.64
C GLY G 216 -30.40 50.14 -8.08
N LEU G 217 -29.32 49.76 -8.75
CA LEU G 217 -28.28 50.68 -9.27
C LEU G 217 -28.09 50.36 -10.75
N VAL G 218 -27.99 51.41 -11.55
CA VAL G 218 -27.70 51.30 -13.01
C VAL G 218 -26.55 52.27 -13.32
N SER G 219 -25.45 51.76 -13.87
CA SER G 219 -24.26 52.55 -14.24
C SER G 219 -24.04 52.46 -15.76
N VAL G 220 -23.73 53.58 -16.38
CA VAL G 220 -23.49 53.71 -17.85
C VAL G 220 -22.35 54.69 -18.11
N ASN G 221 -21.73 54.54 -19.29
CA ASN G 221 -20.76 55.53 -19.83
C ASN G 221 -21.43 56.40 -20.89
N SER G 222 -22.36 55.88 -21.66
CA SER G 222 -23.03 56.56 -22.78
C SER G 222 -23.85 57.77 -22.28
N ASP G 223 -23.63 58.94 -22.85
CA ASP G 223 -24.43 60.16 -22.55
C ASP G 223 -25.84 59.96 -23.08
N ASP G 224 -26.03 59.29 -24.22
CA ASP G 224 -27.37 58.96 -24.79
C ASP G 224 -28.15 58.08 -23.80
N LEU G 225 -27.56 56.99 -23.32
CA LEU G 225 -28.24 56.06 -22.38
CA LEU G 225 -28.25 56.06 -22.38
C LEU G 225 -28.53 56.81 -21.07
N ASN G 226 -27.57 57.60 -20.58
CA ASN G 226 -27.78 58.39 -19.36
C ASN G 226 -29.02 59.28 -19.52
N GLU G 227 -29.12 60.03 -20.61
CA GLU G 227 -30.26 60.97 -20.86
C GLU G 227 -31.57 60.17 -20.88
N ARG G 228 -31.61 59.05 -21.58
CA ARG G 228 -32.83 58.23 -21.72
C ARG G 228 -33.21 57.62 -20.36
N LEU G 229 -32.25 57.13 -19.59
CA LEU G 229 -32.52 56.51 -18.27
C LEU G 229 -32.92 57.58 -17.25
N ARG G 230 -32.30 58.76 -17.31
CA ARG G 230 -32.61 59.88 -16.37
C ARG G 230 -34.07 60.30 -16.58
N PHE G 231 -34.48 60.41 -17.83
CA PHE G 231 -35.87 60.71 -18.22
C PHE G 231 -36.81 59.71 -17.57
N LEU G 232 -36.47 58.42 -17.60
CA LEU G 232 -37.36 57.35 -17.06
C LEU G 232 -37.27 57.29 -15.52
N GLN G 233 -36.13 57.58 -14.90
CA GLN G 233 -36.03 57.63 -13.43
C GLN G 233 -37.04 58.67 -12.95
N ASN G 234 -37.10 59.82 -13.62
CA ASN G 234 -37.99 60.95 -13.24
C ASN G 234 -39.44 60.59 -13.60
N SER G 235 -39.68 59.99 -14.77
CA SER G 235 -41.04 59.86 -15.37
C SER G 235 -41.79 58.62 -14.88
N LEU G 236 -41.10 57.50 -14.60
CA LEU G 236 -41.74 56.31 -13.98
C LEU G 236 -41.72 56.47 -12.46
N GLY G 237 -40.74 57.18 -11.90
CA GLY G 237 -40.71 57.54 -10.47
C GLY G 237 -40.42 56.36 -9.57
N ALA G 238 -39.74 55.31 -10.05
CA ALA G 238 -39.40 54.17 -9.18
C ALA G 238 -38.11 54.50 -8.40
N VAL G 239 -38.19 55.52 -7.54
CA VAL G 239 -36.98 56.13 -6.91
C VAL G 239 -36.82 55.66 -5.48
N PRO G 240 -35.57 55.65 -4.98
CA PRO G 240 -35.28 55.25 -3.60
C PRO G 240 -35.50 56.40 -2.61
N SER G 241 -35.80 56.07 -1.36
CA SER G 241 -35.84 57.03 -0.22
C SER G 241 -34.44 57.59 -0.01
N PRO G 242 -34.27 58.88 0.31
CA PRO G 242 -32.97 59.43 0.70
C PRO G 242 -32.36 58.73 1.91
N PHE G 243 -33.21 58.27 2.83
CA PHE G 243 -32.77 57.49 4.00
C PHE G 243 -32.08 56.18 3.53
N ASP G 244 -32.71 55.48 2.58
CA ASP G 244 -32.12 54.25 1.98
C ASP G 244 -30.82 54.61 1.24
N CYS G 245 -30.76 55.75 0.57
CA CYS G 245 -29.53 56.17 -0.14
C CYS G 245 -28.42 56.35 0.89
N TYR G 246 -28.74 56.95 2.04
CA TYR G 246 -27.75 57.15 3.12
C TYR G 246 -27.22 55.79 3.60
N LEU G 247 -28.11 54.86 3.92
CA LEU G 247 -27.68 53.52 4.44
C LEU G 247 -26.86 52.77 3.38
N CYS G 248 -27.22 52.88 2.11
CA CYS G 248 -26.44 52.21 1.04
C CYS G 248 -25.07 52.86 0.93
N CYS G 249 -24.99 54.20 0.99
CA CYS G 249 -23.70 54.92 1.00
C CYS G 249 -22.87 54.45 2.19
N ARG G 250 -23.49 54.31 3.37
CA ARG G 250 -22.78 53.84 4.57
C ARG G 250 -22.22 52.40 4.32
N GLY G 251 -23.02 51.55 3.71
CA GLY G 251 -22.59 50.18 3.34
C GLY G 251 -21.39 50.17 2.40
N LEU G 252 -21.34 51.07 1.41
CA LEU G 252 -20.23 51.12 0.42
C LEU G 252 -18.90 51.37 1.12
N LYS G 253 -18.88 52.04 2.26
CA LYS G 253 -17.64 52.45 2.94
C LYS G 253 -16.86 51.19 3.35
N THR G 254 -17.54 50.07 3.59
CA THR G 254 -16.91 48.79 4.03
C THR G 254 -16.92 47.75 2.90
N LEU G 255 -17.34 48.10 1.68
CA LEU G 255 -17.54 47.10 0.60
C LEU G 255 -16.23 46.32 0.35
N GLN G 256 -15.09 47.01 0.21
CA GLN G 256 -13.84 46.28 -0.08
C GLN G 256 -13.55 45.23 1.01
N ILE G 257 -13.58 45.61 2.28
CA ILE G 257 -13.20 44.66 3.36
C ILE G 257 -14.28 43.59 3.53
N ARG G 258 -15.55 43.89 3.29
CA ARG G 258 -16.63 42.87 3.38
C ARG G 258 -16.39 41.84 2.27
N MET G 259 -16.19 42.28 1.04
CA MET G 259 -16.07 41.37 -0.11
C MET G 259 -14.83 40.47 0.06
N GLU G 260 -13.71 40.99 0.58
CA GLU G 260 -12.51 40.15 0.82
C GLU G 260 -12.84 39.05 1.84
N LYS G 261 -13.62 39.38 2.88
CA LYS G 261 -14.01 38.38 3.90
C LYS G 261 -15.03 37.39 3.30
N HIS G 262 -15.99 37.83 2.49
CA HIS G 262 -16.94 36.92 1.81
C HIS G 262 -16.14 35.90 0.96
N PHE G 263 -15.10 36.36 0.28
CA PHE G 263 -14.22 35.50 -0.57
C PHE G 263 -13.51 34.47 0.32
N ARG G 264 -12.87 34.88 1.41
CA ARG G 264 -12.17 33.94 2.32
CA ARG G 264 -12.17 33.93 2.33
C ARG G 264 -13.17 32.90 2.87
N ASN G 265 -14.31 33.35 3.38
CA ASN G 265 -15.32 32.44 3.97
C ASN G 265 -15.96 31.57 2.90
N GLY G 266 -16.30 32.14 1.74
CA GLY G 266 -16.94 31.42 0.63
C GLY G 266 -16.04 30.31 0.14
N MET G 267 -14.74 30.59 -0.06
CA MET G 267 -13.78 29.57 -0.53
C MET G 267 -13.67 28.45 0.53
N ALA G 268 -13.60 28.79 1.81
CA ALA G 268 -13.50 27.79 2.89
C ALA G 268 -14.76 26.88 2.91
N VAL G 269 -15.94 27.46 2.77
CA VAL G 269 -17.23 26.70 2.73
C VAL G 269 -17.24 25.80 1.50
N ALA G 270 -16.88 26.32 0.33
CA ALA G 270 -16.90 25.54 -0.92
C ALA G 270 -15.95 24.34 -0.80
N ARG G 271 -14.75 24.53 -0.27
CA ARG G 271 -13.76 23.43 -0.09
C ARG G 271 -14.30 22.41 0.90
N PHE G 272 -14.92 22.85 1.98
CA PHE G 272 -15.51 21.96 3.00
C PHE G 272 -16.62 21.11 2.37
N LEU G 273 -17.52 21.71 1.58
CA LEU G 273 -18.64 20.96 0.96
C LEU G 273 -18.08 19.99 -0.10
N GLU G 274 -17.05 20.39 -0.83
CA GLU G 274 -16.47 19.56 -1.91
C GLU G 274 -15.88 18.27 -1.34
N SER G 275 -15.40 18.27 -0.10
CA SER G 275 -14.79 17.06 0.51
C SER G 275 -15.78 16.32 1.42
N ASN G 276 -17.03 16.78 1.54
CA ASN G 276 -18.04 16.14 2.42
C ASN G 276 -18.81 15.07 1.64
N PRO G 277 -18.85 13.81 2.11
CA PRO G 277 -19.55 12.73 1.38
C PRO G 277 -21.09 12.83 1.37
N ARG G 278 -21.67 13.79 2.08
CA ARG G 278 -23.15 14.02 2.09
C ARG G 278 -23.54 15.01 0.99
N VAL G 279 -22.58 15.50 0.23
CA VAL G 279 -22.79 16.52 -0.84
C VAL G 279 -22.57 15.84 -2.19
N GLU G 280 -23.54 15.94 -3.09
CA GLU G 280 -23.46 15.38 -4.46
C GLU G 280 -22.50 16.20 -5.31
N LYS G 281 -22.61 17.53 -5.28
CA LYS G 281 -21.83 18.43 -6.18
C LYS G 281 -21.86 19.85 -5.59
N VAL G 282 -20.71 20.51 -5.58
CA VAL G 282 -20.58 21.94 -5.16
C VAL G 282 -20.39 22.80 -6.39
N ILE G 283 -20.97 23.98 -6.39
CA ILE G 283 -20.76 25.00 -7.45
C ILE G 283 -20.20 26.26 -6.79
N TYR G 284 -18.97 26.63 -7.12
CA TYR G 284 -18.33 27.88 -6.64
C TYR G 284 -17.33 28.29 -7.71
N PRO G 285 -17.49 29.47 -8.35
CA PRO G 285 -16.57 29.89 -9.41
C PRO G 285 -15.10 29.91 -8.99
N GLY G 286 -14.79 30.08 -7.71
CA GLY G 286 -13.41 30.06 -7.19
C GLY G 286 -12.80 28.67 -7.08
N LEU G 287 -13.58 27.61 -7.19
CA LEU G 287 -13.02 26.22 -7.13
C LEU G 287 -12.58 25.84 -8.55
N PRO G 288 -11.39 25.18 -8.68
CA PRO G 288 -11.02 24.56 -9.96
C PRO G 288 -12.06 23.61 -10.56
N SER G 289 -12.91 22.98 -9.75
CA SER G 289 -13.97 22.07 -10.21
C SER G 289 -15.08 22.81 -10.95
N HIS G 290 -15.24 24.12 -10.77
CA HIS G 290 -16.30 24.84 -11.51
C HIS G 290 -15.97 24.74 -12.99
N PRO G 291 -16.92 24.37 -13.86
CA PRO G 291 -16.65 24.25 -15.28
C PRO G 291 -16.11 25.52 -15.95
N GLN G 292 -16.38 26.71 -15.39
CA GLN G 292 -15.93 27.97 -15.99
C GLN G 292 -14.97 28.69 -15.05
N HIS G 293 -14.22 27.95 -14.24
CA HIS G 293 -13.21 28.51 -13.32
C HIS G 293 -12.20 29.35 -14.10
N GLU G 294 -11.74 28.90 -15.27
CA GLU G 294 -10.70 29.66 -16.02
C GLU G 294 -11.29 30.98 -16.51
N LEU G 295 -12.53 31.00 -16.98
CA LEU G 295 -13.21 32.25 -17.42
C LEU G 295 -13.35 33.19 -16.21
N ALA G 296 -13.73 32.68 -15.04
CA ALA G 296 -13.88 33.48 -13.80
C ALA G 296 -12.57 34.24 -13.54
N LYS G 297 -11.42 33.57 -13.66
CA LYS G 297 -10.09 34.19 -13.40
C LYS G 297 -9.77 35.24 -14.47
N ARG G 298 -10.28 35.09 -15.69
CA ARG G 298 -10.00 36.05 -16.79
C ARG G 298 -10.88 37.29 -16.68
N GLN G 299 -12.04 37.25 -16.00
CA GLN G 299 -12.95 38.43 -16.06
C GLN G 299 -13.30 39.00 -14.68
N CYS G 300 -12.79 38.42 -13.59
CA CYS G 300 -13.07 38.83 -12.20
C CYS G 300 -11.78 38.99 -11.42
N THR G 301 -11.83 39.77 -10.34
CA THR G 301 -10.69 40.00 -9.41
C THR G 301 -10.84 39.11 -8.18
N GLY G 302 -11.86 38.26 -8.14
CA GLY G 302 -12.08 37.35 -7.01
C GLY G 302 -13.47 36.77 -7.11
N CYS G 303 -13.93 36.19 -6.02
CA CYS G 303 -15.24 35.51 -5.96
CA CYS G 303 -15.24 35.51 -5.96
C CYS G 303 -15.90 35.83 -4.62
N PRO G 304 -17.23 36.09 -4.57
CA PRO G 304 -17.86 36.41 -3.29
C PRO G 304 -18.28 35.17 -2.49
N GLY G 305 -19.31 35.29 -1.68
CA GLY G 305 -19.71 34.25 -0.70
C GLY G 305 -20.86 33.39 -1.22
N MET G 306 -21.20 33.45 -2.52
CA MET G 306 -22.34 32.65 -3.03
C MET G 306 -21.82 31.26 -3.38
N VAL G 307 -22.31 30.26 -2.68
CA VAL G 307 -21.92 28.84 -2.88
C VAL G 307 -23.21 28.05 -3.06
N SER G 308 -23.35 27.32 -4.17
CA SER G 308 -24.54 26.46 -4.36
C SER G 308 -24.09 25.00 -4.30
N PHE G 309 -24.93 24.13 -3.78
CA PHE G 309 -24.59 22.68 -3.77
C PHE G 309 -25.86 21.87 -3.87
N TYR G 310 -25.67 20.65 -4.39
CA TYR G 310 -26.71 19.60 -4.46
C TYR G 310 -26.42 18.67 -3.30
N ILE G 311 -27.36 18.54 -2.37
CA ILE G 311 -27.25 17.57 -1.26
C ILE G 311 -27.52 16.18 -1.85
N LYS G 312 -26.89 15.15 -1.31
CA LYS G 312 -27.23 13.76 -1.69
C LYS G 312 -28.67 13.47 -1.27
N GLY G 313 -29.38 12.68 -2.06
CA GLY G 313 -30.70 12.15 -1.70
C GLY G 313 -31.79 12.92 -2.38
N THR G 314 -32.78 13.38 -1.62
CA THR G 314 -34.05 13.92 -2.16
C THR G 314 -34.37 15.24 -1.46
N LEU G 315 -35.49 15.84 -1.84
CA LEU G 315 -36.08 17.02 -1.19
C LEU G 315 -36.08 16.84 0.32
N GLN G 316 -36.42 15.65 0.81
CA GLN G 316 -36.54 15.40 2.27
C GLN G 316 -35.20 15.70 2.94
N HIS G 317 -34.08 15.29 2.34
CA HIS G 317 -32.73 15.54 2.93
C HIS G 317 -32.44 17.06 2.91
N ALA G 318 -32.76 17.74 1.82
CA ALA G 318 -32.59 19.21 1.72
C ALA G 318 -33.41 19.89 2.83
N GLN G 319 -34.65 19.45 3.05
CA GLN G 319 -35.50 20.04 4.11
C GLN G 319 -34.88 19.80 5.49
N VAL G 320 -34.36 18.60 5.76
CA VAL G 320 -33.77 18.30 7.07
C VAL G 320 -32.52 19.17 7.27
N PHE G 321 -31.68 19.30 6.25
CA PHE G 321 -30.48 20.18 6.31
C PHE G 321 -30.94 21.61 6.69
N LEU G 322 -31.93 22.15 5.99
CA LEU G 322 -32.37 23.56 6.16
C LEU G 322 -33.09 23.75 7.51
N LYS G 323 -33.62 22.70 8.12
CA LYS G 323 -34.24 22.74 9.47
C LYS G 323 -33.17 22.66 10.56
N ASN G 324 -31.98 22.12 10.29
CA ASN G 324 -30.96 21.87 11.34
C ASN G 324 -29.84 22.92 11.36
N ILE G 325 -29.69 23.74 10.31
CA ILE G 325 -28.70 24.86 10.34
C ILE G 325 -29.06 25.79 11.51
N LYS G 326 -28.06 26.22 12.28
CA LYS G 326 -28.28 27.04 13.50
C LYS G 326 -27.55 28.38 13.39
N LEU G 327 -26.64 28.53 12.44
CA LEU G 327 -25.89 29.79 12.22
C LEU G 327 -26.35 30.39 10.89
N PHE G 328 -26.25 29.63 9.80
CA PHE G 328 -27.00 29.92 8.56
C PHE G 328 -28.48 29.97 8.93
N ALA G 329 -29.23 30.93 8.38
CA ALA G 329 -30.68 31.08 8.58
C ALA G 329 -31.38 30.73 7.27
N LEU G 330 -32.47 29.97 7.36
CA LEU G 330 -33.35 29.69 6.20
C LEU G 330 -34.13 30.96 5.90
N ALA G 331 -33.79 31.61 4.81
CA ALA G 331 -34.35 32.93 4.46
C ALA G 331 -33.97 33.24 3.02
N GLU G 332 -34.77 34.05 2.37
CA GLU G 332 -34.41 34.61 1.06
C GLU G 332 -33.32 35.68 1.22
N SER G 333 -32.81 36.11 0.10
CA SER G 333 -31.80 37.18 -0.07
C SER G 333 -30.39 36.63 0.15
N LEU G 334 -29.44 37.52 -0.04
CA LEU G 334 -28.00 37.17 -0.10
C LEU G 334 -27.21 38.46 0.06
N GLY G 335 -25.91 38.32 0.28
CA GLY G 335 -24.97 39.43 0.21
C GLY G 335 -24.96 40.24 1.51
N GLY G 336 -25.60 39.74 2.56
CA GLY G 336 -25.52 40.35 3.88
C GLY G 336 -24.35 39.85 4.71
N TYR G 337 -24.10 40.49 5.84
CA TYR G 337 -23.06 40.06 6.80
C TYR G 337 -23.45 38.72 7.46
N GLU G 338 -24.74 38.39 7.47
CA GLU G 338 -25.26 37.16 8.13
C GLU G 338 -25.39 36.06 7.07
N SER G 339 -25.02 34.84 7.42
CA SER G 339 -25.07 33.66 6.52
C SER G 339 -26.54 33.24 6.32
N LEU G 340 -26.95 33.03 5.08
CA LEU G 340 -28.32 32.63 4.69
C LEU G 340 -28.27 31.37 3.80
N ALA G 341 -29.36 30.63 3.79
CA ALA G 341 -29.54 29.42 2.96
C ALA G 341 -30.96 29.39 2.44
N GLU G 342 -31.14 28.95 1.21
CA GLU G 342 -32.49 28.77 0.65
C GLU G 342 -32.51 27.57 -0.31
N LEU G 343 -33.72 27.16 -0.66
CA LEU G 343 -34.03 26.07 -1.62
C LEU G 343 -34.71 26.72 -2.80
N PRO G 344 -33.95 27.13 -3.84
CA PRO G 344 -34.50 27.93 -4.93
C PRO G 344 -35.74 27.36 -5.61
N ALA G 345 -35.82 26.04 -5.77
CA ALA G 345 -36.96 25.41 -6.50
C ALA G 345 -38.29 25.74 -5.80
N ILE G 346 -38.27 25.90 -4.48
CA ILE G 346 -39.48 26.12 -3.65
C ILE G 346 -39.59 27.58 -3.21
N MET G 347 -38.52 28.36 -3.30
CA MET G 347 -38.47 29.74 -2.74
C MET G 347 -38.24 30.74 -3.88
N THR G 348 -37.01 31.19 -4.15
CA THR G 348 -36.77 32.28 -5.13
C THR G 348 -37.21 31.94 -6.55
N HIS G 349 -37.20 30.66 -6.94
CA HIS G 349 -37.46 30.25 -8.36
C HIS G 349 -38.76 29.47 -8.46
N ALA G 350 -39.62 29.53 -7.46
CA ALA G 350 -40.92 28.82 -7.46
C ALA G 350 -41.79 29.30 -8.63
N SER G 351 -41.67 30.56 -9.06
CA SER G 351 -42.48 31.12 -10.17
C SER G 351 -42.00 30.61 -11.53
N VAL G 352 -40.77 30.11 -11.63
CA VAL G 352 -40.24 29.55 -12.92
C VAL G 352 -40.94 28.21 -13.16
N PRO G 353 -41.51 27.97 -14.36
CA PRO G 353 -42.20 26.69 -14.62
C PRO G 353 -41.32 25.49 -14.30
N GLU G 354 -41.92 24.44 -13.75
CA GLU G 354 -41.23 23.22 -13.23
C GLU G 354 -40.33 22.65 -14.35
N LYS G 355 -40.80 22.64 -15.60
CA LYS G 355 -40.03 22.03 -16.73
C LYS G 355 -38.78 22.89 -17.03
N ASP G 356 -38.91 24.22 -16.90
CA ASP G 356 -37.77 25.16 -17.10
C ASP G 356 -36.77 24.96 -15.95
N ARG G 357 -37.23 24.82 -14.71
CA ARG G 357 -36.32 24.56 -13.57
C ARG G 357 -35.52 23.27 -13.84
N ALA G 358 -36.18 22.23 -14.33
CA ALA G 358 -35.52 20.93 -14.60
C ALA G 358 -34.40 21.13 -15.64
N THR G 359 -34.69 21.80 -16.76
CA THR G 359 -33.67 22.03 -17.80
C THR G 359 -32.51 22.86 -17.24
N LEU G 360 -32.75 23.81 -16.33
CA LEU G 360 -31.68 24.70 -15.81
C LEU G 360 -30.88 24.06 -14.68
N GLY G 361 -31.34 22.93 -14.13
CA GLY G 361 -30.66 22.29 -12.99
C GLY G 361 -31.13 22.83 -11.65
N ILE G 362 -32.25 23.55 -11.61
CA ILE G 362 -32.83 24.09 -10.34
C ILE G 362 -33.75 23.01 -9.77
N SER G 363 -33.13 21.96 -9.24
CA SER G 363 -33.77 20.73 -8.76
C SER G 363 -34.13 20.90 -7.29
N ASP G 364 -34.87 19.93 -6.76
CA ASP G 364 -35.36 19.91 -5.37
C ASP G 364 -34.20 19.64 -4.41
N THR G 365 -32.98 19.31 -4.88
CA THR G 365 -31.82 19.10 -3.97
C THR G 365 -30.80 20.23 -4.09
N LEU G 366 -31.06 21.27 -4.88
CA LEU G 366 -30.16 22.44 -5.03
CA LEU G 366 -30.16 22.44 -5.03
C LEU G 366 -30.40 23.38 -3.84
N ILE G 367 -29.35 23.62 -3.07
CA ILE G 367 -29.36 24.60 -1.95
C ILE G 367 -28.42 25.76 -2.35
N ARG G 368 -28.90 26.99 -2.20
CA ARG G 368 -28.07 28.20 -2.41
C ARG G 368 -27.67 28.74 -1.05
N LEU G 369 -26.38 28.90 -0.82
CA LEU G 369 -25.83 29.54 0.40
C LEU G 369 -25.31 30.94 0.07
N SER G 370 -25.59 31.88 0.95
CA SER G 370 -24.94 33.20 0.99
C SER G 370 -24.06 33.22 2.23
N VAL G 371 -22.77 33.04 2.05
CA VAL G 371 -21.84 32.93 3.19
C VAL G 371 -21.53 34.37 3.65
N GLY G 372 -21.77 34.63 4.92
CA GLY G 372 -21.58 35.92 5.60
C GLY G 372 -20.18 36.10 6.16
N LEU G 373 -20.06 36.94 7.19
CA LEU G 373 -18.78 37.45 7.71
C LEU G 373 -18.47 36.80 9.05
N GLU G 374 -19.16 35.73 9.42
CA GLU G 374 -18.89 35.03 10.72
C GLU G 374 -17.50 34.37 10.67
N ASP G 375 -17.04 33.88 11.82
CA ASP G 375 -15.79 33.11 11.91
C ASP G 375 -15.94 31.79 11.11
N GLU G 376 -14.94 31.53 10.27
CA GLU G 376 -14.91 30.38 9.34
C GLU G 376 -15.21 29.08 10.10
N LYS G 377 -14.55 28.83 11.24
CA LYS G 377 -14.71 27.55 11.96
C LYS G 377 -16.18 27.36 12.37
N ASP G 378 -16.86 28.41 12.83
CA ASP G 378 -18.29 28.34 13.26
C ASP G 378 -19.16 27.99 12.06
N LEU G 379 -18.86 28.54 10.88
CA LEU G 379 -19.65 28.26 9.65
C LEU G 379 -19.47 26.77 9.25
N LEU G 380 -18.25 26.25 9.30
CA LEU G 380 -17.96 24.85 8.87
C LEU G 380 -18.59 23.87 9.85
N GLU G 381 -18.54 24.15 11.15
CA GLU G 381 -19.20 23.31 12.18
C GLU G 381 -20.71 23.30 11.96
N ASP G 382 -21.32 24.44 11.63
CA ASP G 382 -22.79 24.52 11.40
C ASP G 382 -23.18 23.65 10.18
N LEU G 383 -22.47 23.79 9.07
CA LEU G 383 -22.78 23.02 7.85
C LEU G 383 -22.58 21.53 8.13
N GLY G 384 -21.49 21.18 8.82
CA GLY G 384 -21.16 19.77 9.14
C GLY G 384 -22.29 19.11 9.93
N GLN G 385 -22.75 19.73 11.02
CA GLN G 385 -23.77 19.13 11.90
C GLN G 385 -25.11 19.08 11.15
N ALA G 386 -25.43 20.07 10.31
CA ALA G 386 -26.71 20.06 9.57
C ALA G 386 -26.70 18.95 8.51
N LEU G 387 -25.60 18.77 7.80
CA LEU G 387 -25.47 17.67 6.79
C LEU G 387 -25.54 16.32 7.50
N LYS G 388 -24.95 16.18 8.69
CA LYS G 388 -25.00 14.92 9.49
C LYS G 388 -26.45 14.65 9.93
N ALA G 389 -27.23 15.67 10.28
CA ALA G 389 -28.66 15.50 10.62
C ALA G 389 -29.40 14.96 9.39
N ALA G 390 -29.05 15.39 8.18
CA ALA G 390 -29.73 14.96 6.93
C ALA G 390 -29.30 13.53 6.54
N HIS G 391 -28.03 13.18 6.74
CA HIS G 391 -27.42 11.87 6.38
C HIS G 391 -26.59 11.37 7.55
N PRO G 392 -27.23 10.73 8.55
CA PRO G 392 -26.52 10.27 9.75
C PRO G 392 -25.31 9.38 9.41
N GLY H 3 -72.41 73.44 3.62
CA GLY H 3 -73.30 72.66 2.70
C GLY H 3 -72.58 71.47 2.06
N PHE H 4 -71.36 71.13 2.47
CA PHE H 4 -70.65 69.92 1.98
C PHE H 4 -71.28 68.65 2.56
N LEU H 5 -70.97 67.49 1.99
CA LEU H 5 -71.34 66.17 2.55
C LEU H 5 -70.91 66.15 4.02
N PRO H 6 -71.65 65.42 4.90
CA PRO H 6 -71.22 65.30 6.29
C PRO H 6 -69.86 64.60 6.41
N SER H 7 -69.03 65.02 7.35
CA SER H 7 -67.67 64.48 7.63
C SER H 7 -67.72 62.97 7.82
N PHE H 8 -66.66 62.26 7.40
CA PHE H 8 -66.49 60.82 7.68
C PHE H 8 -66.47 60.65 9.22
N GLN H 9 -67.28 59.68 9.65
CA GLN H 9 -67.42 59.33 11.07
C GLN H 9 -66.28 58.31 11.23
N HIS H 10 -65.60 58.43 12.36
CA HIS H 10 -64.58 57.50 12.91
C HIS H 10 -63.26 57.72 12.19
N PHE H 11 -63.10 58.76 11.38
CA PHE H 11 -61.89 58.93 10.55
C PHE H 11 -60.66 59.03 11.44
N ALA H 12 -60.70 59.91 12.45
CA ALA H 12 -59.52 60.17 13.30
C ALA H 12 -59.19 58.92 14.11
N THR H 13 -60.22 58.22 14.62
CA THR H 13 -60.03 56.97 15.37
C THR H 13 -59.34 55.93 14.48
N GLN H 14 -59.84 55.75 13.27
CA GLN H 14 -59.26 54.77 12.32
C GLN H 14 -57.84 55.16 11.92
N ALA H 15 -57.57 56.44 11.70
CA ALA H 15 -56.24 56.90 11.26
C ALA H 15 -55.21 56.57 12.36
N ILE H 16 -55.65 56.52 13.60
CA ILE H 16 -54.75 56.29 14.77
C ILE H 16 -54.65 54.79 15.07
N HIS H 17 -55.72 54.00 14.91
CA HIS H 17 -55.82 52.63 15.49
C HIS H 17 -55.82 51.52 14.44
N VAL H 18 -56.32 51.73 13.23
CA VAL H 18 -56.49 50.57 12.30
C VAL H 18 -55.11 50.04 11.92
N GLY H 19 -54.91 48.74 12.13
CA GLY H 19 -53.63 48.07 11.82
C GLY H 19 -52.54 48.32 12.86
N GLN H 20 -52.82 49.08 13.93
CA GLN H 20 -51.78 49.56 14.88
C GLN H 20 -51.92 48.84 16.25
N GLU H 21 -52.59 47.70 16.31
CA GLU H 21 -52.76 46.91 17.56
C GLU H 21 -51.40 46.61 18.16
N PRO H 22 -51.11 47.01 19.41
CA PRO H 22 -49.85 46.66 20.05
C PRO H 22 -49.59 45.15 20.18
N GLU H 23 -50.66 44.36 20.22
CA GLU H 23 -50.60 42.88 20.41
C GLU H 23 -49.86 42.22 19.24
N GLN H 24 -49.74 42.85 18.08
CA GLN H 24 -49.03 42.22 16.94
C GLN H 24 -47.50 42.27 17.13
N TRP H 25 -46.98 43.08 18.06
CA TRP H 25 -45.51 43.22 18.27
C TRP H 25 -45.12 42.44 19.53
N SER H 26 -43.98 41.76 19.50
CA SER H 26 -43.43 41.04 20.68
C SER H 26 -43.33 41.98 21.88
N SER H 27 -42.92 43.21 21.66
CA SER H 27 -42.71 44.24 22.72
C SER H 27 -44.01 44.86 23.20
N ARG H 28 -45.11 44.72 22.48
CA ARG H 28 -46.40 45.45 22.72
C ARG H 28 -46.18 46.97 22.56
N ALA H 29 -45.22 47.39 21.76
CA ALA H 29 -45.00 48.82 21.40
C ALA H 29 -46.32 49.44 20.96
N VAL H 30 -46.61 50.65 21.43
CA VAL H 30 -47.89 51.36 21.10
CA VAL H 30 -47.89 51.35 21.09
C VAL H 30 -47.74 52.05 19.73
N VAL H 31 -46.51 52.18 19.24
CA VAL H 31 -46.22 52.78 17.91
C VAL H 31 -45.52 51.70 17.06
N LEU H 32 -45.88 51.59 15.80
CA LEU H 32 -45.31 50.54 14.91
C LEU H 32 -43.81 50.71 14.78
N PRO H 33 -43.06 49.59 14.89
CA PRO H 33 -41.63 49.60 14.65
C PRO H 33 -41.31 49.85 13.17
N ILE H 34 -40.13 50.37 12.93
CA ILE H 34 -39.53 50.44 11.57
C ILE H 34 -38.72 49.15 11.39
N SER H 35 -39.22 48.26 10.57
CA SER H 35 -38.49 47.01 10.27
C SER H 35 -37.80 47.17 8.91
N LEU H 36 -36.49 47.36 8.92
CA LEU H 36 -35.70 47.55 7.68
C LEU H 36 -35.31 46.19 7.06
N ALA H 37 -35.40 45.08 7.80
CA ALA H 37 -34.89 43.76 7.34
C ALA H 37 -35.42 43.47 5.92
N THR H 38 -34.51 43.05 5.03
CA THR H 38 -34.88 42.66 3.66
C THR H 38 -35.48 41.25 3.66
N THR H 39 -35.16 40.46 4.67
CA THR H 39 -35.55 39.04 4.70
C THR H 39 -35.91 38.58 6.11
N PHE H 40 -36.53 37.41 6.16
CA PHE H 40 -37.24 36.89 7.35
C PHE H 40 -36.97 35.38 7.42
N LYS H 41 -36.65 34.90 8.61
CA LYS H 41 -36.36 33.46 8.81
C LYS H 41 -37.63 32.64 8.65
N GLN H 42 -37.59 31.61 7.80
CA GLN H 42 -38.75 30.70 7.54
C GLN H 42 -38.60 29.46 8.44
N ASP H 43 -39.72 28.92 8.92
CA ASP H 43 -39.76 27.64 9.69
C ASP H 43 -39.49 26.45 8.75
N SER H 44 -39.93 26.54 7.51
CA SER H 44 -39.57 25.50 6.50
C SER H 44 -39.65 26.13 5.12
N PRO H 45 -38.97 25.54 4.13
CA PRO H 45 -38.83 26.20 2.84
C PRO H 45 -40.19 26.47 2.19
N GLY H 46 -40.40 27.71 1.75
CA GLY H 46 -41.60 28.15 1.03
C GLY H 46 -42.86 28.02 1.87
N GLN H 47 -42.73 28.19 3.19
CA GLN H 47 -43.95 28.24 4.05
C GLN H 47 -44.87 29.32 3.46
N SER H 48 -46.19 29.07 3.48
CA SER H 48 -47.27 29.93 2.93
C SER H 48 -47.61 31.10 3.87
N SER H 49 -47.18 31.06 5.15
CA SER H 49 -47.46 32.12 6.13
C SER H 49 -46.22 33.02 6.35
N GLY H 50 -46.45 34.19 6.89
CA GLY H 50 -45.42 35.12 7.40
C GLY H 50 -44.82 35.95 6.28
N PHE H 51 -43.81 36.72 6.62
CA PHE H 51 -43.05 37.56 5.68
C PHE H 51 -41.96 36.71 5.04
N VAL H 52 -41.57 37.07 3.82
CA VAL H 52 -40.58 36.30 3.03
C VAL H 52 -39.46 37.23 2.58
N TYR H 53 -39.80 38.36 1.96
CA TYR H 53 -38.83 39.25 1.31
C TYR H 53 -39.45 40.65 1.25
N SER H 54 -38.69 41.65 1.66
CA SER H 54 -39.20 43.02 1.92
C SER H 54 -39.97 43.56 0.72
N ARG H 55 -39.47 43.38 -0.51
CA ARG H 55 -40.18 43.91 -1.70
C ARG H 55 -41.61 43.35 -1.77
N SER H 56 -41.80 42.09 -1.40
CA SER H 56 -43.10 41.37 -1.51
C SER H 56 -44.02 41.79 -0.36
N GLY H 57 -43.47 42.28 0.74
CA GLY H 57 -44.25 42.64 1.92
C GLY H 57 -43.38 42.71 3.13
N ASN H 58 -43.69 43.62 4.04
CA ASN H 58 -42.86 43.81 5.24
C ASN H 58 -43.77 44.44 6.29
N PRO H 59 -43.43 44.27 7.58
CA PRO H 59 -44.32 44.69 8.65
C PRO H 59 -44.75 46.16 8.61
N THR H 60 -43.82 47.08 8.40
CA THR H 60 -44.09 48.53 8.45
C THR H 60 -44.99 48.88 7.27
N ARG H 61 -44.64 48.46 6.05
CA ARG H 61 -45.47 48.78 4.86
C ARG H 61 -46.87 48.17 5.04
N ASN H 62 -46.96 46.92 5.48
CA ASN H 62 -48.27 46.22 5.55
C ASN H 62 -49.17 46.93 6.57
N CYS H 63 -48.59 47.47 7.63
CA CYS H 63 -49.32 48.25 8.66
CA CYS H 63 -49.32 48.25 8.66
C CYS H 63 -49.83 49.57 8.08
N LEU H 64 -48.99 50.30 7.36
CA LEU H 64 -49.44 51.53 6.66
C LEU H 64 -50.59 51.18 5.71
N GLU H 65 -50.46 50.13 4.90
CA GLU H 65 -51.49 49.77 3.88
C GLU H 65 -52.83 49.48 4.56
N LYS H 66 -52.84 48.86 5.73
CA LYS H 66 -54.10 48.59 6.48
C LYS H 66 -54.75 49.93 6.90
N ALA H 67 -53.96 50.88 7.39
CA ALA H 67 -54.48 52.19 7.85
C ALA H 67 -55.05 52.95 6.65
N VAL H 68 -54.31 53.02 5.54
CA VAL H 68 -54.76 53.82 4.37
C VAL H 68 -56.03 53.20 3.80
N ALA H 69 -56.10 51.88 3.70
CA ALA H 69 -57.29 51.16 3.20
C ALA H 69 -58.52 51.64 4.00
N ALA H 70 -58.44 51.69 5.32
CA ALA H 70 -59.57 52.13 6.17
C ALA H 70 -59.93 53.59 5.84
N LEU H 71 -58.94 54.47 5.70
CA LEU H 71 -59.20 55.91 5.43
C LEU H 71 -59.80 56.10 4.04
N ASP H 72 -59.49 55.23 3.07
CA ASP H 72 -60.02 55.33 1.68
C ASP H 72 -61.35 54.57 1.56
N GLY H 73 -61.84 53.95 2.63
CA GLY H 73 -63.06 53.11 2.56
C GLY H 73 -62.85 51.90 1.66
N ALA H 74 -61.64 51.33 1.67
CA ALA H 74 -61.23 50.28 0.73
C ALA H 74 -60.97 48.97 1.48
N LYS H 75 -61.08 47.85 0.80
CA LYS H 75 -60.67 46.52 1.33
C LYS H 75 -59.15 46.36 1.20
N HIS H 76 -58.52 47.01 0.24
CA HIS H 76 -57.10 46.74 -0.12
C HIS H 76 -56.37 48.05 -0.41
N CYS H 77 -55.12 48.16 0.02
CA CYS H 77 -54.26 49.32 -0.33
C CYS H 77 -52.86 48.83 -0.66
N LEU H 78 -52.25 49.44 -1.66
CA LEU H 78 -50.87 49.16 -2.09
C LEU H 78 -50.07 50.47 -2.08
N THR H 79 -48.87 50.45 -1.53
CA THR H 79 -47.96 51.61 -1.49
C THR H 79 -46.84 51.45 -2.53
N PHE H 80 -46.41 52.57 -3.06
CA PHE H 80 -45.40 52.69 -4.14
C PHE H 80 -44.40 53.78 -3.79
N ALA H 81 -43.29 53.77 -4.51
CA ALA H 81 -42.13 54.66 -4.32
C ALA H 81 -42.53 56.11 -4.63
N SER H 82 -43.59 56.36 -5.37
CA SER H 82 -44.05 57.72 -5.74
C SER H 82 -45.45 57.65 -6.33
N GLY H 83 -46.14 58.78 -6.43
CA GLY H 83 -47.37 58.88 -7.22
C GLY H 83 -47.18 58.42 -8.65
N LEU H 84 -46.10 58.84 -9.31
CA LEU H 84 -45.84 58.40 -10.70
C LEU H 84 -45.58 56.89 -10.74
N ALA H 85 -44.93 56.29 -9.75
CA ALA H 85 -44.73 54.82 -9.73
C ALA H 85 -46.10 54.13 -9.60
N ALA H 86 -47.02 54.68 -8.82
CA ALA H 86 -48.38 54.14 -8.70
C ALA H 86 -49.07 54.21 -10.08
N THR H 87 -48.90 55.33 -10.78
CA THR H 87 -49.50 55.57 -12.12
C THR H 87 -48.95 54.53 -13.12
N THR H 88 -47.63 54.35 -13.13
CA THR H 88 -46.95 53.33 -13.98
C THR H 88 -47.49 51.94 -13.67
N THR H 89 -47.60 51.58 -12.39
CA THR H 89 -48.05 50.24 -11.98
C THR H 89 -49.50 50.03 -12.45
N ILE H 90 -50.39 50.99 -12.25
CA ILE H 90 -51.82 50.87 -12.69
C ILE H 90 -51.84 50.67 -14.20
N THR H 91 -51.03 51.40 -14.95
CA THR H 91 -51.03 51.32 -16.44
C THR H 91 -50.61 49.90 -16.87
N HIS H 92 -49.76 49.24 -16.09
CA HIS H 92 -49.31 47.85 -16.38
C HIS H 92 -50.44 46.84 -16.14
N LEU H 93 -51.60 47.24 -15.61
CA LEU H 93 -52.81 46.35 -15.60
C LEU H 93 -53.26 46.04 -17.04
N LEU H 94 -52.87 46.86 -18.00
CA LEU H 94 -53.39 46.76 -19.39
C LEU H 94 -52.47 45.89 -20.23
N LYS H 95 -52.60 45.97 -21.55
CA LYS H 95 -51.72 45.25 -22.49
C LYS H 95 -51.75 45.96 -23.84
N ALA H 96 -50.79 45.64 -24.70
CA ALA H 96 -50.70 46.17 -26.09
C ALA H 96 -52.08 46.06 -26.75
N GLY H 97 -52.55 47.12 -27.39
CA GLY H 97 -53.86 47.17 -28.08
C GLY H 97 -54.94 47.85 -27.26
N ASP H 98 -54.71 48.08 -25.97
CA ASP H 98 -55.71 48.74 -25.10
C ASP H 98 -55.64 50.25 -25.27
N GLU H 99 -56.73 50.93 -24.89
CA GLU H 99 -56.82 52.40 -24.97
C GLU H 99 -57.09 52.94 -23.57
N VAL H 100 -56.49 54.08 -23.29
CA VAL H 100 -56.66 54.87 -22.05
C VAL H 100 -57.30 56.21 -22.45
N ILE H 101 -58.32 56.61 -21.70
CA ILE H 101 -58.83 58.01 -21.73
C ILE H 101 -58.34 58.70 -20.47
N CYS H 102 -57.65 59.82 -20.63
CA CYS H 102 -57.10 60.62 -19.53
C CYS H 102 -57.79 61.98 -19.52
N MET H 103 -58.18 62.45 -18.33
CA MET H 103 -58.62 63.85 -18.11
C MET H 103 -57.62 64.78 -18.82
N ASP H 104 -58.13 65.78 -19.55
CA ASP H 104 -57.27 66.63 -20.42
C ASP H 104 -56.31 67.43 -19.56
N GLU H 105 -56.72 67.87 -18.38
CA GLU H 105 -55.83 68.61 -17.47
C GLU H 105 -55.40 67.71 -16.31
N VAL H 106 -54.13 67.33 -16.30
CA VAL H 106 -53.55 66.50 -15.21
C VAL H 106 -52.21 67.11 -14.86
N TYR H 107 -51.64 66.65 -13.75
CA TYR H 107 -50.24 66.95 -13.40
C TYR H 107 -49.40 66.76 -14.66
N GLY H 108 -48.46 67.69 -14.89
CA GLY H 108 -47.52 67.64 -16.03
C GLY H 108 -46.85 66.28 -16.18
N GLY H 109 -46.40 65.69 -15.07
CA GLY H 109 -45.70 64.38 -15.11
C GLY H 109 -46.64 63.25 -15.51
N THR H 110 -47.92 63.31 -15.17
CA THR H 110 -48.90 62.30 -15.59
C THR H 110 -49.07 62.39 -17.11
N ASN H 111 -49.23 63.62 -17.60
CA ASN H 111 -49.34 63.91 -19.05
C ASN H 111 -48.10 63.34 -19.75
N ARG H 112 -46.91 63.68 -19.28
CA ARG H 112 -45.62 63.22 -19.86
C ARG H 112 -45.57 61.69 -19.90
N TYR H 113 -45.94 61.01 -18.81
CA TYR H 113 -45.90 59.53 -18.75
C TYR H 113 -46.81 58.95 -19.82
N PHE H 114 -48.07 59.34 -19.88
CA PHE H 114 -49.04 58.77 -20.83
C PHE H 114 -48.61 59.10 -22.27
N ARG H 115 -48.29 60.36 -22.52
CA ARG H 115 -48.07 60.91 -23.88
C ARG H 115 -46.74 60.38 -24.44
N ARG H 116 -45.69 60.33 -23.65
CA ARG H 116 -44.30 60.06 -24.16
C ARG H 116 -43.83 58.64 -23.82
N VAL H 117 -44.38 57.98 -22.79
CA VAL H 117 -43.86 56.63 -22.37
C VAL H 117 -44.91 55.55 -22.68
N ALA H 118 -46.05 55.55 -22.02
CA ALA H 118 -47.07 54.48 -22.15
C ALA H 118 -47.46 54.29 -23.61
N SER H 119 -47.57 55.38 -24.35
CA SER H 119 -48.02 55.40 -25.77
C SER H 119 -47.02 54.64 -26.66
N GLU H 120 -45.78 54.41 -26.21
CA GLU H 120 -44.74 53.70 -27.00
C GLU H 120 -44.83 52.18 -26.80
N PHE H 121 -45.66 51.70 -25.88
CA PHE H 121 -45.79 50.25 -25.54
C PHE H 121 -47.18 49.73 -25.96
N GLY H 122 -47.70 50.22 -27.08
CA GLY H 122 -48.92 49.67 -27.72
C GLY H 122 -50.20 50.16 -27.03
N LEU H 123 -50.13 51.19 -26.21
CA LEU H 123 -51.32 51.81 -25.58
C LEU H 123 -51.67 53.07 -26.37
N LYS H 124 -52.93 53.24 -26.68
CA LYS H 124 -53.45 54.46 -27.33
C LYS H 124 -53.96 55.36 -26.19
N ILE H 125 -53.49 56.59 -26.11
CA ILE H 125 -53.90 57.57 -25.06
C ILE H 125 -54.71 58.69 -25.74
N SER H 126 -55.89 59.00 -25.23
CA SER H 126 -56.73 60.15 -25.65
C SER H 126 -56.93 61.04 -24.43
N PHE H 127 -56.70 62.34 -24.57
CA PHE H 127 -56.98 63.34 -23.53
C PHE H 127 -58.36 63.92 -23.79
N VAL H 128 -59.25 63.89 -22.81
CA VAL H 128 -60.68 64.28 -22.98
C VAL H 128 -61.06 65.14 -21.79
N ASP H 129 -61.83 66.20 -22.02
CA ASP H 129 -62.37 67.03 -20.93
C ASP H 129 -63.52 66.26 -20.24
N CYS H 130 -63.20 65.52 -19.18
CA CYS H 130 -64.17 64.62 -18.49
C CYS H 130 -65.06 65.44 -17.52
N SER H 131 -64.88 66.75 -17.41
CA SER H 131 -65.87 67.65 -16.75
C SER H 131 -67.16 67.68 -17.58
N LYS H 132 -67.11 67.24 -18.85
CA LYS H 132 -68.30 67.12 -19.72
C LYS H 132 -68.52 65.64 -20.02
N THR H 133 -69.47 65.01 -19.33
CA THR H 133 -69.68 63.55 -19.39
C THR H 133 -70.03 63.12 -20.82
N LYS H 134 -70.64 63.97 -21.65
CA LYS H 134 -70.96 63.57 -23.06
C LYS H 134 -69.66 63.38 -23.86
N LEU H 135 -68.61 64.13 -23.55
CA LEU H 135 -67.31 63.98 -24.27
C LEU H 135 -66.65 62.65 -23.84
N LEU H 136 -66.79 62.26 -22.57
CA LEU H 136 -66.26 60.96 -22.09
C LEU H 136 -67.00 59.83 -22.82
N GLU H 137 -68.33 59.86 -22.79
CA GLU H 137 -69.24 58.88 -23.46
C GLU H 137 -68.78 58.71 -24.91
N ALA H 138 -68.55 59.80 -25.65
CA ALA H 138 -68.21 59.74 -27.10
C ALA H 138 -66.80 59.19 -27.34
N ALA H 139 -65.87 59.31 -26.39
CA ALA H 139 -64.46 58.88 -26.58
C ALA H 139 -64.31 57.39 -26.32
N ILE H 140 -65.26 56.74 -25.65
CA ILE H 140 -65.13 55.30 -25.30
C ILE H 140 -65.28 54.47 -26.58
N THR H 141 -64.39 53.51 -26.78
CA THR H 141 -64.42 52.53 -27.90
C THR H 141 -64.38 51.13 -27.29
N PRO H 142 -64.60 50.07 -28.08
CA PRO H 142 -64.46 48.71 -27.57
C PRO H 142 -63.05 48.40 -27.03
N GLN H 143 -62.03 49.18 -27.41
CA GLN H 143 -60.64 48.95 -26.95
C GLN H 143 -60.34 49.74 -25.66
N THR H 144 -61.23 50.63 -25.21
CA THR H 144 -61.03 51.39 -23.96
C THR H 144 -60.99 50.43 -22.77
N LYS H 145 -59.93 50.49 -21.96
CA LYS H 145 -59.81 49.61 -20.77
C LYS H 145 -59.59 50.42 -19.49
N LEU H 146 -59.28 51.70 -19.59
CA LEU H 146 -58.90 52.54 -18.42
CA LEU H 146 -58.90 52.53 -18.43
C LEU H 146 -59.33 53.98 -18.70
N VAL H 147 -59.97 54.58 -17.72
CA VAL H 147 -60.30 56.03 -17.70
C VAL H 147 -59.64 56.61 -16.46
N TRP H 148 -58.77 57.59 -16.64
CA TRP H 148 -57.93 58.21 -15.60
C TRP H 148 -58.44 59.63 -15.37
N ILE H 149 -59.02 59.92 -14.22
CA ILE H 149 -59.52 61.28 -13.89
CA ILE H 149 -59.52 61.28 -13.89
C ILE H 149 -58.84 61.80 -12.61
N GLU H 150 -58.38 63.05 -12.66
CA GLU H 150 -58.00 63.86 -11.48
C GLU H 150 -59.19 64.76 -11.20
N THR H 151 -59.58 64.90 -9.95
CA THR H 151 -60.59 65.93 -9.58
C THR H 151 -60.36 66.31 -8.13
N PRO H 152 -60.14 67.59 -7.81
CA PRO H 152 -59.95 68.65 -8.80
C PRO H 152 -58.62 68.52 -9.57
N THR H 153 -58.52 69.14 -10.75
CA THR H 153 -57.33 69.00 -11.64
C THR H 153 -56.17 69.87 -11.16
N ASN H 154 -54.97 69.39 -11.43
CA ASN H 154 -53.71 70.12 -11.15
C ASN H 154 -53.32 70.81 -12.46
N PRO H 155 -53.28 72.16 -12.57
CA PRO H 155 -53.43 73.11 -11.47
C PRO H 155 -54.64 74.06 -11.47
N THR H 156 -55.61 73.87 -12.36
CA THR H 156 -56.73 74.86 -12.50
C THR H 156 -57.97 74.41 -11.72
N LEU H 157 -57.93 73.28 -11.00
CA LEU H 157 -58.98 72.91 -10.02
C LEU H 157 -60.35 72.77 -10.69
N LYS H 158 -60.37 72.21 -11.88
CA LYS H 158 -61.60 71.76 -12.59
C LYS H 158 -62.05 70.44 -11.94
N LEU H 159 -63.35 70.24 -11.80
CA LEU H 159 -63.91 69.00 -11.21
C LEU H 159 -64.46 68.08 -12.29
N ALA H 160 -64.51 66.80 -11.99
CA ALA H 160 -65.30 65.80 -12.73
C ALA H 160 -66.30 65.20 -11.75
N ASP H 161 -67.50 64.89 -12.25
CA ASP H 161 -68.57 64.23 -11.47
C ASP H 161 -68.23 62.75 -11.44
N ILE H 162 -67.68 62.28 -10.33
CA ILE H 162 -67.14 60.89 -10.27
C ILE H 162 -68.28 59.89 -10.48
N LYS H 163 -69.41 60.04 -9.77
CA LYS H 163 -70.55 59.10 -9.87
C LYS H 163 -71.07 59.07 -11.32
N ALA H 164 -71.21 60.23 -11.97
CA ALA H 164 -71.71 60.30 -13.36
C ALA H 164 -70.70 59.64 -14.31
N CYS H 165 -69.40 59.86 -14.14
CA CYS H 165 -68.36 59.19 -14.97
C CYS H 165 -68.40 57.67 -14.72
N ALA H 166 -68.55 57.24 -13.47
CA ALA H 166 -68.59 55.80 -13.12
C ALA H 166 -69.77 55.14 -13.84
N GLN H 167 -70.95 55.79 -13.82
CA GLN H 167 -72.17 55.23 -14.46
C GLN H 167 -71.91 55.05 -15.96
N ILE H 168 -71.29 56.02 -16.61
CA ILE H 168 -70.97 55.95 -18.06
C ILE H 168 -69.99 54.79 -18.29
N VAL H 169 -68.89 54.68 -17.56
CA VAL H 169 -67.86 53.69 -17.93
C VAL H 169 -68.36 52.29 -17.57
N HIS H 170 -69.17 52.12 -16.53
CA HIS H 170 -69.63 50.78 -16.08
C HIS H 170 -70.79 50.27 -16.95
N LYS H 171 -71.33 51.05 -17.88
CA LYS H 171 -72.28 50.53 -18.92
C LYS H 171 -71.50 49.69 -19.92
N HIS H 172 -70.19 49.87 -20.03
CA HIS H 172 -69.34 49.06 -20.96
C HIS H 172 -68.72 47.90 -20.19
N LYS H 173 -68.21 46.91 -20.92
CA LYS H 173 -67.53 45.74 -20.32
C LYS H 173 -66.09 46.13 -19.95
N ASP H 174 -65.66 45.87 -18.73
CA ASP H 174 -64.22 45.75 -18.41
C ASP H 174 -63.50 47.10 -18.56
N ILE H 175 -64.11 48.22 -18.16
CA ILE H 175 -63.37 49.52 -18.09
C ILE H 175 -63.11 49.85 -16.62
N ILE H 176 -61.85 50.10 -16.29
CA ILE H 176 -61.40 50.53 -14.94
C ILE H 176 -61.48 52.05 -14.88
N LEU H 177 -62.20 52.59 -13.90
CA LEU H 177 -62.18 54.04 -13.60
C LEU H 177 -61.22 54.30 -12.44
N VAL H 178 -60.18 55.08 -12.70
CA VAL H 178 -59.19 55.54 -11.68
C VAL H 178 -59.52 56.98 -11.35
N VAL H 179 -59.62 57.32 -10.08
CA VAL H 179 -59.64 58.73 -9.65
C VAL H 179 -58.36 59.01 -8.88
N ASP H 180 -57.59 59.98 -9.34
CA ASP H 180 -56.44 60.56 -8.60
C ASP H 180 -56.98 61.57 -7.60
N ASN H 181 -56.92 61.19 -6.33
CA ASN H 181 -57.53 61.89 -5.16
C ASN H 181 -56.48 62.79 -4.45
N THR H 182 -55.33 63.06 -5.07
CA THR H 182 -54.19 63.75 -4.42
C THR H 182 -54.64 65.10 -3.85
N PHE H 183 -55.35 65.91 -4.62
CA PHE H 183 -55.66 67.31 -4.26
C PHE H 183 -56.70 67.37 -3.13
N MET H 184 -57.56 66.37 -2.94
CA MET H 184 -58.62 66.44 -1.89
C MET H 184 -58.14 65.78 -0.58
N SER H 185 -57.37 64.70 -0.68
CA SER H 185 -57.05 63.76 0.42
C SER H 185 -58.27 62.88 0.74
N ALA H 186 -58.00 61.75 1.38
CA ALA H 186 -59.01 60.79 1.85
C ALA H 186 -60.00 61.47 2.80
N TYR H 187 -59.61 62.54 3.46
CA TYR H 187 -60.49 63.19 4.45
C TYR H 187 -61.64 63.92 3.76
N PHE H 188 -61.44 64.44 2.55
CA PHE H 188 -62.46 65.32 1.91
C PHE H 188 -63.15 64.64 0.73
N GLN H 189 -62.61 63.57 0.18
CA GLN H 189 -63.23 62.90 -0.99
C GLN H 189 -62.92 61.41 -0.92
N ARG H 190 -63.92 60.58 -1.22
CA ARG H 190 -63.81 59.11 -1.18
C ARG H 190 -64.30 58.53 -2.50
N PRO H 191 -63.46 58.51 -3.55
CA PRO H 191 -63.89 58.04 -4.87
C PRO H 191 -64.43 56.61 -4.90
N LEU H 192 -63.94 55.70 -4.06
CA LEU H 192 -64.47 54.31 -4.03
C LEU H 192 -65.95 54.31 -3.59
N ALA H 193 -66.39 55.26 -2.78
CA ALA H 193 -67.81 55.35 -2.36
C ALA H 193 -68.66 55.99 -3.47
N LEU H 194 -68.05 56.55 -4.52
CA LEU H 194 -68.76 57.25 -5.61
C LEU H 194 -68.71 56.44 -6.90
N GLY H 195 -68.15 55.23 -6.88
CA GLY H 195 -68.17 54.31 -8.04
C GLY H 195 -66.82 54.12 -8.72
N ALA H 196 -65.75 54.83 -8.32
CA ALA H 196 -64.41 54.56 -8.88
C ALA H 196 -64.02 53.12 -8.57
N ASP H 197 -63.25 52.48 -9.46
CA ASP H 197 -62.66 51.15 -9.23
C ASP H 197 -61.34 51.27 -8.48
N ILE H 198 -60.59 52.36 -8.72
CA ILE H 198 -59.26 52.59 -8.09
C ILE H 198 -59.22 54.03 -7.58
N CYS H 199 -58.81 54.22 -6.34
CA CYS H 199 -58.49 55.51 -5.73
C CYS H 199 -56.99 55.58 -5.59
N MET H 200 -56.36 56.47 -6.33
CA MET H 200 -54.88 56.63 -6.36
C MET H 200 -54.55 57.98 -5.75
N CYS H 201 -53.41 58.10 -5.06
CA CYS H 201 -52.91 59.45 -4.75
C CYS H 201 -51.40 59.48 -4.61
N SER H 202 -50.85 60.67 -4.80
CA SER H 202 -49.49 61.01 -4.37
C SER H 202 -49.58 61.32 -2.88
N ALA H 203 -49.13 60.37 -2.05
CA ALA H 203 -49.03 60.54 -0.59
C ALA H 203 -47.96 61.57 -0.27
N THR H 204 -47.09 61.90 -1.23
CA THR H 204 -46.08 62.97 -1.14
C THR H 204 -46.74 64.27 -0.65
N LYS H 205 -48.03 64.46 -0.93
CA LYS H 205 -48.73 65.73 -0.67
C LYS H 205 -49.41 65.63 0.70
N TYR H 206 -50.73 65.75 0.77
CA TYR H 206 -51.45 65.89 2.06
C TYR H 206 -51.35 64.64 2.94
N MET H 207 -51.36 63.43 2.37
CA MET H 207 -51.51 62.22 3.23
C MET H 207 -50.34 62.16 4.19
N ASN H 208 -49.10 62.32 3.69
CA ASN H 208 -47.93 62.42 4.58
C ASN H 208 -47.93 63.81 5.24
N GLY H 209 -48.06 64.87 4.46
CA GLY H 209 -48.32 66.23 4.98
C GLY H 209 -47.10 66.96 5.50
N HIS H 210 -45.90 66.37 5.51
CA HIS H 210 -44.70 66.99 6.14
C HIS H 210 -43.53 67.18 5.14
N SER H 211 -43.80 67.07 3.85
CA SER H 211 -42.86 67.42 2.74
C SER H 211 -41.55 66.66 2.91
N ASP H 212 -41.59 65.43 3.42
CA ASP H 212 -40.36 64.67 3.70
C ASP H 212 -40.47 63.22 3.23
N VAL H 213 -41.49 62.87 2.45
CA VAL H 213 -41.70 61.52 1.91
C VAL H 213 -42.24 61.64 0.50
N VAL H 214 -41.64 60.91 -0.42
CA VAL H 214 -42.21 60.69 -1.77
C VAL H 214 -42.85 59.30 -1.76
N MET H 215 -44.13 59.21 -2.08
CA MET H 215 -44.86 57.94 -2.00
C MET H 215 -46.15 57.99 -2.81
N GLY H 216 -46.58 56.86 -3.36
CA GLY H 216 -47.88 56.67 -4.01
C GLY H 216 -48.73 55.66 -3.25
N LEU H 217 -50.04 55.84 -3.26
CA LEU H 217 -51.02 54.95 -2.61
C LEU H 217 -52.05 54.60 -3.67
N VAL H 218 -52.46 53.34 -3.69
CA VAL H 218 -53.53 52.81 -4.55
C VAL H 218 -54.48 51.97 -3.69
N SER H 219 -55.75 52.34 -3.66
CA SER H 219 -56.79 51.65 -2.87
C SER H 219 -57.87 51.10 -3.82
N VAL H 220 -58.30 49.87 -3.57
CA VAL H 220 -59.33 49.15 -4.37
C VAL H 220 -60.24 48.34 -3.46
N ASN H 221 -61.45 48.07 -3.97
CA ASN H 221 -62.38 47.10 -3.35
C ASN H 221 -62.34 45.76 -4.10
N SER H 222 -62.12 45.77 -5.40
CA SER H 222 -62.14 44.56 -6.26
C SER H 222 -61.01 43.60 -5.88
N ASP H 223 -61.35 42.34 -5.63
CA ASP H 223 -60.37 41.27 -5.34
C ASP H 223 -59.55 41.00 -6.61
N ASP H 224 -60.15 41.07 -7.80
CA ASP H 224 -59.46 40.92 -9.10
C ASP H 224 -58.39 42.01 -9.26
N LEU H 225 -58.74 43.28 -9.06
CA LEU H 225 -57.79 44.41 -9.20
CA LEU H 225 -57.79 44.41 -9.20
C LEU H 225 -56.69 44.27 -8.14
N ASN H 226 -57.06 43.92 -6.90
CA ASN H 226 -56.07 43.73 -5.82
C ASN H 226 -55.04 42.68 -6.27
N GLU H 227 -55.48 41.52 -6.76
CA GLU H 227 -54.57 40.42 -7.16
C GLU H 227 -53.64 40.92 -8.29
N ARG H 228 -54.19 41.59 -9.28
CA ARG H 228 -53.40 42.08 -10.46
C ARG H 228 -52.41 43.16 -10.00
N LEU H 229 -52.82 44.07 -9.12
CA LEU H 229 -51.94 45.17 -8.65
C LEU H 229 -50.86 44.63 -7.72
N ARG H 230 -51.21 43.65 -6.87
CA ARG H 230 -50.25 43.04 -5.91
C ARG H 230 -49.13 42.37 -6.70
N PHE H 231 -49.51 41.65 -7.75
CA PHE H 231 -48.55 40.99 -8.67
C PHE H 231 -47.57 42.04 -9.22
N LEU H 232 -48.07 43.21 -9.63
CA LEU H 232 -47.23 44.27 -10.22
C LEU H 232 -46.43 45.03 -9.16
N GLN H 233 -46.95 45.22 -7.95
CA GLN H 233 -46.16 45.84 -6.87
C GLN H 233 -44.90 44.99 -6.66
N ASN H 234 -45.06 43.67 -6.63
CA ASN H 234 -43.96 42.72 -6.38
C ASN H 234 -43.05 42.61 -7.63
N SER H 235 -43.63 42.61 -8.83
CA SER H 235 -42.90 42.25 -10.09
C SER H 235 -42.21 43.45 -10.74
N LEU H 236 -42.76 44.67 -10.64
CA LEU H 236 -42.06 45.91 -11.09
C LEU H 236 -41.17 46.41 -9.96
N GLY H 237 -41.54 46.17 -8.70
CA GLY H 237 -40.70 46.51 -7.53
C GLY H 237 -40.58 48.01 -7.28
N ALA H 238 -41.54 48.81 -7.71
CA ALA H 238 -41.52 50.26 -7.44
C ALA H 238 -42.05 50.52 -6.01
N VAL H 239 -41.35 50.00 -5.01
CA VAL H 239 -41.86 49.90 -3.62
C VAL H 239 -41.21 50.98 -2.76
N PRO H 240 -41.90 51.42 -1.68
CA PRO H 240 -41.38 52.44 -0.77
C PRO H 240 -40.45 51.83 0.28
N SER H 241 -39.53 52.62 0.80
CA SER H 241 -38.70 52.30 1.99
C SER H 241 -39.63 52.11 3.21
N PRO H 242 -39.37 51.13 4.09
CA PRO H 242 -40.11 51.01 5.34
C PRO H 242 -39.99 52.26 6.22
N PHE H 243 -38.87 52.96 6.14
CA PHE H 243 -38.67 54.24 6.86
C PHE H 243 -39.67 55.28 6.35
N ASP H 244 -39.84 55.38 5.04
CA ASP H 244 -40.85 56.28 4.42
C ASP H 244 -42.27 55.84 4.82
N CYS H 245 -42.53 54.53 4.89
CA CYS H 245 -43.84 54.02 5.33
C CYS H 245 -44.10 54.48 6.77
N TYR H 246 -43.09 54.44 7.63
CA TYR H 246 -43.21 54.89 9.03
C TYR H 246 -43.57 56.39 9.05
N LEU H 247 -42.83 57.22 8.33
CA LEU H 247 -43.08 58.68 8.32
C LEU H 247 -44.46 59.00 7.77
N CYS H 248 -44.90 58.29 6.73
CA CYS H 248 -46.25 58.49 6.17
C CYS H 248 -47.30 58.07 7.19
N CYS H 249 -47.10 56.95 7.87
CA CYS H 249 -48.02 56.50 8.94
C CYS H 249 -48.06 57.56 10.05
N ARG H 250 -46.93 58.13 10.41
CA ARG H 250 -46.86 59.20 11.44
C ARG H 250 -47.67 60.42 10.96
N GLY H 251 -47.55 60.78 9.69
CA GLY H 251 -48.33 61.86 9.08
C GLY H 251 -49.83 61.63 9.14
N LEU H 252 -50.29 60.40 8.90
CA LEU H 252 -51.73 60.06 8.90
C LEU H 252 -52.37 60.36 10.27
N LYS H 253 -51.60 60.30 11.35
CA LYS H 253 -52.14 60.44 12.72
C LYS H 253 -52.74 61.83 12.89
N THR H 254 -52.23 62.83 12.14
CA THR H 254 -52.69 64.25 12.23
C THR H 254 -53.50 64.65 10.99
N LEU H 255 -53.81 63.73 10.08
CA LEU H 255 -54.43 64.08 8.79
C LEU H 255 -55.75 64.82 9.03
N GLN H 256 -56.64 64.31 9.91
CA GLN H 256 -57.94 65.01 10.09
C GLN H 256 -57.72 66.46 10.54
N ILE H 257 -56.90 66.70 11.54
CA ILE H 257 -56.76 68.10 12.08
C ILE H 257 -55.97 68.96 11.09
N ARG H 258 -55.03 68.40 10.33
CA ARG H 258 -54.29 69.19 9.30
C ARG H 258 -55.30 69.61 8.22
N MET H 259 -56.09 68.69 7.71
CA MET H 259 -56.99 68.98 6.57
C MET H 259 -58.04 70.02 7.01
N GLU H 260 -58.55 69.96 8.25
CA GLU H 260 -59.50 70.98 8.74
C GLU H 260 -58.85 72.36 8.74
N LYS H 261 -57.59 72.44 9.14
CA LYS H 261 -56.84 73.72 9.17
C LYS H 261 -56.54 74.18 7.73
N HIS H 262 -56.16 73.28 6.81
CA HIS H 262 -55.95 73.65 5.38
C HIS H 262 -57.24 74.25 4.82
N PHE H 263 -58.41 73.69 5.15
CA PHE H 263 -59.73 74.17 4.69
C PHE H 263 -59.97 75.58 5.25
N ARG H 264 -59.78 75.81 6.55
CA ARG H 264 -59.99 77.16 7.14
CA ARG H 264 -59.98 77.16 7.15
C ARG H 264 -59.05 78.17 6.48
N ASN H 265 -57.76 77.85 6.39
CA ASN H 265 -56.75 78.76 5.80
C ASN H 265 -57.02 78.95 4.29
N GLY H 266 -57.31 77.88 3.56
CA GLY H 266 -57.58 77.91 2.11
C GLY H 266 -58.77 78.81 1.80
N MET H 267 -59.86 78.66 2.54
CA MET H 267 -61.10 79.48 2.34
C MET H 267 -60.75 80.93 2.62
N ALA H 268 -59.99 81.23 3.68
CA ALA H 268 -59.62 82.62 4.04
C ALA H 268 -58.77 83.25 2.94
N VAL H 269 -57.79 82.52 2.40
CA VAL H 269 -56.92 82.99 1.30
C VAL H 269 -57.77 83.22 0.05
N ALA H 270 -58.64 82.29 -0.31
CA ALA H 270 -59.49 82.40 -1.51
C ALA H 270 -60.37 83.66 -1.43
N ARG H 271 -61.01 83.89 -0.28
CA ARG H 271 -61.86 85.09 -0.07
C ARG H 271 -61.03 86.36 -0.17
N PHE H 272 -59.85 86.36 0.43
CA PHE H 272 -58.93 87.53 0.40
C PHE H 272 -58.54 87.84 -1.04
N LEU H 273 -58.17 86.82 -1.84
CA LEU H 273 -57.74 87.05 -3.24
C LEU H 273 -58.94 87.50 -4.08
N GLU H 274 -60.12 86.97 -3.83
CA GLU H 274 -61.33 87.28 -4.62
C GLU H 274 -61.69 88.77 -4.46
N SER H 275 -61.38 89.39 -3.33
CA SER H 275 -61.72 90.82 -3.09
C SER H 275 -60.52 91.74 -3.34
N ASN H 276 -59.37 91.21 -3.78
CA ASN H 276 -58.14 92.03 -4.01
C ASN H 276 -58.13 92.51 -5.46
N PRO H 277 -58.04 93.84 -5.73
CA PRO H 277 -58.06 94.36 -7.10
C PRO H 277 -56.82 94.04 -7.95
N ARG H 278 -55.78 93.43 -7.38
CA ARG H 278 -54.55 93.03 -8.11
C ARG H 278 -54.69 91.60 -8.64
N VAL H 279 -55.82 90.95 -8.40
CA VAL H 279 -56.09 89.55 -8.80
C VAL H 279 -57.16 89.59 -9.88
N GLU H 280 -56.91 88.98 -11.03
CA GLU H 280 -57.88 88.91 -12.16
C GLU H 280 -59.01 87.93 -11.79
N LYS H 281 -58.70 86.74 -11.28
CA LYS H 281 -59.69 85.66 -11.08
C LYS H 281 -59.09 84.64 -10.08
N VAL H 282 -59.90 84.21 -9.11
CA VAL H 282 -59.52 83.16 -8.13
C VAL H 282 -60.29 81.89 -8.48
N ILE H 283 -59.65 80.74 -8.30
CA ILE H 283 -60.26 79.41 -8.49
C ILE H 283 -60.10 78.66 -7.16
N TYR H 284 -61.23 78.36 -6.52
CA TYR H 284 -61.30 77.57 -5.28
C TYR H 284 -62.65 76.88 -5.24
N PRO H 285 -62.71 75.54 -5.25
CA PRO H 285 -64.01 74.84 -5.26
C PRO H 285 -64.94 75.22 -4.09
N GLY H 286 -64.40 75.72 -2.98
CA GLY H 286 -65.22 76.16 -1.83
C GLY H 286 -65.86 77.53 -2.03
N LEU H 287 -65.47 78.30 -3.04
CA LEU H 287 -66.10 79.62 -3.32
C LEU H 287 -67.35 79.39 -4.18
N PRO H 288 -68.47 80.07 -3.88
CA PRO H 288 -69.62 80.09 -4.80
C PRO H 288 -69.29 80.52 -6.24
N SER H 289 -68.24 81.31 -6.46
CA SER H 289 -67.81 81.76 -7.80
C SER H 289 -67.25 80.59 -8.62
N HIS H 290 -66.80 79.50 -8.00
CA HIS H 290 -66.27 78.36 -8.79
C HIS H 290 -67.41 77.83 -9.64
N PRO H 291 -67.20 77.62 -10.95
CA PRO H 291 -68.28 77.13 -11.81
C PRO H 291 -68.86 75.77 -11.38
N GLN H 292 -68.12 74.95 -10.63
CA GLN H 292 -68.61 73.62 -10.21
C GLN H 292 -68.74 73.56 -8.69
N HIS H 293 -69.00 74.69 -8.04
CA HIS H 293 -69.18 74.76 -6.57
C HIS H 293 -70.27 73.78 -6.11
N GLU H 294 -71.38 73.69 -6.84
CA GLU H 294 -72.50 72.82 -6.41
C GLU H 294 -72.08 71.36 -6.48
N LEU H 295 -71.36 70.96 -7.52
CA LEU H 295 -70.82 69.57 -7.64
C LEU H 295 -69.86 69.30 -6.48
N ALA H 296 -68.98 70.24 -6.14
CA ALA H 296 -68.01 70.07 -5.04
C ALA H 296 -68.77 69.71 -3.76
N LYS H 297 -69.88 70.40 -3.46
CA LYS H 297 -70.68 70.16 -2.24
C LYS H 297 -71.36 68.78 -2.30
N ARG H 298 -71.69 68.27 -3.48
CA ARG H 298 -72.37 66.97 -3.64
C ARG H 298 -71.38 65.81 -3.53
N GLN H 299 -70.07 66.00 -3.76
CA GLN H 299 -69.16 64.81 -3.82
C GLN H 299 -68.00 64.90 -2.83
N CYS H 300 -67.88 65.97 -2.06
CA CYS H 300 -66.79 66.21 -1.09
C CYS H 300 -67.35 66.61 0.27
N THR H 301 -66.56 66.40 1.33
CA THR H 301 -66.92 66.77 2.72
C THR H 301 -66.26 68.09 3.10
N GLY H 302 -65.55 68.71 2.16
CA GLY H 302 -64.88 69.98 2.38
C GLY H 302 -63.92 70.25 1.25
N CYS H 303 -63.01 71.18 1.47
CA CYS H 303 -62.05 71.64 0.43
CA CYS H 303 -62.04 71.64 0.43
C CYS H 303 -60.70 71.86 1.09
N PRO H 304 -59.57 71.48 0.45
CA PRO H 304 -58.27 71.68 1.09
C PRO H 304 -57.68 73.08 0.87
N GLY H 305 -56.35 73.17 0.90
CA GLY H 305 -55.63 74.45 0.88
C GLY H 305 -55.15 74.83 -0.52
N MET H 306 -55.61 74.15 -1.58
CA MET H 306 -55.13 74.45 -2.94
C MET H 306 -55.99 75.59 -3.50
N VAL H 307 -55.35 76.72 -3.74
CA VAL H 307 -56.03 77.93 -4.32
C VAL H 307 -55.22 78.36 -5.53
N SER H 308 -55.86 78.48 -6.68
CA SER H 308 -55.17 78.99 -7.89
C SER H 308 -55.75 80.36 -8.24
N PHE H 309 -54.92 81.25 -8.75
CA PHE H 309 -55.41 82.57 -9.18
C PHE H 309 -54.58 83.07 -10.35
N TYR H 310 -55.22 83.93 -11.15
CA TYR H 310 -54.57 84.68 -12.25
C TYR H 310 -54.28 86.08 -11.71
N ILE H 311 -53.01 86.44 -11.66
CA ILE H 311 -52.61 87.81 -11.23
C ILE H 311 -52.92 88.75 -12.41
N LYS H 312 -53.28 89.99 -12.09
CA LYS H 312 -53.42 91.03 -13.15
C LYS H 312 -52.06 91.27 -13.82
N GLY H 313 -52.08 91.52 -15.12
CA GLY H 313 -50.90 91.94 -15.86
C GLY H 313 -50.29 90.77 -16.63
N THR H 314 -49.00 90.58 -16.49
CA THR H 314 -48.20 89.68 -17.36
C THR H 314 -47.32 88.79 -16.48
N LEU H 315 -46.53 87.93 -17.12
CA LEU H 315 -45.52 87.09 -16.46
C LEU H 315 -44.67 87.95 -15.52
N GLN H 316 -44.31 89.17 -15.92
CA GLN H 316 -43.41 90.03 -15.11
C GLN H 316 -44.04 90.26 -13.73
N HIS H 317 -45.35 90.51 -13.68
CA HIS H 317 -46.05 90.75 -12.39
C HIS H 317 -46.08 89.45 -11.55
N ALA H 318 -46.35 88.31 -12.18
CA ALA H 318 -46.30 86.99 -11.52
C ALA H 318 -44.92 86.78 -10.91
N GLN H 319 -43.85 87.08 -11.66
CA GLN H 319 -42.46 86.91 -11.16
C GLN H 319 -42.21 87.83 -9.96
N VAL H 320 -42.66 89.07 -10.02
CA VAL H 320 -42.42 90.02 -8.89
C VAL H 320 -43.19 89.53 -7.65
N PHE H 321 -44.42 89.07 -7.81
CA PHE H 321 -45.22 88.49 -6.70
C PHE H 321 -44.41 87.34 -6.07
N LEU H 322 -43.93 86.40 -6.90
CA LEU H 322 -43.24 85.17 -6.41
C LEU H 322 -41.89 85.50 -5.80
N LYS H 323 -41.26 86.63 -6.15
CA LYS H 323 -39.99 87.08 -5.54
C LYS H 323 -40.24 87.80 -4.21
N ASN H 324 -41.44 88.33 -3.96
CA ASN H 324 -41.70 89.18 -2.77
C ASN H 324 -42.42 88.43 -1.65
N ILE H 325 -43.03 87.27 -1.92
CA ILE H 325 -43.61 86.42 -0.84
C ILE H 325 -42.50 86.09 0.16
N LYS H 326 -42.78 86.18 1.46
CA LYS H 326 -41.77 85.98 2.53
C LYS H 326 -42.20 84.83 3.47
N LEU H 327 -43.45 84.40 3.40
CA LEU H 327 -43.98 83.29 4.24
CA LEU H 327 -43.97 83.28 4.23
C LEU H 327 -44.27 82.10 3.32
N PHE H 328 -45.10 82.31 2.29
CA PHE H 328 -45.15 81.40 1.13
C PHE H 328 -43.74 81.31 0.54
N ALA H 329 -43.30 80.13 0.14
CA ALA H 329 -42.00 79.86 -0.49
C ALA H 329 -42.24 79.49 -1.96
N LEU H 330 -41.45 80.05 -2.87
CA LEU H 330 -41.46 79.65 -4.29
C LEU H 330 -40.78 78.27 -4.38
N ALA H 331 -41.57 77.24 -4.64
CA ALA H 331 -41.11 75.86 -4.65
C ALA H 331 -42.17 74.98 -5.27
N GLU H 332 -41.76 73.85 -5.82
CA GLU H 332 -42.71 72.82 -6.27
C GLU H 332 -43.35 72.12 -5.05
N SER H 333 -44.33 71.30 -5.34
CA SER H 333 -45.06 70.45 -4.38
C SER H 333 -46.18 71.24 -3.67
N LEU H 334 -46.91 70.51 -2.84
CA LEU H 334 -48.14 71.01 -2.21
C LEU H 334 -48.47 70.04 -1.06
N GLY H 335 -49.40 70.44 -0.21
CA GLY H 335 -50.01 69.55 0.78
C GLY H 335 -49.15 69.44 2.02
N GLY H 336 -48.10 70.25 2.15
CA GLY H 336 -47.28 70.33 3.36
C GLY H 336 -47.83 71.30 4.39
N TYR H 337 -47.24 71.29 5.58
CA TYR H 337 -47.60 72.24 6.66
C TYR H 337 -47.14 73.66 6.29
N GLU H 338 -46.15 73.78 5.38
CA GLU H 338 -45.56 75.08 4.98
C GLU H 338 -46.27 75.55 3.70
N SER H 339 -46.57 76.84 3.62
CA SER H 339 -47.26 77.44 2.45
C SER H 339 -46.27 77.53 1.27
N LEU H 340 -46.70 77.11 0.10
CA LEU H 340 -45.88 77.09 -1.13
C LEU H 340 -46.64 77.80 -2.26
N ALA H 341 -45.88 78.34 -3.22
CA ALA H 341 -46.44 78.95 -4.43
C ALA H 341 -45.58 78.51 -5.62
N GLU H 342 -46.24 78.34 -6.76
CA GLU H 342 -45.51 78.06 -8.01
C GLU H 342 -46.24 78.68 -9.20
N LEU H 343 -45.53 78.71 -10.33
CA LEU H 343 -46.01 79.20 -11.64
C LEU H 343 -46.05 78.00 -12.57
N PRO H 344 -47.18 77.28 -12.66
CA PRO H 344 -47.22 75.99 -13.35
C PRO H 344 -46.71 76.01 -14.80
N ALA H 345 -46.95 77.08 -15.54
CA ALA H 345 -46.57 77.15 -16.97
C ALA H 345 -45.05 76.98 -17.13
N ILE H 346 -44.27 77.45 -16.14
CA ILE H 346 -42.79 77.46 -16.17
C ILE H 346 -42.21 76.35 -15.29
N MET H 347 -43.00 75.77 -14.38
CA MET H 347 -42.49 74.83 -13.36
C MET H 347 -43.16 73.46 -13.56
N THR H 348 -44.22 73.11 -12.83
CA THR H 348 -44.80 71.75 -12.87
C THR H 348 -45.31 71.34 -14.25
N HIS H 349 -45.76 72.29 -15.08
CA HIS H 349 -46.43 71.98 -16.37
C HIS H 349 -45.56 72.43 -17.56
N ALA H 350 -44.29 72.71 -17.34
CA ALA H 350 -43.37 73.15 -18.41
C ALA H 350 -43.27 72.07 -19.51
N SER H 351 -43.41 70.79 -19.17
CA SER H 351 -43.29 69.67 -20.15
C SER H 351 -44.55 69.57 -21.03
N VAL H 352 -45.67 70.16 -20.61
CA VAL H 352 -46.91 70.16 -21.44
C VAL H 352 -46.71 71.12 -22.60
N PRO H 353 -46.97 70.71 -23.86
CA PRO H 353 -46.77 71.61 -25.00
C PRO H 353 -47.51 72.95 -24.80
N GLU H 354 -46.88 74.04 -25.24
CA GLU H 354 -47.37 75.43 -25.02
C GLU H 354 -48.80 75.56 -25.56
N LYS H 355 -49.13 74.93 -26.69
CA LYS H 355 -50.49 75.04 -27.28
C LYS H 355 -51.53 74.33 -26.38
N ASP H 356 -51.14 73.21 -25.78
CA ASP H 356 -52.01 72.45 -24.82
C ASP H 356 -52.19 73.30 -23.55
N ARG H 357 -51.15 73.92 -23.04
CA ARG H 357 -51.27 74.81 -21.85
C ARG H 357 -52.27 75.93 -22.15
N ALA H 358 -52.21 76.51 -23.34
CA ALA H 358 -53.09 77.62 -23.74
C ALA H 358 -54.55 77.13 -23.71
N THR H 359 -54.84 76.00 -24.33
CA THR H 359 -56.23 75.46 -24.36
C THR H 359 -56.71 75.18 -22.92
N LEU H 360 -55.84 74.74 -22.01
CA LEU H 360 -56.26 74.35 -20.64
C LEU H 360 -56.34 75.56 -19.70
N GLY H 361 -55.85 76.73 -20.10
CA GLY H 361 -55.85 77.91 -19.23
C GLY H 361 -54.62 77.99 -18.34
N ILE H 362 -53.57 77.22 -18.63
CA ILE H 362 -52.31 77.22 -17.84
C ILE H 362 -51.40 78.29 -18.46
N SER H 363 -51.76 79.55 -18.19
CA SER H 363 -51.14 80.77 -18.77
C SER H 363 -49.99 81.21 -17.88
N ASP H 364 -49.22 82.18 -18.37
CA ASP H 364 -48.04 82.72 -17.68
C ASP H 364 -48.46 83.57 -16.47
N THR H 365 -49.75 83.84 -16.25
CA THR H 365 -50.20 84.60 -15.06
C THR H 365 -50.93 83.70 -14.04
N LEU H 366 -51.02 82.40 -14.30
CA LEU H 366 -51.67 81.43 -13.36
CA LEU H 366 -51.66 81.42 -13.37
C LEU H 366 -50.65 81.09 -12.26
N ILE H 367 -51.02 81.39 -11.02
CA ILE H 367 -50.22 81.03 -9.81
C ILE H 367 -51.00 79.97 -9.03
N ARG H 368 -50.33 78.88 -8.66
CA ARG H 368 -50.92 77.84 -7.82
C ARG H 368 -50.36 78.01 -6.40
N LEU H 369 -51.26 78.15 -5.42
CA LEU H 369 -50.88 78.23 -3.99
C LEU H 369 -51.25 76.91 -3.31
N SER H 370 -50.36 76.46 -2.44
CA SER H 370 -50.66 75.40 -1.45
C SER H 370 -50.63 76.09 -0.08
N VAL H 371 -51.81 76.36 0.46
CA VAL H 371 -51.92 77.08 1.75
C VAL H 371 -51.66 76.06 2.87
N GLY H 372 -50.69 76.37 3.70
CA GLY H 372 -50.20 75.54 4.83
C GLY H 372 -50.98 75.83 6.13
N LEU H 373 -50.34 75.58 7.25
CA LEU H 373 -50.98 75.54 8.58
C LEU H 373 -50.58 76.76 9.39
N GLU H 374 -49.98 77.79 8.77
CA GLU H 374 -49.57 79.01 9.49
C GLU H 374 -50.82 79.78 9.96
N ASP H 375 -50.61 80.78 10.79
CA ASP H 375 -51.70 81.68 11.27
C ASP H 375 -52.29 82.45 10.09
N GLU H 376 -53.60 82.43 9.99
CA GLU H 376 -54.37 83.02 8.86
C GLU H 376 -53.92 84.47 8.61
N LYS H 377 -53.85 85.28 9.64
CA LYS H 377 -53.51 86.73 9.49
C LYS H 377 -52.12 86.89 8.84
N ASP H 378 -51.13 86.08 9.23
CA ASP H 378 -49.76 86.13 8.69
C ASP H 378 -49.80 85.77 7.19
N LEU H 379 -50.62 84.81 6.79
CA LEU H 379 -50.73 84.40 5.38
C LEU H 379 -51.34 85.52 4.54
N LEU H 380 -52.40 86.17 5.05
CA LEU H 380 -53.10 87.25 4.29
C LEU H 380 -52.18 88.48 4.19
N GLU H 381 -51.44 88.82 5.22
CA GLU H 381 -50.47 89.94 5.19
C GLU H 381 -49.37 89.65 4.17
N ASP H 382 -48.88 88.41 4.09
CA ASP H 382 -47.81 88.03 3.13
C ASP H 382 -48.33 88.19 1.69
N LEU H 383 -49.50 87.65 1.39
CA LEU H 383 -50.09 87.75 0.04
C LEU H 383 -50.33 89.23 -0.30
N GLY H 384 -50.88 90.00 0.64
CA GLY H 384 -51.18 91.43 0.44
C GLY H 384 -49.94 92.21 0.04
N GLN H 385 -48.85 92.09 0.80
CA GLN H 385 -47.61 92.87 0.56
C GLN H 385 -46.97 92.38 -0.76
N ALA H 386 -47.03 91.09 -1.09
CA ALA H 386 -46.43 90.58 -2.33
C ALA H 386 -47.23 91.08 -3.55
N LEU H 387 -48.55 91.09 -3.49
CA LEU H 387 -49.40 91.61 -4.58
C LEU H 387 -49.14 93.12 -4.75
N LYS H 388 -48.96 93.86 -3.65
CA LYS H 388 -48.65 95.31 -3.71
C LYS H 388 -47.27 95.54 -4.35
N ALA H 389 -46.29 94.69 -4.10
CA ALA H 389 -44.97 94.77 -4.77
C ALA H 389 -45.16 94.58 -6.28
N ALA H 390 -46.05 93.71 -6.72
CA ALA H 390 -46.29 93.43 -8.15
C ALA H 390 -47.08 94.59 -8.81
N HIS H 391 -48.04 95.18 -8.10
CA HIS H 391 -48.93 96.28 -8.59
C HIS H 391 -49.01 97.37 -7.53
N PRO H 392 -48.02 98.28 -7.48
CA PRO H 392 -47.96 99.32 -6.45
C PRO H 392 -49.26 100.13 -6.37
N GLY I 3 77.92 -53.21 50.53
CA GLY I 3 77.84 -53.52 51.98
C GLY I 3 76.51 -53.12 52.61
N PHE I 4 75.46 -52.86 51.79
CA PHE I 4 74.11 -52.56 52.30
C PHE I 4 73.45 -53.85 52.83
N LEU I 5 72.37 -53.71 53.59
CA LEU I 5 71.52 -54.85 54.01
C LEU I 5 71.17 -55.69 52.77
N PRO I 6 71.01 -57.01 52.90
CA PRO I 6 70.64 -57.84 51.75
C PRO I 6 69.23 -57.45 51.22
N SER I 7 69.07 -57.46 49.90
CA SER I 7 67.82 -57.05 49.19
C SER I 7 66.63 -57.86 49.68
N PHE I 8 65.43 -57.29 49.72
CA PHE I 8 64.17 -58.04 49.95
C PHE I 8 64.07 -59.05 48.79
N GLN I 9 63.81 -60.34 49.08
CA GLN I 9 64.02 -61.44 48.08
C GLN I 9 62.73 -61.81 47.28
N HIS I 10 61.55 -61.46 47.79
CA HIS I 10 60.24 -61.76 47.14
C HIS I 10 59.56 -60.47 46.71
N PHE I 11 60.28 -59.35 46.71
CA PHE I 11 59.70 -58.02 46.49
C PHE I 11 59.05 -57.98 45.10
N ALA I 12 59.76 -58.40 44.06
CA ALA I 12 59.25 -58.27 42.67
C ALA I 12 58.00 -59.18 42.50
N THR I 13 58.05 -60.38 43.06
CA THR I 13 56.90 -61.32 43.02
C THR I 13 55.69 -60.67 43.70
N GLN I 14 55.88 -60.12 44.89
CA GLN I 14 54.79 -59.49 45.64
C GLN I 14 54.25 -58.25 44.91
N ALA I 15 55.13 -57.44 44.32
CA ALA I 15 54.73 -56.19 43.64
C ALA I 15 53.82 -56.55 42.46
N ILE I 16 53.99 -57.74 41.89
CA ILE I 16 53.23 -58.15 40.68
C ILE I 16 51.96 -58.90 41.09
N HIS I 17 51.96 -59.69 42.18
CA HIS I 17 50.89 -60.68 42.43
C HIS I 17 50.01 -60.33 43.64
N VAL I 18 50.53 -59.66 44.68
CA VAL I 18 49.72 -59.54 45.92
C VAL I 18 48.50 -58.67 45.61
N GLY I 19 47.32 -59.20 45.94
CA GLY I 19 46.04 -58.50 45.72
C GLY I 19 45.57 -58.53 44.28
N GLN I 20 46.30 -59.16 43.36
CA GLN I 20 46.02 -59.08 41.91
C GLN I 20 45.48 -60.41 41.35
N GLU I 21 44.96 -61.30 42.21
CA GLU I 21 44.37 -62.61 41.80
C GLU I 21 43.29 -62.38 40.73
N PRO I 22 43.42 -62.97 39.54
CA PRO I 22 42.36 -62.85 38.53
C PRO I 22 40.99 -63.37 38.97
N GLU I 23 40.97 -64.32 39.91
CA GLU I 23 39.74 -64.98 40.40
C GLU I 23 38.83 -63.96 41.08
N GLN I 24 39.31 -62.81 41.51
CA GLN I 24 38.42 -61.83 42.18
C GLN I 24 37.54 -61.08 41.16
N TRP I 25 37.87 -61.12 39.87
CA TRP I 25 37.11 -60.36 38.83
C TRP I 25 36.19 -61.32 38.08
N SER I 26 34.99 -60.90 37.74
CA SER I 26 34.03 -61.69 36.91
C SER I 26 34.68 -62.15 35.62
N SER I 27 35.47 -61.28 35.00
CA SER I 27 36.13 -61.53 33.69
CA SER I 27 36.13 -61.53 33.69
C SER I 27 37.38 -62.43 33.82
N ARG I 28 37.93 -62.59 35.01
CA ARG I 28 39.24 -63.24 35.25
C ARG I 28 40.38 -62.43 34.59
N ALA I 29 40.20 -61.13 34.42
CA ALA I 29 41.25 -60.20 33.91
C ALA I 29 42.56 -60.43 34.70
N VAL I 30 43.68 -60.47 34.01
CA VAL I 30 45.02 -60.65 34.65
CA VAL I 30 45.02 -60.65 34.64
C VAL I 30 45.50 -59.29 35.20
N VAL I 31 44.89 -58.20 34.77
CA VAL I 31 45.21 -56.82 35.28
C VAL I 31 43.96 -56.25 35.94
N LEU I 32 44.12 -55.55 37.05
CA LEU I 32 42.97 -54.97 37.78
C LEU I 32 42.22 -53.97 36.92
N PRO I 33 40.87 -54.06 36.92
CA PRO I 33 40.03 -53.08 36.27
C PRO I 33 40.07 -51.72 36.95
N ILE I 34 39.83 -50.67 36.18
CA ILE I 34 39.56 -49.32 36.71
C ILE I 34 38.07 -49.20 36.96
N SER I 35 37.66 -49.21 38.20
CA SER I 35 36.24 -49.04 38.52
C SER I 35 36.00 -47.59 38.96
N LEU I 36 35.38 -46.79 38.10
CA LEU I 36 35.12 -45.37 38.42
C LEU I 36 33.83 -45.17 39.19
N ALA I 37 32.95 -46.17 39.25
CA ALA I 37 31.61 -46.02 39.87
C ALA I 37 31.72 -45.35 41.24
N THR I 38 30.91 -44.36 41.50
CA THR I 38 30.86 -43.69 42.83
C THR I 38 30.06 -44.56 43.79
N THR I 39 29.18 -45.41 43.26
CA THR I 39 28.24 -46.18 44.11
C THR I 39 28.01 -47.57 43.55
N PHE I 40 27.40 -48.41 44.38
CA PHE I 40 27.30 -49.88 44.22
C PHE I 40 25.91 -50.30 44.69
N LYS I 41 25.27 -51.16 43.92
CA LYS I 41 23.92 -51.65 44.23
C LYS I 41 24.00 -52.57 45.46
N GLN I 42 23.18 -52.32 46.46
CA GLN I 42 23.08 -53.12 47.71
C GLN I 42 21.95 -54.15 47.55
N ASP I 43 22.13 -55.34 48.11
CA ASP I 43 21.09 -56.40 48.16
C ASP I 43 19.99 -56.03 49.15
N SER I 44 20.32 -55.31 50.21
CA SER I 44 19.32 -54.77 51.15
C SER I 44 19.94 -53.58 51.87
N PRO I 45 19.11 -52.72 52.49
CA PRO I 45 19.62 -51.46 53.01
C PRO I 45 20.68 -51.70 54.09
N GLY I 46 21.82 -51.02 53.96
CA GLY I 46 22.92 -51.02 54.95
C GLY I 46 23.53 -52.39 55.10
N GLN I 47 23.55 -53.20 54.04
CA GLN I 47 24.19 -54.52 54.14
C GLN I 47 25.59 -54.43 54.75
N SER I 48 26.56 -53.59 54.37
CA SER I 48 27.80 -53.29 55.14
C SER I 48 28.93 -54.28 54.82
N SER I 49 28.67 -55.43 54.16
CA SER I 49 29.68 -56.14 53.32
C SER I 49 29.44 -55.81 51.82
N GLY I 50 30.49 -55.96 51.02
CA GLY I 50 30.62 -55.39 49.66
C GLY I 50 30.95 -53.91 49.71
N PHE I 51 30.97 -53.28 48.54
CA PHE I 51 31.27 -51.84 48.40
C PHE I 51 29.99 -51.04 48.59
N VAL I 52 30.12 -49.81 49.03
CA VAL I 52 28.98 -48.94 49.37
C VAL I 52 29.10 -47.61 48.62
N TYR I 53 30.24 -46.95 48.74
CA TYR I 53 30.45 -45.58 48.23
C TYR I 53 31.94 -45.38 48.01
N SER I 54 32.31 -44.86 46.85
CA SER I 54 33.70 -44.85 46.37
C SER I 54 34.65 -44.23 47.41
N ARG I 55 34.25 -43.12 48.03
CA ARG I 55 35.12 -42.44 49.02
C ARG I 55 35.50 -43.41 50.16
N SER I 56 34.56 -44.28 50.57
CA SER I 56 34.74 -45.21 51.71
C SER I 56 35.58 -46.41 51.29
N GLY I 57 35.63 -46.71 50.00
CA GLY I 57 36.35 -47.88 49.50
C GLY I 57 35.85 -48.26 48.12
N ASN I 58 36.73 -48.77 47.30
CA ASN I 58 36.37 -49.10 45.91
C ASN I 58 37.36 -50.14 45.44
N PRO I 59 36.98 -50.96 44.44
CA PRO I 59 37.79 -52.09 44.05
C PRO I 59 39.25 -51.74 43.68
N THR I 60 39.46 -50.73 42.85
CA THR I 60 40.80 -50.38 42.33
C THR I 60 41.66 -49.88 43.52
N ARG I 61 41.16 -48.97 44.34
CA ARG I 61 41.94 -48.45 45.47
C ARG I 61 42.26 -49.60 46.44
N ASN I 62 41.29 -50.45 46.74
CA ASN I 62 41.48 -51.52 47.75
C ASN I 62 42.57 -52.49 47.27
N CYS I 63 42.62 -52.73 45.97
CA CYS I 63 43.64 -53.60 45.33
CA CYS I 63 43.63 -53.60 45.32
C CYS I 63 45.04 -52.97 45.44
N LEU I 64 45.15 -51.68 45.12
CA LEU I 64 46.45 -50.98 45.29
C LEU I 64 46.88 -51.08 46.77
N GLU I 65 45.99 -50.82 47.71
CA GLU I 65 46.34 -50.81 49.16
C GLU I 65 46.88 -52.19 49.59
N LYS I 66 46.34 -53.29 49.05
CA LYS I 66 46.85 -54.65 49.37
C LYS I 66 48.29 -54.81 48.86
N ALA I 67 48.58 -54.34 47.64
CA ALA I 67 49.92 -54.46 47.05
C ALA I 67 50.93 -53.62 47.87
N VAL I 68 50.58 -52.37 48.17
CA VAL I 68 51.53 -51.46 48.88
C VAL I 68 51.79 -52.02 50.28
N ALA I 69 50.77 -52.51 50.97
CA ALA I 69 50.92 -53.11 52.32
C ALA I 69 51.99 -54.19 52.25
N ALA I 70 51.95 -55.09 51.27
CA ALA I 70 52.95 -56.18 51.15
C ALA I 70 54.35 -55.56 50.94
N LEU I 71 54.49 -54.55 50.07
CA LEU I 71 55.82 -53.97 49.76
C LEU I 71 56.37 -53.22 50.99
N ASP I 72 55.51 -52.69 51.85
CA ASP I 72 55.95 -51.95 53.06
C ASP I 72 56.12 -52.92 54.25
N GLY I 73 55.90 -54.21 54.06
CA GLY I 73 55.94 -55.19 55.18
C GLY I 73 54.86 -54.89 56.21
N ALA I 74 53.69 -54.42 55.77
CA ALA I 74 52.62 -53.92 56.66
C ALA I 74 51.38 -54.83 56.58
N LYS I 75 50.56 -54.80 57.61
CA LYS I 75 49.24 -55.47 57.60
C LYS I 75 48.23 -54.57 56.88
N HIS I 76 48.40 -53.25 56.89
CA HIS I 76 47.37 -52.29 56.44
C HIS I 76 48.00 -51.15 55.64
N CYS I 77 47.31 -50.69 54.59
CA CYS I 77 47.75 -49.51 53.83
C CYS I 77 46.54 -48.66 53.48
N LEU I 78 46.72 -47.34 53.54
CA LEU I 78 45.70 -46.35 53.16
C LEU I 78 46.28 -45.40 52.11
N THR I 79 45.53 -45.13 51.06
CA THR I 79 45.96 -44.20 49.99
CA THR I 79 45.95 -44.20 49.98
C THR I 79 45.21 -42.87 50.12
N PHE I 80 45.90 -41.79 49.73
CA PHE I 80 45.44 -40.39 49.84
C PHE I 80 45.72 -39.65 48.53
N ALA I 81 45.08 -38.50 48.41
CA ALA I 81 45.11 -37.61 47.22
C ALA I 81 46.53 -37.07 46.99
N SER I 82 47.41 -37.06 47.99
CA SER I 82 48.79 -36.54 47.89
C SER I 82 49.58 -36.95 49.14
N GLY I 83 50.89 -36.86 49.09
CA GLY I 83 51.74 -36.92 50.30
C GLY I 83 51.31 -35.94 51.38
N LEU I 84 51.02 -34.69 51.01
CA LEU I 84 50.57 -33.69 52.01
C LEU I 84 49.20 -34.10 52.57
N ALA I 85 48.30 -34.68 51.77
CA ALA I 85 47.00 -35.14 52.31
C ALA I 85 47.23 -36.29 53.31
N ALA I 86 48.18 -37.17 53.05
CA ALA I 86 48.57 -38.24 54.00
C ALA I 86 49.06 -37.60 55.30
N THR I 87 49.88 -36.56 55.19
CA THR I 87 50.47 -35.84 56.35
C THR I 87 49.34 -35.20 57.18
N THR I 88 48.43 -34.50 56.52
CA THR I 88 47.24 -33.86 57.15
C THR I 88 46.42 -34.94 57.89
N THR I 89 46.15 -36.06 57.23
CA THR I 89 45.30 -37.13 57.80
C THR I 89 45.99 -37.71 59.05
N ILE I 90 47.28 -37.99 58.99
CA ILE I 90 48.04 -38.54 60.15
C ILE I 90 47.94 -37.54 61.32
N THR I 91 48.09 -36.25 61.04
CA THR I 91 48.09 -35.21 62.09
C THR I 91 46.72 -35.19 62.78
N HIS I 92 45.65 -35.50 62.05
CA HIS I 92 44.27 -35.57 62.61
C HIS I 92 44.10 -36.77 63.55
N LEU I 93 45.07 -37.67 63.68
CA LEU I 93 45.06 -38.70 64.75
C LEU I 93 45.13 -38.04 66.13
N LEU I 94 45.60 -36.79 66.21
CA LEU I 94 45.87 -36.12 67.51
C LEU I 94 44.65 -35.33 67.96
N LYS I 95 44.84 -34.42 68.90
CA LYS I 95 43.80 -33.48 69.34
C LYS I 95 44.45 -32.25 69.96
N ALA I 96 43.69 -31.18 70.13
CA ALA I 96 44.13 -29.93 70.79
C ALA I 96 44.84 -30.28 72.09
N GLY I 97 46.02 -29.68 72.34
CA GLY I 97 46.84 -29.92 73.54
C GLY I 97 48.00 -30.88 73.29
N ASP I 98 47.99 -31.59 72.16
CA ASP I 98 49.08 -32.56 71.85
C ASP I 98 50.29 -31.80 71.25
N GLU I 99 51.45 -32.44 71.30
CA GLU I 99 52.70 -31.89 70.74
C GLU I 99 53.22 -32.84 69.68
N VAL I 100 53.78 -32.24 68.64
CA VAL I 100 54.49 -32.93 67.54
C VAL I 100 55.95 -32.52 67.59
N ILE I 101 56.84 -33.49 67.47
CA ILE I 101 58.27 -33.23 67.17
C ILE I 101 58.49 -33.60 65.72
N CYS I 102 59.02 -32.68 64.94
CA CYS I 102 59.31 -32.87 63.51
C CYS I 102 60.82 -32.74 63.29
N MET I 103 61.37 -33.63 62.48
CA MET I 103 62.75 -33.51 61.95
CA MET I 103 62.75 -33.51 61.95
C MET I 103 62.94 -32.07 61.46
N ASP I 104 64.08 -31.46 61.79
CA ASP I 104 64.29 -30.01 61.53
C ASP I 104 64.34 -29.77 60.01
N GLU I 105 64.90 -30.69 59.25
CA GLU I 105 64.93 -30.55 57.78
C GLU I 105 63.91 -31.50 57.14
N VAL I 106 62.85 -30.94 56.59
CA VAL I 106 61.80 -31.72 55.88
C VAL I 106 61.49 -30.98 54.58
N TYR I 107 60.74 -31.65 53.71
CA TYR I 107 60.13 -31.00 52.54
C TYR I 107 59.54 -29.67 53.01
N GLY I 108 59.75 -28.60 52.22
CA GLY I 108 59.21 -27.25 52.51
C GLY I 108 57.73 -27.28 52.80
N GLY I 109 56.93 -28.05 52.04
CA GLY I 109 55.48 -28.14 52.26
C GLY I 109 55.12 -28.80 53.59
N THR I 110 55.90 -29.76 54.05
CA THR I 110 55.68 -30.40 55.38
C THR I 110 55.93 -29.35 56.46
N ASN I 111 57.03 -28.61 56.32
CA ASN I 111 57.40 -27.50 57.25
C ASN I 111 56.24 -26.52 57.29
N ARG I 112 55.78 -26.05 56.12
CA ARG I 112 54.67 -25.07 56.00
C ARG I 112 53.41 -25.60 56.70
N TYR I 113 53.04 -26.86 56.45
CA TYR I 113 51.82 -27.45 57.05
C TYR I 113 51.92 -27.40 58.59
N PHE I 114 53.00 -27.94 59.16
CA PHE I 114 53.13 -28.02 60.64
C PHE I 114 53.20 -26.60 61.23
N ARG I 115 54.04 -25.75 60.65
CA ARG I 115 54.40 -24.44 61.21
C ARG I 115 53.23 -23.49 61.08
N ARG I 116 52.54 -23.46 59.94
CA ARG I 116 51.54 -22.40 59.63
C ARG I 116 50.10 -22.91 59.75
N VAL I 117 49.84 -24.21 59.67
CA VAL I 117 48.44 -24.72 59.70
C VAL I 117 48.18 -25.50 60.99
N ALA I 118 48.83 -26.64 61.19
CA ALA I 118 48.55 -27.54 62.34
C ALA I 118 48.69 -26.78 63.65
N SER I 119 49.68 -25.90 63.73
CA SER I 119 50.00 -25.09 64.94
C SER I 119 48.84 -24.16 65.32
N GLU I 120 47.91 -23.87 64.41
CA GLU I 120 46.76 -22.97 64.67
C GLU I 120 45.57 -23.74 65.26
N PHE I 121 45.64 -25.06 65.33
CA PHE I 121 44.53 -25.93 65.82
C PHE I 121 44.94 -26.61 67.13
N GLY I 122 45.69 -25.92 67.99
CA GLY I 122 45.98 -26.36 69.36
C GLY I 122 47.08 -27.40 69.41
N LEU I 123 47.85 -27.57 68.33
CA LEU I 123 49.02 -28.48 68.31
C LEU I 123 50.28 -27.64 68.48
N LYS I 124 51.18 -28.09 69.34
CA LYS I 124 52.48 -27.44 69.55
C LYS I 124 53.47 -28.20 68.67
N ILE I 125 54.19 -27.50 67.79
CA ILE I 125 55.19 -28.14 66.88
C ILE I 125 56.60 -27.72 67.31
N SER I 126 57.51 -28.67 67.48
CA SER I 126 58.96 -28.41 67.73
C SER I 126 59.75 -29.06 66.61
N PHE I 127 60.68 -28.32 66.00
CA PHE I 127 61.60 -28.86 64.98
C PHE I 127 62.90 -29.24 65.68
N VAL I 128 63.35 -30.48 65.52
CA VAL I 128 64.51 -31.04 66.27
C VAL I 128 65.39 -31.79 65.28
N ASP I 129 66.70 -31.65 65.41
CA ASP I 129 67.66 -32.42 64.59
C ASP I 129 67.69 -33.86 65.12
N CYS I 130 66.88 -34.74 64.54
CA CYS I 130 66.72 -36.15 65.01
C CYS I 130 67.86 -37.03 64.48
N SER I 131 68.81 -36.50 63.70
CA SER I 131 70.09 -37.18 63.41
C SER I 131 70.92 -37.30 64.70
N LYS I 132 70.58 -36.54 65.74
CA LYS I 132 71.23 -36.61 67.07
C LYS I 132 70.20 -37.08 68.08
N THR I 133 70.25 -38.35 68.45
CA THR I 133 69.19 -39.01 69.26
C THR I 133 69.07 -38.32 70.62
N LYS I 134 70.14 -37.72 71.17
CA LYS I 134 70.06 -37.03 72.49
C LYS I 134 69.17 -35.79 72.38
N LEU I 135 69.13 -35.13 71.23
CA LEU I 135 68.25 -33.95 71.04
C LEU I 135 66.78 -34.41 70.98
N LEU I 136 66.51 -35.55 70.39
CA LEU I 136 65.12 -36.11 70.34
C LEU I 136 64.68 -36.45 71.77
N GLU I 137 65.51 -37.20 72.49
CA GLU I 137 65.30 -37.60 73.90
C GLU I 137 64.92 -36.37 74.72
N ALA I 138 65.68 -35.28 74.60
CA ALA I 138 65.48 -34.05 75.43
C ALA I 138 64.21 -33.30 75.04
N ALA I 139 63.71 -33.42 73.81
CA ALA I 139 62.55 -32.64 73.32
C ALA I 139 61.23 -33.32 73.74
N ILE I 140 61.25 -34.60 74.10
CA ILE I 140 59.99 -35.33 74.42
C ILE I 140 59.44 -34.82 75.75
N THR I 141 58.15 -34.51 75.80
CA THR I 141 57.41 -34.09 77.01
C THR I 141 56.23 -35.04 77.20
N PRO I 142 55.53 -35.00 78.34
CA PRO I 142 54.32 -35.81 78.51
C PRO I 142 53.24 -35.50 77.48
N GLN I 143 53.28 -34.34 76.82
CA GLN I 143 52.26 -33.94 75.81
C GLN I 143 52.67 -34.41 74.40
N THR I 144 53.89 -34.90 74.20
CA THR I 144 54.34 -35.41 72.89
C THR I 144 53.49 -36.61 72.48
N LYS I 145 52.87 -36.57 71.29
CA LYS I 145 52.02 -37.69 70.81
C LYS I 145 52.49 -38.19 69.44
N LEU I 146 53.35 -37.44 68.75
CA LEU I 146 53.78 -37.78 67.38
C LEU I 146 55.20 -37.27 67.19
N VAL I 147 56.04 -38.13 66.64
CA VAL I 147 57.40 -37.78 66.16
C VAL I 147 57.43 -38.09 64.67
N TRP I 148 57.74 -37.07 63.86
CA TRP I 148 57.71 -37.11 62.38
C TRP I 148 59.14 -37.02 61.89
N ILE I 149 59.67 -38.08 61.29
CA ILE I 149 61.06 -38.09 60.76
CA ILE I 149 61.06 -38.09 60.76
C ILE I 149 61.04 -38.42 59.26
N GLU I 150 61.78 -37.65 58.48
CA GLU I 150 62.15 -37.98 57.09
C GLU I 150 63.57 -38.50 57.15
N THR I 151 63.89 -39.57 56.45
CA THR I 151 65.28 -40.01 56.30
C THR I 151 65.39 -40.79 55.00
N PRO I 152 66.29 -40.40 54.07
CA PRO I 152 67.07 -39.17 54.17
C PRO I 152 66.22 -37.90 54.00
N THR I 153 66.70 -36.75 54.45
CA THR I 153 65.92 -35.49 54.46
C THR I 153 65.92 -34.84 53.06
N ASN I 154 64.84 -34.15 52.78
CA ASN I 154 64.67 -33.35 51.56
C ASN I 154 65.04 -31.92 51.91
N PRO I 155 66.11 -31.28 51.37
CA PRO I 155 66.93 -31.81 50.27
C PRO I 155 68.41 -32.13 50.53
N THR I 156 68.87 -32.10 51.78
CA THR I 156 70.32 -32.26 52.08
C THR I 156 70.66 -33.72 52.45
N LEU I 157 69.71 -34.65 52.44
CA LEU I 157 69.98 -36.10 52.53
C LEU I 157 70.71 -36.44 53.84
N LYS I 158 70.31 -35.80 54.92
CA LYS I 158 70.68 -36.17 56.30
C LYS I 158 69.87 -37.39 56.71
N LEU I 159 70.48 -38.33 57.44
CA LEU I 159 69.79 -39.56 57.91
C LEU I 159 69.44 -39.44 59.39
N ALA I 160 68.42 -40.16 59.80
CA ALA I 160 68.10 -40.48 61.19
C ALA I 160 68.20 -41.99 61.37
N ASP I 161 68.67 -42.43 62.53
CA ASP I 161 68.76 -43.86 62.89
C ASP I 161 67.34 -44.26 63.34
N ILE I 162 66.59 -44.93 62.47
CA ILE I 162 65.16 -45.21 62.74
C ILE I 162 65.01 -46.10 63.98
N LYS I 163 65.76 -47.18 64.08
CA LYS I 163 65.68 -48.12 65.24
C LYS I 163 66.03 -47.37 66.54
N ALA I 164 67.06 -46.52 66.53
CA ALA I 164 67.47 -45.75 67.74
C ALA I 164 66.37 -44.76 68.11
N CYS I 165 65.76 -44.06 67.13
CA CYS I 165 64.65 -43.12 67.42
C CYS I 165 63.44 -43.89 67.93
N ALA I 166 63.14 -45.07 67.38
CA ALA I 166 61.99 -45.89 67.80
C ALA I 166 62.17 -46.28 69.28
N GLN I 167 63.37 -46.72 69.65
CA GLN I 167 63.67 -47.14 71.04
C GLN I 167 63.42 -45.98 71.99
N ILE I 168 63.87 -44.78 71.63
CA ILE I 168 63.67 -43.56 72.48
C ILE I 168 62.17 -43.29 72.60
N VAL I 169 61.42 -43.23 71.50
CA VAL I 169 60.01 -42.75 71.63
C VAL I 169 59.16 -43.84 72.30
N HIS I 170 59.47 -45.11 72.11
CA HIS I 170 58.64 -46.23 72.67
C HIS I 170 58.96 -46.46 74.16
N LYS I 171 59.94 -45.78 74.76
CA LYS I 171 60.10 -45.77 76.25
C LYS I 171 58.97 -44.96 76.87
N HIS I 172 58.34 -44.06 76.13
CA HIS I 172 57.21 -43.24 76.62
C HIS I 172 55.89 -43.92 76.23
N LYS I 173 54.80 -43.55 76.90
CA LYS I 173 53.45 -44.07 76.60
C LYS I 173 52.88 -43.31 75.40
N ASP I 174 52.37 -44.02 74.40
CA ASP I 174 51.39 -43.42 73.45
C ASP I 174 52.06 -42.35 72.56
N ILE I 175 53.29 -42.56 72.12
CA ILE I 175 53.92 -41.70 71.08
C ILE I 175 53.98 -42.50 69.79
N ILE I 176 53.43 -41.92 68.72
CA ILE I 176 53.49 -42.50 67.35
C ILE I 176 54.77 -42.02 66.68
N LEU I 177 55.60 -42.93 66.18
CA LEU I 177 56.74 -42.58 65.31
C LEU I 177 56.34 -42.78 63.84
N VAL I 178 56.35 -41.70 63.07
CA VAL I 178 56.14 -41.70 61.60
C VAL I 178 57.47 -41.57 60.92
N VAL I 179 57.77 -42.42 59.96
CA VAL I 179 58.92 -42.21 59.06
C VAL I 179 58.35 -41.94 57.67
N ASP I 180 58.70 -40.78 57.11
CA ASP I 180 58.46 -40.44 55.69
C ASP I 180 59.56 -41.08 54.86
N ASN I 181 59.19 -42.13 54.13
CA ASN I 181 60.09 -43.03 53.36
C ASN I 181 60.15 -42.63 51.87
N THR I 182 59.70 -41.43 51.52
CA THR I 182 59.58 -40.98 50.11
C THR I 182 60.92 -41.13 49.37
N PHE I 183 62.01 -40.65 49.97
CA PHE I 183 63.31 -40.56 49.27
C PHE I 183 63.93 -41.94 49.04
N MET I 184 63.63 -42.96 49.85
CA MET I 184 64.28 -44.29 49.70
C MET I 184 63.43 -45.23 48.83
N SER I 185 62.11 -45.14 48.94
CA SER I 185 61.12 -46.12 48.41
C SER I 185 61.12 -47.37 49.30
N ALA I 186 60.03 -48.13 49.21
CA ALA I 186 59.82 -49.40 49.91
C ALA I 186 60.91 -50.40 49.51
N TYR I 187 61.52 -50.24 48.34
CA TYR I 187 62.51 -51.22 47.89
C TYR I 187 63.83 -51.11 48.70
N PHE I 188 64.18 -49.91 49.17
CA PHE I 188 65.51 -49.69 49.80
C PHE I 188 65.42 -49.50 51.31
N GLN I 189 64.26 -49.21 51.86
CA GLN I 189 64.12 -48.94 53.31
C GLN I 189 62.73 -49.38 53.75
N ARG I 190 62.67 -50.06 54.90
CA ARG I 190 61.42 -50.60 55.47
C ARG I 190 61.28 -50.14 56.91
N PRO I 191 60.80 -48.90 57.15
CA PRO I 191 60.69 -48.36 58.51
C PRO I 191 59.86 -49.21 59.47
N LEU I 192 58.81 -49.89 59.00
CA LEU I 192 57.99 -50.74 59.92
C LEU I 192 58.85 -51.90 60.48
N ALA I 193 59.84 -52.38 59.74
CA ALA I 193 60.74 -53.47 60.24
C ALA I 193 61.80 -52.88 61.20
N LEU I 194 61.92 -51.56 61.32
CA LEU I 194 62.95 -50.90 62.17
C LEU I 194 62.31 -50.24 63.38
N GLY I 195 61.01 -50.40 63.60
CA GLY I 195 60.31 -49.90 64.81
C GLY I 195 59.39 -48.73 64.56
N ALA I 196 59.30 -48.17 63.36
CA ALA I 196 58.31 -47.08 63.09
C ALA I 196 56.90 -47.64 63.31
N ASP I 197 55.97 -46.80 63.76
CA ASP I 197 54.54 -47.15 63.87
C ASP I 197 53.84 -46.89 62.53
N ILE I 198 54.27 -45.88 61.78
CA ILE I 198 53.66 -45.47 60.48
C ILE I 198 54.78 -45.27 59.47
N CYS I 199 54.65 -45.90 58.32
CA CYS I 199 55.51 -45.68 57.14
C CYS I 199 54.67 -44.88 56.13
N MET I 200 55.06 -43.64 55.89
CA MET I 200 54.30 -42.71 55.02
C MET I 200 55.17 -42.44 53.80
N CYS I 201 54.57 -42.25 52.62
CA CYS I 201 55.36 -41.67 51.51
C CYS I 201 54.49 -40.89 50.54
N SER I 202 55.13 -39.99 49.83
CA SER I 202 54.59 -39.39 48.59
C SER I 202 54.82 -40.41 47.49
N ALA I 203 53.75 -41.11 47.09
CA ALA I 203 53.78 -42.05 45.96
C ALA I 203 54.00 -41.28 44.65
N THR I 204 53.78 -39.96 44.67
CA THR I 204 54.07 -39.03 43.55
C THR I 204 55.48 -39.28 43.03
N LYS I 205 56.40 -39.73 43.89
CA LYS I 205 57.83 -39.84 43.53
C LYS I 205 58.12 -41.25 43.04
N TYR I 206 59.01 -42.00 43.69
CA TYR I 206 59.49 -43.31 43.16
C TYR I 206 58.37 -44.36 43.07
N MET I 207 57.43 -44.41 43.98
CA MET I 207 56.50 -45.58 44.05
C MET I 207 55.72 -45.65 42.73
N ASN I 208 55.15 -44.53 42.29
CA ASN I 208 54.52 -44.46 40.94
C ASN I 208 55.63 -44.41 39.89
N GLY I 209 56.59 -43.51 40.04
CA GLY I 209 57.82 -43.51 39.23
C GLY I 209 57.69 -42.91 37.83
N HIS I 210 56.50 -42.45 37.41
CA HIS I 210 56.28 -42.00 36.01
C HIS I 210 55.77 -40.55 35.94
N SER I 211 55.88 -39.79 37.02
CA SER I 211 55.63 -38.34 37.07
C SER I 211 54.25 -38.00 36.51
N ASP I 212 53.27 -38.86 36.76
CA ASP I 212 51.91 -38.67 36.19
C ASP I 212 50.81 -38.96 37.22
N VAL I 213 51.15 -39.06 38.50
CA VAL I 213 50.20 -39.32 39.60
C VAL I 213 50.68 -38.55 40.83
N VAL I 214 49.76 -37.81 41.43
CA VAL I 214 49.98 -37.23 42.79
C VAL I 214 49.22 -38.13 43.76
N MET I 215 49.90 -38.67 44.77
CA MET I 215 49.27 -39.64 45.69
C MET I 215 50.12 -39.77 46.97
N GLY I 216 49.47 -40.05 48.09
CA GLY I 216 50.12 -40.40 49.36
C GLY I 216 49.75 -41.80 49.80
N LEU I 217 50.69 -42.47 50.48
CA LEU I 217 50.51 -43.85 50.98
C LEU I 217 50.87 -43.83 52.46
N VAL I 218 50.08 -44.51 53.27
CA VAL I 218 50.34 -44.69 54.72
C VAL I 218 50.18 -46.18 55.04
N SER I 219 51.24 -46.80 55.59
CA SER I 219 51.26 -48.23 55.95
C SER I 219 51.47 -48.36 57.48
N VAL I 220 50.72 -49.28 58.11
CA VAL I 220 50.77 -49.56 59.56
C VAL I 220 50.61 -51.05 59.82
N ASN I 221 51.08 -51.49 60.99
CA ASN I 221 50.82 -52.85 61.51
C ASN I 221 49.71 -52.81 62.58
N SER I 222 49.61 -51.75 63.35
CA SER I 222 48.67 -51.60 64.47
C SER I 222 47.22 -51.61 63.96
N ASP I 223 46.37 -52.47 64.54
CA ASP I 223 44.92 -52.49 64.25
C ASP I 223 44.27 -51.20 64.76
N ASP I 224 44.72 -50.67 65.90
CA ASP I 224 44.23 -49.38 66.48
C ASP I 224 44.51 -48.24 65.50
N LEU I 225 45.74 -48.11 65.01
CA LEU I 225 46.12 -47.01 64.07
C LEU I 225 45.34 -47.20 62.76
N ASN I 226 45.22 -48.44 62.27
CA ASN I 226 44.46 -48.71 61.04
C ASN I 226 43.01 -48.19 61.22
N GLU I 227 42.35 -48.54 62.31
CA GLU I 227 40.94 -48.14 62.55
C GLU I 227 40.84 -46.60 62.59
N ARG I 228 41.74 -45.94 63.29
CA ARG I 228 41.73 -44.47 63.43
C ARG I 228 42.00 -43.80 62.08
N LEU I 229 42.95 -44.33 61.30
CA LEU I 229 43.31 -43.73 60.00
C LEU I 229 42.19 -43.99 58.97
N ARG I 230 41.56 -45.17 59.03
CA ARG I 230 40.46 -45.54 58.09
C ARG I 230 39.30 -44.57 58.30
N PHE I 231 38.97 -44.31 59.56
CA PHE I 231 37.94 -43.34 59.95
C PHE I 231 38.23 -41.98 59.29
N LEU I 232 39.49 -41.53 59.33
CA LEU I 232 39.87 -40.21 58.80
C LEU I 232 39.96 -40.23 57.25
N GLN I 233 40.38 -41.33 56.64
CA GLN I 233 40.40 -41.44 55.17
C GLN I 233 38.95 -41.20 54.67
N ASN I 234 37.98 -41.80 55.34
CA ASN I 234 36.56 -41.71 54.96
C ASN I 234 36.01 -40.32 55.34
N SER I 235 36.37 -39.78 56.50
CA SER I 235 35.70 -38.60 57.10
C SER I 235 36.29 -37.28 56.62
N LEU I 236 37.60 -37.20 56.34
CA LEU I 236 38.23 -36.00 55.73
C LEU I 236 38.08 -36.10 54.21
N GLY I 237 38.06 -37.31 53.64
CA GLY I 237 37.80 -37.54 52.21
C GLY I 237 38.93 -37.09 51.32
N ALA I 238 40.18 -37.05 51.80
CA ALA I 238 41.32 -36.69 50.94
C ALA I 238 41.77 -37.95 50.19
N VAL I 239 40.89 -38.47 49.32
CA VAL I 239 41.05 -39.80 48.67
C VAL I 239 41.54 -39.63 47.24
N PRO I 240 42.25 -40.64 46.71
CA PRO I 240 42.73 -40.65 45.34
C PRO I 240 41.65 -41.12 44.35
N SER I 241 41.74 -40.66 43.11
CA SER I 241 40.96 -41.19 41.96
C SER I 241 41.30 -42.66 41.74
N PRO I 242 40.32 -43.54 41.43
CA PRO I 242 40.62 -44.92 41.02
C PRO I 242 41.55 -44.98 39.81
N PHE I 243 41.45 -44.02 38.91
CA PHE I 243 42.36 -43.93 37.73
C PHE I 243 43.81 -43.74 38.22
N ASP I 244 44.02 -42.84 39.15
CA ASP I 244 45.36 -42.63 39.77
C ASP I 244 45.82 -43.91 40.50
N CYS I 245 44.91 -44.60 41.17
CA CYS I 245 45.26 -45.88 41.86
C CYS I 245 45.75 -46.89 40.82
N TYR I 246 45.07 -46.96 39.67
CA TYR I 246 45.47 -47.87 38.59
C TYR I 246 46.90 -47.53 38.11
N LEU I 247 47.16 -46.25 37.80
CA LEU I 247 48.50 -45.86 37.29
C LEU I 247 49.57 -46.13 38.35
N CYS I 248 49.29 -45.88 39.61
CA CYS I 248 50.28 -46.15 40.68
C CYS I 248 50.53 -47.67 40.79
N CYS I 249 49.46 -48.47 40.72
CA CYS I 249 49.61 -49.94 40.71
C CYS I 249 50.47 -50.37 39.50
N ARG I 250 50.24 -49.76 38.33
CA ARG I 250 51.04 -50.07 37.13
C ARG I 250 52.52 -49.73 37.37
N GLY I 251 52.78 -48.57 38.00
CA GLY I 251 54.15 -48.17 38.36
C GLY I 251 54.84 -49.15 39.30
N LEU I 252 54.12 -49.71 40.28
CA LEU I 252 54.72 -50.64 41.28
C LEU I 252 55.27 -51.87 40.57
N LYS I 253 54.73 -52.27 39.42
CA LYS I 253 55.11 -53.53 38.74
C LYS I 253 56.59 -53.47 38.35
N THR I 254 57.12 -52.27 38.10
CA THR I 254 58.54 -52.08 37.68
C THR I 254 59.38 -51.46 38.82
N LEU I 255 58.85 -51.31 40.02
CA LEU I 255 59.55 -50.58 41.11
C LEU I 255 60.93 -51.24 41.37
N GLN I 256 61.02 -52.54 41.51
CA GLN I 256 62.32 -53.18 41.79
C GLN I 256 63.35 -52.81 40.70
N ILE I 257 63.03 -53.00 39.42
CA ILE I 257 64.03 -52.78 38.35
C ILE I 257 64.31 -51.27 38.18
N ARG I 258 63.34 -50.40 38.42
CA ARG I 258 63.55 -48.93 38.33
C ARG I 258 64.54 -48.54 39.45
N MET I 259 64.29 -48.97 40.69
CA MET I 259 65.11 -48.55 41.84
C MET I 259 66.54 -49.05 41.66
N GLU I 260 66.76 -50.26 41.14
CA GLU I 260 68.13 -50.78 40.89
C GLU I 260 68.85 -49.87 39.88
N LYS I 261 68.14 -49.42 38.85
CA LYS I 261 68.73 -48.52 37.83
C LYS I 261 68.97 -47.12 38.44
N HIS I 262 68.06 -46.60 39.25
CA HIS I 262 68.26 -45.30 39.95
C HIS I 262 69.55 -45.38 40.80
N PHE I 263 69.77 -46.50 41.47
CA PHE I 263 70.97 -46.74 42.31
C PHE I 263 72.22 -46.73 41.43
N ARG I 264 72.26 -47.49 40.34
CA ARG I 264 73.44 -47.52 39.44
C ARG I 264 73.71 -46.10 38.89
N ASN I 265 72.70 -45.41 38.39
CA ASN I 265 72.88 -44.07 37.81
C ASN I 265 73.22 -43.05 38.89
N GLY I 266 72.56 -43.11 40.04
CA GLY I 266 72.78 -42.18 41.15
C GLY I 266 74.24 -42.28 41.63
N MET I 267 74.73 -43.51 41.82
CA MET I 267 76.12 -43.73 42.30
C MET I 267 77.09 -43.18 41.25
N ALA I 268 76.84 -43.41 39.95
CA ALA I 268 77.74 -42.93 38.88
C ALA I 268 77.77 -41.37 38.86
N VAL I 269 76.62 -40.72 39.00
CA VAL I 269 76.51 -39.24 39.05
C VAL I 269 77.26 -38.72 40.29
N ALA I 270 77.03 -39.32 41.45
CA ALA I 270 77.67 -38.87 42.71
C ALA I 270 79.20 -38.96 42.58
N ARG I 271 79.73 -40.07 42.05
CA ARG I 271 81.18 -40.24 41.86
C ARG I 271 81.73 -39.23 40.87
N PHE I 272 81.00 -38.96 39.79
CA PHE I 272 81.39 -37.98 38.77
C PHE I 272 81.47 -36.58 39.41
N LEU I 273 80.48 -36.19 40.21
CA LEU I 273 80.46 -34.85 40.83
C LEU I 273 81.59 -34.76 41.88
N GLU I 274 81.84 -35.84 42.61
CA GLU I 274 82.86 -35.84 43.69
C GLU I 274 84.25 -35.60 43.10
N SER I 275 84.53 -35.99 41.87
CA SER I 275 85.87 -35.82 41.26
C SER I 275 85.91 -34.58 40.34
N ASN I 276 84.82 -33.81 40.23
CA ASN I 276 84.77 -32.62 39.36
C ASN I 276 85.22 -31.37 40.14
N PRO I 277 86.24 -30.62 39.66
CA PRO I 277 86.73 -29.44 40.40
C PRO I 277 85.79 -28.23 40.42
N ARG I 278 84.65 -28.28 39.71
CA ARG I 278 83.64 -27.19 39.72
C ARG I 278 82.60 -27.43 40.81
N VAL I 279 82.74 -28.52 41.57
CA VAL I 279 81.78 -28.92 42.63
C VAL I 279 82.46 -28.72 43.99
N GLU I 280 81.84 -27.98 44.89
CA GLU I 280 82.35 -27.72 46.25
C GLU I 280 82.20 -28.98 47.11
N LYS I 281 81.04 -29.64 47.08
CA LYS I 281 80.73 -30.78 47.96
C LYS I 281 79.56 -31.58 47.37
N VAL I 282 79.64 -32.89 47.37
CA VAL I 282 78.54 -33.81 46.93
C VAL I 282 77.96 -34.48 48.16
N ILE I 283 76.65 -34.69 48.18
CA ILE I 283 75.95 -35.44 49.23
C ILE I 283 75.21 -36.60 48.56
N TYR I 284 75.62 -37.82 48.89
CA TYR I 284 74.95 -39.06 48.43
C TYR I 284 75.18 -40.12 49.49
N PRO I 285 74.13 -40.67 50.13
CA PRO I 285 74.31 -41.66 51.19
C PRO I 285 75.14 -42.88 50.77
N GLY I 286 75.17 -43.22 49.49
CA GLY I 286 75.98 -44.34 48.96
C GLY I 286 77.47 -44.05 48.86
N LEU I 287 77.90 -42.80 48.96
CA LEU I 287 79.34 -42.45 48.90
C LEU I 287 79.92 -42.60 50.31
N PRO I 288 81.13 -43.19 50.44
CA PRO I 288 81.87 -43.16 51.72
C PRO I 288 82.04 -41.76 52.33
N SER I 289 82.07 -40.70 51.52
CA SER I 289 82.22 -39.30 52.01
C SER I 289 80.98 -38.84 52.76
N HIS I 290 79.80 -39.46 52.57
CA HIS I 290 78.62 -39.02 53.32
C HIS I 290 78.90 -39.22 54.79
N PRO I 291 78.63 -38.22 55.66
CA PRO I 291 78.90 -38.38 57.08
C PRO I 291 78.15 -39.55 57.75
N GLN I 292 77.03 -39.99 57.18
CA GLN I 292 76.26 -41.12 57.77
C GLN I 292 76.24 -42.32 56.83
N HIS I 293 77.29 -42.51 56.03
CA HIS I 293 77.40 -43.64 55.09
C HIS I 293 77.25 -44.97 55.85
N GLU I 294 77.88 -45.11 57.03
CA GLU I 294 77.85 -46.40 57.76
C GLU I 294 76.42 -46.67 58.25
N LEU I 295 75.72 -45.65 58.74
CA LEU I 295 74.31 -45.81 59.16
C LEU I 295 73.44 -46.21 57.94
N ALA I 296 73.66 -45.59 56.78
CA ALA I 296 72.90 -45.92 55.55
C ALA I 296 73.02 -47.43 55.27
N LYS I 297 74.21 -47.98 55.39
CA LYS I 297 74.46 -49.43 55.11
C LYS I 297 73.77 -50.31 56.17
N ARG I 298 73.60 -49.82 57.39
CA ARG I 298 72.98 -50.60 58.49
C ARG I 298 71.46 -50.57 58.38
N GLN I 299 70.83 -49.60 57.71
CA GLN I 299 69.36 -49.52 57.78
C GLN I 299 68.68 -49.55 56.39
N CYS I 300 69.45 -49.63 55.31
CA CYS I 300 68.93 -49.62 53.91
C CYS I 300 69.54 -50.78 53.12
N THR I 301 68.85 -51.18 52.05
CA THR I 301 69.32 -52.23 51.13
C THR I 301 69.96 -51.62 49.89
N GLY I 302 70.08 -50.31 49.85
CA GLY I 302 70.70 -49.59 48.73
C GLY I 302 70.39 -48.12 48.83
N CYS I 303 70.59 -47.40 47.75
CA CYS I 303 70.40 -45.93 47.70
CA CYS I 303 70.41 -45.93 47.69
C CYS I 303 69.77 -45.55 46.37
N PRO I 304 68.82 -44.62 46.33
CA PRO I 304 68.18 -44.26 45.05
C PRO I 304 68.96 -43.21 44.25
N GLY I 305 68.26 -42.43 43.44
CA GLY I 305 68.89 -41.51 42.47
C GLY I 305 68.96 -40.08 42.98
N MET I 306 68.70 -39.83 44.25
CA MET I 306 68.71 -38.44 44.78
C MET I 306 70.16 -38.08 45.15
N VAL I 307 70.71 -37.11 44.45
CA VAL I 307 72.10 -36.63 44.67
C VAL I 307 72.03 -35.12 44.85
N SER I 308 72.55 -34.59 45.95
CA SER I 308 72.59 -33.12 46.15
C SER I 308 74.04 -32.67 46.09
N PHE I 309 74.30 -31.48 45.59
CA PHE I 309 75.67 -30.94 45.57
C PHE I 309 75.64 -29.43 45.68
N TYR I 310 76.74 -28.89 46.21
CA TYR I 310 77.02 -27.43 46.26
C TYR I 310 77.95 -27.14 45.11
N ILE I 311 77.51 -26.29 44.19
CA ILE I 311 78.38 -25.84 43.08
C ILE I 311 79.38 -24.82 43.66
N LYS I 312 80.58 -24.76 43.10
CA LYS I 312 81.54 -23.68 43.49
C LYS I 312 80.96 -22.33 43.07
N GLY I 313 81.19 -21.31 43.88
CA GLY I 313 80.89 -19.92 43.50
C GLY I 313 79.63 -19.45 44.19
N THR I 314 78.70 -18.89 43.43
CA THR I 314 77.53 -18.16 43.96
C THR I 314 76.27 -18.64 43.25
N LEU I 315 75.15 -18.07 43.63
CA LEU I 315 73.83 -18.26 42.98
C LEU I 315 73.98 -18.13 41.47
N GLN I 316 74.78 -17.17 40.98
CA GLN I 316 74.92 -16.94 39.51
C GLN I 316 75.42 -18.23 38.86
N HIS I 317 76.38 -18.92 39.45
CA HIS I 317 76.95 -20.15 38.87
C HIS I 317 75.87 -21.27 38.89
N ALA I 318 75.12 -21.39 39.97
CA ALA I 318 74.00 -22.36 40.08
C ALA I 318 72.99 -22.06 38.96
N GLN I 319 72.64 -20.79 38.74
CA GLN I 319 71.67 -20.41 37.67
C GLN I 319 72.23 -20.79 36.31
N VAL I 320 73.50 -20.54 36.04
CA VAL I 320 74.08 -20.86 34.71
C VAL I 320 74.08 -22.39 34.53
N PHE I 321 74.45 -23.16 35.55
CA PHE I 321 74.39 -24.64 35.48
C PHE I 321 72.96 -25.07 35.10
N LEU I 322 71.95 -24.55 35.81
CA LEU I 322 70.54 -24.98 35.65
C LEU I 322 69.98 -24.51 34.29
N LYS I 323 70.55 -23.46 33.68
CA LYS I 323 70.15 -22.98 32.33
C LYS I 323 70.82 -23.82 31.24
N ASN I 324 71.93 -24.49 31.50
CA ASN I 324 72.73 -25.18 30.45
C ASN I 324 72.50 -26.69 30.43
N ILE I 325 71.92 -27.28 31.47
CA ILE I 325 71.55 -28.73 31.45
C ILE I 325 70.58 -28.95 30.27
N LYS I 326 70.78 -30.01 29.49
CA LYS I 326 69.96 -30.30 28.29
C LYS I 326 69.28 -31.67 28.40
N LEU I 327 69.68 -32.52 29.36
CA LEU I 327 69.07 -33.84 29.59
C LEU I 327 68.33 -33.81 30.93
N PHE I 328 69.01 -33.45 32.00
CA PHE I 328 68.35 -32.99 33.24
C PHE I 328 67.46 -31.80 32.88
N ALA I 329 66.26 -31.73 33.43
CA ALA I 329 65.30 -30.61 33.24
C ALA I 329 65.19 -29.85 34.55
N LEU I 330 65.20 -28.52 34.48
CA LEU I 330 64.92 -27.65 35.62
C LEU I 330 63.44 -27.73 35.92
N ALA I 331 63.10 -28.37 37.01
CA ALA I 331 61.70 -28.66 37.38
C ALA I 331 61.67 -29.16 38.81
N GLU I 332 60.55 -28.96 39.47
CA GLU I 332 60.27 -29.60 40.77
C GLU I 332 60.01 -31.11 40.57
N SER I 333 59.91 -31.79 41.69
CA SER I 333 59.62 -33.22 41.85
C SER I 333 60.88 -34.07 41.65
N LEU I 334 60.69 -35.36 41.82
CA LEU I 334 61.79 -36.35 41.88
C LEU I 334 61.18 -37.74 41.72
N GLY I 335 62.04 -38.72 41.48
CA GLY I 335 61.65 -40.13 41.56
C GLY I 335 60.99 -40.60 40.27
N GLY I 336 61.03 -39.77 39.22
CA GLY I 336 60.56 -40.17 37.88
C GLY I 336 61.64 -40.84 37.07
N TYR I 337 61.27 -41.40 35.92
CA TYR I 337 62.20 -42.00 34.96
C TYR I 337 63.09 -40.91 34.32
N GLU I 338 62.63 -39.66 34.31
CA GLU I 338 63.34 -38.53 33.66
C GLU I 338 64.18 -37.80 34.72
N SER I 339 65.38 -37.40 34.36
CA SER I 339 66.33 -36.71 35.27
C SER I 339 65.86 -35.26 35.47
N LEU I 340 65.79 -34.82 36.71
CA LEU I 340 65.34 -33.47 37.11
C LEU I 340 66.42 -32.80 37.99
N ALA I 341 66.43 -31.47 37.99
CA ALA I 341 67.31 -30.65 38.84
C ALA I 341 66.54 -29.47 39.36
N GLU I 342 66.80 -29.06 40.60
CA GLU I 342 66.19 -27.85 41.16
C GLU I 342 67.17 -27.15 42.11
N LEU I 343 66.82 -25.94 42.47
CA LEU I 343 67.55 -25.07 43.44
C LEU I 343 66.62 -24.89 44.62
N PRO I 344 66.71 -25.76 45.66
CA PRO I 344 65.73 -25.77 46.74
C PRO I 344 65.49 -24.42 47.43
N ALA I 345 66.53 -23.61 47.60
CA ALA I 345 66.41 -22.32 48.33
C ALA I 345 65.38 -21.41 47.65
N ILE I 346 65.26 -21.52 46.33
CA ILE I 346 64.41 -20.62 45.50
C ILE I 346 63.14 -21.37 45.04
N MET I 347 63.11 -22.70 45.14
CA MET I 347 62.00 -23.52 44.57
C MET I 347 61.30 -24.28 45.70
N THR I 348 61.61 -25.54 45.97
CA THR I 348 60.85 -26.38 46.94
C THR I 348 60.89 -25.82 48.36
N HIS I 349 61.94 -25.10 48.76
CA HIS I 349 62.13 -24.68 50.17
C HIS I 349 62.04 -23.15 50.30
N ALA I 350 61.50 -22.48 49.29
CA ALA I 350 61.35 -21.00 49.30
C ALA I 350 60.47 -20.56 50.48
N SER I 351 59.51 -21.37 50.89
CA SER I 351 58.56 -21.05 52.00
C SER I 351 59.25 -21.16 53.37
N VAL I 352 60.37 -21.88 53.46
CA VAL I 352 61.12 -22.01 54.75
C VAL I 352 61.83 -20.67 55.00
N PRO I 353 61.70 -20.07 56.21
CA PRO I 353 62.36 -18.79 56.48
C PRO I 353 63.86 -18.84 56.16
N GLU I 354 64.38 -17.73 55.62
CA GLU I 354 65.78 -17.62 55.12
C GLU I 354 66.76 -18.02 56.24
N LYS I 355 66.49 -17.66 57.49
CA LYS I 355 67.42 -17.97 58.61
C LYS I 355 67.42 -19.48 58.90
N ASP I 356 66.27 -20.13 58.77
CA ASP I 356 66.14 -21.59 58.94
C ASP I 356 66.88 -22.29 57.79
N ARG I 357 66.73 -21.82 56.55
CA ARG I 357 67.48 -22.40 55.41
C ARG I 357 68.98 -22.34 55.68
N ALA I 358 69.46 -21.21 56.20
CA ALA I 358 70.91 -21.01 56.47
C ALA I 358 71.37 -22.06 57.51
N THR I 359 70.66 -22.22 58.61
CA THR I 359 71.04 -23.20 59.65
C THR I 359 71.03 -24.62 59.06
N LEU I 360 70.13 -24.95 58.13
CA LEU I 360 70.00 -26.33 57.61
C LEU I 360 70.99 -26.59 56.48
N GLY I 361 71.66 -25.57 55.94
CA GLY I 361 72.56 -25.75 54.80
C GLY I 361 71.83 -25.69 53.46
N ILE I 362 70.61 -25.17 53.43
CA ILE I 362 69.85 -24.98 52.15
C ILE I 362 70.22 -23.60 51.59
N SER I 363 71.44 -23.52 51.06
CA SER I 363 72.09 -22.29 50.58
C SER I 363 71.74 -22.06 49.11
N ASP I 364 72.12 -20.90 48.60
CA ASP I 364 71.87 -20.50 47.20
C ASP I 364 72.74 -21.30 46.22
N THR I 365 73.70 -22.11 46.68
CA THR I 365 74.52 -22.94 45.78
C THR I 365 74.16 -24.44 45.88
N LEU I 366 73.17 -24.80 46.68
CA LEU I 366 72.72 -26.20 46.83
CA LEU I 366 72.71 -26.21 46.84
C LEU I 366 71.81 -26.56 45.65
N ILE I 367 72.20 -27.56 44.88
CA ILE I 367 71.42 -28.11 43.76
C ILE I 367 70.97 -29.53 44.14
N ARG I 368 69.68 -29.82 43.99
CA ARG I 368 69.15 -31.18 44.21
C ARG I 368 68.92 -31.83 42.85
N LEU I 369 69.52 -32.99 42.62
CA LEU I 369 69.31 -33.79 41.40
C LEU I 369 68.45 -35.00 41.72
N SER I 370 67.51 -35.31 40.84
CA SER I 370 66.80 -36.60 40.79
C SER I 370 67.30 -37.31 39.55
N VAL I 371 68.17 -38.29 39.73
CA VAL I 371 68.79 -38.99 38.58
C VAL I 371 67.78 -40.06 38.11
N GLY I 372 67.44 -39.99 36.83
CA GLY I 372 66.46 -40.88 36.18
C GLY I 372 67.10 -42.14 35.60
N LEU I 373 66.48 -42.70 34.58
CA LEU I 373 66.79 -44.04 34.05
C LEU I 373 67.52 -43.93 32.71
N GLU I 374 67.99 -42.75 32.34
CA GLU I 374 68.73 -42.56 31.06
C GLU I 374 70.06 -43.31 31.10
N ASP I 375 70.72 -43.42 29.96
CA ASP I 375 72.07 -44.01 29.86
C ASP I 375 73.08 -43.17 30.66
N GLU I 376 73.85 -43.86 31.49
CA GLU I 376 74.81 -43.21 32.43
C GLU I 376 75.71 -42.22 31.68
N LYS I 377 76.29 -42.62 30.55
CA LYS I 377 77.26 -41.76 29.83
C LYS I 377 76.59 -40.44 29.40
N ASP I 378 75.32 -40.48 28.95
CA ASP I 378 74.58 -39.27 28.51
C ASP I 378 74.39 -38.35 29.72
N LEU I 379 74.10 -38.90 30.90
CA LEU I 379 73.87 -38.09 32.12
C LEU I 379 75.18 -37.40 32.53
N LEU I 380 76.31 -38.12 32.50
CA LEU I 380 77.62 -37.56 32.93
C LEU I 380 78.07 -36.48 31.95
N GLU I 381 77.88 -36.68 30.64
CA GLU I 381 78.21 -35.65 29.62
C GLU I 381 77.35 -34.41 29.83
N ASP I 382 76.07 -34.55 30.16
CA ASP I 382 75.18 -33.39 30.38
C ASP I 382 75.66 -32.58 31.60
N LEU I 383 75.95 -33.25 32.72
CA LEU I 383 76.40 -32.56 33.94
C LEU I 383 77.75 -31.88 33.66
N GLY I 384 78.65 -32.58 32.98
CA GLY I 384 80.00 -32.05 32.66
C GLY I 384 79.92 -30.75 31.86
N GLN I 385 79.14 -30.72 30.78
CA GLN I 385 79.06 -29.54 29.89
C GLN I 385 78.34 -28.41 30.65
N ALA I 386 77.34 -28.70 31.48
CA ALA I 386 76.62 -27.65 32.23
C ALA I 386 77.54 -27.03 33.31
N LEU I 387 78.32 -27.85 34.01
CA LEU I 387 79.29 -27.34 35.01
C LEU I 387 80.37 -26.51 34.30
N LYS I 388 80.82 -26.91 33.12
CA LYS I 388 81.82 -26.14 32.32
C LYS I 388 81.23 -24.80 31.87
N ALA I 389 79.93 -24.74 31.54
CA ALA I 389 79.26 -23.46 31.20
C ALA I 389 79.29 -22.55 32.42
N ALA I 390 79.13 -23.08 33.64
CA ALA I 390 79.11 -22.29 34.89
C ALA I 390 80.54 -21.83 35.27
N HIS I 391 81.55 -22.68 35.07
CA HIS I 391 82.98 -22.44 35.42
C HIS I 391 83.85 -22.83 34.25
N PRO I 392 84.02 -21.94 33.24
CA PRO I 392 84.80 -22.26 32.04
C PRO I 392 86.21 -22.75 32.38
N GLY J 3 6.69 -20.42 38.22
CA GLY J 3 6.88 -19.18 39.02
C GLY J 3 8.25 -19.10 39.68
N PHE J 4 9.23 -19.92 39.27
CA PHE J 4 10.63 -19.83 39.77
C PHE J 4 11.32 -18.59 39.20
N LEU J 5 12.45 -18.18 39.76
CA LEU J 5 13.33 -17.13 39.20
C LEU J 5 13.59 -17.45 37.74
N PRO J 6 13.77 -16.43 36.88
CA PRO J 6 14.11 -16.69 35.48
C PRO J 6 15.47 -17.41 35.36
N SER J 7 15.58 -18.32 34.39
CA SER J 7 16.80 -19.13 34.12
C SER J 7 18.03 -18.25 33.94
N PHE J 8 19.20 -18.75 34.36
CA PHE J 8 20.49 -18.09 34.06
C PHE J 8 20.65 -18.01 32.55
N GLN J 9 21.01 -16.81 32.08
CA GLN J 9 21.14 -16.53 30.64
C GLN J 9 22.63 -16.84 30.47
N HIS J 10 22.93 -17.46 29.36
CA HIS J 10 24.29 -17.75 28.85
C HIS J 10 24.88 -18.93 29.60
N PHE J 11 24.13 -19.65 30.42
CA PHE J 11 24.69 -20.75 31.25
C PHE J 11 25.29 -21.82 30.33
N ALA J 12 24.54 -22.27 29.32
CA ALA J 12 24.99 -23.38 28.45
C ALA J 12 26.21 -22.93 27.65
N THR J 13 26.22 -21.69 27.15
CA THR J 13 27.35 -21.12 26.41
C THR J 13 28.58 -21.10 27.31
N GLN J 14 28.45 -20.61 28.54
CA GLN J 14 29.58 -20.53 29.50
C GLN J 14 30.06 -21.94 29.88
N ALA J 15 29.18 -22.89 30.09
CA ALA J 15 29.54 -24.25 30.50
C ALA J 15 30.39 -24.90 29.40
N ILE J 16 30.18 -24.50 28.15
CA ILE J 16 30.88 -25.11 26.99
C ILE J 16 32.17 -24.33 26.69
N HIS J 17 32.21 -23.01 26.86
CA HIS J 17 33.29 -22.14 26.29
C HIS J 17 34.20 -21.53 27.36
N VAL J 18 33.74 -21.24 28.57
CA VAL J 18 34.60 -20.45 29.50
C VAL J 18 35.81 -21.30 29.87
N GLY J 19 37.00 -20.73 29.68
CA GLY J 19 38.28 -21.41 29.98
C GLY J 19 38.68 -22.42 28.95
N GLN J 20 37.90 -22.61 27.86
CA GLN J 20 38.10 -23.73 26.91
C GLN J 20 38.61 -23.21 25.55
N GLU J 21 39.16 -21.99 25.50
CA GLU J 21 39.71 -21.40 24.25
C GLU J 21 40.75 -22.33 23.65
N PRO J 22 40.59 -22.80 22.39
CA PRO J 22 41.60 -23.63 21.74
C PRO J 22 42.98 -22.97 21.65
N GLU J 23 43.03 -21.64 21.61
CA GLU J 23 44.27 -20.85 21.44
C GLU J 23 45.23 -21.10 22.60
N GLN J 24 44.78 -21.57 23.75
CA GLN J 24 45.71 -21.80 24.89
C GLN J 24 46.53 -23.08 24.69
N TRP J 25 46.16 -23.96 23.77
CA TRP J 25 46.87 -25.25 23.56
C TRP J 25 47.74 -25.11 22.30
N SER J 26 48.96 -25.67 22.32
CA SER J 26 49.85 -25.70 21.15
C SER J 26 49.14 -26.30 19.94
N SER J 27 48.35 -27.34 20.16
CA SER J 27 47.64 -28.11 19.10
C SER J 27 46.39 -27.38 18.58
N ARG J 28 45.87 -26.40 19.32
CA ARG J 28 44.55 -25.76 19.08
C ARG J 28 43.41 -26.79 19.22
N ALA J 29 43.61 -27.83 20.03
CA ALA J 29 42.57 -28.83 20.37
C ALA J 29 41.30 -28.10 20.78
N VAL J 30 40.14 -28.57 20.29
CA VAL J 30 38.84 -27.92 20.64
CA VAL J 30 38.83 -27.94 20.64
C VAL J 30 38.36 -28.45 22.01
N VAL J 31 38.97 -29.53 22.50
CA VAL J 31 38.66 -30.13 23.82
C VAL J 31 39.94 -30.09 24.68
N LEU J 32 39.79 -29.74 25.95
CA LEU J 32 40.97 -29.61 26.85
C LEU J 32 41.70 -30.94 26.97
N PRO J 33 43.05 -30.91 26.88
CA PRO J 33 43.87 -32.09 27.13
C PRO J 33 43.83 -32.49 28.60
N ILE J 34 44.07 -33.77 28.83
CA ILE J 34 44.31 -34.32 30.18
C ILE J 34 45.82 -34.27 30.39
N SER J 35 46.26 -33.35 31.23
CA SER J 35 47.71 -33.23 31.53
C SER J 35 47.97 -33.90 32.88
N LEU J 36 48.57 -35.07 32.86
CA LEU J 36 48.86 -35.83 34.10
C LEU J 36 50.22 -35.40 34.69
N ALA J 37 51.07 -34.70 33.95
CA ALA J 37 52.44 -34.36 34.41
C ALA J 37 52.39 -33.78 35.84
N THR J 38 53.26 -34.29 36.71
CA THR J 38 53.37 -33.77 38.10
C THR J 38 54.20 -32.49 38.09
N THR J 39 55.04 -32.30 37.09
CA THR J 39 55.98 -31.17 37.06
C THR J 39 56.15 -30.60 35.65
N PHE J 40 56.77 -29.43 35.60
CA PHE J 40 56.79 -28.53 34.44
C PHE J 40 58.18 -27.90 34.37
N LYS J 41 58.77 -27.88 33.19
CA LYS J 41 60.12 -27.32 32.99
C LYS J 41 60.06 -25.80 33.17
N GLN J 42 60.95 -25.27 34.00
CA GLN J 42 61.06 -23.80 34.28
C GLN J 42 62.13 -23.19 33.37
N ASP J 43 61.92 -21.96 32.90
CA ASP J 43 62.91 -21.18 32.12
C ASP J 43 64.05 -20.72 33.03
N SER J 44 63.78 -20.42 34.28
CA SER J 44 64.83 -20.16 35.28
C SER J 44 64.28 -20.45 36.66
N PRO J 45 65.16 -20.67 37.66
CA PRO J 45 64.72 -21.16 38.96
C PRO J 45 63.72 -20.21 39.61
N GLY J 46 62.59 -20.76 40.06
CA GLY J 46 61.54 -20.03 40.80
C GLY J 46 60.91 -18.94 39.96
N GLN J 47 60.82 -19.12 38.65
CA GLN J 47 60.04 -18.19 37.81
C GLN J 47 58.64 -18.07 38.43
N SER J 48 58.07 -16.87 38.45
CA SER J 48 56.78 -16.55 39.12
C SER J 48 55.57 -16.91 38.22
N SER J 49 55.78 -17.12 36.92
CA SER J 49 54.69 -17.44 35.96
C SER J 49 54.78 -18.92 35.55
N GLY J 50 53.68 -19.42 34.98
CA GLY J 50 53.55 -20.79 34.45
C GLY J 50 53.23 -21.77 35.57
N PHE J 51 53.20 -23.04 35.21
CA PHE J 51 52.95 -24.16 36.13
C PHE J 51 54.26 -24.57 36.77
N VAL J 52 54.18 -25.11 37.99
CA VAL J 52 55.37 -25.50 38.78
C VAL J 52 55.24 -26.96 39.22
N TYR J 53 54.12 -27.31 39.84
CA TYR J 53 53.92 -28.61 40.49
C TYR J 53 52.42 -28.91 40.55
N SER J 54 52.03 -30.10 40.13
CA SER J 54 50.61 -30.47 39.87
C SER J 54 49.73 -30.14 41.07
N ARG J 55 50.16 -30.45 42.30
CA ARG J 55 49.32 -30.18 43.49
C ARG J 55 48.98 -28.68 43.58
N SER J 56 49.92 -27.81 43.19
CA SER J 56 49.78 -26.32 43.31
C SER J 56 48.90 -25.79 42.17
N GLY J 57 48.80 -26.53 41.07
CA GLY J 57 48.04 -26.06 39.90
C GLY J 57 48.48 -26.83 38.68
N ASN J 58 47.53 -27.07 37.77
CA ASN J 58 47.85 -27.85 36.56
C ASN J 58 46.83 -27.46 35.51
N PRO J 59 47.16 -27.63 34.23
CA PRO J 59 46.33 -27.11 33.15
C PRO J 59 44.87 -27.60 33.19
N THR J 60 44.65 -28.90 33.39
CA THR J 60 43.29 -29.50 33.34
C THR J 60 42.49 -28.97 34.53
N ARG J 61 43.02 -29.01 35.74
CA ARG J 61 42.29 -28.53 36.93
C ARG J 61 42.01 -27.03 36.76
N ASN J 62 42.97 -26.24 36.33
CA ASN J 62 42.80 -24.76 36.25
C ASN J 62 41.70 -24.43 35.23
N CYS J 63 41.60 -25.21 34.17
CA CYS J 63 40.55 -25.05 33.13
CA CYS J 63 40.55 -25.05 33.13
C CYS J 63 39.17 -25.38 33.71
N LEU J 64 39.05 -26.50 34.43
CA LEU J 64 37.78 -26.82 35.12
C LEU J 64 37.41 -25.69 36.07
N GLU J 65 38.34 -25.20 36.89
CA GLU J 65 38.05 -24.16 37.91
C GLU J 65 37.54 -22.89 37.23
N LYS J 66 38.04 -22.52 36.06
CA LYS J 66 37.55 -21.32 35.31
C LYS J 66 36.09 -21.56 34.89
N ALA J 67 35.75 -22.74 34.40
CA ALA J 67 34.38 -23.07 33.95
C ALA J 67 33.43 -23.02 35.15
N VAL J 68 33.78 -23.68 36.25
CA VAL J 68 32.88 -23.77 37.43
C VAL J 68 32.68 -22.37 38.00
N ALA J 69 33.73 -21.56 38.10
CA ALA J 69 33.63 -20.18 38.60
C ALA J 69 32.54 -19.44 37.80
N ALA J 70 32.56 -19.52 36.49
CA ALA J 70 31.55 -18.83 35.64
C ALA J 70 30.16 -19.38 35.96
N LEU J 71 29.99 -20.70 36.09
CA LEU J 71 28.65 -21.30 36.35
C LEU J 71 28.15 -20.91 37.75
N ASP J 72 29.03 -20.68 38.71
CA ASP J 72 28.66 -20.31 40.10
C ASP J 72 28.55 -18.78 40.23
N GLY J 73 28.77 -18.02 39.17
CA GLY J 73 28.77 -16.54 39.24
C GLY J 73 29.88 -16.03 40.15
N ALA J 74 31.03 -16.69 40.13
CA ALA J 74 32.14 -16.44 41.08
C ALA J 74 33.37 -15.91 40.33
N LYS J 75 34.23 -15.19 41.04
CA LYS J 75 35.54 -14.78 40.51
C LYS J 75 36.53 -15.93 40.65
N HIS J 76 36.36 -16.83 41.60
CA HIS J 76 37.38 -17.85 41.95
C HIS J 76 36.71 -19.20 42.22
N CYS J 77 37.34 -20.28 41.79
CA CYS J 77 36.89 -21.64 42.13
C CYS J 77 38.10 -22.50 42.48
N LEU J 78 37.92 -23.36 43.47
CA LEU J 78 38.93 -24.35 43.90
C LEU J 78 38.31 -25.75 43.88
N THR J 79 39.02 -26.72 43.31
CA THR J 79 38.56 -28.14 43.26
C THR J 79 39.33 -28.97 44.29
N PHE J 80 38.64 -29.98 44.83
CA PHE J 80 39.13 -30.87 45.90
C PHE J 80 38.78 -32.31 45.56
N ALA J 81 39.45 -33.23 46.26
CA ALA J 81 39.37 -34.68 46.05
C ALA J 81 37.95 -35.20 46.34
N SER J 82 37.12 -34.48 47.10
CA SER J 82 35.75 -34.87 47.45
C SER J 82 35.01 -33.69 48.05
N GLY J 83 33.68 -33.77 48.14
CA GLY J 83 32.89 -32.84 48.94
C GLY J 83 33.39 -32.73 50.38
N LEU J 84 33.66 -33.87 51.03
CA LEU J 84 34.16 -33.83 52.42
C LEU J 84 35.56 -33.17 52.47
N ALA J 85 36.42 -33.37 51.47
CA ALA J 85 37.74 -32.70 51.46
C ALA J 85 37.54 -31.18 51.34
N ALA J 86 36.55 -30.72 50.55
CA ALA J 86 36.21 -29.29 50.45
C ALA J 86 35.77 -28.78 51.83
N THR J 87 34.96 -29.56 52.53
CA THR J 87 34.41 -29.21 53.87
C THR J 87 35.59 -29.08 54.87
N THR J 88 36.49 -30.06 54.88
CA THR J 88 37.71 -30.06 55.73
C THR J 88 38.55 -28.81 55.43
N THR J 89 38.79 -28.53 54.14
CA THR J 89 39.62 -27.39 53.73
C THR J 89 38.99 -26.07 54.21
N ILE J 90 37.69 -25.89 54.02
CA ILE J 90 36.98 -24.66 54.46
C ILE J 90 37.14 -24.51 55.98
N THR J 91 37.00 -25.61 56.73
CA THR J 91 37.05 -25.57 58.20
C THR J 91 38.45 -25.12 58.65
N HIS J 92 39.49 -25.43 57.87
CA HIS J 92 40.88 -25.02 58.16
C HIS J 92 41.08 -23.51 57.94
N LEU J 93 40.10 -22.77 57.43
CA LEU J 93 40.14 -21.29 57.42
C LEU J 93 40.16 -20.75 58.86
N LEU J 94 39.70 -21.55 59.82
CA LEU J 94 39.48 -21.07 61.22
C LEU J 94 40.73 -21.36 62.04
N LYS J 95 40.59 -21.30 63.36
CA LYS J 95 41.68 -21.62 64.30
C LYS J 95 41.07 -22.00 65.65
N ALA J 96 41.89 -22.61 66.52
CA ALA J 96 41.49 -22.99 67.89
C ALA J 96 40.80 -21.79 68.56
N GLY J 97 39.66 -22.01 69.20
CA GLY J 97 38.88 -20.97 69.89
C GLY J 97 37.71 -20.45 69.06
N ASP J 98 37.65 -20.77 67.77
CA ASP J 98 36.53 -20.32 66.90
C ASP J 98 35.32 -21.24 67.07
N GLU J 99 34.15 -20.73 66.70
CA GLU J 99 32.89 -21.50 66.75
C GLU J 99 32.31 -21.59 65.33
N VAL J 100 31.72 -22.75 65.05
CA VAL J 100 30.96 -23.06 63.82
C VAL J 100 29.49 -23.27 64.21
N ILE J 101 28.57 -22.66 63.47
CA ILE J 101 27.14 -23.02 63.51
C ILE J 101 26.85 -23.81 62.24
N CYS J 102 26.29 -25.00 62.39
CA CYS J 102 25.94 -25.89 61.26
C CYS J 102 24.43 -26.09 61.25
N MET J 103 23.83 -26.05 60.08
CA MET J 103 22.43 -26.47 59.84
C MET J 103 22.22 -27.83 60.55
N ASP J 104 21.11 -27.99 61.26
CA ASP J 104 20.89 -29.17 62.13
C ASP J 104 20.78 -30.43 61.26
N GLU J 105 20.19 -30.32 60.08
CA GLU J 105 20.08 -31.47 59.15
C GLU J 105 21.06 -31.30 58.00
N VAL J 106 22.08 -32.13 57.98
CA VAL J 106 23.11 -32.13 56.91
C VAL J 106 23.37 -33.57 56.54
N TYR J 107 24.07 -33.77 55.42
CA TYR J 107 24.63 -35.09 55.05
C TYR J 107 25.25 -35.69 56.32
N GLY J 108 25.01 -36.98 56.56
CA GLY J 108 25.58 -37.72 57.71
C GLY J 108 27.08 -37.51 57.86
N GLY J 109 27.83 -37.54 56.75
CA GLY J 109 29.31 -37.37 56.79
C GLY J 109 29.71 -35.97 57.22
N THR J 110 28.94 -34.95 56.87
CA THR J 110 29.22 -33.56 57.30
C THR J 110 29.04 -33.49 58.82
N ASN J 111 27.93 -34.06 59.31
CA ASN J 111 27.63 -34.14 60.76
C ASN J 111 28.81 -34.83 61.46
N ARG J 112 29.21 -36.00 60.97
CA ARG J 112 30.32 -36.79 61.57
C ARG J 112 31.61 -35.96 61.61
N TYR J 113 31.95 -35.28 60.52
CA TYR J 113 33.19 -34.48 60.46
C TYR J 113 33.17 -33.40 61.55
N PHE J 114 32.11 -32.58 61.60
CA PHE J 114 32.06 -31.46 62.57
C PHE J 114 32.02 -32.03 64.01
N ARG J 115 31.18 -33.02 64.26
CA ARG J 115 30.86 -33.52 65.61
C ARG J 115 32.08 -34.30 66.16
N ARG J 116 32.74 -35.14 65.35
CA ARG J 116 33.72 -36.13 65.85
C ARG J 116 35.14 -35.72 65.50
N VAL J 117 35.39 -34.89 64.49
CA VAL J 117 36.77 -34.54 64.08
C VAL J 117 37.07 -33.07 64.41
N ALA J 118 36.40 -32.12 63.76
CA ALA J 118 36.72 -30.68 63.88
C ALA J 118 36.66 -30.25 65.35
N SER J 119 35.69 -30.77 66.09
CA SER J 119 35.44 -30.44 67.51
C SER J 119 36.64 -30.84 68.40
N GLU J 120 37.53 -31.71 67.94
CA GLU J 120 38.70 -32.17 68.72
C GLU J 120 39.89 -31.24 68.54
N PHE J 121 39.82 -30.26 67.62
CA PHE J 121 40.93 -29.34 67.28
C PHE J 121 40.57 -27.91 67.70
N GLY J 122 39.89 -27.75 68.83
CA GLY J 122 39.64 -26.45 69.47
C GLY J 122 38.50 -25.68 68.82
N LEU J 123 37.69 -26.34 67.99
CA LEU J 123 36.51 -25.69 67.37
C LEU J 123 35.26 -26.12 68.16
N LYS J 124 34.40 -25.17 68.47
CA LYS J 124 33.11 -25.45 69.10
C LYS J 124 32.08 -25.54 67.97
N ILE J 125 31.33 -26.63 67.89
CA ILE J 125 30.27 -26.83 66.86
C ILE J 125 28.89 -26.78 67.51
N SER J 126 27.96 -25.98 66.98
CA SER J 126 26.54 -25.96 67.38
C SER J 126 25.69 -26.30 66.17
N PHE J 127 24.74 -27.23 66.31
CA PHE J 127 23.77 -27.57 65.25
C PHE J 127 22.50 -26.77 65.51
N VAL J 128 22.02 -26.01 64.53
CA VAL J 128 20.88 -25.06 64.71
C VAL J 128 19.95 -25.23 63.52
N ASP J 129 18.65 -25.19 63.74
CA ASP J 129 17.65 -25.21 62.64
C ASP J 129 17.65 -23.83 61.97
N CYS J 130 18.44 -23.66 60.90
CA CYS J 130 18.63 -22.35 60.22
C CYS J 130 17.46 -22.07 59.25
N SER J 131 16.48 -22.97 59.12
CA SER J 131 15.19 -22.66 58.46
C SER J 131 14.43 -21.62 59.31
N LYS J 132 14.80 -21.42 60.57
CA LYS J 132 14.23 -20.39 61.47
C LYS J 132 15.32 -19.37 61.78
N THR J 133 15.27 -18.23 61.12
CA THR J 133 16.35 -17.21 61.17
C THR J 133 16.54 -16.72 62.62
N LYS J 134 15.51 -16.72 63.45
CA LYS J 134 15.63 -16.23 64.87
C LYS J 134 16.53 -17.20 65.66
N LEU J 135 16.51 -18.50 65.33
CA LEU J 135 17.38 -19.49 66.02
C LEU J 135 18.85 -19.26 65.60
N LEU J 136 19.10 -18.90 64.34
CA LEU J 136 20.46 -18.58 63.87
C LEU J 136 20.97 -17.34 64.61
N GLU J 137 20.19 -16.27 64.60
CA GLU J 137 20.47 -14.97 65.27
C GLU J 137 20.88 -15.26 66.72
N ALA J 138 20.11 -16.09 67.45
CA ALA J 138 20.34 -16.35 68.90
C ALA J 138 21.60 -17.19 69.13
N ALA J 139 22.04 -18.01 68.17
CA ALA J 139 23.19 -18.93 68.36
C ALA J 139 24.52 -18.19 68.11
N ILE J 140 24.50 -17.03 67.45
CA ILE J 140 25.75 -16.31 67.11
C ILE J 140 26.35 -15.72 68.38
N THR J 141 27.65 -15.91 68.58
CA THR J 141 28.44 -15.34 69.70
C THR J 141 29.61 -14.57 69.09
N PRO J 142 30.36 -13.79 69.89
CA PRO J 142 31.56 -13.13 69.37
C PRO J 142 32.61 -14.11 68.85
N GLN J 143 32.55 -15.39 69.23
CA GLN J 143 33.55 -16.41 68.76
C GLN J 143 33.06 -17.10 67.46
N THR J 144 31.82 -16.87 67.02
CA THR J 144 31.31 -17.48 65.76
C THR J 144 32.13 -16.95 64.58
N LYS J 145 32.70 -17.84 63.77
CA LYS J 145 33.48 -17.44 62.57
C LYS J 145 32.94 -18.07 61.29
N LEU J 146 32.06 -19.07 61.39
CA LEU J 146 31.59 -19.82 60.21
C LEU J 146 30.17 -20.29 60.48
N VAL J 147 29.29 -20.09 59.50
CA VAL J 147 27.92 -20.64 59.48
C VAL J 147 27.81 -21.51 58.23
N TRP J 148 27.48 -22.78 58.41
CA TRP J 148 27.46 -23.82 57.37
C TRP J 148 26.00 -24.21 57.13
N ILE J 149 25.44 -23.90 55.97
CA ILE J 149 24.03 -24.24 55.65
CA ILE J 149 24.03 -24.23 55.64
C ILE J 149 23.96 -25.07 54.36
N GLU J 150 23.20 -26.15 54.40
CA GLU J 150 22.78 -26.93 53.21
C GLU J 150 21.35 -26.47 52.91
N THR J 151 21.01 -26.22 51.67
CA THR J 151 19.59 -25.98 51.30
C THR J 151 19.41 -26.36 49.85
N PRO J 152 18.46 -27.26 49.53
CA PRO J 152 17.70 -28.02 50.51
C PRO J 152 18.56 -29.06 51.27
N THR J 153 18.12 -29.50 52.44
CA THR J 153 18.89 -30.39 53.33
C THR J 153 18.84 -31.84 52.84
N ASN J 154 19.91 -32.56 53.10
CA ASN J 154 20.03 -34.01 52.82
C ASN J 154 19.68 -34.73 54.12
N PRO J 155 18.58 -35.53 54.23
CA PRO J 155 17.72 -35.94 53.12
C PRO J 155 16.25 -35.48 53.12
N THR J 156 15.84 -34.58 54.02
CA THR J 156 14.41 -34.22 54.16
C THR J 156 14.07 -32.94 53.38
N LEU J 157 15.03 -32.34 52.67
CA LEU J 157 14.75 -31.25 51.68
C LEU J 157 14.08 -30.06 52.36
N LYS J 158 14.52 -29.73 53.57
CA LYS J 158 14.20 -28.46 54.27
C LYS J 158 15.03 -27.35 53.64
N LEU J 159 14.47 -26.16 53.50
CA LEU J 159 15.17 -24.99 52.92
C LEU J 159 15.60 -24.02 54.01
N ALA J 160 16.63 -23.25 53.73
CA ALA J 160 17.01 -22.05 54.48
C ALA J 160 16.94 -20.87 53.50
N ASP J 161 16.53 -19.72 54.00
CA ASP J 161 16.46 -18.46 53.23
C ASP J 161 17.88 -17.89 53.20
N ILE J 162 18.59 -18.07 52.09
CA ILE J 162 20.03 -17.73 52.02
C ILE J 162 20.21 -16.21 52.23
N LYS J 163 19.43 -15.38 51.54
CA LYS J 163 19.56 -13.90 51.66
C LYS J 163 19.29 -13.46 53.10
N ALA J 164 18.27 -14.02 53.75
CA ALA J 164 17.91 -13.66 55.14
C ALA J 164 19.03 -14.11 56.09
N CYS J 165 19.60 -15.31 55.91
CA CYS J 165 20.73 -15.79 56.74
C CYS J 165 21.95 -14.90 56.50
N ALA J 166 22.22 -14.51 55.25
CA ALA J 166 23.39 -13.66 54.92
C ALA J 166 23.25 -12.32 55.66
N GLN J 167 22.07 -11.72 55.64
CA GLN J 167 21.83 -10.40 56.29
C GLN J 167 22.11 -10.53 57.80
N ILE J 168 21.65 -11.61 58.43
CA ILE J 168 21.90 -11.84 59.88
C ILE J 168 23.40 -11.98 60.12
N VAL J 169 24.11 -12.84 59.37
CA VAL J 169 25.52 -13.12 59.76
C VAL J 169 26.39 -11.90 59.42
N HIS J 170 26.08 -11.14 58.37
CA HIS J 170 26.92 -9.99 57.95
C HIS J 170 26.68 -8.76 58.83
N LYS J 171 25.72 -8.76 59.76
CA LYS J 171 25.61 -7.69 60.80
C LYS J 171 26.76 -7.86 61.79
N HIS J 172 27.35 -9.05 61.91
CA HIS J 172 28.49 -9.29 62.83
C HIS J 172 29.81 -9.15 62.07
N LYS J 173 30.91 -9.01 62.79
CA LYS J 173 32.25 -8.88 62.17
C LYS J 173 32.76 -10.28 61.80
N ASP J 174 33.21 -10.49 60.56
CA ASP J 174 34.14 -11.60 60.26
C ASP J 174 33.44 -12.96 60.41
N ILE J 175 32.17 -13.10 60.01
CA ILE J 175 31.52 -14.44 59.94
C ILE J 175 31.41 -14.83 58.47
N ILE J 176 31.90 -16.00 58.13
CA ILE J 176 31.81 -16.59 56.77
C ILE J 176 30.51 -17.39 56.69
N LEU J 177 29.67 -17.10 55.72
CA LEU J 177 28.49 -17.94 55.40
C LEU J 177 28.83 -18.87 54.24
N VAL J 178 28.78 -20.17 54.49
CA VAL J 178 28.97 -21.23 53.46
C VAL J 178 27.59 -21.79 53.12
N VAL J 179 27.26 -21.89 51.85
CA VAL J 179 26.08 -22.67 51.41
C VAL J 179 26.59 -23.87 50.64
N ASP J 180 26.21 -25.05 51.09
CA ASP J 180 26.38 -26.33 50.35
C ASP J 180 25.23 -26.44 49.34
N ASN J 181 25.58 -26.26 48.06
CA ASN J 181 24.66 -26.15 46.90
C ASN J 181 24.52 -27.51 46.18
N THR J 182 24.96 -28.61 46.79
CA THR J 182 25.01 -29.94 46.14
C THR J 182 23.64 -30.33 45.55
N PHE J 183 22.57 -30.20 46.33
CA PHE J 183 21.25 -30.74 45.96
C PHE J 183 20.61 -29.91 44.82
N MET J 184 20.95 -28.64 44.65
CA MET J 184 20.30 -27.79 43.60
C MET J 184 21.10 -27.81 42.29
N SER J 185 22.43 -27.84 42.39
CA SER J 185 23.38 -27.57 41.28
C SER J 185 23.43 -26.06 40.99
N ALA J 186 24.51 -25.64 40.35
CA ALA J 186 24.74 -24.25 39.90
C ALA J 186 23.62 -23.82 38.94
N TYR J 187 22.97 -24.76 38.27
CA TYR J 187 21.93 -24.39 37.28
C TYR J 187 20.68 -23.86 37.97
N PHE J 188 20.36 -24.32 39.17
CA PHE J 188 19.06 -23.97 39.81
C PHE J 188 19.22 -23.03 40.99
N GLN J 189 20.41 -22.88 41.56
CA GLN J 189 20.60 -22.00 42.74
C GLN J 189 22.00 -21.40 42.68
N ARG J 190 22.11 -20.12 42.97
CA ARG J 190 23.40 -19.38 42.95
C ARG J 190 23.59 -18.65 44.27
N PRO J 191 24.06 -19.35 45.32
CA PRO J 191 24.21 -18.74 46.64
C PRO J 191 25.07 -17.47 46.69
N LEU J 192 26.11 -17.35 45.85
CA LEU J 192 26.96 -16.14 45.84
C LEU J 192 26.15 -14.91 45.40
N ALA J 193 25.11 -15.07 44.57
CA ALA J 193 24.25 -13.94 44.16
C ALA J 193 23.22 -13.62 45.27
N LEU J 194 23.10 -14.44 46.32
CA LEU J 194 22.11 -14.25 47.40
C LEU J 194 22.80 -13.85 48.70
N GLY J 195 24.12 -13.63 48.69
CA GLY J 195 24.86 -13.10 49.86
C GLY J 195 25.78 -14.11 50.52
N ALA J 196 25.81 -15.39 50.12
CA ALA J 196 26.78 -16.35 50.67
C ALA J 196 28.21 -15.85 50.39
N ASP J 197 29.16 -16.14 51.28
CA ASP J 197 30.59 -15.86 51.06
C ASP J 197 31.25 -17.01 50.29
N ILE J 198 30.77 -18.24 50.51
CA ILE J 198 31.35 -19.46 49.87
C ILE J 198 30.19 -20.31 49.36
N CYS J 199 30.27 -20.75 48.12
CA CYS J 199 29.38 -21.74 47.50
C CYS J 199 30.18 -23.02 47.37
N MET J 200 29.79 -24.05 48.10
CA MET J 200 30.50 -25.35 48.12
C MET J 200 29.58 -26.40 47.51
N CYS J 201 30.11 -27.39 46.81
CA CYS J 201 29.28 -28.56 46.50
C CYS J 201 30.11 -29.83 46.34
N SER J 202 29.43 -30.95 46.52
CA SER J 202 29.94 -32.27 46.08
C SER J 202 29.65 -32.36 44.59
N ALA J 203 30.68 -32.18 43.77
CA ALA J 203 30.61 -32.34 42.30
C ALA J 203 30.37 -33.81 41.96
N THR J 204 30.57 -34.71 42.92
CA THR J 204 30.25 -36.15 42.82
C THR J 204 28.81 -36.33 42.33
N LYS J 205 27.93 -35.37 42.62
CA LYS J 205 26.48 -35.52 42.34
C LYS J 205 26.18 -34.89 40.98
N TYR J 206 25.33 -33.88 40.92
CA TYR J 206 24.81 -33.35 39.62
C TYR J 206 25.90 -32.72 38.74
N MET J 207 26.88 -32.04 39.32
CA MET J 207 27.80 -31.22 38.49
C MET J 207 28.52 -32.15 37.52
N ASN J 208 29.08 -33.26 38.01
CA ASN J 208 29.65 -34.28 37.10
C ASN J 208 28.50 -35.06 36.44
N GLY J 209 27.56 -35.56 37.23
CA GLY J 209 26.29 -36.11 36.71
C GLY J 209 26.38 -37.53 36.18
N HIS J 210 27.55 -38.17 36.17
CA HIS J 210 27.74 -39.49 35.52
C HIS J 210 28.23 -40.58 36.51
N SER J 211 28.17 -40.32 37.80
CA SER J 211 28.42 -41.29 38.90
C SER J 211 29.79 -41.93 38.74
N ASP J 212 30.77 -41.19 38.25
CA ASP J 212 32.10 -41.77 37.96
C ASP J 212 33.24 -40.85 38.42
N VAL J 213 32.95 -39.86 39.22
CA VAL J 213 33.95 -38.91 39.77
C VAL J 213 33.53 -38.54 41.18
N VAL J 214 34.48 -38.62 42.11
CA VAL J 214 34.34 -38.03 43.46
C VAL J 214 35.12 -36.73 43.45
N MET J 215 34.48 -35.62 43.80
CA MET J 215 35.11 -34.29 43.72
C MET J 215 34.31 -33.28 44.54
N GLY J 216 35.02 -32.29 45.10
CA GLY J 216 34.44 -31.11 45.76
C GLY J 216 34.80 -29.84 45.02
N LEU J 217 33.90 -28.87 45.03
CA LEU J 217 34.07 -27.55 44.38
C LEU J 217 33.78 -26.50 45.44
N VAL J 218 34.59 -25.45 45.46
CA VAL J 218 34.40 -24.27 46.33
C VAL J 218 34.56 -23.02 45.47
N SER J 219 33.54 -22.18 45.44
CA SER J 219 33.52 -20.92 44.66
C SER J 219 33.36 -19.74 45.61
N VAL J 220 34.13 -18.68 45.38
CA VAL J 220 34.15 -17.44 46.19
C VAL J 220 34.26 -16.22 45.28
N ASN J 221 33.81 -15.08 45.80
CA ASN J 221 34.09 -13.75 45.20
C ASN J 221 35.20 -13.05 45.97
N SER J 222 35.32 -13.25 47.28
CA SER J 222 36.30 -12.54 48.14
C SER J 222 37.74 -12.92 47.75
N ASP J 223 38.58 -11.92 47.52
CA ASP J 223 40.02 -12.12 47.21
C ASP J 223 40.71 -12.64 48.47
N ASP J 224 40.32 -12.19 49.66
CA ASP J 224 40.86 -12.67 50.96
C ASP J 224 40.57 -14.17 51.12
N LEU J 225 39.31 -14.60 50.92
CA LEU J 225 38.93 -16.03 51.07
C LEU J 225 39.65 -16.83 49.99
N ASN J 226 39.73 -16.34 48.76
CA ASN J 226 40.45 -17.04 47.67
C ASN J 226 41.89 -17.29 48.11
N GLU J 227 42.60 -16.27 48.60
CA GLU J 227 44.02 -16.40 49.00
C GLU J 227 44.16 -17.45 50.11
N ARG J 228 43.30 -17.39 51.11
CA ARG J 228 43.34 -18.33 52.28
C ARG J 228 43.01 -19.75 51.81
N LEU J 229 42.02 -19.92 50.94
CA LEU J 229 41.61 -21.27 50.46
C LEU J 229 42.67 -21.84 49.52
N ARG J 230 43.28 -20.99 48.68
CA ARG J 230 44.33 -21.44 47.72
C ARG J 230 45.53 -21.97 48.52
N PHE J 231 45.91 -21.26 49.55
CA PHE J 231 46.98 -21.66 50.49
C PHE J 231 46.68 -23.07 51.04
N LEU J 232 45.43 -23.33 51.45
CA LEU J 232 45.04 -24.63 52.03
C LEU J 232 44.88 -25.71 50.97
N GLN J 233 44.42 -25.40 49.75
CA GLN J 233 44.36 -26.37 48.66
C GLN J 233 45.78 -26.93 48.45
N ASN J 234 46.77 -26.04 48.43
CA ASN J 234 48.18 -26.40 48.17
C ASN J 234 48.77 -27.09 49.43
N SER J 235 48.46 -26.62 50.62
CA SER J 235 49.17 -27.02 51.88
C SER J 235 48.57 -28.28 52.53
N LEU J 236 47.25 -28.52 52.44
CA LEU J 236 46.62 -29.80 52.89
C LEU J 236 46.70 -30.81 51.75
N GLY J 237 46.69 -30.37 50.50
CA GLY J 237 46.88 -31.25 49.33
C GLY J 237 45.73 -32.20 49.07
N ALA J 238 44.51 -31.86 49.49
CA ALA J 238 43.34 -32.73 49.20
C ALA J 238 42.84 -32.42 47.77
N VAL J 239 43.67 -32.70 46.77
CA VAL J 239 43.46 -32.22 45.38
C VAL J 239 42.92 -33.35 44.50
N PRO J 240 42.17 -33.01 43.44
CA PRO J 240 41.61 -34.01 42.53
C PRO J 240 42.62 -34.43 41.46
N SER J 241 42.50 -35.64 40.93
CA SER J 241 43.23 -36.13 39.74
C SER J 241 42.87 -35.25 38.54
N PRO J 242 43.82 -34.89 37.64
CA PRO J 242 43.50 -34.22 36.39
C PRO J 242 42.53 -35.03 35.51
N PHE J 243 42.60 -36.35 35.59
CA PHE J 243 41.67 -37.24 34.88
C PHE J 243 40.24 -37.00 35.37
N ASP J 244 40.06 -36.93 36.69
CA ASP J 244 38.73 -36.61 37.30
C ASP J 244 38.31 -35.19 36.90
N CYS J 245 39.24 -34.24 36.84
CA CYS J 245 38.90 -32.86 36.41
C CYS J 245 38.38 -32.90 34.96
N TYR J 246 38.99 -33.70 34.11
CA TYR J 246 38.55 -33.85 32.71
C TYR J 246 37.12 -34.39 32.68
N LEU J 247 36.85 -35.48 33.39
CA LEU J 247 35.51 -36.11 33.38
C LEU J 247 34.47 -35.14 33.95
N CYS J 248 34.80 -34.39 35.00
CA CYS J 248 33.85 -33.41 35.56
C CYS J 248 33.61 -32.29 34.54
N CYS J 249 34.65 -31.82 33.88
CA CYS J 249 34.50 -30.79 32.80
C CYS J 249 33.59 -31.36 31.69
N ARG J 250 33.78 -32.62 31.32
CA ARG J 250 32.94 -33.29 30.29
C ARG J 250 31.48 -33.30 30.76
N GLY J 251 31.24 -33.62 32.04
CA GLY J 251 29.90 -33.60 32.64
C GLY J 251 29.25 -32.22 32.58
N LEU J 252 29.99 -31.15 32.83
CA LEU J 252 29.45 -29.76 32.83
C LEU J 252 28.86 -29.41 31.46
N LYS J 253 29.36 -30.00 30.37
CA LYS J 253 28.94 -29.62 29.01
C LYS J 253 27.45 -29.92 28.84
N THR J 254 26.91 -30.91 29.56
CA THR J 254 25.49 -31.31 29.48
C THR J 254 24.70 -30.89 30.72
N LEU J 255 25.28 -30.11 31.63
CA LEU J 255 24.63 -29.81 32.93
C LEU J 255 23.27 -29.14 32.69
N GLN J 256 23.19 -28.12 31.83
CA GLN J 256 21.88 -27.44 31.64
C GLN J 256 20.80 -28.44 31.19
N ILE J 257 21.07 -29.24 30.18
CA ILE J 257 20.01 -30.14 29.62
C ILE J 257 19.75 -31.30 30.59
N ARG J 258 20.75 -31.76 31.35
CA ARG J 258 20.52 -32.82 32.37
C ARG J 258 19.59 -32.26 33.44
N MET J 259 19.88 -31.09 33.98
CA MET J 259 19.13 -30.53 35.11
C MET J 259 17.69 -30.24 34.66
N GLU J 260 17.45 -29.78 33.42
CA GLU J 260 16.07 -29.56 32.92
CA GLU J 260 16.06 -29.56 32.92
C GLU J 260 15.31 -30.89 32.92
N LYS J 261 15.95 -31.97 32.51
CA LYS J 261 15.32 -33.31 32.47
C LYS J 261 15.12 -33.83 33.91
N HIS J 262 16.06 -33.63 34.83
CA HIS J 262 15.88 -34.03 36.24
C HIS J 262 14.65 -33.32 36.82
N PHE J 263 14.46 -32.03 36.49
CA PHE J 263 13.30 -31.22 36.95
C PHE J 263 12.01 -31.82 36.38
N ARG J 264 11.94 -32.10 35.08
CA ARG J 264 10.71 -32.69 34.47
CA ARG J 264 10.72 -32.68 34.45
C ARG J 264 10.41 -34.03 35.11
N ASN J 265 11.39 -34.92 35.20
CA ASN J 265 11.20 -36.27 35.79
C ASN J 265 10.89 -36.16 37.29
N GLY J 266 11.60 -35.33 38.02
CA GLY J 266 11.42 -35.14 39.47
C GLY J 266 10.02 -34.67 39.79
N MET J 267 9.53 -33.67 39.06
CA MET J 267 8.17 -33.11 39.26
C MET J 267 7.13 -34.22 38.96
N ALA J 268 7.32 -35.00 37.90
CA ALA J 268 6.38 -36.07 37.52
C ALA J 268 6.35 -37.17 38.62
N VAL J 269 7.50 -37.55 39.16
CA VAL J 269 7.61 -38.56 40.25
C VAL J 269 6.93 -38.00 41.49
N ALA J 270 7.21 -36.76 41.86
CA ALA J 270 6.64 -36.15 43.08
C ALA J 270 5.10 -36.14 42.99
N ARG J 271 4.56 -35.73 41.84
CA ARG J 271 3.09 -35.70 41.64
C ARG J 271 2.50 -37.10 41.70
N PHE J 272 3.16 -38.07 41.10
CA PHE J 272 2.73 -39.48 41.12
C PHE J 272 2.68 -39.99 42.57
N LEU J 273 3.72 -39.74 43.37
CA LEU J 273 3.77 -40.23 44.77
C LEU J 273 2.71 -39.50 45.61
N GLU J 274 2.49 -38.22 45.35
CA GLU J 274 1.55 -37.41 46.15
C GLU J 274 0.11 -37.94 45.97
N SER J 275 -0.22 -38.53 44.84
CA SER J 275 -1.59 -39.06 44.58
C SER J 275 -1.67 -40.58 44.82
N ASN J 276 -0.59 -41.23 45.26
CA ASN J 276 -0.58 -42.70 45.49
C ASN J 276 -0.98 -42.98 46.94
N PRO J 277 -2.03 -43.80 47.19
CA PRO J 277 -2.48 -44.06 48.58
C PRO J 277 -1.53 -44.93 49.43
N ARG J 278 -0.43 -45.45 48.85
CA ARG J 278 0.59 -46.24 49.60
C ARG J 278 1.68 -45.31 50.14
N VAL J 279 1.58 -44.01 49.89
CA VAL J 279 2.59 -43.00 50.32
C VAL J 279 1.95 -42.13 51.39
N GLU J 280 2.59 -41.99 52.54
CA GLU J 280 2.12 -41.16 53.67
C GLU J 280 2.29 -39.67 53.31
N LYS J 281 3.46 -39.27 52.80
CA LYS J 281 3.80 -37.85 52.61
C LYS J 281 4.98 -37.78 51.62
N VAL J 282 4.89 -36.86 50.67
CA VAL J 282 5.97 -36.57 49.69
C VAL J 282 6.61 -35.23 50.05
N ILE J 283 7.92 -35.13 49.89
CA ILE J 283 8.67 -33.87 50.08
C ILE J 283 9.37 -33.57 48.75
N TYR J 284 8.97 -32.45 48.13
CA TYR J 284 9.60 -31.95 46.89
C TYR J 284 9.40 -30.45 46.87
N PRO J 285 10.48 -29.63 46.88
CA PRO J 285 10.33 -28.18 46.90
C PRO J 285 9.49 -27.61 45.75
N GLY J 286 9.40 -28.32 44.61
CA GLY J 286 8.56 -27.90 43.47
C GLY J 286 7.07 -28.13 43.66
N LEU J 287 6.65 -28.90 44.66
CA LEU J 287 5.20 -29.13 44.93
C LEU J 287 4.68 -27.99 45.79
N PRO J 288 3.48 -27.45 45.50
CA PRO J 288 2.80 -26.52 46.42
C PRO J 288 2.64 -27.06 47.86
N SER J 289 2.58 -28.38 48.06
CA SER J 289 2.45 -29.00 49.40
C SER J 289 3.74 -28.82 50.23
N HIS J 290 4.89 -28.56 49.62
CA HIS J 290 6.12 -28.35 50.41
C HIS J 290 5.91 -27.12 51.27
N PRO J 291 6.19 -27.18 52.59
CA PRO J 291 5.99 -26.02 53.45
C PRO J 291 6.77 -24.76 53.04
N GLN J 292 7.87 -24.91 52.30
CA GLN J 292 8.69 -23.74 51.89
C GLN J 292 8.67 -23.59 50.37
N HIS J 293 7.60 -24.01 49.71
CA HIS J 293 7.44 -23.89 48.25
C HIS J 293 7.63 -22.43 47.81
N GLU J 294 7.07 -21.47 48.55
CA GLU J 294 7.15 -20.04 48.13
C GLU J 294 8.61 -19.56 48.21
N LEU J 295 9.34 -19.95 49.25
CA LEU J 295 10.78 -19.60 49.38
C LEU J 295 11.56 -20.23 48.21
N ALA J 296 11.29 -21.49 47.86
CA ALA J 296 11.97 -22.19 46.75
C ALA J 296 11.84 -21.33 45.48
N LYS J 297 10.65 -20.80 45.19
CA LYS J 297 10.40 -20.00 43.97
C LYS J 297 11.15 -18.66 44.05
N ARG J 298 11.38 -18.12 45.24
CA ARG J 298 12.06 -16.80 45.42
C ARG J 298 13.58 -16.96 45.32
N GLN J 299 14.17 -18.14 45.54
CA GLN J 299 15.65 -18.22 45.59
C GLN J 299 16.24 -19.22 44.59
N CYS J 300 15.43 -19.91 43.81
CA CYS J 300 15.85 -20.94 42.83
C CYS J 300 15.22 -20.69 41.47
N THR J 301 15.83 -21.20 40.41
CA THR J 301 15.34 -21.11 39.01
C THR J 301 14.62 -22.41 38.62
N GLY J 302 14.51 -23.35 39.56
CA GLY J 302 13.84 -24.63 39.31
C GLY J 302 14.16 -25.58 40.44
N CYS J 303 13.91 -26.86 40.22
CA CYS J 303 14.08 -27.91 41.24
CA CYS J 303 14.08 -27.91 41.25
C CYS J 303 14.66 -29.14 40.57
N PRO J 304 15.61 -29.86 41.20
CA PRO J 304 16.19 -31.04 40.56
C PRO J 304 15.37 -32.33 40.77
N GLY J 305 16.05 -33.47 40.74
CA GLY J 305 15.37 -34.78 40.77
C GLY J 305 15.35 -35.40 42.16
N MET J 306 15.66 -34.66 43.22
CA MET J 306 15.66 -35.22 44.58
C MET J 306 14.24 -35.16 45.13
N VAL J 307 13.66 -36.32 45.37
CA VAL J 307 12.29 -36.47 45.93
C VAL J 307 12.39 -37.38 47.15
N SER J 308 11.92 -36.94 48.29
CA SER J 308 11.88 -37.81 49.49
C SER J 308 10.42 -38.12 49.83
N PHE J 309 10.14 -39.31 50.32
CA PHE J 309 8.77 -39.65 50.73
C PHE J 309 8.81 -40.63 51.90
N TYR J 310 7.75 -40.57 52.69
CA TYR J 310 7.47 -41.52 53.78
C TYR J 310 6.48 -42.54 53.23
N ILE J 311 6.88 -43.81 53.17
CA ILE J 311 5.98 -44.89 52.74
C ILE J 311 5.01 -45.17 53.90
N LYS J 312 3.78 -45.55 53.59
CA LYS J 312 2.83 -46.00 54.65
C LYS J 312 3.38 -47.27 55.30
N GLY J 313 3.16 -47.40 56.61
CA GLY J 313 3.47 -48.63 57.34
C GLY J 313 4.76 -48.48 58.10
N THR J 314 5.65 -49.45 57.95
CA THR J 314 6.83 -49.63 58.83
C THR J 314 8.06 -49.87 57.96
N LEU J 315 9.21 -50.05 58.60
CA LEU J 315 10.48 -50.38 57.94
C LEU J 315 10.26 -51.58 57.02
N GLN J 316 9.44 -52.56 57.40
CA GLN J 316 9.23 -53.79 56.57
C GLN J 316 8.68 -53.36 55.20
N HIS J 317 7.75 -52.42 55.14
CA HIS J 317 7.17 -51.95 53.85
C HIS J 317 8.23 -51.20 53.03
N ALA J 318 9.04 -50.36 53.67
CA ALA J 318 10.17 -49.66 53.01
C ALA J 318 11.12 -50.70 52.42
N GLN J 319 11.46 -51.76 53.16
CA GLN J 319 12.37 -52.82 52.66
C GLN J 319 11.75 -53.53 51.47
N VAL J 320 10.46 -53.85 51.51
CA VAL J 320 9.81 -54.56 50.38
C VAL J 320 9.82 -53.64 49.14
N PHE J 321 9.51 -52.36 49.31
CA PHE J 321 9.57 -51.37 48.20
C PHE J 321 10.99 -51.41 47.58
N LEU J 322 12.02 -51.29 48.41
CA LEU J 322 13.43 -51.17 47.95
C LEU J 322 13.92 -52.48 47.34
N LYS J 323 13.32 -53.61 47.68
CA LYS J 323 13.67 -54.93 47.07
C LYS J 323 12.95 -55.11 45.73
N ASN J 324 11.85 -54.41 45.47
CA ASN J 324 11.01 -54.66 44.26
C ASN J 324 11.24 -53.63 43.16
N ILE J 325 11.86 -52.48 43.44
CA ILE J 325 12.25 -51.50 42.37
C ILE J 325 13.15 -52.23 41.38
N LYS J 326 12.92 -52.04 40.08
CA LYS J 326 13.67 -52.74 39.00
C LYS J 326 14.39 -51.74 38.10
N LEU J 327 14.05 -50.46 38.17
CA LEU J 327 14.67 -49.39 37.36
CA LEU J 327 14.68 -49.39 37.35
C LEU J 327 15.48 -48.49 38.29
N PHE J 328 14.84 -47.93 39.31
CA PHE J 328 15.54 -47.36 40.47
C PHE J 328 16.41 -48.47 41.07
N ALA J 329 17.64 -48.15 41.48
CA ALA J 329 18.59 -49.10 42.13
C ALA J 329 18.75 -48.69 43.58
N LEU J 330 18.74 -49.65 44.50
CA LEU J 330 19.09 -49.42 45.92
C LEU J 330 20.60 -49.19 46.01
N ALA J 331 20.99 -47.97 46.27
CA ALA J 331 22.41 -47.56 46.27
C ALA J 331 22.51 -46.18 46.91
N GLU J 332 23.67 -45.89 47.45
CA GLU J 332 23.99 -44.53 47.92
C GLU J 332 24.24 -43.61 46.71
N SER J 333 24.36 -42.33 47.00
CA SER J 333 24.65 -41.24 46.05
C SER J 333 23.38 -40.80 45.31
N LEU J 334 23.58 -39.78 44.48
CA LEU J 334 22.46 -39.03 43.85
C LEU J 334 23.06 -38.20 42.72
N GLY J 335 22.20 -37.64 41.87
CA GLY J 335 22.59 -36.63 40.88
C GLY J 335 23.18 -37.26 39.64
N GLY J 336 23.10 -38.58 39.51
CA GLY J 336 23.51 -39.29 38.30
C GLY J 336 22.38 -39.38 37.26
N TYR J 337 22.72 -39.85 36.08
CA TYR J 337 21.75 -40.10 34.99
C TYR J 337 20.83 -41.29 35.36
N GLU J 338 21.29 -42.17 36.25
CA GLU J 338 20.55 -43.39 36.65
C GLU J 338 19.76 -43.10 37.92
N SER J 339 18.52 -43.59 37.98
CA SER J 339 17.63 -43.38 39.14
C SER J 339 18.11 -44.25 40.32
N LEU J 340 18.21 -43.66 41.49
CA LEU J 340 18.70 -44.33 42.74
C LEU J 340 17.68 -44.11 43.86
N ALA J 341 17.65 -45.04 44.80
CA ALA J 341 16.83 -44.95 46.02
C ALA J 341 17.69 -45.39 47.22
N GLU J 342 17.47 -44.76 48.35
CA GLU J 342 18.10 -45.22 49.61
C GLU J 342 17.15 -44.99 50.79
N LEU J 343 17.51 -45.61 51.91
CA LEU J 343 16.83 -45.50 53.22
C LEU J 343 17.80 -44.80 54.17
N PRO J 344 17.76 -43.46 54.26
CA PRO J 344 18.79 -42.71 54.97
C PRO J 344 19.05 -43.14 56.42
N ALA J 345 18.01 -43.55 57.15
CA ALA J 345 18.17 -43.90 58.59
C ALA J 345 19.17 -45.05 58.75
N ILE J 346 19.24 -45.94 57.77
CA ILE J 346 20.07 -47.18 57.82
C ILE J 346 21.31 -47.03 56.94
N MET J 347 21.34 -46.06 56.03
CA MET J 347 22.42 -45.94 55.01
C MET J 347 23.17 -44.62 55.23
N THR J 348 22.87 -43.54 54.49
CA THR J 348 23.68 -42.30 54.53
C THR J 348 23.71 -41.64 55.92
N HIS J 349 22.66 -41.80 56.74
CA HIS J 349 22.52 -41.07 58.02
C HIS J 349 22.62 -42.05 59.21
N ALA J 350 23.11 -43.26 59.00
CA ALA J 350 23.27 -44.27 60.07
C ALA J 350 24.23 -43.74 61.13
N SER J 351 25.22 -42.90 60.79
CA SER J 351 26.21 -42.38 61.77
C SER J 351 25.60 -41.29 62.66
N VAL J 352 24.49 -40.69 62.25
CA VAL J 352 23.79 -39.66 63.07
C VAL J 352 23.12 -40.37 64.24
N PRO J 353 23.30 -39.92 65.50
CA PRO J 353 22.66 -40.59 66.64
C PRO J 353 21.15 -40.74 66.44
N GLU J 354 20.60 -41.87 66.89
CA GLU J 354 19.19 -42.26 66.69
C GLU J 354 18.27 -41.15 67.20
N LYS J 355 18.60 -40.51 68.33
CA LYS J 355 17.73 -39.44 68.92
C LYS J 355 17.74 -38.20 68.03
N ASP J 356 18.89 -37.88 67.41
CA ASP J 356 19.01 -36.76 66.46
C ASP J 356 18.20 -37.08 65.18
N ARG J 357 18.28 -38.30 64.66
CA ARG J 357 17.47 -38.70 63.49
C ARG J 357 15.98 -38.51 63.79
N ALA J 358 15.55 -38.89 64.98
CA ALA J 358 14.12 -38.78 65.39
C ALA J 358 13.71 -37.30 65.35
N THR J 359 14.47 -36.41 65.96
CA THR J 359 14.17 -34.96 65.98
CA THR J 359 14.13 -34.96 65.98
C THR J 359 14.10 -34.42 64.54
N LEU J 360 14.95 -34.91 63.64
CA LEU J 360 15.05 -34.34 62.26
C LEU J 360 14.00 -34.96 61.33
N GLY J 361 13.31 -36.01 61.73
CA GLY J 361 12.32 -36.68 60.86
C GLY J 361 12.96 -37.73 59.96
N ILE J 362 14.19 -38.17 60.26
CA ILE J 362 14.89 -39.22 59.48
C ILE J 362 14.49 -40.57 60.08
N SER J 363 13.25 -40.98 59.78
CA SER J 363 12.59 -42.18 60.32
C SER J 363 12.90 -43.38 59.43
N ASP J 364 12.54 -44.56 59.90
CA ASP J 364 12.76 -45.85 59.20
C ASP J 364 11.81 -45.97 57.99
N THR J 365 10.88 -45.06 57.77
CA THR J 365 9.99 -45.12 56.58
C THR J 365 10.31 -43.99 55.57
N LEU J 366 11.34 -43.18 55.84
CA LEU J 366 11.80 -42.11 54.92
CA LEU J 366 11.80 -42.11 54.92
C LEU J 366 12.65 -42.75 53.82
N ILE J 367 12.21 -42.60 52.57
CA ILE J 367 12.96 -43.05 51.37
C ILE J 367 13.41 -41.79 50.60
N ARG J 368 14.68 -41.72 50.26
CA ARG J 368 15.23 -40.64 49.42
C ARG J 368 15.40 -41.19 48.00
N LEU J 369 14.79 -40.53 47.02
CA LEU J 369 14.94 -40.87 45.59
C LEU J 369 15.81 -39.81 44.91
N SER J 370 16.69 -40.29 44.03
CA SER J 370 17.41 -39.44 43.06
C SER J 370 16.85 -39.85 41.70
N VAL J 371 15.98 -39.00 41.15
CA VAL J 371 15.31 -39.32 39.87
C VAL J 371 16.29 -38.95 38.74
N GLY J 372 16.59 -39.94 37.90
CA GLY J 372 17.54 -39.85 36.78
C GLY J 372 16.87 -39.37 35.49
N LEU J 373 17.44 -39.75 34.36
CA LEU J 373 17.13 -39.18 33.03
C LEU J 373 16.33 -40.21 32.21
N GLU J 374 15.82 -41.28 32.82
CA GLU J 374 15.06 -42.31 32.10
C GLU J 374 13.73 -41.72 31.62
N ASP J 375 13.01 -42.47 30.80
CA ASP J 375 11.66 -42.07 30.32
C ASP J 375 10.69 -42.01 31.50
N GLU J 376 9.96 -40.91 31.61
CA GLU J 376 9.03 -40.63 32.73
C GLU J 376 8.09 -41.83 32.96
N LYS J 377 7.47 -42.35 31.92
CA LYS J 377 6.47 -43.43 32.05
C LYS J 377 7.12 -44.68 32.68
N ASP J 378 8.36 -45.03 32.29
CA ASP J 378 9.10 -46.18 32.84
C ASP J 378 9.34 -45.97 34.34
N LEU J 379 9.67 -44.74 34.75
CA LEU J 379 9.94 -44.42 36.18
C LEU J 379 8.64 -44.57 36.99
N LEU J 380 7.52 -44.07 36.48
CA LEU J 380 6.23 -44.10 37.22
C LEU J 380 5.74 -45.54 37.31
N GLU J 381 5.88 -46.35 36.28
CA GLU J 381 5.51 -47.78 36.31
C GLU J 381 6.38 -48.53 37.33
N ASP J 382 7.67 -48.23 37.42
CA ASP J 382 8.58 -48.90 38.39
C ASP J 382 8.15 -48.57 39.82
N LEU J 383 7.91 -47.30 40.13
CA LEU J 383 7.50 -46.88 41.48
C LEU J 383 6.14 -47.52 41.81
N GLY J 384 5.21 -47.49 40.87
CA GLY J 384 3.86 -48.06 41.05
C GLY J 384 3.90 -49.52 41.43
N GLN J 385 4.63 -50.35 40.68
CA GLN J 385 4.67 -51.81 40.90
C GLN J 385 5.41 -52.07 42.22
N ALA J 386 6.46 -51.31 42.56
CA ALA J 386 7.19 -51.53 43.82
C ALA J 386 6.32 -51.16 45.03
N LEU J 387 5.59 -50.06 44.97
CA LEU J 387 4.66 -49.66 46.06
C LEU J 387 3.55 -50.72 46.20
N LYS J 388 3.05 -51.27 45.09
CA LYS J 388 2.00 -52.34 45.12
C LYS J 388 2.58 -53.61 45.76
N ALA J 389 3.85 -53.95 45.52
CA ALA J 389 4.50 -55.10 46.19
C ALA J 389 4.52 -54.85 47.69
N ALA J 390 4.74 -53.63 48.16
CA ALA J 390 4.79 -53.28 49.59
C ALA J 390 3.38 -53.30 50.22
N HIS J 391 2.29 -52.99 49.49
CA HIS J 391 0.89 -52.86 49.99
C HIS J 391 -0.14 -53.43 48.98
N GLY K 3 -62.81 81.21 29.32
CA GLY K 3 -62.26 82.47 29.91
C GLY K 3 -60.77 82.38 30.19
N PHE K 4 -60.03 81.55 29.43
CA PHE K 4 -58.55 81.46 29.54
C PHE K 4 -57.89 82.69 28.94
N LEU K 5 -56.61 82.91 29.24
CA LEU K 5 -55.77 83.96 28.60
C LEU K 5 -55.91 83.83 27.10
N PRO K 6 -55.84 84.95 26.33
CA PRO K 6 -55.94 84.85 24.87
C PRO K 6 -54.76 84.04 24.27
N SER K 7 -55.04 83.25 23.26
CA SER K 7 -54.07 82.35 22.57
C SER K 7 -52.86 83.13 22.07
N PHE K 8 -51.68 82.53 22.05
CA PHE K 8 -50.48 83.10 21.38
C PHE K 8 -50.84 83.22 19.89
N GLN K 9 -50.59 84.38 19.27
CA GLN K 9 -51.23 84.76 17.97
C GLN K 9 -50.40 84.37 16.73
N HIS K 10 -49.07 84.23 16.88
CA HIS K 10 -48.14 83.87 15.77
C HIS K 10 -47.51 82.49 16.04
N PHE K 11 -48.11 81.70 16.94
CA PHE K 11 -47.47 80.46 17.42
C PHE K 11 -47.27 79.50 16.24
N ALA K 12 -48.31 79.27 15.44
CA ALA K 12 -48.25 78.27 14.34
C ALA K 12 -47.24 78.73 13.30
N THR K 13 -47.21 80.02 12.99
CA THR K 13 -46.24 80.59 12.02
C THR K 13 -44.83 80.35 12.54
N GLN K 14 -44.57 80.67 13.79
CA GLN K 14 -43.23 80.49 14.38
C GLN K 14 -42.83 79.01 14.45
N ALA K 15 -43.77 78.11 14.78
CA ALA K 15 -43.47 76.67 14.91
C ALA K 15 -43.02 76.13 13.55
N ILE K 16 -43.51 76.74 12.47
CA ILE K 16 -43.23 76.24 11.09
C ILE K 16 -41.98 76.94 10.52
N HIS K 17 -41.72 78.20 10.84
CA HIS K 17 -40.72 79.02 10.09
C HIS K 17 -39.49 79.38 10.91
N VAL K 18 -39.57 79.53 12.24
CA VAL K 18 -38.39 80.09 12.96
C VAL K 18 -37.26 79.07 12.88
N GLY K 19 -36.09 79.55 12.43
CA GLY K 19 -34.90 78.72 12.30
C GLY K 19 -34.91 77.81 11.08
N GLN K 20 -35.96 77.84 10.25
CA GLN K 20 -36.17 76.86 9.16
C GLN K 20 -35.97 77.53 7.78
N GLU K 21 -35.27 78.67 7.70
CA GLU K 21 -34.99 79.37 6.43
C GLU K 21 -34.31 78.42 5.45
N PRO K 22 -34.88 78.18 4.26
CA PRO K 22 -34.20 77.33 3.26
C PRO K 22 -32.83 77.85 2.83
N GLU K 23 -32.61 79.17 2.93
CA GLU K 23 -31.35 79.83 2.48
C GLU K 23 -30.17 79.33 3.31
N GLN K 24 -30.36 78.75 4.49
CA GLN K 24 -29.20 78.29 5.28
C GLN K 24 -28.64 76.96 4.73
N TRP K 25 -29.36 76.25 3.86
CA TRP K 25 -28.90 74.94 3.34
C TRP K 25 -28.37 75.14 1.92
N SER K 26 -27.30 74.45 1.54
CA SER K 26 -26.75 74.45 0.16
C SER K 26 -27.82 74.10 -0.85
N SER K 27 -28.67 73.13 -0.52
CA SER K 27 -29.74 72.62 -1.42
C SER K 27 -30.97 73.54 -1.48
N ARG K 28 -31.12 74.47 -0.53
CA ARG K 28 -32.35 75.27 -0.33
C ARG K 28 -33.54 74.36 0.01
N ALA K 29 -33.30 73.22 0.64
CA ALA K 29 -34.36 72.32 1.16
C ALA K 29 -35.36 73.13 1.98
N VAL K 30 -36.63 72.86 1.82
CA VAL K 30 -37.73 73.53 2.57
CA VAL K 30 -37.72 73.55 2.58
C VAL K 30 -37.87 72.90 3.97
N VAL K 31 -37.29 71.72 4.15
CA VAL K 31 -37.31 70.96 5.43
C VAL K 31 -35.87 70.78 5.89
N LEU K 32 -35.60 70.89 7.17
CA LEU K 32 -34.22 70.77 7.70
C LEU K 32 -33.68 69.35 7.43
N PRO K 33 -32.43 69.27 6.96
CA PRO K 33 -31.76 67.97 6.80
C PRO K 33 -31.46 67.32 8.15
N ILE K 34 -31.34 66.01 8.14
CA ILE K 34 -30.79 65.23 9.27
C ILE K 34 -29.29 65.11 9.04
N SER K 35 -28.50 65.83 9.80
CA SER K 35 -27.03 65.72 9.72
C SER K 35 -26.54 64.83 10.86
N LEU K 36 -26.14 63.61 10.54
CA LEU K 36 -25.65 62.64 11.55
C LEU K 36 -24.17 62.82 11.84
N ALA K 37 -23.42 63.51 10.97
CA ALA K 37 -21.94 63.57 11.11
C ALA K 37 -21.51 63.91 12.54
N THR K 38 -20.57 63.18 13.09
CA THR K 38 -20.02 63.44 14.43
C THR K 38 -19.03 64.61 14.35
N THR K 39 -18.46 64.85 13.18
CA THR K 39 -17.38 65.85 13.06
C THR K 39 -17.48 66.59 11.71
N PHE K 40 -16.72 67.67 11.63
CA PHE K 40 -16.84 68.71 10.60
C PHE K 40 -15.44 69.19 10.24
N LYS K 41 -15.16 69.29 8.95
CA LYS K 41 -13.81 69.67 8.46
C LYS K 41 -13.56 71.14 8.81
N GLN K 42 -12.45 71.44 9.43
CA GLN K 42 -12.02 72.80 9.83
CA GLN K 42 -11.99 72.79 9.83
C GLN K 42 -11.08 73.37 8.75
N ASP K 43 -11.18 74.66 8.48
CA ASP K 43 -10.29 75.38 7.53
C ASP K 43 -8.89 75.54 8.15
N SER K 44 -8.79 75.68 9.46
CA SER K 44 -7.50 75.70 10.16
C SER K 44 -7.73 75.29 11.60
N PRO K 45 -6.68 74.85 12.31
CA PRO K 45 -6.85 74.26 13.62
C PRO K 45 -7.51 75.24 14.60
N GLY K 46 -8.55 74.76 15.28
CA GLY K 46 -9.27 75.48 16.34
C GLY K 46 -9.93 76.73 15.81
N GLN K 47 -10.37 76.76 14.55
CA GLN K 47 -11.18 77.89 14.05
C GLN K 47 -12.37 78.04 15.02
N SER K 48 -12.77 79.27 15.35
CA SER K 48 -13.85 79.59 16.32
C SER K 48 -15.24 79.51 15.65
N SER K 49 -15.32 79.46 14.33
CA SER K 49 -16.56 79.80 13.56
C SER K 49 -17.64 78.70 13.45
N GLY K 50 -17.44 77.59 12.75
CA GLY K 50 -18.57 76.75 12.30
C GLY K 50 -18.89 75.65 13.29
N PHE K 51 -19.24 74.45 12.82
CA PHE K 51 -19.43 73.26 13.67
C PHE K 51 -18.07 72.61 13.90
N VAL K 52 -17.93 71.90 15.01
CA VAL K 52 -16.65 71.28 15.41
C VAL K 52 -16.89 69.80 15.72
N TYR K 53 -17.85 69.51 16.60
CA TYR K 53 -18.08 68.14 17.11
C TYR K 53 -19.54 68.02 17.54
N SER K 54 -20.20 66.96 17.11
CA SER K 54 -21.68 66.84 17.18
C SER K 54 -22.18 67.07 18.63
N ARG K 55 -21.50 66.52 19.64
CA ARG K 55 -21.95 66.69 21.04
C ARG K 55 -22.02 68.20 21.40
N SER K 56 -21.09 69.01 20.87
CA SER K 56 -20.96 70.45 21.20
C SER K 56 -22.02 71.25 20.42
N GLY K 57 -22.51 70.72 19.31
CA GLY K 57 -23.46 71.45 18.46
C GLY K 57 -23.49 70.83 17.09
N ASN K 58 -24.64 70.84 16.45
CA ASN K 58 -24.78 70.22 15.11
C ASN K 58 -25.97 70.88 14.44
N PRO K 59 -26.00 70.89 13.11
CA PRO K 59 -27.01 71.65 12.39
C PRO K 59 -28.46 71.32 12.78
N THR K 60 -28.83 70.04 12.86
CA THR K 60 -30.22 69.61 13.12
C THR K 60 -30.60 70.05 14.54
N ARG K 61 -29.77 69.77 15.53
CA ARG K 61 -30.09 70.13 16.94
C ARG K 61 -30.20 71.68 17.04
N ASN K 62 -29.27 72.41 16.44
CA ASN K 62 -29.25 73.89 16.57
C ASN K 62 -30.51 74.48 15.96
N CYS K 63 -31.00 73.90 14.89
CA CYS K 63 -32.26 74.32 14.23
CA CYS K 63 -32.26 74.32 14.23
C CYS K 63 -33.47 74.06 15.13
N LEU K 64 -33.55 72.86 15.72
CA LEU K 64 -34.63 72.56 16.69
C LEU K 64 -34.57 73.58 17.83
N GLU K 65 -33.41 73.85 18.40
CA GLU K 65 -33.28 74.74 19.58
C GLU K 65 -33.78 76.16 19.22
N LYS K 66 -33.56 76.63 18.00
CA LYS K 66 -34.09 77.95 17.56
C LYS K 66 -35.62 77.95 17.54
N ALA K 67 -36.23 76.89 17.03
CA ALA K 67 -37.70 76.77 16.94
C ALA K 67 -38.29 76.73 18.36
N VAL K 68 -37.74 75.89 19.24
CA VAL K 68 -38.34 75.72 20.59
C VAL K 68 -38.19 77.04 21.35
N ALA K 69 -37.04 77.71 21.25
CA ALA K 69 -36.82 79.00 21.91
C ALA K 69 -37.96 79.96 21.55
N ALA K 70 -38.32 80.08 20.27
CA ALA K 70 -39.40 80.97 19.84
C ALA K 70 -40.73 80.54 20.49
N LEU K 71 -41.04 79.24 20.51
CA LEU K 71 -42.33 78.76 21.06
C LEU K 71 -42.38 78.97 22.58
N ASP K 72 -41.24 78.96 23.26
CA ASP K 72 -41.19 79.16 24.74
C ASP K 72 -41.08 80.67 25.07
N GLY K 73 -41.03 81.55 24.09
CA GLY K 73 -40.80 82.99 24.33
C GLY K 73 -39.43 83.24 24.93
N ALA K 74 -38.42 82.48 24.52
CA ALA K 74 -37.08 82.47 25.12
C ALA K 74 -36.03 82.98 24.14
N LYS K 75 -34.93 83.49 24.65
CA LYS K 75 -33.75 83.85 23.83
C LYS K 75 -32.93 82.59 23.53
N HIS K 76 -32.95 81.58 24.39
CA HIS K 76 -32.02 80.42 24.30
C HIS K 76 -32.76 79.12 24.62
N CYS K 77 -32.41 78.05 23.91
CA CYS K 77 -32.97 76.70 24.22
C CYS K 77 -31.86 75.67 24.10
N LEU K 78 -31.88 74.70 25.00
CA LEU K 78 -30.92 73.56 25.00
C LEU K 78 -31.74 72.25 24.98
N THR K 79 -31.34 71.30 24.14
CA THR K 79 -32.00 69.98 24.06
C THR K 79 -31.11 68.92 24.73
N PHE K 80 -31.79 67.92 25.31
CA PHE K 80 -31.18 66.83 26.10
C PHE K 80 -31.80 65.49 25.67
N ALA K 81 -31.13 64.42 26.08
CA ALA K 81 -31.47 63.03 25.75
C ALA K 81 -32.83 62.64 26.34
N SER K 82 -33.31 63.33 27.37
CA SER K 82 -34.59 63.02 28.05
C SER K 82 -34.96 64.17 28.98
N GLY K 83 -36.22 64.23 29.41
CA GLY K 83 -36.62 65.14 30.51
C GLY K 83 -35.77 64.95 31.75
N LEU K 84 -35.49 63.71 32.16
CA LEU K 84 -34.63 63.48 33.35
C LEU K 84 -33.21 63.97 33.08
N ALA K 85 -32.67 63.84 31.87
CA ALA K 85 -31.31 64.36 31.57
C ALA K 85 -31.32 65.89 31.69
N ALA K 86 -32.40 66.55 31.25
CA ALA K 86 -32.55 68.01 31.41
C ALA K 86 -32.53 68.36 32.92
N THR K 87 -33.26 67.58 33.72
CA THR K 87 -33.35 67.78 35.19
C THR K 87 -31.96 67.64 35.82
N THR K 88 -31.24 66.58 35.48
CA THR K 88 -29.87 66.31 35.97
C THR K 88 -28.94 67.49 35.58
N THR K 89 -29.02 67.94 34.33
CA THR K 89 -28.14 69.02 33.83
C THR K 89 -28.43 70.32 34.60
N ILE K 90 -29.69 70.67 34.80
CA ILE K 90 -30.09 71.88 35.57
C ILE K 90 -29.53 71.79 36.98
N THR K 91 -29.62 70.62 37.61
CA THR K 91 -29.17 70.41 39.01
C THR K 91 -27.67 70.65 39.09
N HIS K 92 -26.93 70.34 38.03
CA HIS K 92 -25.45 70.55 37.99
C HIS K 92 -25.10 72.04 37.88
N LEU K 93 -26.07 72.95 37.72
CA LEU K 93 -25.81 74.42 37.89
C LEU K 93 -25.37 74.72 39.32
N LEU K 94 -25.65 73.84 40.28
CA LEU K 94 -25.42 74.12 41.71
C LEU K 94 -24.05 73.62 42.14
N LYS K 95 -23.82 73.52 43.43
CA LYS K 95 -22.59 72.94 44.00
C LYS K 95 -22.88 72.42 45.42
N ALA K 96 -21.97 71.61 45.96
CA ALA K 96 -22.05 71.05 47.33
C ALA K 96 -22.34 72.20 48.29
N GLY K 97 -23.31 72.02 49.20
CA GLY K 97 -23.72 73.03 50.20
C GLY K 97 -24.97 73.77 49.80
N ASP K 98 -25.42 73.66 48.54
CA ASP K 98 -26.64 74.35 48.07
C ASP K 98 -27.88 73.55 48.47
N GLU K 99 -29.03 74.22 48.50
CA GLU K 99 -30.32 73.59 48.82
C GLU K 99 -31.26 73.78 47.64
N VAL K 100 -32.06 72.75 47.40
CA VAL K 100 -33.15 72.71 46.40
C VAL K 100 -34.48 72.60 47.14
N ILE K 101 -35.46 73.39 46.73
CA ILE K 101 -36.88 73.19 47.12
C ILE K 101 -37.59 72.62 45.89
N CYS K 102 -38.23 71.48 46.05
CA CYS K 102 -39.01 70.82 44.98
C CYS K 102 -40.48 70.77 45.38
N MET K 103 -41.36 71.06 44.42
CA MET K 103 -42.81 70.82 44.55
C MET K 103 -43.02 69.42 45.13
N ASP K 104 -43.92 69.27 46.09
CA ASP K 104 -44.06 68.00 46.85
C ASP K 104 -44.57 66.90 45.92
N GLU K 105 -45.45 67.24 44.97
CA GLU K 105 -45.95 66.26 43.99
C GLU K 105 -45.30 66.51 42.63
N VAL K 106 -44.43 65.58 42.23
CA VAL K 106 -43.75 65.63 40.91
C VAL K 106 -43.81 64.24 40.31
N TYR K 107 -43.46 64.14 39.03
CA TYR K 107 -43.22 62.85 38.39
C TYR K 107 -42.37 62.00 39.35
N GLY K 108 -42.71 60.71 39.49
CA GLY K 108 -41.97 59.75 40.32
C GLY K 108 -40.47 59.78 40.07
N GLY K 109 -40.05 59.84 38.80
CA GLY K 109 -38.62 59.87 38.44
C GLY K 109 -37.91 61.13 38.90
N THR K 110 -38.61 62.27 38.89
CA THR K 110 -38.04 63.54 39.41
C THR K 110 -37.80 63.39 40.92
N ASN K 111 -38.80 62.88 41.61
CA ASN K 111 -38.73 62.59 43.07
C ASN K 111 -37.52 61.69 43.33
N ARG K 112 -37.43 60.57 42.63
CA ARG K 112 -36.33 59.59 42.78
C ARG K 112 -34.98 60.28 42.57
N TYR K 113 -34.83 61.09 41.51
CA TYR K 113 -33.54 61.75 41.22
C TYR K 113 -33.13 62.65 42.39
N PHE K 114 -34.02 63.55 42.82
CA PHE K 114 -33.67 64.52 43.90
C PHE K 114 -33.41 63.76 45.21
N ARG K 115 -34.31 62.84 45.56
CA ARG K 115 -34.33 62.19 46.88
C ARG K 115 -33.16 61.21 47.00
N ARG K 116 -32.86 60.43 45.96
CA ARG K 116 -31.92 59.28 46.06
C ARG K 116 -30.57 59.58 45.40
N VAL K 117 -30.49 60.53 44.45
CA VAL K 117 -29.22 60.77 43.73
C VAL K 117 -28.64 62.14 44.11
N ALA K 118 -29.31 63.24 43.76
CA ALA K 118 -28.76 64.61 43.98
C ALA K 118 -28.39 64.81 45.45
N SER K 119 -29.20 64.28 46.36
CA SER K 119 -29.03 64.43 47.83
C SER K 119 -27.73 63.78 48.30
N GLU K 120 -27.12 62.89 47.53
CA GLU K 120 -25.85 62.20 47.89
C GLU K 120 -24.62 63.02 47.49
N PHE K 121 -24.80 64.11 46.75
CA PHE K 121 -23.69 64.95 46.23
C PHE K 121 -23.70 66.33 46.88
N GLY K 122 -24.05 66.39 48.17
CA GLY K 122 -23.91 67.60 49.00
C GLY K 122 -25.03 68.59 48.76
N LEU K 123 -26.13 68.17 48.13
CA LEU K 123 -27.32 69.01 47.93
C LEU K 123 -28.35 68.60 48.97
N LYS K 124 -28.96 69.58 49.62
CA LYS K 124 -30.08 69.35 50.55
C LYS K 124 -31.36 69.53 49.74
N ILE K 125 -32.25 68.55 49.74
CA ILE K 125 -33.55 68.62 49.02
C ILE K 125 -34.69 68.72 50.04
N SER K 126 -35.60 69.67 49.88
CA SER K 126 -36.86 69.78 50.66
C SER K 126 -38.02 69.71 49.70
N PHE K 127 -39.03 68.88 49.99
CA PHE K 127 -40.27 68.81 49.21
C PHE K 127 -41.31 69.69 49.90
N VAL K 128 -41.90 70.64 49.18
CA VAL K 128 -42.80 71.68 49.77
C VAL K 128 -44.03 71.78 48.88
N ASP K 129 -45.21 71.92 49.46
CA ASP K 129 -46.45 72.17 48.70
C ASP K 129 -46.43 73.64 48.23
N CYS K 130 -45.94 73.89 47.01
CA CYS K 130 -45.77 75.25 46.47
C CYS K 130 -47.10 75.80 45.93
N SER K 131 -48.18 75.04 45.96
CA SER K 131 -49.56 75.57 45.73
C SER K 131 -49.92 76.54 46.88
N LYS K 132 -49.20 76.50 47.99
CA LYS K 132 -49.38 77.43 49.14
C LYS K 132 -48.12 78.27 49.27
N THR K 133 -48.17 79.51 48.80
CA THR K 133 -46.99 80.39 48.66
C THR K 133 -46.36 80.63 50.04
N LYS K 134 -47.13 80.62 51.15
CA LYS K 134 -46.51 80.85 52.49
C LYS K 134 -45.61 79.68 52.87
N LEU K 135 -45.89 78.47 52.41
CA LEU K 135 -45.01 77.32 52.70
C LEU K 135 -43.70 77.45 51.91
N LEU K 136 -43.75 77.97 50.69
CA LEU K 136 -42.53 78.19 49.86
C LEU K 136 -41.67 79.26 50.57
N GLU K 137 -42.28 80.40 50.90
CA GLU K 137 -41.64 81.54 51.61
C GLU K 137 -40.90 81.01 52.85
N ALA K 138 -41.55 80.17 53.67
CA ALA K 138 -40.98 79.67 54.95
C ALA K 138 -39.83 78.67 54.71
N ALA K 139 -39.79 77.96 53.58
CA ALA K 139 -38.77 76.93 53.33
C ALA K 139 -37.47 77.56 52.81
N ILE K 140 -37.50 78.79 52.30
CA ILE K 140 -36.29 79.41 51.71
C ILE K 140 -35.29 79.75 52.82
N THR K 141 -34.03 79.40 52.64
CA THR K 141 -32.90 79.72 53.54
C THR K 141 -31.83 80.44 52.72
N PRO K 142 -30.78 81.01 53.35
CA PRO K 142 -29.69 81.60 52.59
C PRO K 142 -28.97 80.60 51.67
N GLN K 143 -29.11 79.29 51.92
CA GLN K 143 -28.44 78.24 51.10
C GLN K 143 -29.34 77.80 49.94
N THR K 144 -30.61 78.21 49.89
CA THR K 144 -31.52 77.88 48.76
C THR K 144 -30.96 78.47 47.45
N LYS K 145 -30.76 77.64 46.42
CA LYS K 145 -30.26 78.13 45.11
C LYS K 145 -31.18 77.75 43.97
N LEU K 146 -32.13 76.85 44.19
CA LEU K 146 -33.03 76.34 43.10
C LEU K 146 -34.38 76.00 43.72
N VAL K 147 -35.43 76.42 43.06
CA VAL K 147 -36.83 76.04 43.35
C VAL K 147 -37.38 75.39 42.09
N TRP K 148 -37.83 74.14 42.20
CA TRP K 148 -38.30 73.29 41.09
C TRP K 148 -39.81 73.10 41.23
N ILE K 149 -40.60 73.66 40.33
CA ILE K 149 -42.08 73.50 40.37
CA ILE K 149 -42.08 73.51 40.38
C ILE K 149 -42.59 72.87 39.07
N GLU K 150 -43.46 71.87 39.19
CA GLU K 150 -44.31 71.35 38.10
C GLU K 150 -45.67 71.99 38.29
N THR K 151 -46.30 72.45 37.22
CA THR K 151 -47.70 72.88 37.29
C THR K 151 -48.31 72.72 35.91
N PRO K 152 -49.42 71.97 35.75
CA PRO K 152 -49.99 71.15 36.80
C PRO K 152 -49.11 69.95 37.18
N THR K 153 -49.31 69.37 38.37
CA THR K 153 -48.46 68.28 38.90
C THR K 153 -48.85 66.94 38.26
N ASN K 154 -47.86 66.08 38.13
CA ASN K 154 -48.03 64.69 37.67
C ASN K 154 -48.11 63.81 38.92
N PRO K 155 -49.24 63.13 39.24
CA PRO K 155 -50.41 62.98 38.39
C PRO K 155 -51.74 63.57 38.85
N THR K 156 -51.76 64.37 39.92
CA THR K 156 -53.05 64.85 40.50
C THR K 156 -53.39 66.26 40.00
N LEU K 157 -52.58 66.86 39.12
CA LEU K 157 -52.95 68.10 38.37
C LEU K 157 -53.25 69.24 39.36
N LYS K 158 -52.45 69.35 40.41
CA LYS K 158 -52.40 70.51 41.33
C LYS K 158 -51.63 71.63 40.61
N LEU K 159 -52.08 72.88 40.76
CA LEU K 159 -51.40 74.05 40.16
C LEU K 159 -50.57 74.80 41.20
N ALA K 160 -49.55 75.49 40.73
CA ALA K 160 -48.82 76.53 41.48
C ALA K 160 -48.99 77.82 40.71
N ASP K 161 -49.10 78.94 41.43
CA ASP K 161 -49.19 80.29 40.86
C ASP K 161 -47.77 80.71 40.50
N ILE K 162 -47.40 80.61 39.23
CA ILE K 162 -45.99 80.81 38.80
C ILE K 162 -45.54 82.24 39.13
N LYS K 163 -46.33 83.25 38.78
CA LYS K 163 -45.96 84.68 39.02
C LYS K 163 -45.78 84.91 40.54
N ALA K 164 -46.67 84.38 41.37
CA ALA K 164 -46.58 84.53 42.85
C ALA K 164 -45.32 83.83 43.37
N CYS K 165 -45.01 82.61 42.89
CA CYS K 165 -43.78 81.90 43.31
C CYS K 165 -42.53 82.68 42.83
N ALA K 166 -42.57 83.23 41.62
CA ALA K 166 -41.41 83.98 41.06
C ALA K 166 -41.15 85.20 41.96
N GLN K 167 -42.20 85.93 42.35
CA GLN K 167 -42.07 87.14 43.20
C GLN K 167 -41.40 86.75 44.52
N ILE K 168 -41.83 85.65 45.12
CA ILE K 168 -41.24 85.16 46.40
C ILE K 168 -39.76 84.84 46.20
N VAL K 169 -39.41 84.04 45.18
CA VAL K 169 -37.99 83.58 45.11
C VAL K 169 -37.08 84.74 44.68
N HIS K 170 -37.56 85.67 43.87
CA HIS K 170 -36.73 86.79 43.35
C HIS K 170 -36.55 87.91 44.38
N LYS K 171 -37.21 87.86 45.55
CA LYS K 171 -36.88 88.76 46.69
C LYS K 171 -35.52 88.37 47.25
N HIS K 172 -35.08 87.13 47.07
CA HIS K 172 -33.78 86.64 47.59
C HIS K 172 -32.73 86.75 46.47
N LYS K 173 -31.46 86.71 46.84
CA LYS K 173 -30.35 86.80 45.87
C LYS K 173 -30.12 85.40 45.27
N ASP K 174 -30.04 85.30 43.95
CA ASP K 174 -29.36 84.14 43.32
C ASP K 174 -30.17 82.85 43.53
N ILE K 175 -31.50 82.90 43.47
CA ILE K 175 -32.34 81.67 43.46
C ILE K 175 -32.90 81.53 42.05
N ILE K 176 -32.69 80.36 41.46
CA ILE K 176 -33.26 79.98 40.13
C ILE K 176 -34.63 79.37 40.33
N LEU K 177 -35.66 79.89 39.68
CA LEU K 177 -36.99 79.24 39.62
C LEU K 177 -37.10 78.47 38.29
N VAL K 178 -37.25 77.15 38.40
CA VAL K 178 -37.54 76.26 37.24
C VAL K 178 -39.01 75.91 37.25
N VAL K 179 -39.69 76.05 36.13
CA VAL K 179 -41.04 75.48 35.96
C VAL K 179 -40.93 74.35 34.93
N ASP K 180 -41.33 73.15 35.33
CA ASP K 180 -41.54 72.00 34.42
C ASP K 180 -42.90 72.16 33.77
N ASN K 181 -42.90 72.50 32.48
CA ASN K 181 -44.07 72.85 31.65
C ASN K 181 -44.58 71.64 30.85
N THR K 182 -44.15 70.42 31.18
CA THR K 182 -44.46 69.20 30.37
C THR K 182 -45.97 69.05 30.17
N PHE K 183 -46.77 69.16 31.24
CA PHE K 183 -48.21 68.82 31.19
C PHE K 183 -49.00 69.85 30.38
N MET K 184 -48.55 71.10 30.26
CA MET K 184 -49.34 72.15 29.55
C MET K 184 -48.92 72.25 28.07
N SER K 185 -47.65 72.07 27.79
CA SER K 185 -46.99 72.41 26.50
C SER K 185 -46.82 73.93 26.38
N ALA K 186 -45.91 74.34 25.50
CA ALA K 186 -45.61 75.75 25.18
C ALA K 186 -46.86 76.42 24.64
N TYR K 187 -47.80 75.67 24.06
CA TYR K 187 -48.98 76.30 23.46
C TYR K 187 -49.94 76.86 24.53
N PHE K 188 -49.99 76.24 25.71
CA PHE K 188 -51.02 76.61 26.72
C PHE K 188 -50.41 77.35 27.92
N GLN K 189 -49.12 77.30 28.14
CA GLN K 189 -48.49 77.94 29.31
C GLN K 189 -47.09 78.41 28.93
N ARG K 190 -46.72 79.63 29.34
CA ARG K 190 -45.41 80.23 29.02
C ARG K 190 -44.74 80.72 30.30
N PRO K 191 -44.10 79.83 31.07
CA PRO K 191 -43.51 80.21 32.35
C PRO K 191 -42.50 81.36 32.30
N LEU K 192 -41.73 81.50 31.22
CA LEU K 192 -40.74 82.60 31.12
C LEU K 192 -41.47 83.97 31.10
N ALA K 193 -42.70 84.04 30.58
CA ALA K 193 -43.48 85.29 30.58
C ALA K 193 -44.12 85.54 31.96
N LEU K 194 -44.07 84.59 32.89
CA LEU K 194 -44.70 84.68 34.23
C LEU K 194 -43.64 84.81 35.31
N GLY K 195 -42.36 84.92 34.96
CA GLY K 195 -41.25 85.17 35.90
C GLY K 195 -40.33 84.00 36.14
N ALA K 196 -40.59 82.80 35.60
CA ALA K 196 -39.65 81.67 35.74
C ALA K 196 -38.29 82.05 35.13
N ASP K 197 -37.19 81.56 35.68
CA ASP K 197 -35.84 81.71 35.11
C ASP K 197 -35.59 80.62 34.05
N ILE K 198 -36.14 79.43 34.26
CA ILE K 198 -35.95 78.25 33.37
C ILE K 198 -37.30 77.63 33.10
N CYS K 199 -37.62 77.39 31.84
CA CYS K 199 -38.78 76.62 31.37
C CYS K 199 -38.26 75.29 30.87
N MET K 200 -38.57 74.21 31.57
CA MET K 200 -38.06 72.85 31.24
C MET K 200 -39.25 72.01 30.80
N CYS K 201 -39.06 71.07 29.87
CA CYS K 201 -40.11 70.06 29.67
C CYS K 201 -39.52 68.75 29.14
N SER K 202 -40.27 67.69 29.37
CA SER K 202 -40.11 66.41 28.66
C SER K 202 -40.79 66.58 27.31
N ALA K 203 -39.98 66.76 26.26
CA ALA K 203 -40.47 66.81 24.86
C ALA K 203 -41.01 65.46 24.43
N THR K 204 -40.68 64.41 25.19
CA THR K 204 -41.23 63.04 25.04
C THR K 204 -42.75 63.09 24.94
N LYS K 205 -43.38 64.08 25.59
CA LYS K 205 -44.85 64.13 25.72
C LYS K 205 -45.42 64.97 24.58
N TYR K 206 -46.11 66.07 24.87
CA TYR K 206 -46.85 66.84 23.85
C TYR K 206 -45.95 67.48 22.78
N MET K 207 -44.78 67.95 23.12
CA MET K 207 -43.99 68.80 22.17
C MET K 207 -43.69 67.95 20.92
N ASN K 208 -43.19 66.74 21.10
CA ASN K 208 -43.02 65.78 19.98
C ASN K 208 -44.40 65.25 19.57
N GLY K 209 -45.17 64.74 20.54
CA GLY K 209 -46.59 64.42 20.32
C GLY K 209 -46.88 63.10 19.61
N HIS K 210 -45.84 62.34 19.22
CA HIS K 210 -46.02 61.11 18.41
C HIS K 210 -45.44 59.86 19.09
N SER K 211 -45.11 59.95 20.38
CA SER K 211 -44.73 58.79 21.23
C SER K 211 -43.58 58.01 20.60
N ASP K 212 -42.65 58.71 19.95
CA ASP K 212 -41.54 58.04 19.23
C ASP K 212 -40.22 58.76 19.44
N VAL K 213 -40.14 59.66 20.41
CA VAL K 213 -38.89 60.39 20.75
C VAL K 213 -38.87 60.60 22.27
N VAL K 214 -37.74 60.27 22.88
CA VAL K 214 -37.42 60.65 24.27
C VAL K 214 -36.48 61.85 24.19
N MET K 215 -36.86 62.97 24.82
CA MET K 215 -36.07 64.22 24.71
C MET K 215 -36.47 65.19 25.85
N GLY K 216 -35.52 65.98 26.30
CA GLY K 216 -35.74 67.11 27.23
C GLY K 216 -35.38 68.43 26.59
N LEU K 217 -36.10 69.49 26.98
CA LEU K 217 -35.92 70.87 26.45
C LEU K 217 -35.79 71.77 27.65
N VAL K 218 -34.85 72.71 27.57
CA VAL K 218 -34.63 73.75 28.60
C VAL K 218 -34.52 75.11 27.88
N SER K 219 -35.39 76.04 28.22
CA SER K 219 -35.43 77.39 27.62
C SER K 219 -35.16 78.44 28.72
N VAL K 220 -34.34 79.44 28.40
CA VAL K 220 -33.94 80.54 29.31
C VAL K 220 -33.85 81.87 28.55
N ASN K 221 -33.97 82.97 29.30
CA ASN K 221 -33.69 84.33 28.78
C ASN K 221 -32.29 84.79 29.22
N SER K 222 -31.84 84.40 30.39
CA SER K 222 -30.57 84.86 31.00
C SER K 222 -29.38 84.38 30.17
N ASP K 223 -28.48 85.30 29.80
CA ASP K 223 -27.21 84.95 29.11
C ASP K 223 -26.31 84.17 30.06
N ASP K 224 -26.29 84.50 31.35
CA ASP K 224 -25.51 83.79 32.40
C ASP K 224 -25.99 82.32 32.48
N LEU K 225 -27.31 82.08 32.60
CA LEU K 225 -27.85 80.69 32.70
CA LEU K 225 -27.84 80.70 32.70
C LEU K 225 -27.55 79.96 31.38
N ASN K 226 -27.74 80.61 30.25
CA ASN K 226 -27.44 79.99 28.93
C ASN K 226 -25.98 79.52 28.92
N GLU K 227 -25.03 80.37 29.28
CA GLU K 227 -23.59 80.02 29.27
C GLU K 227 -23.32 78.83 30.19
N ARG K 228 -23.87 78.83 31.40
CA ARG K 228 -23.66 77.76 32.39
C ARG K 228 -24.30 76.46 31.89
N LEU K 229 -25.49 76.52 31.31
CA LEU K 229 -26.20 75.31 30.82
C LEU K 229 -25.51 74.76 29.57
N ARG K 230 -25.02 75.64 28.69
CA ARG K 230 -24.32 75.23 27.45
C ARG K 230 -23.07 74.46 27.82
N PHE K 231 -22.32 74.98 28.78
CA PHE K 231 -21.12 74.32 29.34
C PHE K 231 -21.46 72.89 29.78
N LEU K 232 -22.59 72.72 30.48
CA LEU K 232 -22.99 71.39 31.01
C LEU K 232 -23.58 70.50 29.91
N GLN K 233 -24.28 71.03 28.92
CA GLN K 233 -24.78 70.23 27.78
C GLN K 233 -23.57 69.58 27.12
N ASN K 234 -22.49 70.34 26.93
CA ASN K 234 -21.26 69.86 26.25
C ASN K 234 -20.50 68.92 27.19
N SER K 235 -20.40 69.24 28.48
CA SER K 235 -19.45 68.59 29.43
C SER K 235 -20.04 67.32 30.07
N LEU K 236 -21.36 67.26 30.34
CA LEU K 236 -22.02 66.02 30.81
C LEU K 236 -22.42 65.17 29.60
N GLY K 237 -22.69 65.78 28.46
CA GLY K 237 -22.93 65.06 27.19
C GLY K 237 -24.25 64.32 27.15
N ALA K 238 -25.26 64.75 27.91
CA ALA K 238 -26.57 64.09 27.87
C ALA K 238 -27.38 64.64 26.67
N VAL K 239 -26.88 64.43 25.46
CA VAL K 239 -27.38 65.11 24.23
C VAL K 239 -28.29 64.18 23.44
N PRO K 240 -29.22 64.75 22.67
CA PRO K 240 -30.14 63.97 21.84
C PRO K 240 -29.50 63.61 20.48
N SER K 241 -29.95 62.52 19.87
CA SER K 241 -29.61 62.15 18.46
C SER K 241 -30.13 63.23 17.52
N PRO K 242 -29.40 63.60 16.44
CA PRO K 242 -29.95 64.48 15.41
C PRO K 242 -31.21 63.93 14.77
N PHE K 243 -31.33 62.62 14.66
CA PHE K 243 -32.54 61.96 14.14
C PHE K 243 -33.74 62.27 15.05
N ASP K 244 -33.55 62.16 16.36
CA ASP K 244 -34.60 62.53 17.36
C ASP K 244 -34.91 64.02 17.26
N CYS K 245 -33.90 64.87 17.04
CA CYS K 245 -34.12 66.32 16.88
C CYS K 245 -35.03 66.55 15.66
N TYR K 246 -34.79 65.83 14.57
CA TYR K 246 -35.60 65.95 13.35
C TYR K 246 -37.05 65.56 13.65
N LEU K 247 -37.27 64.41 14.27
CA LEU K 247 -38.66 63.94 14.57
C LEU K 247 -39.36 64.93 15.52
N CYS K 248 -38.66 65.46 16.49
CA CYS K 248 -39.27 66.44 17.43
C CYS K 248 -39.60 67.73 16.66
N CYS K 249 -38.71 68.19 15.78
CA CYS K 249 -38.99 69.36 14.92
C CYS K 249 -40.23 69.08 14.07
N ARG K 250 -40.34 67.88 13.50
CA ARG K 250 -41.51 67.48 12.69
C ARG K 250 -42.78 67.55 13.55
N GLY K 251 -42.72 67.05 14.78
CA GLY K 251 -43.85 67.12 15.74
C GLY K 251 -44.29 68.54 16.03
N LEU K 252 -43.36 69.49 16.19
CA LEU K 252 -43.70 70.90 16.53
C LEU K 252 -44.58 71.51 15.43
N LYS K 253 -44.47 71.05 14.18
CA LYS K 253 -45.17 71.68 13.04
C LYS K 253 -46.69 71.57 13.26
N THR K 254 -47.15 70.54 13.98
CA THR K 254 -48.60 70.29 14.24
C THR K 254 -48.96 70.62 15.71
N LEU K 255 -48.06 71.17 16.50
CA LEU K 255 -48.30 71.35 17.96
C LEU K 255 -49.58 72.17 18.19
N GLN K 256 -49.75 73.31 17.53
CA GLN K 256 -50.96 74.14 17.78
C GLN K 256 -52.24 73.33 17.51
N ILE K 257 -52.35 72.66 16.37
CA ILE K 257 -53.63 71.97 16.04
C ILE K 257 -53.79 70.72 16.91
N ARG K 258 -52.71 70.03 17.29
CA ARG K 258 -52.80 68.87 18.21
C ARG K 258 -53.34 69.36 19.57
N MET K 259 -52.75 70.39 20.13
CA MET K 259 -53.09 70.87 21.49
C MET K 259 -54.56 71.34 21.50
N GLU K 260 -55.05 71.99 20.45
CA GLU K 260 -56.48 72.42 20.39
C GLU K 260 -57.38 71.20 20.42
N LYS K 261 -57.01 70.12 19.71
CA LYS K 261 -57.81 68.89 19.70
C LYS K 261 -57.70 68.17 21.07
N HIS K 262 -56.52 68.13 21.70
CA HIS K 262 -56.36 67.54 23.06
C HIS K 262 -57.30 68.28 24.04
N PHE K 263 -57.42 69.61 23.92
CA PHE K 263 -58.28 70.44 24.78
C PHE K 263 -59.75 70.07 24.53
N ARG K 264 -60.20 70.00 23.29
CA ARG K 264 -61.61 69.63 22.96
C ARG K 264 -61.92 68.23 23.52
N ASN K 265 -61.05 67.25 23.24
CA ASN K 265 -61.27 65.86 23.70
C ASN K 265 -61.15 65.76 25.22
N GLY K 266 -60.16 66.40 25.82
CA GLY K 266 -59.92 66.38 27.26
C GLY K 266 -61.13 66.93 28.02
N MET K 267 -61.66 68.07 27.56
CA MET K 267 -62.84 68.69 28.21
CA MET K 267 -62.84 68.70 28.22
C MET K 267 -64.04 67.76 28.09
N ALA K 268 -64.25 67.13 26.92
CA ALA K 268 -65.39 66.21 26.71
C ALA K 268 -65.28 64.98 27.64
N VAL K 269 -64.09 64.41 27.79
CA VAL K 269 -63.82 63.26 28.68
C VAL K 269 -64.07 63.69 30.13
N ALA K 270 -63.53 64.83 30.54
CA ALA K 270 -63.68 65.32 31.92
C ALA K 270 -65.17 65.50 32.26
N ARG K 271 -65.95 66.11 31.38
CA ARG K 271 -67.41 66.32 31.59
C ARG K 271 -68.13 64.98 31.66
N PHE K 272 -67.78 64.04 30.81
CA PHE K 272 -68.36 62.69 30.80
C PHE K 272 -68.09 61.99 32.14
N LEU K 273 -66.86 62.04 32.64
CA LEU K 273 -66.49 61.36 33.90
C LEU K 273 -67.21 62.06 35.09
N GLU K 274 -67.32 63.38 35.03
CA GLU K 274 -67.92 64.16 36.13
C GLU K 274 -69.41 63.79 36.30
N SER K 275 -70.10 63.37 35.25
CA SER K 275 -71.53 63.03 35.33
C SER K 275 -71.74 61.51 35.43
N ASN K 276 -70.68 60.70 35.49
CA ASN K 276 -70.79 59.23 35.55
C ASN K 276 -70.84 58.78 37.01
N PRO K 277 -71.87 58.02 37.44
CA PRO K 277 -71.98 57.59 38.85
C PRO K 277 -70.96 56.53 39.30
N ARG K 278 -70.12 56.01 38.39
CA ARG K 278 -69.06 55.04 38.73
C ARG K 278 -67.74 55.76 39.07
N VAL K 279 -67.75 57.09 39.01
CA VAL K 279 -66.54 57.93 39.24
C VAL K 279 -66.71 58.67 40.57
N GLU K 280 -65.76 58.55 41.46
CA GLU K 280 -65.76 59.23 42.78
C GLU K 280 -65.49 60.73 42.59
N LYS K 281 -64.47 61.09 41.81
CA LYS K 281 -64.03 62.49 41.67
C LYS K 281 -63.19 62.62 40.39
N VAL K 282 -63.42 63.66 39.60
CA VAL K 282 -62.63 63.99 38.39
C VAL K 282 -61.73 65.19 38.70
N ILE K 283 -60.52 65.19 38.18
CA ILE K 283 -59.59 66.33 38.26
C ILE K 283 -59.24 66.74 36.83
N TYR K 284 -59.62 67.95 36.45
CA TYR K 284 -59.27 68.56 35.14
C TYR K 284 -59.25 70.06 35.34
N PRO K 285 -58.10 70.75 35.16
CA PRO K 285 -58.04 72.20 35.37
C PRO K 285 -59.07 73.02 34.59
N GLY K 286 -59.55 72.50 33.45
CA GLY K 286 -60.59 73.18 32.65
C GLY K 286 -61.99 73.08 33.22
N LEU K 287 -62.23 72.21 34.20
CA LEU K 287 -63.59 72.08 34.82
C LEU K 287 -63.68 73.12 35.93
N PRO K 288 -64.84 73.83 36.06
CA PRO K 288 -65.10 74.66 37.24
C PRO K 288 -64.95 73.95 38.59
N SER K 289 -65.13 72.63 38.65
CA SER K 289 -64.98 71.83 39.89
C SER K 289 -63.52 71.75 40.34
N HIS K 290 -62.54 71.99 39.45
CA HIS K 290 -61.13 71.92 39.88
C HIS K 290 -60.93 73.00 40.93
N PRO K 291 -60.29 72.68 42.08
CA PRO K 291 -60.09 73.68 43.12
C PRO K 291 -59.31 74.92 42.67
N GLN K 292 -58.49 74.82 41.62
CA GLN K 292 -57.67 75.97 41.14
C GLN K 292 -58.08 76.36 39.73
N HIS K 293 -59.35 76.17 39.36
CA HIS K 293 -59.86 76.50 38.02
C HIS K 293 -59.61 77.99 37.72
N GLU K 294 -59.83 78.89 38.69
CA GLU K 294 -59.69 80.34 38.44
C GLU K 294 -58.22 80.67 38.19
N LEU K 295 -57.27 80.06 38.93
CA LEU K 295 -55.83 80.26 38.70
C LEU K 295 -55.46 79.74 37.29
N ALA K 296 -55.98 78.58 36.89
CA ALA K 296 -55.70 78.01 35.55
C ALA K 296 -56.06 79.04 34.48
N LYS K 297 -57.20 79.70 34.60
CA LYS K 297 -57.67 80.72 33.60
C LYS K 297 -56.77 81.95 33.62
N ARG K 298 -56.14 82.28 34.75
CA ARG K 298 -55.29 83.49 34.88
C ARG K 298 -53.89 83.21 34.33
N GLN K 299 -53.42 81.95 34.23
CA GLN K 299 -51.99 81.75 33.87
C GLN K 299 -51.82 80.84 32.64
N CYS K 300 -52.90 80.34 32.04
CA CYS K 300 -52.88 79.44 30.87
C CYS K 300 -53.82 79.95 29.79
N THR K 301 -53.57 79.54 28.54
CA THR K 301 -54.40 79.89 27.37
C THR K 301 -55.36 78.75 27.04
N GLY K 302 -55.35 77.69 27.84
CA GLY K 302 -56.22 76.53 27.65
C GLY K 302 -55.74 75.39 28.50
N CYS K 303 -56.22 74.19 28.22
CA CYS K 303 -55.92 72.99 29.02
CA CYS K 303 -55.92 72.99 29.02
C CYS K 303 -55.72 71.82 28.06
N PRO K 304 -54.74 70.93 28.31
CA PRO K 304 -54.53 69.80 27.40
C PRO K 304 -55.42 68.59 27.70
N GLY K 305 -54.95 67.39 27.35
CA GLY K 305 -55.77 66.17 27.40
C GLY K 305 -55.51 65.36 28.68
N MET K 306 -54.84 65.91 29.68
CA MET K 306 -54.54 65.14 30.91
C MET K 306 -55.74 65.25 31.85
N VAL K 307 -56.39 64.12 32.10
CA VAL K 307 -57.58 64.04 32.99
C VAL K 307 -57.29 62.95 34.03
N SER K 308 -57.37 63.26 35.30
CA SER K 308 -57.20 62.23 36.35
C SER K 308 -58.52 62.02 37.07
N PHE K 309 -58.80 60.80 37.49
CA PHE K 309 -60.06 60.54 38.23
C PHE K 309 -59.84 59.40 39.21
N TYR K 310 -60.64 59.44 40.26
CA TYR K 310 -60.74 58.36 41.27
C TYR K 310 -61.96 57.54 40.91
N ILE K 311 -61.76 56.27 40.62
CA ILE K 311 -62.89 55.34 40.36
C ILE K 311 -63.53 55.02 41.72
N LYS K 312 -64.84 54.79 41.73
CA LYS K 312 -65.51 54.26 42.96
C LYS K 312 -64.96 52.89 43.31
N GLY K 313 -64.82 52.61 44.59
CA GLY K 313 -64.52 51.25 45.05
C GLY K 313 -63.08 51.13 45.45
N THR K 314 -62.40 50.11 44.96
CA THR K 314 -61.06 49.70 45.45
C THR K 314 -60.15 49.47 44.24
N LEU K 315 -58.91 49.10 44.52
CA LEU K 315 -57.91 48.72 43.52
C LEU K 315 -58.52 47.71 42.53
N GLN K 316 -59.34 46.78 43.01
CA GLN K 316 -59.94 45.73 42.13
C GLN K 316 -60.73 46.41 41.01
N HIS K 317 -61.51 47.44 41.33
CA HIS K 317 -62.35 48.15 40.32
C HIS K 317 -61.43 48.90 39.33
N ALA K 318 -60.39 49.55 39.81
CA ALA K 318 -59.40 50.23 38.95
C ALA K 318 -58.78 49.21 37.99
N GLN K 319 -58.40 48.02 38.50
CA GLN K 319 -57.80 46.97 37.63
C GLN K 319 -58.81 46.51 36.58
N VAL K 320 -60.07 46.32 36.93
CA VAL K 320 -61.08 45.85 35.95
C VAL K 320 -61.30 46.93 34.89
N PHE K 321 -61.39 48.21 35.30
CA PHE K 321 -61.49 49.33 34.33
C PHE K 321 -60.32 49.25 33.33
N LEU K 322 -59.09 49.16 33.84
CA LEU K 322 -57.87 49.22 33.00
C LEU K 322 -57.73 47.96 32.13
N LYS K 323 -58.35 46.84 32.50
CA LYS K 323 -58.37 45.60 31.69
C LYS K 323 -59.44 45.67 30.60
N ASN K 324 -60.47 46.51 30.72
CA ASN K 324 -61.62 46.51 29.79
C ASN K 324 -61.56 47.66 28.77
N ILE K 325 -60.74 48.69 28.98
CA ILE K 325 -60.54 49.76 27.97
C ILE K 325 -60.04 49.10 26.67
N LYS K 326 -60.59 49.51 25.52
CA LYS K 326 -60.27 48.89 24.21
C LYS K 326 -59.72 49.94 23.24
N LEU K 327 -59.86 51.23 23.54
CA LEU K 327 -59.33 52.33 22.70
CA LEU K 327 -59.34 52.34 22.71
C LEU K 327 -58.19 53.01 23.47
N PHE K 328 -58.44 53.47 24.68
CA PHE K 328 -57.38 53.81 25.64
C PHE K 328 -56.54 52.54 25.83
N ALA K 329 -55.22 52.67 25.90
CA ALA K 329 -54.27 51.57 26.11
C ALA K 329 -53.67 51.74 27.51
N LEU K 330 -53.58 50.64 28.26
CA LEU K 330 -52.87 50.61 29.55
C LEU K 330 -51.37 50.67 29.27
N ALA K 331 -50.76 51.79 29.56
CA ALA K 331 -49.35 52.07 29.21
C ALA K 331 -48.92 53.34 29.94
N GLU K 332 -47.63 53.43 30.19
CA GLU K 332 -47.02 54.67 30.67
C GLU K 332 -46.98 55.72 29.54
N SER K 333 -46.62 56.91 29.90
CA SER K 333 -46.42 58.11 29.06
C SER K 333 -47.76 58.80 28.78
N LEU K 334 -47.65 59.91 28.06
CA LEU K 334 -48.75 60.86 27.86
C LEU K 334 -48.35 61.79 26.70
N GLY K 335 -49.34 62.52 26.21
CA GLY K 335 -49.10 63.63 25.29
C GLY K 335 -48.95 63.14 23.85
N GLY K 336 -49.25 61.86 23.59
CA GLY K 336 -49.30 61.32 22.24
C GLY K 336 -50.64 61.47 21.58
N TYR K 337 -50.71 61.17 20.30
CA TYR K 337 -51.97 61.19 19.52
C TYR K 337 -52.89 60.06 19.98
N GLU K 338 -52.35 59.00 20.59
CA GLU K 338 -53.11 57.81 21.02
C GLU K 338 -53.48 57.97 22.50
N SER K 339 -54.70 57.61 22.87
CA SER K 339 -55.22 57.74 24.25
C SER K 339 -54.56 56.66 25.12
N LEU K 340 -54.05 57.06 26.28
CA LEU K 340 -53.36 56.17 27.26
C LEU K 340 -54.02 56.29 28.64
N ALA K 341 -53.88 55.25 29.44
CA ALA K 341 -54.37 55.23 30.84
C ALA K 341 -53.33 54.51 31.70
N GLU K 342 -53.16 54.96 32.92
CA GLU K 342 -52.26 54.26 33.88
C GLU K 342 -52.80 54.42 35.31
N LEU K 343 -52.23 53.61 36.20
CA LEU K 343 -52.52 53.60 37.66
C LEU K 343 -51.24 54.05 38.35
N PRO K 344 -51.07 55.38 38.60
CA PRO K 344 -49.80 55.92 39.07
C PRO K 344 -49.22 55.24 40.31
N ALA K 345 -50.06 54.83 41.26
CA ALA K 345 -49.56 54.25 42.54
C ALA K 345 -48.73 53.00 42.27
N ILE K 346 -49.06 52.26 41.22
CA ILE K 346 -48.42 50.96 40.88
C ILE K 346 -47.46 51.11 39.69
N MET K 347 -47.53 52.20 38.94
CA MET K 347 -46.76 52.36 37.68
C MET K 347 -45.81 53.57 37.82
N THR K 348 -46.16 54.76 37.33
CA THR K 348 -45.22 55.91 37.30
C THR K 348 -44.73 56.35 38.68
N HIS K 349 -45.52 56.16 39.75
CA HIS K 349 -45.21 56.69 41.09
C HIS K 349 -44.92 55.56 42.08
N ALA K 350 -44.66 54.35 41.58
CA ALA K 350 -44.36 53.17 42.44
C ALA K 350 -43.09 53.43 43.27
N SER K 351 -42.13 54.21 42.79
CA SER K 351 -40.86 54.48 43.50
C SER K 351 -41.08 55.49 44.66
N VAL K 352 -42.18 56.26 44.63
CA VAL K 352 -42.48 57.21 45.73
C VAL K 352 -42.93 56.40 46.95
N PRO K 353 -42.36 56.63 48.15
CA PRO K 353 -42.76 55.87 49.34
C PRO K 353 -44.27 55.90 49.55
N GLU K 354 -44.83 54.77 49.99
CA GLU K 354 -46.30 54.55 50.15
C GLU K 354 -46.88 55.67 51.04
N LYS K 355 -46.19 56.10 52.08
CA LYS K 355 -46.71 57.14 53.01
C LYS K 355 -46.76 58.50 52.30
N ASP K 356 -45.79 58.78 51.43
CA ASP K 356 -45.75 60.03 50.62
C ASP K 356 -46.92 59.97 49.60
N ARG K 357 -47.15 58.84 48.94
CA ARG K 357 -48.28 58.69 48.00
C ARG K 357 -49.60 59.00 48.72
N ALA K 358 -49.76 58.49 49.95
CA ALA K 358 -50.99 58.70 50.74
C ALA K 358 -51.19 60.20 50.99
N THR K 359 -50.17 60.91 51.46
CA THR K 359 -50.23 62.37 51.71
C THR K 359 -50.64 63.11 50.42
N LEU K 360 -50.12 62.68 49.26
CA LEU K 360 -50.31 63.42 47.99
C LEU K 360 -51.64 63.06 47.32
N GLY K 361 -52.34 62.03 47.78
CA GLY K 361 -53.59 61.59 47.14
C GLY K 361 -53.35 60.63 45.99
N ILE K 362 -52.16 60.04 45.90
CA ILE K 362 -51.83 59.04 44.84
C ILE K 362 -52.22 57.65 45.38
N SER K 363 -53.54 57.43 45.41
CA SER K 363 -54.20 56.26 46.00
C SER K 363 -54.31 55.16 44.95
N ASP K 364 -54.73 53.97 45.39
CA ASP K 364 -54.87 52.77 44.54
C ASP K 364 -56.09 52.92 43.63
N THR K 365 -56.94 53.96 43.79
CA THR K 365 -58.09 54.17 42.88
C THR K 365 -57.89 55.38 41.94
N LEU K 366 -56.72 56.02 41.98
CA LEU K 366 -56.38 57.17 41.09
CA LEU K 366 -56.40 57.18 41.09
C LEU K 366 -55.96 56.64 39.73
N ILE K 367 -56.70 57.00 38.69
CA ILE K 367 -56.36 56.67 37.28
C ILE K 367 -55.96 57.96 36.57
N ARG K 368 -54.83 57.96 35.87
CA ARG K 368 -54.40 59.09 35.03
C ARG K 368 -54.70 58.75 33.57
N LEU K 369 -55.46 59.61 32.90
CA LEU K 369 -55.74 59.49 31.44
C LEU K 369 -54.93 60.54 30.67
N SER K 370 -54.39 60.12 29.54
CA SER K 370 -53.85 61.02 28.50
C SER K 370 -54.78 60.91 27.32
N VAL K 371 -55.64 61.89 27.14
CA VAL K 371 -56.67 61.84 26.07
C VAL K 371 -55.98 62.27 24.75
N GLY K 372 -56.06 61.40 23.75
CA GLY K 372 -55.45 61.57 22.42
C GLY K 372 -56.37 62.30 21.46
N LEU K 373 -56.18 62.04 20.16
CA LEU K 373 -56.77 62.82 19.06
C LEU K 373 -57.87 62.02 18.38
N GLU K 374 -58.34 60.93 18.98
CA GLU K 374 -59.41 60.10 18.40
C GLU K 374 -60.73 60.90 18.36
N ASP K 375 -61.72 60.35 17.67
CA ASP K 375 -63.09 60.93 17.67
C ASP K 375 -63.68 60.87 19.08
N GLU K 376 -64.21 62.00 19.54
CA GLU K 376 -64.73 62.19 20.92
C GLU K 376 -65.73 61.07 21.25
N LYS K 377 -66.69 60.77 20.38
CA LYS K 377 -67.74 59.78 20.67
C LYS K 377 -67.12 58.40 20.94
N ASP K 378 -66.07 58.00 20.20
CA ASP K 378 -65.39 56.70 20.37
C ASP K 378 -64.71 56.68 21.74
N LEU K 379 -64.13 57.78 22.18
CA LEU K 379 -63.45 57.87 23.48
C LEU K 379 -64.48 57.72 24.62
N LEU K 380 -65.63 58.39 24.51
CA LEU K 380 -66.66 58.38 25.58
C LEU K 380 -67.30 56.99 25.65
N GLU K 381 -67.55 56.33 24.52
CA GLU K 381 -68.10 54.95 24.49
C GLU K 381 -67.10 53.98 25.14
N ASP K 382 -65.79 54.14 24.90
CA ASP K 382 -64.77 53.25 25.49
C ASP K 382 -64.74 53.42 27.02
N LEU K 383 -64.72 54.65 27.51
CA LEU K 383 -64.70 54.90 28.97
C LEU K 383 -65.99 54.37 29.61
N GLY K 384 -67.12 54.61 28.96
CA GLY K 384 -68.44 54.16 29.47
C GLY K 384 -68.49 52.66 29.66
N GLN K 385 -68.11 51.88 28.65
CA GLN K 385 -68.19 50.41 28.70
C GLN K 385 -67.16 49.89 29.72
N ALA K 386 -65.99 50.50 29.83
CA ALA K 386 -64.96 50.03 30.79
C ALA K 386 -65.42 50.30 32.24
N LEU K 387 -66.00 51.47 32.50
CA LEU K 387 -66.54 51.80 33.85
C LEU K 387 -67.70 50.84 34.18
N LYS K 388 -68.54 50.51 33.22
CA LYS K 388 -69.66 49.54 33.42
C LYS K 388 -69.12 48.15 33.72
N ALA K 389 -68.01 47.73 33.11
CA ALA K 389 -67.36 46.43 33.43
C ALA K 389 -66.89 46.45 34.88
N ALA K 390 -66.40 47.59 35.39
CA ALA K 390 -65.90 47.71 36.78
C ALA K 390 -67.07 47.75 37.79
N HIS K 391 -68.16 48.42 37.44
CA HIS K 391 -69.36 48.61 38.30
C HIS K 391 -70.61 48.33 37.48
N PRO K 392 -71.01 47.04 37.35
CA PRO K 392 -72.15 46.67 36.52
C PRO K 392 -73.43 47.42 36.93
N GLY L 3 3.61 39.45 17.69
CA GLY L 3 3.74 38.84 19.05
C GLY L 3 2.67 39.36 20.01
N PHE L 4 1.53 39.86 19.51
CA PHE L 4 0.39 40.26 20.37
C PHE L 4 -0.33 39.02 20.93
N LEU L 5 -1.16 39.19 21.94
CA LEU L 5 -2.07 38.15 22.45
C LEU L 5 -2.83 37.54 21.27
N PRO L 6 -3.17 36.24 21.33
CA PRO L 6 -3.95 35.62 20.26
C PRO L 6 -5.35 36.28 20.15
N SER L 7 -5.84 36.42 18.92
CA SER L 7 -7.15 37.05 18.58
C SER L 7 -8.28 36.40 19.36
N PHE L 8 -9.31 37.18 19.73
CA PHE L 8 -10.55 36.62 20.34
C PHE L 8 -11.17 35.69 19.29
N GLN L 9 -11.53 34.48 19.75
CA GLN L 9 -12.14 33.45 18.90
C GLN L 9 -13.62 33.80 19.09
N HIS L 10 -14.34 33.67 17.98
CA HIS L 10 -15.81 33.74 17.87
C HIS L 10 -16.24 35.20 17.91
N PHE L 11 -15.33 36.17 17.84
CA PHE L 11 -15.69 37.61 17.93
C PHE L 11 -16.66 37.96 16.81
N ALA L 12 -16.34 37.62 15.57
CA ALA L 12 -17.13 38.04 14.40
C ALA L 12 -18.50 37.37 14.47
N THR L 13 -18.54 36.08 14.85
CA THR L 13 -19.79 35.32 15.00
C THR L 13 -20.66 36.01 16.06
N GLN L 14 -20.09 36.34 17.21
CA GLN L 14 -20.86 36.99 18.31
C GLN L 14 -21.33 38.39 17.90
N ALA L 15 -20.50 39.15 17.19
CA ALA L 15 -20.85 40.53 16.79
C ALA L 15 -22.07 40.48 15.86
N ILE L 16 -22.23 39.39 15.13
CA ILE L 16 -23.34 39.25 14.13
C ILE L 16 -24.57 38.62 14.79
N HIS L 17 -24.43 37.68 15.72
CA HIS L 17 -25.55 36.78 16.15
C HIS L 17 -26.00 37.03 17.59
N VAL L 18 -25.14 37.47 18.51
CA VAL L 18 -25.56 37.51 19.94
C VAL L 18 -26.67 38.55 20.09
N GLY L 19 -27.80 38.13 20.67
CA GLY L 19 -28.96 39.01 20.88
C GLY L 19 -29.78 39.24 19.63
N GLN L 20 -29.42 38.66 18.48
CA GLN L 20 -30.04 39.00 17.17
C GLN L 20 -30.91 37.84 16.65
N GLU L 21 -31.33 36.91 17.50
CA GLU L 21 -32.20 35.76 17.14
C GLU L 21 -33.46 36.27 16.46
N PRO L 22 -33.75 35.85 15.21
CA PRO L 22 -35.00 36.24 14.55
C PRO L 22 -36.26 35.83 15.30
N GLU L 23 -36.18 34.76 16.09
CA GLU L 23 -37.34 34.19 16.85
C GLU L 23 -37.89 35.21 17.85
N GLN L 24 -37.15 36.22 18.24
CA GLN L 24 -37.67 37.23 19.21
C GLN L 24 -38.69 38.17 18.56
N TRP L 25 -38.71 38.26 17.22
CA TRP L 25 -39.58 39.24 16.52
C TRP L 25 -40.78 38.48 15.95
N SER L 26 -41.98 39.07 16.01
CA SER L 26 -43.20 38.49 15.42
C SER L 26 -42.97 38.16 13.94
N SER L 27 -42.27 39.03 13.23
CA SER L 27 -42.00 38.92 11.78
C SER L 27 -40.91 37.90 11.45
N ARG L 28 -40.09 37.50 12.43
CA ARG L 28 -38.86 36.69 12.24
C ARG L 28 -37.86 37.45 11.35
N ALA L 29 -37.88 38.79 11.37
CA ALA L 29 -36.86 39.65 10.70
C ALA L 29 -35.47 39.16 11.04
N VAL L 30 -34.58 39.09 10.06
CA VAL L 30 -33.17 38.64 10.28
CA VAL L 30 -33.18 38.63 10.28
C VAL L 30 -32.34 39.81 10.80
N VAL L 31 -32.86 41.03 10.70
CA VAL L 31 -32.18 42.25 11.21
C VAL L 31 -33.09 42.88 12.26
N LEU L 32 -32.53 43.36 13.35
CA LEU L 32 -33.34 43.95 14.46
C LEU L 32 -34.12 45.16 13.97
N PRO L 33 -35.41 45.23 14.34
CA PRO L 33 -36.22 46.42 14.08
C PRO L 33 -35.74 47.62 14.88
N ILE L 34 -36.02 48.80 14.34
CA ILE L 34 -35.90 50.07 15.07
C ILE L 34 -37.25 50.33 15.73
N SER L 35 -37.32 50.17 17.03
CA SER L 35 -38.57 50.42 17.77
C SER L 35 -38.46 51.81 18.42
N LEU L 36 -39.15 52.79 17.86
CA LEU L 36 -39.11 54.18 18.40
C LEU L 36 -40.10 54.37 19.55
N ALA L 37 -41.06 53.49 19.73
CA ALA L 37 -42.16 53.63 20.72
C ALA L 37 -41.59 54.07 22.06
N THR L 38 -42.20 55.09 22.66
CA THR L 38 -41.80 55.53 24.02
C THR L 38 -42.43 54.61 25.06
N THR L 39 -43.52 53.95 24.71
CA THR L 39 -44.30 53.17 25.68
C THR L 39 -44.87 51.89 25.05
N PHE L 40 -45.35 51.03 25.92
CA PHE L 40 -45.67 49.61 25.61
C PHE L 40 -46.96 49.26 26.38
N LYS L 41 -47.89 48.61 25.71
CA LYS L 41 -49.17 48.21 26.34
C LYS L 41 -48.90 47.10 27.35
N GLN L 42 -49.39 47.27 28.58
CA GLN L 42 -49.24 46.28 29.68
C GLN L 42 -50.50 45.41 29.75
N ASP L 43 -50.35 44.13 30.06
CA ASP L 43 -51.49 43.18 30.26
C ASP L 43 -52.22 43.50 31.58
N SER L 44 -51.51 43.97 32.58
CA SER L 44 -52.14 44.48 33.81
C SER L 44 -51.20 45.47 34.48
N PRO L 45 -51.72 46.36 35.33
CA PRO L 45 -50.91 47.47 35.83
C PRO L 45 -49.68 46.98 36.58
N GLY L 46 -48.51 47.53 36.23
CA GLY L 46 -47.23 47.23 36.88
C GLY L 46 -46.82 45.78 36.72
N GLN L 47 -47.19 45.13 35.63
CA GLN L 47 -46.67 43.78 35.34
C GLN L 47 -45.13 43.86 35.41
N SER L 48 -44.49 42.83 35.97
CA SER L 48 -43.03 42.79 36.26
C SER L 48 -42.21 42.40 35.03
N SER L 49 -42.82 41.83 33.99
CA SER L 49 -42.11 41.41 32.76
C SER L 49 -42.49 42.34 31.59
N GLY L 50 -41.70 42.32 30.53
CA GLY L 50 -41.93 43.08 29.30
C GLY L 50 -41.38 44.50 29.43
N PHE L 51 -41.55 45.28 28.39
CA PHE L 51 -41.09 46.68 28.32
C PHE L 51 -42.16 47.57 28.94
N VAL L 52 -41.74 48.71 29.46
CA VAL L 52 -42.62 49.66 30.20
C VAL L 52 -42.50 51.04 29.60
N TYR L 53 -41.29 51.56 29.47
CA TYR L 53 -41.03 52.95 29.08
C TYR L 53 -39.62 53.04 28.48
N SER L 54 -39.50 53.67 27.33
CA SER L 54 -38.29 53.63 26.48
C SER L 54 -37.03 53.98 27.27
N ARG L 55 -37.07 55.01 28.11
CA ARG L 55 -35.88 55.41 28.88
C ARG L 55 -35.38 54.25 29.75
N SER L 56 -36.29 53.44 30.29
CA SER L 56 -35.97 52.33 31.23
C SER L 56 -35.47 51.13 30.44
N GLY L 57 -35.82 51.02 29.17
CA GLY L 57 -35.44 49.86 28.35
C GLY L 57 -36.31 49.78 27.13
N ASN L 58 -35.76 49.31 26.03
CA ASN L 58 -36.52 49.25 24.76
C ASN L 58 -35.86 48.18 23.91
N PRO L 59 -36.61 47.57 22.98
CA PRO L 59 -36.10 46.41 22.25
C PRO L 59 -34.77 46.64 21.51
N THR L 60 -34.64 47.76 20.80
CA THR L 60 -33.43 48.05 19.98
C THR L 60 -32.24 48.24 20.92
N ARG L 61 -32.37 49.07 21.95
CA ARG L 61 -31.24 49.31 22.88
C ARG L 61 -30.87 48.01 23.57
N ASN L 62 -31.84 47.24 24.04
CA ASN L 62 -31.56 46.00 24.83
C ASN L 62 -30.82 45.00 23.95
N CYS L 63 -31.14 44.96 22.67
CA CYS L 63 -30.45 44.08 21.69
CA CYS L 63 -30.47 44.06 21.69
C CYS L 63 -29.00 44.53 21.48
N LEU L 64 -28.77 45.83 21.29
CA LEU L 64 -27.40 46.35 21.19
C LEU L 64 -26.62 45.98 22.46
N GLU L 65 -27.18 46.20 23.64
CA GLU L 65 -26.48 45.97 24.93
C GLU L 65 -26.07 44.47 25.04
N LYS L 66 -26.89 43.55 24.57
CA LYS L 66 -26.55 42.09 24.59
C LYS L 66 -25.34 41.84 23.68
N ALA L 67 -25.31 42.44 22.49
CA ALA L 67 -24.19 42.26 21.53
C ALA L 67 -22.89 42.82 22.14
N VAL L 68 -22.94 44.05 22.66
CA VAL L 68 -21.71 44.72 23.17
C VAL L 68 -21.19 43.93 24.37
N ALA L 69 -22.07 43.48 25.26
CA ALA L 69 -21.68 42.68 26.44
C ALA L 69 -20.85 41.49 25.96
N ALA L 70 -21.29 40.75 24.94
CA ALA L 70 -20.54 39.58 24.42
C ALA L 70 -19.16 40.04 23.92
N LEU L 71 -19.09 41.14 23.17
CA LEU L 71 -17.81 41.60 22.57
C LEU L 71 -16.85 42.09 23.67
N ASP L 72 -17.36 42.60 24.79
CA ASP L 72 -16.53 43.10 25.91
C ASP L 72 -16.21 41.97 26.90
N GLY L 73 -16.69 40.74 26.65
CA GLY L 73 -16.52 39.62 27.61
C GLY L 73 -17.22 39.90 28.93
N ALA L 74 -18.38 40.56 28.87
CA ALA L 74 -19.10 41.07 30.05
C ALA L 74 -20.42 40.33 30.22
N LYS L 75 -20.93 40.30 31.45
CA LYS L 75 -22.30 39.81 31.72
C LYS L 75 -23.32 40.91 31.42
N HIS L 76 -22.94 42.18 31.51
CA HIS L 76 -23.90 43.31 31.47
C HIS L 76 -23.32 44.46 30.63
N CYS L 77 -24.17 45.14 29.86
CA CYS L 77 -23.75 46.36 29.15
C CYS L 77 -24.86 47.40 29.23
N LEU L 78 -24.46 48.66 29.39
CA LEU L 78 -25.39 49.81 29.43
C LEU L 78 -24.95 50.82 28.36
N THR L 79 -25.89 51.33 27.59
CA THR L 79 -25.63 52.36 26.57
C THR L 79 -26.10 53.73 27.05
N PHE L 80 -25.37 54.76 26.62
CA PHE L 80 -25.56 56.18 27.01
C PHE L 80 -25.52 57.06 25.78
N ALA L 81 -25.98 58.29 25.97
CA ALA L 81 -26.12 59.31 24.91
C ALA L 81 -24.75 59.71 24.35
N SER L 82 -23.66 59.48 25.07
CA SER L 82 -22.29 59.85 24.67
C SER L 82 -21.28 59.19 25.60
N GLY L 83 -20.01 59.13 25.20
CA GLY L 83 -18.92 58.78 26.11
C GLY L 83 -18.90 59.63 27.37
N LEU L 84 -19.07 60.95 27.24
CA LEU L 84 -19.08 61.83 28.44
C LEU L 84 -20.31 61.50 29.31
N ALA L 85 -21.47 61.16 28.73
CA ALA L 85 -22.65 60.79 29.55
C ALA L 85 -22.35 59.50 30.32
N ALA L 86 -21.64 58.54 29.70
CA ALA L 86 -21.20 57.31 30.39
C ALA L 86 -20.29 57.69 31.57
N THR L 87 -19.37 58.63 31.36
CA THR L 87 -18.39 59.08 32.39
C THR L 87 -19.16 59.72 33.56
N THR L 88 -20.10 60.62 33.26
CA THR L 88 -20.95 61.29 34.25
C THR L 88 -21.73 60.22 35.06
N THR L 89 -22.33 59.25 34.38
CA THR L 89 -23.15 58.22 35.04
C THR L 89 -22.27 57.39 35.98
N ILE L 90 -21.10 56.96 35.54
CA ILE L 90 -20.16 56.17 36.38
C ILE L 90 -19.80 56.97 37.62
N THR L 91 -19.53 58.27 37.47
CA THR L 91 -19.08 59.14 38.58
C THR L 91 -20.22 59.21 39.63
N HIS L 92 -21.48 59.12 39.20
CA HIS L 92 -22.65 59.14 40.10
C HIS L 92 -22.75 57.85 40.91
N LEU L 93 -21.92 56.83 40.66
CA LEU L 93 -21.81 55.67 41.58
C LEU L 93 -21.28 56.09 42.94
N LEU L 94 -20.64 57.25 43.03
CA LEU L 94 -19.93 57.68 44.27
C LEU L 94 -20.88 58.52 45.13
N LYS L 95 -20.32 59.26 46.07
CA LYS L 95 -21.07 60.23 46.89
C LYS L 95 -20.11 61.28 47.44
N ALA L 96 -20.66 62.39 47.92
CA ALA L 96 -19.88 63.49 48.56
C ALA L 96 -18.91 62.89 49.57
N GLY L 97 -17.64 63.30 49.55
CA GLY L 97 -16.59 62.80 50.46
C GLY L 97 -15.68 61.77 49.81
N ASP L 98 -16.07 61.22 48.65
CA ASP L 98 -15.25 60.20 47.95
C ASP L 98 -14.15 60.90 47.14
N GLU L 99 -13.11 60.15 46.81
CA GLU L 99 -11.99 60.62 45.98
C GLU L 99 -11.90 59.76 44.72
N VAL L 100 -11.55 60.42 43.63
CA VAL L 100 -11.26 59.82 42.30
C VAL L 100 -9.79 60.04 42.00
N ILE L 101 -9.11 59.02 41.54
CA ILE L 101 -7.79 59.13 40.89
C ILE L 101 -8.01 58.95 39.39
N CYS L 102 -7.56 59.92 38.61
CA CYS L 102 -7.67 59.91 37.13
C CYS L 102 -6.27 59.87 36.54
N MET L 103 -6.07 59.03 35.54
CA MET L 103 -4.87 59.06 34.66
C MET L 103 -4.58 60.52 34.28
N ASP L 104 -3.32 60.94 34.35
CA ASP L 104 -2.96 62.37 34.20
C ASP L 104 -3.26 62.82 32.77
N GLU L 105 -3.07 61.95 31.79
CA GLU L 105 -3.38 62.27 30.38
C GLU L 105 -4.66 61.57 29.95
N VAL L 106 -5.72 62.34 29.77
CA VAL L 106 -7.03 61.82 29.29
C VAL L 106 -7.54 62.77 28.22
N TYR L 107 -8.57 62.33 27.51
CA TYR L 107 -9.35 63.23 26.62
C TYR L 107 -9.58 64.55 27.37
N GLY L 108 -9.40 65.67 26.68
CA GLY L 108 -9.63 67.01 27.26
C GLY L 108 -10.99 67.12 27.95
N GLY L 109 -12.05 66.58 27.36
CA GLY L 109 -13.41 66.64 27.96
C GLY L 109 -13.53 65.85 29.24
N THR L 110 -12.82 64.74 29.36
CA THR L 110 -12.80 63.94 30.61
C THR L 110 -12.13 64.78 31.71
N ASN L 111 -10.99 65.39 31.37
CA ASN L 111 -10.24 66.28 32.27
C ASN L 111 -11.19 67.40 32.74
N ARG L 112 -11.85 68.08 31.80
CA ARG L 112 -12.77 69.19 32.09
C ARG L 112 -13.89 68.72 33.04
N TYR L 113 -14.50 67.57 32.77
CA TYR L 113 -15.61 67.06 33.61
C TYR L 113 -15.11 66.86 35.04
N PHE L 114 -14.01 66.13 35.25
CA PHE L 114 -13.53 65.82 36.61
C PHE L 114 -13.09 67.12 37.31
N ARG L 115 -12.31 67.93 36.62
CA ARG L 115 -11.62 69.11 37.21
C ARG L 115 -12.63 70.21 37.50
N ARG L 116 -13.59 70.48 36.61
CA ARG L 116 -14.47 71.67 36.70
C ARG L 116 -15.89 71.31 37.16
N VAL L 117 -16.35 70.08 37.00
CA VAL L 117 -17.77 69.73 37.33
C VAL L 117 -17.82 68.80 38.55
N ALA L 118 -17.31 67.57 38.44
CA ALA L 118 -17.42 66.56 39.52
C ALA L 118 -16.84 67.11 40.83
N SER L 119 -15.74 67.86 40.73
CA SER L 119 -15.01 68.42 41.90
C SER L 119 -15.88 69.41 42.68
N GLU L 120 -16.96 69.94 42.09
CA GLU L 120 -17.85 70.92 42.76
C GLU L 120 -18.94 70.23 43.58
N PHE L 121 -19.07 68.90 43.47
CA PHE L 121 -20.14 68.11 44.14
C PHE L 121 -19.54 67.19 45.20
N GLY L 122 -18.50 67.65 45.88
CA GLY L 122 -17.96 66.96 47.07
C GLY L 122 -17.02 65.83 46.71
N LEU L 123 -16.60 65.72 45.46
CA LEU L 123 -15.61 64.71 45.01
C LEU L 123 -14.23 65.37 44.94
N LYS L 124 -13.22 64.71 45.48
CA LYS L 124 -11.82 65.16 45.36
C LYS L 124 -11.22 64.42 44.17
N ILE L 125 -10.65 65.14 43.20
CA ILE L 125 -10.02 64.54 41.99
C ILE L 125 -8.51 64.73 42.06
N SER L 126 -7.73 63.66 41.88
CA SER L 126 -6.25 63.70 41.75
C SER L 126 -5.89 63.14 40.39
N PHE L 127 -5.06 63.83 39.63
CA PHE L 127 -4.50 63.34 38.35
C PHE L 127 -3.14 62.73 38.63
N VAL L 128 -2.93 61.48 38.23
CA VAL L 128 -1.71 60.69 38.58
C VAL L 128 -1.24 59.99 37.33
N ASP L 129 0.07 59.93 37.11
CA ASP L 129 0.66 59.16 35.99
C ASP L 129 0.58 57.67 36.33
N CYS L 130 -0.49 57.01 35.91
CA CYS L 130 -0.76 55.58 36.25
C CYS L 130 0.06 54.64 35.36
N SER L 131 0.85 55.15 34.41
CA SER L 131 1.89 54.34 33.72
C SER L 131 2.98 53.93 34.72
N LYS L 132 3.06 54.58 35.87
CA LYS L 132 4.00 54.24 36.96
C LYS L 132 3.19 53.75 38.16
N THR L 133 3.14 52.44 38.35
CA THR L 133 2.24 51.82 39.36
C THR L 133 2.58 52.31 40.77
N LYS L 134 3.84 52.68 41.06
CA LYS L 134 4.21 53.18 42.41
C LYS L 134 3.53 54.54 42.67
N LEU L 135 3.31 55.36 41.64
CA LEU L 135 2.62 56.66 41.81
C LEU L 135 1.14 56.42 42.10
N LEU L 136 0.53 55.41 41.49
CA LEU L 136 -0.89 55.05 41.77
C LEU L 136 -1.01 54.59 43.23
N GLU L 137 -0.16 53.64 43.63
CA GLU L 137 -0.08 53.06 45.00
C GLU L 137 -0.01 54.22 46.01
N ALA L 138 0.86 55.21 45.79
CA ALA L 138 1.10 56.32 46.75
C ALA L 138 -0.10 57.28 46.80
N ALA L 139 -0.89 57.41 45.74
CA ALA L 139 -1.99 58.40 45.67
C ALA L 139 -3.25 57.84 46.34
N ILE L 140 -3.36 56.53 46.56
CA ILE L 140 -4.59 55.93 47.13
C ILE L 140 -4.70 56.32 48.61
N THR L 141 -5.87 56.76 49.03
CA THR L 141 -6.20 57.09 50.45
C THR L 141 -7.41 56.26 50.86
N PRO L 142 -7.77 56.23 52.15
CA PRO L 142 -8.99 55.55 52.57
C PRO L 142 -10.26 56.09 51.91
N GLN L 143 -10.23 57.32 51.38
CA GLN L 143 -11.41 57.95 50.72
C GLN L 143 -11.45 57.62 49.22
N THR L 144 -10.41 57.03 48.64
CA THR L 144 -10.39 56.66 47.21
C THR L 144 -11.49 55.64 46.92
N LYS L 145 -12.37 55.90 45.96
CA LYS L 145 -13.46 54.97 45.59
C LYS L 145 -13.46 54.61 44.11
N LEU L 146 -12.71 55.36 43.29
CA LEU L 146 -12.73 55.18 41.82
CA LEU L 146 -12.73 55.21 41.82
C LEU L 146 -11.35 55.54 41.28
N VAL L 147 -10.83 54.69 40.42
CA VAL L 147 -9.58 54.93 39.65
C VAL L 147 -9.97 54.84 38.17
N TRP L 148 -9.74 55.92 37.43
CA TRP L 148 -10.15 56.10 36.03
C TRP L 148 -8.90 56.08 35.16
N ILE L 149 -8.70 55.05 34.35
CA ILE L 149 -7.51 54.96 33.46
CA ILE L 149 -7.51 54.97 33.46
C ILE L 149 -7.95 54.84 31.99
N GLU L 150 -7.33 55.61 31.12
CA GLU L 150 -7.38 55.45 29.66
C GLU L 150 -6.09 54.75 29.27
N THR L 151 -6.15 53.77 28.39
CA THR L 151 -4.92 53.16 27.84
C THR L 151 -5.26 52.58 26.48
N PRO L 152 -4.57 52.96 25.39
CA PRO L 152 -3.61 54.06 25.41
C PRO L 152 -4.27 55.43 25.61
N THR L 153 -3.52 56.43 26.06
CA THR L 153 -4.05 57.77 26.42
C THR L 153 -4.29 58.61 25.17
N ASN L 154 -5.30 59.47 25.26
CA ASN L 154 -5.63 60.46 24.22
C ASN L 154 -4.95 61.76 24.61
N PRO L 155 -3.96 62.32 23.87
CA PRO L 155 -3.55 61.86 22.54
C PRO L 155 -2.13 61.32 22.36
N THR L 156 -1.36 61.11 23.43
CA THR L 156 0.07 60.72 23.31
C THR L 156 0.26 59.20 23.42
N LEU L 157 -0.81 58.42 23.57
CA LEU L 157 -0.75 56.93 23.41
C LEU L 157 0.22 56.32 24.43
N LYS L 158 0.20 56.84 25.64
CA LYS L 158 0.86 56.24 26.82
C LYS L 158 -0.01 55.09 27.30
N LEU L 159 0.59 53.99 27.75
CA LEU L 159 -0.14 52.81 28.25
C LEU L 159 -0.10 52.77 29.78
N ALA L 160 -1.10 52.13 30.35
CA ALA L 160 -1.11 51.68 31.75
C ALA L 160 -1.23 50.15 31.72
N ASP L 161 -0.56 49.50 32.67
CA ASP L 161 -0.63 48.04 32.85
C ASP L 161 -1.91 47.75 33.61
N ILE L 162 -2.94 47.31 32.92
CA ILE L 162 -4.30 47.19 33.52
C ILE L 162 -4.25 46.14 34.66
N LYS L 163 -3.67 44.98 34.42
CA LYS L 163 -3.61 43.90 35.45
C LYS L 163 -2.84 44.40 36.69
N ALA L 164 -1.72 45.09 36.50
CA ALA L 164 -0.89 45.61 37.62
C ALA L 164 -1.68 46.68 38.38
N CYS L 165 -2.40 47.59 37.68
CA CYS L 165 -3.23 48.62 38.36
C CYS L 165 -4.38 47.93 39.11
N ALA L 166 -5.00 46.90 38.53
CA ALA L 166 -6.12 46.19 39.17
C ALA L 166 -5.62 45.55 40.49
N GLN L 167 -4.45 44.92 40.46
CA GLN L 167 -3.87 44.26 41.66
C GLN L 167 -3.68 45.29 42.76
N ILE L 168 -3.13 46.46 42.43
CA ILE L 168 -2.91 47.55 43.41
C ILE L 168 -4.25 48.00 43.97
N VAL L 169 -5.25 48.32 43.13
CA VAL L 169 -6.47 48.96 43.69
C VAL L 169 -7.29 47.92 44.46
N HIS L 170 -7.26 46.64 44.07
CA HIS L 170 -8.09 45.61 44.74
C HIS L 170 -7.45 45.14 46.06
N LYS L 171 -6.24 45.57 46.42
CA LYS L 171 -5.69 45.35 47.79
C LYS L 171 -6.44 46.24 48.78
N HIS L 172 -7.05 47.33 48.32
CA HIS L 172 -7.82 48.26 49.20
C HIS L 172 -9.30 47.90 49.15
N LYS L 173 -10.06 48.46 50.10
CA LYS L 173 -11.50 48.23 50.26
C LYS L 173 -12.28 49.02 49.22
N ASP L 174 -13.15 48.40 48.44
CA ASP L 174 -14.23 49.11 47.72
C ASP L 174 -13.69 50.16 46.72
N ILE L 175 -12.64 49.84 45.96
CA ILE L 175 -12.20 50.76 44.85
C ILE L 175 -12.63 50.16 43.51
N ILE L 176 -13.33 50.94 42.71
CA ILE L 176 -13.74 50.59 41.33
C ILE L 176 -12.62 51.01 40.39
N LEU L 177 -12.10 50.09 39.58
CA LEU L 177 -11.17 50.42 38.48
C LEU L 177 -11.97 50.48 37.18
N VAL L 178 -11.98 51.66 36.55
CA VAL L 178 -12.58 51.88 35.22
C VAL L 178 -11.44 51.95 34.20
N VAL L 179 -11.56 51.22 33.11
CA VAL L 179 -10.66 51.43 31.95
C VAL L 179 -11.51 51.98 30.81
N ASP L 180 -11.11 53.13 30.30
CA ASP L 180 -11.65 53.71 29.04
C ASP L 180 -10.91 53.04 27.88
N ASN L 181 -11.63 52.17 27.17
CA ASN L 181 -11.11 51.29 26.11
C ASN L 181 -11.36 51.89 24.70
N THR L 182 -11.68 53.19 24.62
CA THR L 182 -12.09 53.84 23.35
C THR L 182 -11.03 53.63 22.26
N PHE L 183 -9.76 53.86 22.57
N PHE L 183 -9.75 53.81 22.59
CA PHE L 183 -8.68 53.90 21.55
CA PHE L 183 -8.64 53.88 21.59
C PHE L 183 -8.37 52.49 21.01
C PHE L 183 -8.20 52.50 21.14
N MET L 184 -8.62 51.41 21.78
CA MET L 184 -8.25 50.04 21.32
C MET L 184 -9.44 49.36 20.63
N SER L 185 -10.66 49.61 21.08
CA SER L 185 -11.90 48.86 20.74
C SER L 185 -11.88 47.51 21.45
N ALA L 186 -13.06 46.92 21.57
CA ALA L 186 -13.29 45.58 22.15
C ALA L 186 -12.51 44.52 21.37
N TYR L 187 -12.20 44.78 20.11
CA TYR L 187 -11.51 43.76 19.29
C TYR L 187 -10.04 43.60 19.71
N PHE L 188 -9.40 44.65 20.22
CA PHE L 188 -7.94 44.61 20.49
C PHE L 188 -7.62 44.59 21.98
N GLN L 189 -8.54 44.94 22.86
CA GLN L 189 -8.26 45.01 24.31
C GLN L 189 -9.52 44.66 25.08
N ARG L 190 -9.39 43.86 26.12
CA ARG L 190 -10.54 43.41 26.95
C ARG L 190 -10.23 43.67 28.41
N PRO L 191 -10.42 44.90 28.92
CA PRO L 191 -10.07 45.23 30.29
C PRO L 191 -10.77 44.39 31.37
N LEU L 192 -11.99 43.90 31.15
CA LEU L 192 -12.68 43.04 32.13
C LEU L 192 -11.92 41.71 32.30
N ALA L 193 -11.22 41.22 31.28
CA ALA L 193 -10.41 39.98 31.39
C ALA L 193 -9.08 40.28 32.08
N LEU L 194 -8.72 41.53 32.32
CA LEU L 194 -7.41 41.92 32.92
C LEU L 194 -7.61 42.47 34.33
N GLY L 195 -8.85 42.44 34.87
CA GLY L 195 -9.09 42.84 36.28
C GLY L 195 -9.84 44.15 36.44
N ALA L 196 -10.13 44.90 35.37
CA ALA L 196 -10.96 46.12 35.49
C ALA L 196 -12.35 45.71 36.01
N ASP L 197 -12.99 46.58 36.78
CA ASP L 197 -14.39 46.42 37.24
C ASP L 197 -15.35 46.94 36.19
N ILE L 198 -14.95 48.00 35.45
CA ILE L 198 -15.80 48.65 34.41
C ILE L 198 -14.96 48.84 33.16
N CYS L 199 -15.49 48.44 32.01
CA CYS L 199 -14.94 48.73 30.68
C CYS L 199 -15.86 49.76 30.05
N MET L 200 -15.36 50.97 29.84
CA MET L 200 -16.17 52.09 29.30
C MET L 200 -15.59 52.42 27.91
N CYS L 201 -16.43 52.85 26.97
CA CYS L 201 -15.87 53.50 25.76
C CYS L 201 -16.83 54.50 25.16
N SER L 202 -16.24 55.42 24.40
CA SER L 202 -16.99 56.26 23.45
C SER L 202 -17.20 55.40 22.20
N ALA L 203 -18.43 54.89 22.03
CA ALA L 203 -18.86 54.14 20.83
C ALA L 203 -18.86 55.06 19.61
N THR L 204 -18.85 56.38 19.85
CA THR L 204 -18.71 57.43 18.81
C THR L 204 -17.53 57.09 17.89
N LYS L 205 -16.51 56.40 18.40
CA LYS L 205 -15.26 56.17 17.67
C LYS L 205 -15.35 54.81 16.94
N TYR L 206 -14.48 53.87 17.24
CA TYR L 206 -14.36 52.61 16.47
C TYR L 206 -15.60 51.73 16.54
N MET L 207 -16.29 51.65 17.68
CA MET L 207 -17.33 50.61 17.86
C MET L 207 -18.42 50.85 16.81
N ASN L 208 -18.90 52.09 16.68
CA ASN L 208 -19.83 52.44 15.59
C ASN L 208 -19.04 52.51 14.27
N GLY L 209 -17.95 53.26 14.25
CA GLY L 209 -16.98 53.22 13.13
C GLY L 209 -17.37 54.03 11.91
N HIS L 210 -18.53 54.68 11.87
CA HIS L 210 -19.04 55.37 10.65
C HIS L 210 -19.30 56.88 10.87
N SER L 211 -18.80 57.44 11.96
CA SER L 211 -18.78 58.90 12.24
C SER L 211 -20.18 59.47 12.16
N ASP L 212 -21.20 58.72 12.55
CA ASP L 212 -22.59 59.16 12.42
C ASP L 212 -23.42 58.86 13.67
N VAL L 213 -22.78 58.50 14.77
CA VAL L 213 -23.45 58.20 16.06
C VAL L 213 -22.56 58.70 17.18
N VAL L 214 -23.17 59.45 18.10
CA VAL L 214 -22.55 59.79 19.40
C VAL L 214 -23.17 58.84 20.44
N MET L 215 -22.34 58.09 21.14
CA MET L 215 -22.84 57.06 22.08
C MET L 215 -21.73 56.65 23.06
N GLY L 216 -22.10 56.30 24.29
CA GLY L 216 -21.23 55.69 25.29
C GLY L 216 -21.68 54.28 25.63
N LEU L 217 -20.72 53.42 25.96
CA LEU L 217 -20.96 52.01 26.35
C LEU L 217 -20.24 51.80 27.67
N VAL L 218 -20.90 51.08 28.57
CA VAL L 218 -20.32 50.65 29.85
C VAL L 218 -20.62 49.16 30.03
N SER L 219 -19.58 48.35 30.19
CA SER L 219 -19.68 46.89 30.39
C SER L 219 -19.12 46.53 31.77
N VAL L 220 -19.83 45.63 32.47
CA VAL L 220 -19.44 45.14 33.83
C VAL L 220 -19.75 43.65 33.95
N ASN L 221 -19.04 43.01 34.87
CA ASN L 221 -19.35 41.62 35.32
C ASN L 221 -20.13 41.64 36.64
N SER L 222 -19.88 42.58 37.51
CA SER L 222 -20.47 42.65 38.88
C SER L 222 -21.98 42.88 38.80
N ASP L 223 -22.77 42.04 39.49
CA ASP L 223 -24.24 42.23 39.60
C ASP L 223 -24.51 43.49 40.43
N ASP L 224 -23.71 43.79 41.46
CA ASP L 224 -23.83 45.02 42.29
C ASP L 224 -23.64 46.26 41.39
N LEU L 225 -22.57 46.32 40.60
CA LEU L 225 -22.29 47.49 39.73
CA LEU L 225 -22.31 47.51 39.73
C LEU L 225 -23.41 47.59 38.67
N ASN L 226 -23.82 46.47 38.10
CA ASN L 226 -24.92 46.47 37.10
C ASN L 226 -26.17 47.13 37.73
N GLU L 227 -26.58 46.69 38.91
CA GLU L 227 -27.80 47.22 39.58
C GLU L 227 -27.64 48.74 39.81
N ARG L 228 -26.50 49.17 40.32
CA ARG L 228 -26.23 50.61 40.62
C ARG L 228 -26.21 51.42 39.32
N LEU L 229 -25.59 50.91 38.25
CA LEU L 229 -25.50 51.65 36.96
C LEU L 229 -26.86 51.65 36.26
N ARG L 230 -27.63 50.57 36.35
CA ARG L 230 -28.96 50.48 35.71
C ARG L 230 -29.88 51.51 36.36
N PHE L 231 -29.82 51.62 37.68
CA PHE L 231 -30.56 52.65 38.45
C PHE L 231 -30.24 54.05 37.89
N LEU L 232 -28.95 54.32 37.64
CA LEU L 232 -28.52 55.66 37.14
C LEU L 232 -28.84 55.85 35.65
N GLN L 233 -28.77 54.81 34.82
CA GLN L 233 -29.15 54.91 33.40
C GLN L 233 -30.60 55.41 33.35
N ASN L 234 -31.46 54.82 34.19
CA ASN L 234 -32.91 55.15 34.23
C ASN L 234 -33.12 56.51 34.90
N SER L 235 -32.40 56.82 35.97
CA SER L 235 -32.70 57.97 36.87
C SER L 235 -32.04 59.28 36.40
N LEU L 236 -30.86 59.23 35.79
CA LEU L 236 -30.24 60.43 35.15
C LEU L 236 -30.76 60.57 33.72
N GLY L 237 -31.13 59.49 33.06
CA GLY L 237 -31.80 59.51 31.75
C GLY L 237 -30.88 59.94 30.60
N ALA L 238 -29.59 59.78 30.72
CA ALA L 238 -28.64 60.11 29.64
C ALA L 238 -28.60 58.97 28.62
N VAL L 239 -29.73 58.68 27.98
CA VAL L 239 -29.94 57.45 27.18
C VAL L 239 -29.83 57.77 25.69
N PRO L 240 -29.43 56.76 24.88
CA PRO L 240 -29.33 56.90 23.43
C PRO L 240 -30.68 56.74 22.73
N SER L 241 -30.84 57.36 21.58
CA SER L 241 -31.97 57.12 20.63
C SER L 241 -31.93 55.66 20.17
N PRO L 242 -33.08 54.97 20.03
CA PRO L 242 -33.13 53.65 19.42
C PRO L 242 -32.58 53.63 17.99
N PHE L 243 -32.75 54.74 17.26
CA PHE L 243 -32.17 54.89 15.91
C PHE L 243 -30.65 54.82 15.97
N ASP L 244 -30.04 55.53 16.91
CA ASP L 244 -28.58 55.50 17.15
C ASP L 244 -28.16 54.08 17.58
N CYS L 245 -28.96 53.40 18.40
CA CYS L 245 -28.64 52.02 18.82
C CYS L 245 -28.61 51.13 17.57
N TYR L 246 -29.55 51.31 16.65
CA TYR L 246 -29.61 50.53 15.40
C TYR L 246 -28.31 50.76 14.60
N LEU L 247 -27.95 52.02 14.38
CA LEU L 247 -26.75 52.35 13.57
C LEU L 247 -25.49 51.80 14.25
N CYS L 248 -25.39 51.88 15.56
CA CYS L 248 -24.21 51.33 16.27
C CYS L 248 -24.20 49.81 16.14
N CYS L 249 -25.34 49.15 16.27
CA CYS L 249 -25.46 47.69 16.06
C CYS L 249 -25.01 47.35 14.62
N ARG L 250 -25.44 48.14 13.64
CA ARG L 250 -25.04 47.94 12.23
C ARG L 250 -23.50 48.06 12.11
N GLY L 251 -22.91 49.06 12.76
CA GLY L 251 -21.45 49.24 12.80
C GLY L 251 -20.72 48.04 13.38
N LEU L 252 -21.23 47.44 14.45
CA LEU L 252 -20.58 46.27 15.12
C LEU L 252 -20.42 45.10 14.15
N LYS L 253 -21.30 44.97 13.16
CA LYS L 253 -21.32 43.80 12.25
C LYS L 253 -19.99 43.75 11.48
N THR L 254 -19.35 44.89 11.25
CA THR L 254 -18.07 44.98 10.48
C THR L 254 -16.89 45.30 11.41
N LEU L 255 -17.07 45.31 12.73
CA LEU L 255 -16.01 45.77 13.65
C LEU L 255 -14.74 44.94 13.46
N GLN L 256 -14.83 43.61 13.42
CA GLN L 256 -13.60 42.79 13.28
C GLN L 256 -12.84 43.18 12.00
N ILE L 257 -13.50 43.23 10.85
CA ILE L 257 -12.77 43.49 9.57
C ILE L 257 -12.31 44.95 9.51
N ARG L 258 -13.04 45.90 10.11
CA ARG L 258 -12.60 47.32 10.15
C ARG L 258 -11.33 47.40 10.98
N MET L 259 -11.32 46.82 12.17
CA MET L 259 -10.18 46.95 13.11
C MET L 259 -8.94 46.29 12.50
N GLU L 260 -9.08 45.15 11.78
CA GLU L 260 -7.91 44.51 11.11
C GLU L 260 -7.33 45.46 10.06
N LYS L 261 -8.18 46.16 9.32
CA LYS L 261 -7.73 47.11 8.29
C LYS L 261 -7.11 48.36 8.96
N HIS L 262 -7.70 48.87 10.06
CA HIS L 262 -7.10 50.01 10.80
C HIS L 262 -5.68 49.63 11.26
N PHE L 263 -5.49 48.39 11.74
CA PHE L 263 -4.17 47.87 12.20
C PHE L 263 -3.20 47.84 11.02
N ARG L 264 -3.58 47.27 9.88
CA ARG L 264 -2.68 47.22 8.68
C ARG L 264 -2.31 48.64 8.26
N ASN L 265 -3.29 49.52 8.10
CA ASN L 265 -3.05 50.92 7.65
C ASN L 265 -2.26 51.69 8.72
N GLY L 266 -2.61 51.56 9.99
CA GLY L 266 -1.94 52.26 11.10
C GLY L 266 -0.48 51.89 11.18
N MET L 267 -0.17 50.59 11.09
CA MET L 267 1.24 50.12 11.16
C MET L 267 2.00 50.67 9.95
N ALA L 268 1.41 50.67 8.76
CA ALA L 268 2.06 51.19 7.52
C ALA L 268 2.35 52.69 7.66
N VAL L 269 1.41 53.47 8.19
CA VAL L 269 1.56 54.93 8.41
C VAL L 269 2.66 55.15 9.45
N ALA L 270 2.63 54.43 10.57
CA ALA L 270 3.63 54.59 11.65
C ALA L 270 5.04 54.33 11.10
N ARG L 271 5.21 53.25 10.33
CA ARG L 271 6.54 52.90 9.74
C ARG L 271 6.99 53.98 8.76
N PHE L 272 6.07 54.47 7.95
CA PHE L 272 6.35 55.55 6.97
C PHE L 272 6.82 56.81 7.71
N LEU L 273 6.12 57.23 8.76
CA LEU L 273 6.49 58.46 9.50
C LEU L 273 7.82 58.26 10.22
N GLU L 274 8.08 57.06 10.75
CA GLU L 274 9.30 56.78 11.53
C GLU L 274 10.54 56.91 10.63
N SER L 275 10.43 56.66 9.33
CA SER L 275 11.58 56.73 8.40
C SER L 275 11.59 58.05 7.62
N ASN L 276 10.66 58.98 7.89
CA ASN L 276 10.59 60.27 7.16
C ASN L 276 11.41 61.31 7.93
N PRO L 277 12.41 61.97 7.28
CA PRO L 277 13.26 62.95 7.99
C PRO L 277 12.57 64.27 8.38
N ARG L 278 11.30 64.47 7.99
CA ARG L 278 10.52 65.67 8.37
C ARG L 278 9.74 65.41 9.67
N VAL L 279 9.88 64.22 10.26
CA VAL L 279 9.17 63.81 11.49
C VAL L 279 10.18 63.68 12.62
N GLU L 280 9.96 64.35 13.75
CA GLU L 280 10.86 64.29 14.92
C GLU L 280 10.72 62.95 15.63
N LYS L 281 9.49 62.48 15.86
CA LYS L 281 9.24 61.29 16.69
C LYS L 281 7.83 60.77 16.35
N VAL L 282 7.69 59.46 16.18
CA VAL L 282 6.37 58.79 15.99
C VAL L 282 6.01 58.05 17.28
N ILE L 283 4.74 58.06 17.63
CA ILE L 283 4.20 57.27 18.77
C ILE L 283 3.13 56.33 18.21
N TYR L 284 3.41 55.04 18.30
CA TYR L 284 2.48 53.96 17.89
C TYR L 284 2.81 52.75 18.73
N PRO L 285 1.88 52.25 19.58
CA PRO L 285 2.17 51.10 20.44
C PRO L 285 2.65 49.85 19.67
N GLY L 286 2.28 49.71 18.38
CA GLY L 286 2.72 48.58 17.55
C GLY L 286 4.17 48.68 17.08
N LEU L 287 4.82 49.83 17.20
CA LEU L 287 6.25 49.99 16.81
C LEU L 287 7.13 49.56 17.97
N PRO L 288 8.21 48.79 17.71
CA PRO L 288 9.25 48.53 18.73
C PRO L 288 9.82 49.80 19.40
N SER L 289 9.80 50.96 18.73
CA SER L 289 10.30 52.23 19.31
C SER L 289 9.39 52.74 20.42
N HIS L 290 8.13 52.31 20.49
CA HIS L 290 7.24 52.79 21.59
C HIS L 290 7.85 52.32 22.90
N PRO L 291 8.00 53.20 23.91
CA PRO L 291 8.58 52.79 25.18
C PRO L 291 7.84 51.67 25.90
N GLN L 292 6.54 51.46 25.60
CA GLN L 292 5.75 50.40 26.27
C GLN L 292 5.29 49.37 25.26
N HIS L 293 6.06 49.15 24.18
CA HIS L 293 5.73 48.16 23.13
C HIS L 293 5.55 46.78 23.75
N GLU L 294 6.39 46.38 24.70
CA GLU L 294 6.33 45.03 25.30
C GLU L 294 5.03 44.88 26.10
N LEU L 295 4.62 45.90 26.85
CA LEU L 295 3.34 45.89 27.59
C LEU L 295 2.17 45.79 26.60
N ALA L 296 2.21 46.53 25.49
CA ALA L 296 1.15 46.49 24.47
C ALA L 296 0.94 45.05 24.01
N LYS L 297 2.01 44.31 23.76
CA LYS L 297 1.94 42.90 23.29
C LYS L 297 1.38 41.99 24.38
N ARG L 298 1.59 42.31 25.65
CA ARG L 298 1.13 41.47 26.78
C ARG L 298 -0.35 41.72 27.09
N GLN L 299 -0.94 42.87 26.70
CA GLN L 299 -2.32 43.14 27.17
C GLN L 299 -3.31 43.41 26.02
N CYS L 300 -2.85 43.37 24.76
CA CYS L 300 -3.66 43.64 23.55
C CYS L 300 -3.47 42.54 22.52
N THR L 301 -4.44 42.39 21.61
CA THR L 301 -4.41 41.41 20.51
C THR L 301 -3.99 42.09 19.21
N GLY L 302 -3.67 43.39 19.28
CA GLY L 302 -3.25 44.16 18.11
C GLY L 302 -3.28 45.63 18.45
N CYS L 303 -3.24 46.47 17.43
CA CYS L 303 -3.19 47.94 17.60
CA CYS L 303 -3.17 47.95 17.59
C CYS L 303 -4.06 48.58 16.54
N PRO L 304 -4.81 49.65 16.85
CA PRO L 304 -5.69 50.25 15.85
C PRO L 304 -4.98 51.30 14.97
N GLY L 305 -5.74 52.28 14.47
CA GLY L 305 -5.24 53.24 13.49
C GLY L 305 -4.81 54.56 14.12
N MET L 306 -4.68 54.65 15.42
CA MET L 306 -4.30 55.92 16.09
C MET L 306 -2.77 56.01 16.09
N VAL L 307 -2.25 57.00 15.39
CA VAL L 307 -0.80 57.27 15.27
C VAL L 307 -0.58 58.73 15.64
N SER L 308 0.27 59.01 16.61
CA SER L 308 0.62 60.40 16.95
C SER L 308 2.08 60.66 16.55
N PHE L 309 2.39 61.87 16.12
CA PHE L 309 3.79 62.20 15.78
C PHE L 309 4.03 63.68 16.05
N TYR L 310 5.31 63.97 16.32
CA TYR L 310 5.83 65.35 16.45
C TYR L 310 6.49 65.70 15.13
N ILE L 311 5.97 66.71 14.44
CA ILE L 311 6.59 67.19 13.18
C ILE L 311 7.85 67.97 13.57
N LYS L 312 8.87 67.92 12.72
CA LYS L 312 10.07 68.79 12.91
C LYS L 312 9.65 70.25 12.81
N GLY L 313 10.29 71.11 13.61
CA GLY L 313 10.11 72.56 13.50
C GLY L 313 9.15 73.06 14.55
N THR L 314 8.17 73.85 14.14
CA THR L 314 7.33 74.66 15.05
C THR L 314 5.86 74.49 14.66
N LEU L 315 4.99 75.17 15.38
CA LEU L 315 3.55 75.22 15.09
C LEU L 315 3.33 75.57 13.62
N GLN L 316 4.15 76.48 13.04
CA GLN L 316 3.98 76.90 11.64
C GLN L 316 4.05 75.68 10.71
N HIS L 317 4.99 74.77 10.96
CA HIS L 317 5.16 73.55 10.11
C HIS L 317 3.95 72.62 10.29
N ALA L 318 3.49 72.44 11.53
CA ALA L 318 2.28 71.64 11.82
C ALA L 318 1.09 72.23 11.07
N GLN L 319 0.93 73.56 11.08
CA GLN L 319 -0.20 74.22 10.37
C GLN L 319 -0.08 73.98 8.87
N VAL L 320 1.11 74.08 8.30
CA VAL L 320 1.27 73.90 6.83
C VAL L 320 0.96 72.43 6.47
N PHE L 321 1.44 71.49 7.27
CA PHE L 321 1.10 70.04 7.08
C PHE L 321 -0.43 69.88 7.05
N LEU L 322 -1.12 70.42 8.06
CA LEU L 322 -2.59 70.21 8.22
C LEU L 322 -3.37 70.95 7.14
N LYS L 323 -2.82 71.99 6.52
CA LYS L 323 -3.45 72.71 5.38
C LYS L 323 -3.23 71.96 4.06
N ASN L 324 -2.21 71.11 3.95
CA ASN L 324 -1.84 70.47 2.66
C ASN L 324 -2.33 69.02 2.54
N ILE L 325 -2.72 68.37 3.64
CA ILE L 325 -3.32 67.01 3.57
C ILE L 325 -4.57 67.08 2.68
N LYS L 326 -4.75 66.13 1.77
CA LYS L 326 -5.87 66.14 0.79
C LYS L 326 -6.74 64.88 0.96
N LEU L 327 -6.28 63.88 1.69
CA LEU L 327 -7.03 62.63 1.93
CA LEU L 327 -7.02 62.63 1.94
C LEU L 327 -7.41 62.58 3.41
N PHE L 328 -6.43 62.66 4.29
CA PHE L 328 -6.67 63.00 5.72
C PHE L 328 -7.40 64.35 5.75
N ALA L 329 -8.41 64.49 6.61
CA ALA L 329 -9.18 65.73 6.80
C ALA L 329 -8.84 66.32 8.16
N LEU L 330 -8.66 67.63 8.24
CA LEU L 330 -8.46 68.33 9.53
C LEU L 330 -9.82 68.41 10.22
N ALA L 331 -9.98 67.63 11.29
CA ALA L 331 -11.27 67.48 11.98
C ALA L 331 -11.03 66.78 13.31
N GLU L 332 -11.91 67.05 14.26
CA GLU L 332 -11.96 66.30 15.51
C GLU L 332 -12.50 64.88 15.26
N SER L 333 -12.41 64.06 16.27
CA SER L 333 -12.89 62.66 16.32
C SER L 333 -11.89 61.71 15.68
N LEU L 334 -12.22 60.44 15.75
CA LEU L 334 -11.32 59.32 15.41
C LEU L 334 -12.18 58.06 15.26
N GLY L 335 -11.59 57.01 14.70
CA GLY L 335 -12.17 55.66 14.69
C GLY L 335 -13.20 55.50 13.60
N GLY L 336 -13.29 56.46 12.67
CA GLY L 336 -14.14 56.36 11.49
C GLY L 336 -13.42 55.68 10.32
N TYR L 337 -14.18 55.37 9.28
CA TYR L 337 -13.64 54.78 8.03
C TYR L 337 -12.77 55.82 7.29
N GLU L 338 -12.99 57.12 7.55
CA GLU L 338 -12.27 58.23 6.87
C GLU L 338 -11.09 58.65 7.74
N SER L 339 -9.96 58.92 7.12
CA SER L 339 -8.72 59.33 7.82
C SER L 339 -8.86 60.79 8.29
N LEU L 340 -8.52 61.04 9.54
CA LEU L 340 -8.63 62.37 10.20
C LEU L 340 -7.27 62.74 10.81
N ALA L 341 -7.05 64.04 10.95
CA ALA L 341 -5.85 64.60 11.61
C ALA L 341 -6.31 65.77 12.48
N GLU L 342 -5.64 65.94 13.61
CA GLU L 342 -5.87 67.13 14.46
C GLU L 342 -4.59 67.52 15.17
N LEU L 343 -4.63 68.73 15.72
CA LEU L 343 -3.55 69.35 16.53
C LEU L 343 -4.11 69.49 17.95
N PRO L 344 -3.92 68.48 18.82
CA PRO L 344 -4.60 68.44 20.11
C PRO L 344 -4.43 69.68 20.99
N ALA L 345 -3.26 70.32 20.95
CA ALA L 345 -2.97 71.48 21.84
C ALA L 345 -3.95 72.61 21.54
N ILE L 346 -4.42 72.72 20.30
CA ILE L 346 -5.29 73.83 19.83
C ILE L 346 -6.74 73.35 19.67
N MET L 347 -6.97 72.04 19.62
CA MET L 347 -8.32 71.48 19.29
C MET L 347 -8.82 70.65 20.50
N THR L 348 -8.67 69.34 20.53
CA THR L 348 -9.30 68.48 21.56
C THR L 348 -8.81 68.80 22.98
N HIS L 349 -7.58 69.29 23.16
CA HIS L 349 -6.96 69.48 24.48
C HIS L 349 -6.77 70.97 24.80
N ALA L 350 -7.42 71.85 24.07
CA ALA L 350 -7.32 73.32 24.28
C ALA L 350 -7.80 73.68 25.69
N SER L 351 -8.76 72.95 26.27
CA SER L 351 -9.33 73.25 27.61
C SER L 351 -8.34 72.83 28.72
N VAL L 352 -7.38 71.97 28.44
CA VAL L 352 -6.35 71.57 29.44
C VAL L 352 -5.40 72.74 29.63
N PRO L 353 -5.11 73.18 30.89
CA PRO L 353 -4.20 74.30 31.10
C PRO L 353 -2.86 74.11 30.36
N GLU L 354 -2.31 75.20 29.82
CA GLU L 354 -1.08 75.20 28.99
C GLU L 354 0.06 74.51 29.77
N LYS L 355 0.17 74.73 31.07
CA LYS L 355 1.28 74.15 31.87
C LYS L 355 1.11 72.63 31.99
N ASP L 356 -0.14 72.16 32.10
CA ASP L 356 -0.46 70.71 32.15
C ASP L 356 -0.14 70.08 30.78
N ARG L 357 -0.52 70.74 29.67
CA ARG L 357 -0.19 70.25 28.32
C ARG L 357 1.33 70.08 28.18
N ALA L 358 2.10 71.04 28.68
CA ALA L 358 3.58 71.01 28.58
C ALA L 358 4.11 69.77 29.33
N THR L 359 3.67 69.54 30.57
CA THR L 359 4.09 68.35 31.36
C THR L 359 3.75 67.06 30.61
N LEU L 360 2.60 67.01 29.93
CA LEU L 360 2.11 65.75 29.30
C LEU L 360 2.71 65.54 27.90
N GLY L 361 3.41 66.53 27.34
CA GLY L 361 3.99 66.42 25.99
C GLY L 361 2.97 66.79 24.91
N ILE L 362 1.89 67.48 25.26
CA ILE L 362 0.87 67.92 24.27
C ILE L 362 1.30 69.31 23.78
N SER L 363 2.35 69.30 22.95
CA SER L 363 3.04 70.49 22.44
C SER L 363 2.36 70.94 21.15
N ASP L 364 2.76 72.11 20.66
CA ASP L 364 2.21 72.72 19.43
CA ASP L 364 2.21 72.73 19.44
C ASP L 364 2.72 71.98 18.19
N THR L 365 3.61 71.00 18.30
CA THR L 365 4.04 70.18 17.12
C THR L 365 3.50 68.75 17.17
N LEU L 366 2.66 68.42 18.16
CA LEU L 366 2.04 67.07 18.28
CA LEU L 366 2.07 67.07 18.25
C LEU L 366 0.84 67.02 17.34
N ILE L 367 0.86 66.10 16.39
CA ILE L 367 -0.28 65.81 15.48
C ILE L 367 -0.82 64.42 15.82
N ARG L 368 -2.13 64.32 16.01
CA ARG L 368 -2.83 63.04 16.21
C ARG L 368 -3.50 62.64 14.89
N LEU L 369 -3.18 61.45 14.39
CA LEU L 369 -3.83 60.86 13.19
C LEU L 369 -4.77 59.75 13.60
N SER L 370 -5.92 59.70 12.97
CA SER L 370 -6.85 58.55 12.98
C SER L 370 -6.81 57.97 11.58
N VAL L 371 -6.09 56.89 11.40
CA VAL L 371 -5.91 56.28 10.07
C VAL L 371 -7.16 55.44 9.77
N GLY L 372 -7.81 55.74 8.66
CA GLY L 372 -9.06 55.12 8.19
C GLY L 372 -8.80 53.89 7.33
N LEU L 373 -9.76 53.58 6.45
CA LEU L 373 -9.84 52.30 5.72
C LEU L 373 -9.45 52.51 4.25
N GLU L 374 -8.88 53.67 3.90
CA GLU L 374 -8.49 53.95 2.49
C GLU L 374 -7.33 53.02 2.09
N ASP L 375 -7.00 53.02 0.80
CA ASP L 375 -5.85 52.24 0.28
C ASP L 375 -4.54 52.80 0.86
N GLU L 376 -3.71 51.90 1.37
CA GLU L 376 -2.45 52.23 2.08
C GLU L 376 -1.62 53.20 1.24
N LYS L 377 -1.41 52.91 -0.04
CA LYS L 377 -0.52 53.72 -0.91
C LYS L 377 -1.03 55.17 -0.98
N ASP L 378 -2.35 55.37 -1.09
CA ASP L 378 -2.97 56.72 -1.16
C ASP L 378 -2.71 57.47 0.14
N LEU L 379 -2.78 56.78 1.29
CA LEU L 379 -2.54 57.43 2.60
C LEU L 379 -1.07 57.86 2.71
N LEU L 380 -0.12 57.01 2.29
CA LEU L 380 1.33 57.31 2.43
C LEU L 380 1.71 58.44 1.47
N GLU L 381 1.15 58.47 0.25
CA GLU L 381 1.40 59.57 -0.70
C GLU L 381 0.85 60.88 -0.12
N ASP L 382 -0.32 60.87 0.52
CA ASP L 382 -0.92 62.10 1.10
C ASP L 382 -0.02 62.64 2.22
N LEU L 383 0.43 61.79 3.14
CA LEU L 383 1.31 62.22 4.24
C LEU L 383 2.62 62.74 3.68
N GLY L 384 3.20 62.04 2.72
CA GLY L 384 4.48 62.42 2.09
C GLY L 384 4.43 63.80 1.48
N GLN L 385 3.42 64.09 0.66
CA GLN L 385 3.32 65.40 -0.05
C GLN L 385 3.01 66.49 0.98
N ALA L 386 2.23 66.22 2.03
CA ALA L 386 1.91 67.26 3.03
C ALA L 386 3.15 67.58 3.87
N LEU L 387 3.93 66.59 4.27
CA LEU L 387 5.20 66.81 5.02
C LEU L 387 6.19 67.59 4.13
N LYS L 388 6.25 67.29 2.83
CA LYS L 388 7.14 68.03 1.87
C LYS L 388 6.68 69.49 1.75
N ALA L 389 5.38 69.77 1.76
CA ALA L 389 4.87 71.15 1.75
C ALA L 389 5.34 71.87 3.02
N ALA L 390 5.41 71.20 4.17
CA ALA L 390 5.84 71.81 5.45
C ALA L 390 7.36 72.02 5.48
N HIS L 391 8.13 71.09 4.93
CA HIS L 391 9.63 71.10 4.91
C HIS L 391 10.10 70.76 3.51
N PRO L 392 10.14 71.75 2.59
CA PRO L 392 10.55 71.49 1.20
C PRO L 392 11.93 70.80 1.12
N1 TVJ M . 11.84 -23.93 -26.59
N3 TVJ M . 6.39 -26.94 -26.00
C4 TVJ M . 9.41 -25.19 -26.93
C5 TVJ M . 8.12 -25.88 -27.04
C6 TVJ M . 10.20 -24.93 -28.04
C7 TVJ M . 11.41 -24.32 -27.81
C8 TVJ M . 9.79 -25.29 -29.44
C10 TVJ M . 4.73 -28.19 -25.03
C1 TVJ M . 11.12 -24.18 -25.52
C2 TVJ M . 11.67 -23.83 -24.16
C3 TVJ M . 9.93 -24.90 -25.64
O1 TVJ M . 9.26 -25.16 -24.50
N2 TVJ M . 7.59 -26.27 -25.96
O2 TVJ M . 8.86 -24.32 -29.98
P1 TVJ M . 7.71 -24.74 -31.05
O3 TVJ M . 7.14 -23.30 -31.30
O4 TVJ M . 6.78 -25.65 -30.30
O5 TVJ M . 8.41 -25.42 -32.26
C9 TVJ M . 5.97 -27.54 -24.85
O6 TVJ M . 6.61 -27.58 -23.79
O7 TVJ M . 3.94 -28.36 -24.12
N4 TVJ M . 4.43 -28.60 -26.40
C1 GOL N . 26.43 -23.22 -43.57
O1 GOL N . 25.12 -22.70 -43.40
C2 GOL N . 27.48 -22.24 -43.08
O2 GOL N . 27.14 -21.86 -41.74
C3 GOL N . 28.90 -22.79 -43.20
O3 GOL N . 29.90 -21.93 -42.67
N1 TVJ O . -31.32 -13.46 -53.17
N3 TVJ O . -30.19 -18.80 -50.05
C4 TVJ O . -30.63 -15.46 -51.37
C5 TVJ O . -30.28 -16.56 -50.48
C6 TVJ O . -30.60 -14.12 -50.98
C7 TVJ O . -30.96 -13.17 -51.90
C8 TVJ O . -30.15 -13.70 -49.61
C10 TVJ O . -30.27 -21.01 -49.50
C1 TVJ O . -31.40 -14.73 -53.56
C2 TVJ O . -31.91 -15.03 -54.95
C3 TVJ O . -31.11 -15.75 -52.66
O1 TVJ O . -31.19 -17.02 -53.11
N2 TVJ O . -30.60 -17.75 -50.84
O2 TVJ O . -28.68 -13.66 -49.54
P1 TVJ O . -27.93 -13.98 -48.14
O3 TVJ O . -28.22 -15.42 -47.82
O4 TVJ O . -28.48 -13.01 -47.10
O5 TVJ O . -26.53 -13.69 -48.60
C9 TVJ O . -30.67 -20.02 -50.39
O6 TVJ O . -31.39 -20.24 -51.39
O7 TVJ O . -30.19 -22.16 -49.86
N4 TVJ O . -30.01 -20.64 -48.12
C1 GOL P . -36.17 9.05 -46.94
O1 GOL P . -36.44 9.63 -48.21
C2 GOL P . -34.94 8.14 -46.95
O2 GOL P . -34.93 7.27 -48.08
C3 GOL P . -34.84 7.29 -45.70
O3 GOL P . -33.67 6.48 -45.69
N1 TVJ Q . -22.31 3.75 -30.00
N3 TVJ Q . -17.32 5.85 -33.09
C4 TVJ Q . -20.30 4.31 -31.79
C5 TVJ Q . -19.21 4.72 -32.66
C6 TVJ Q . -21.39 3.53 -32.18
C7 TVJ Q . -22.36 3.28 -31.25
C8 TVJ Q . -21.53 2.91 -33.55
C10 TVJ Q . -15.56 7.22 -33.70
C1 TVJ Q . -21.33 4.55 -29.61
C2 TVJ Q . -21.35 5.13 -28.24
C3 TVJ Q . -20.31 4.86 -30.49
O1 TVJ Q . -19.34 5.69 -30.07
N2 TVJ Q . -18.37 5.59 -32.25
O2 TVJ Q . -20.66 1.74 -33.68
P1 TVJ Q . -19.99 1.28 -35.10
O3 TVJ Q . -19.01 2.35 -35.47
O4 TVJ Q . -21.11 1.14 -36.11
O5 TVJ Q . -19.36 -0.05 -34.65
C9 TVJ Q . -16.58 6.95 -32.81
O6 TVJ Q . -16.81 7.71 -31.87
O7 TVJ Q . -14.59 7.86 -33.32
N4 TVJ Q . -15.75 6.75 -35.08
C1 GOL R . -43.63 -5.64 -36.13
O1 GOL R . -44.22 -5.43 -34.84
C2 GOL R . -42.20 -5.18 -36.23
O2 GOL R . -41.42 -5.52 -35.08
C3 GOL R . -41.49 -5.67 -37.47
O3 GOL R . -40.10 -5.96 -37.26
N1 TVJ S . 11.06 -25.30 -56.77
N3 TVJ S . 10.35 -19.09 -57.37
C4 TVJ S . 10.68 -22.58 -56.48
C5 TVJ S . 10.54 -21.13 -56.41
C6 TVJ S . 10.93 -23.39 -55.36
C7 TVJ S . 11.06 -24.73 -55.57
C8 TVJ S . 10.96 -22.85 -53.96
C10 TVJ S . 10.29 -16.99 -58.32
C1 TVJ S . 10.88 -24.54 -57.85
C2 TVJ S . 10.88 -25.20 -59.20
C3 TVJ S . 10.71 -23.17 -57.74
O1 TVJ S . 10.55 -22.46 -58.86
N2 TVJ S . 10.43 -20.47 -57.50
O2 TVJ S . 9.62 -22.63 -53.45
P1 TVJ S . 9.33 -21.46 -52.36
O3 TVJ S . 7.86 -21.81 -52.06
O4 TVJ S . 9.55 -20.17 -53.03
O5 TVJ S . 10.28 -21.65 -51.19
C9 TVJ S . 10.53 -18.36 -58.49
O6 TVJ S . 10.94 -18.84 -59.55
O7 TVJ S . 9.98 -16.26 -59.25
N4 TVJ S . 10.56 -16.48 -56.94
C1 GOL T . 18.99 -37.48 -39.84
O1 GOL T . 17.72 -36.83 -39.98
C2 GOL T . 19.10 -38.76 -40.67
O2 GOL T . 18.01 -38.98 -41.56
C3 GOL T . 19.33 -39.98 -39.80
O3 GOL T . 20.16 -40.93 -40.45
N1 TVJ U . 30.56 -41.49 7.75
N3 TVJ U . 34.06 -36.48 9.32
C4 TVJ U . 32.49 -39.66 8.59
C5 TVJ U . 33.47 -38.64 8.96
C6 TVJ U . 32.80 -41.02 8.53
C7 TVJ U . 31.81 -41.89 8.13
C8 TVJ U . 34.13 -41.56 8.96
C10 TVJ U . 34.80 -34.31 9.37
C1 TVJ U . 30.26 -40.19 7.77
C2 TVJ U . 28.91 -39.74 7.34
C3 TVJ U . 31.23 -39.24 8.14
O1 TVJ U . 30.86 -37.95 8.14
N2 TVJ U . 33.10 -37.43 9.00
O2 TVJ U . 34.14 -41.60 10.42
P1 TVJ U . 35.59 -41.60 11.28
O3 TVJ U . 36.03 -40.14 11.15
O4 TVJ U . 35.07 -41.92 12.66
O5 TVJ U . 36.51 -42.55 10.65
C9 TVJ U . 33.86 -35.22 8.88
O6 TVJ U . 32.95 -34.96 8.08
O7 TVJ U . 34.56 -33.13 9.55
N4 TVJ U . 36.15 -34.81 9.61
C1 GOL V . 34.85 -63.33 2.37
O1 GOL V . 34.06 -62.27 2.89
C2 GOL V . 36.26 -63.20 2.87
O2 GOL V . 36.95 -62.27 2.04
C3 GOL V . 36.35 -62.73 4.31
O3 GOL V . 36.68 -61.34 4.35
N1 TVJ W . 52.45 -60.81 15.50
N3 TVJ W . 49.27 -63.07 20.42
C4 TVJ W . 50.62 -61.38 17.51
C5 TVJ W . 49.74 -61.76 18.61
C6 TVJ W . 50.31 -60.43 16.51
C7 TVJ W . 51.24 -60.23 15.51
C8 TVJ W . 49.01 -59.70 16.47
C10 TVJ W . 48.61 -64.51 22.13
C1 TVJ W . 52.77 -61.69 16.43
C2 TVJ W . 54.09 -62.37 16.36
C3 TVJ W . 51.87 -62.03 17.43
O1 TVJ W . 52.23 -62.97 18.35
N2 TVJ W . 50.13 -62.68 19.42
O2 TVJ W . 48.92 -58.63 17.47
P1 TVJ W . 47.58 -58.17 18.19
O3 TVJ W . 47.08 -59.28 19.13
O4 TVJ W . 48.01 -56.93 18.86
O5 TVJ W . 46.54 -57.91 17.05
C9 TVJ W . 49.50 -64.26 21.04
O6 TVJ W . 50.37 -65.05 20.71
O7 TVJ W . 48.88 -65.20 23.11
N4 TVJ W . 47.28 -63.90 22.01
C1 GOL X . 45.69 -49.58 -2.79
O1 GOL X . 45.89 -49.56 -1.38
C2 GOL X . 46.88 -50.10 -3.57
O2 GOL X . 48.09 -50.06 -2.81
C3 GOL X . 47.09 -49.35 -4.87
O3 GOL X . 48.10 -49.95 -5.67
N1 TVJ Y . -30.93 40.54 -10.02
N3 TVJ Y . -33.21 38.01 -4.74
C4 TVJ Y . -32.24 39.89 -7.66
C5 TVJ Y . -32.90 39.47 -6.44
C6 TVJ Y . -32.70 40.96 -8.45
C7 TVJ Y . -32.00 41.24 -9.59
C8 TVJ Y . -33.85 41.83 -8.03
C10 TVJ Y . -33.68 36.41 -3.08
C1 TVJ Y . -30.48 39.51 -9.29
C2 TVJ Y . -29.32 38.70 -9.79
C3 TVJ Y . -31.14 39.13 -8.13
O1 TVJ Y . -30.70 38.05 -7.48
N2 TVJ Y . -32.49 38.43 -5.85
O2 TVJ Y . -33.45 42.73 -6.94
P1 TVJ Y . -34.52 43.38 -5.88
O3 TVJ Y . -35.68 43.92 -6.63
O4 TVJ Y . -33.64 44.38 -5.24
O5 TVJ Y . -34.87 42.20 -4.98
C9 TVJ Y . -33.01 36.74 -4.30
O6 TVJ Y . -32.34 35.91 -4.95
O7 TVJ Y . -33.33 35.53 -2.30
N4 TVJ Y . -34.92 37.15 -2.82
C1 EDO Z . -34.78 31.89 -15.69
O1 EDO Z . -35.66 31.61 -16.75
C2 EDO Z . -35.06 31.07 -14.48
O2 EDO Z . -33.98 30.97 -13.55
C1 EDO AA . -29.72 41.57 1.79
O1 EDO AA . -30.95 41.28 1.30
C2 EDO AA . -29.35 40.71 2.90
O2 EDO AA . -28.67 39.58 2.50
C1 EDO BA . -25.69 71.43 3.12
O1 EDO BA . -26.38 72.48 3.63
C2 EDO BA . -26.21 70.09 3.74
O2 EDO BA . -27.35 70.15 4.57
C1 EDO CA . -37.55 63.49 -0.39
O1 EDO CA . -36.14 63.88 -0.54
C2 EDO CA . -37.94 62.19 0.23
O2 EDO CA . -37.69 61.90 1.63
N1 TVJ DA . -50.97 63.12 -9.13
N3 TVJ DA . -46.57 67.42 -8.04
C4 TVJ DA . -48.70 64.59 -8.60
C5 TVJ DA . -47.54 65.40 -8.29
C6 TVJ DA . -48.60 63.24 -8.96
C7 TVJ DA . -49.75 62.56 -9.21
C8 TVJ DA . -47.26 62.54 -8.98
C10 TVJ DA . -45.59 69.48 -7.86
C1 TVJ DA . -51.10 64.42 -8.84
C2 TVJ DA . -52.43 65.05 -8.88
C3 TVJ DA . -49.98 65.20 -8.60
O1 TVJ DA . -50.13 66.52 -8.32
N2 TVJ DA . -47.66 66.66 -8.40
O2 TVJ DA . -46.80 62.13 -7.64
P1 TVJ DA . -45.27 62.08 -7.13
O3 TVJ DA . -45.31 61.52 -5.71
O4 TVJ DA . -44.60 63.41 -7.24
O5 TVJ DA . -44.61 61.04 -8.12
C9 TVJ DA . -46.70 68.76 -8.19
O6 TVJ DA . -47.72 69.30 -8.63
O7 TVJ DA . -45.66 70.66 -7.56
N4 TVJ DA . -44.30 68.75 -7.90
C1 GOL EA . -51.54 41.14 -18.59
O1 GOL EA . -52.76 41.23 -19.30
C2 GOL EA . -50.93 42.50 -18.36
O2 GOL EA . -51.68 43.20 -17.36
C3 GOL EA . -49.46 42.43 -18.03
O3 GOL EA . -49.06 43.33 -16.99
C1 EDO FA . -54.00 63.21 -0.72
O1 EDO FA . -54.73 62.01 -1.19
C2 EDO FA . -52.59 63.45 -1.29
O2 EDO FA . -51.47 63.36 -0.40
N1 TVJ GA . 57.40 -35.88 51.76
N3 TVJ GA . 58.15 -32.49 46.56
C4 TVJ GA . 57.13 -34.41 49.43
C5 TVJ GA . 57.11 -33.58 48.22
C6 TVJ GA . 56.01 -34.66 50.24
C7 TVJ GA . 56.20 -35.39 51.38
C8 TVJ GA . 54.61 -34.22 49.86
C10 TVJ GA . 59.16 -31.24 44.92
C1 TVJ GA . 58.48 -35.67 51.01
C2 TVJ GA . 59.82 -36.16 51.47
C3 TVJ GA . 58.38 -34.87 49.87
O1 TVJ GA . 59.50 -34.66 49.16
N2 TVJ GA . 58.18 -33.44 47.53
O2 TVJ GA . 54.14 -35.05 48.74
P1 TVJ GA . 52.97 -34.52 47.64
O3 TVJ GA . 51.84 -33.88 48.38
O4 TVJ GA . 53.77 -33.58 46.78
O5 TVJ GA . 52.71 -35.84 46.97
C9 TVJ GA . 59.30 -31.95 46.14
O6 TVJ GA . 60.37 -32.06 46.75
O7 TVJ GA . 60.07 -31.13 44.13
N4 TVJ GA . 57.88 -30.57 44.68
C1 GOL HA . 40.23 -36.53 65.99
O1 GOL HA . 40.55 -36.96 64.67
C2 GOL HA . 40.70 -37.55 67.00
O2 GOL HA . 41.95 -38.10 66.57
C3 GOL HA . 40.82 -36.99 68.40
O3 GOL HA . 40.70 -38.01 69.39
N1 TVJ IA . 27.36 -32.27 50.95
N3 TVJ IA . 26.28 -38.35 49.80
C4 TVJ IA . 27.48 -34.98 50.35
C5 TVJ IA . 27.45 -36.39 50.03
C6 TVJ IA . 28.65 -34.27 50.64
C7 TVJ IA . 28.54 -32.93 50.93
C8 TVJ IA . 29.99 -34.94 50.65
C10 TVJ IA . 25.15 -40.39 49.51
C1 TVJ IA . 26.24 -32.91 50.66
C2 TVJ IA . 24.95 -32.15 50.70
C3 TVJ IA . 26.26 -34.29 50.36
O1 TVJ IA . 25.11 -34.97 50.07
N2 TVJ IA . 26.30 -36.98 49.97
O2 TVJ IA . 30.50 -35.14 49.28
P1 TVJ IA . 31.48 -36.35 48.87
O3 TVJ IA . 30.66 -37.60 48.99
O4 TVJ IA . 32.71 -36.30 49.78
O5 TVJ IA . 31.81 -35.98 47.42
C9 TVJ IA . 25.10 -39.01 49.87
O6 TVJ IA . 24.03 -38.53 50.25
O7 TVJ IA . 24.18 -41.00 49.10
N4 TVJ IA . 26.43 -41.11 49.71
N1 TVJ JA . -41.30 65.93 34.00
N3 TVJ JA . -43.49 60.24 32.41
C4 TVJ JA . -41.74 63.33 33.08
C5 TVJ JA . -42.03 61.98 32.63
C6 TVJ JA . -40.44 63.85 33.13
C7 TVJ JA . -40.28 65.13 33.59
C8 TVJ JA . -39.24 63.03 32.72
C10 TVJ JA . -44.81 58.33 32.39
C1 TVJ JA . -42.55 65.45 33.95
C2 TVJ JA . -43.67 66.32 34.41
C3 TVJ JA . -42.80 64.13 33.54
O1 TVJ JA . -44.08 63.69 33.49
N2 TVJ JA . -43.24 61.55 32.75
O2 TVJ JA . -39.18 63.04 31.26
P1 TVJ JA . -38.40 61.84 30.40
O3 TVJ JA . -38.50 62.46 29.03
O4 TVJ JA . -39.33 60.64 30.54
O5 TVJ JA . -37.08 61.61 31.01
C9 TVJ JA . -44.63 59.65 32.85
O6 TVJ JA . -45.44 60.20 33.58
O7 TVJ JA . -45.92 57.84 32.21
N4 TVJ JA . -43.57 57.54 32.15
C1 GOL KA . -19.88 74.95 39.87
O1 GOL KA . -20.43 76.09 40.53
C2 GOL KA . -20.94 73.96 39.40
O2 GOL KA . -21.96 74.63 38.64
C3 GOL KA . -20.38 72.80 38.59
O3 GOL KA . -21.26 72.40 37.55
N1 TVJ LA . -13.05 58.92 26.18
N3 TVJ LA . -12.91 62.78 21.31
C4 TVJ LA . -13.61 60.65 24.10
C5 TVJ LA . -13.76 61.60 23.01
C6 TVJ LA . -14.56 60.43 25.10
C7 TVJ LA . -14.22 59.59 26.13
C8 TVJ LA . -15.88 61.13 25.12
C10 TVJ LA . -12.18 64.12 19.57
C1 TVJ LA . -12.12 59.12 25.24
C2 TVJ LA . -10.82 58.40 25.31
C3 TVJ LA . -12.36 60.02 24.23
O1 TVJ LA . -11.39 60.21 23.32
N2 TVJ LA . -12.72 61.85 22.29
O2 TVJ LA . -16.82 60.57 24.16
P1 TVJ LA . -18.01 61.33 23.45
O3 TVJ LA . -18.83 62.03 24.57
O4 TVJ LA . -17.38 62.33 22.52
O5 TVJ LA . -18.76 60.25 22.79
C9 TVJ LA . -11.84 63.20 20.59
O6 TVJ LA . -10.68 62.86 20.83
O7 TVJ LA . -11.48 64.33 18.60
N4 TVJ LA . -13.42 64.91 19.68
C1 GOL MA . -25.82 58.25 44.36
O1 GOL MA . -26.09 57.87 43.00
C2 GOL MA . -24.86 57.30 45.06
O2 GOL MA . -24.34 56.31 44.16
C3 GOL MA . -25.49 56.59 46.24
O3 GOL MA . -24.51 56.28 47.22
#